data_7MDI
#
_entry.id   7MDI
#
_cell.length_a   1.00
_cell.length_b   1.00
_cell.length_c   1.00
_cell.angle_alpha   90.00
_cell.angle_beta   90.00
_cell.angle_gamma   90.00
#
_symmetry.space_group_name_H-M   'P 1'
#
loop_
_entity.id
_entity.type
_entity.pdbx_description
1 polymer 'Ribonucleoside-diphosphate reductase subunit alpha'
2 polymer 'Ribonucleoside-diphosphate reductase subunit beta'
3 non-polymer "CYTIDINE-5'-DIPHOSPHATE"
4 non-polymer "2'-DEOXYADENOSINE 5'-TRIPHOSPHATE"
5 non-polymer 'MAGNESIUM ION'
6 non-polymer MU-OXO-DIIRON
7 water water
#
loop_
_entity_poly.entity_id
_entity_poly.type
_entity_poly.pdbx_seq_one_letter_code
_entity_poly.pdbx_strand_id
1 'polypeptide(L)'
;MGHHHHHHENLYFQMNTPTDLKVTKRDGRLEAIDLDKIHRVVTWAAEGLENVSVSQVELKSHIQFYNGIRTDDIHETIIK
AAADLISEDTPDYQYLAARLAIFHLRKIAYGEYEPPHLYNHVKKLTDAGKYDRHILEDYSREEFDELNAYIDHERDMSFS
YAAVKQLEGKYLVQNRVTRQIYETPQFLYVLVAMCLFSKYPKEARLDYVKRFYDAVSTFKVSLPTPIMSGVRTPTRQFSS
CVLIECDDSLDSINATTSAIVKYVSQRAGIGINAGRIRGLDSEIRGGEARHTGCIPFFKMFQAAVKSCSQGGVRGGAATL
FYPLWHIEAESLLVLKNNRGVEDNRIRQLDYGVQINRLLYTRLIKGGNITLFSPNEVSGLYEAFFADQDEFERLYTKYEQ
DPNIRKRIIPAADLFSTLMQERAGTGRIYIQNVDHCNTHSPFDPRVAPVHQSNLCMEIALPTKPLDNINDPDGEIALCTL
SAFNLGALNSLDELEGLADLTVRALDALLDYQGYPVEAARTSTMDRRSLGIGVINYAYYLAKNGVRYSDGSALGLTHRTF
EAIQYYLLKASANLAKEYGACTLFNQTVYSQGKLPIDTYKKDLDAVCGEPLHYDWESLRADIVKYGLRNSTLTALMPSET
SSQIANATNGIEPPRGLVTVKASKDGILKQVVPEFETLKNAYETLWQLPGNEGYLKLVGVMQKFVDQAISANTAYDPGKF
EGNKVSMKQMLKDLLTAYKYGVKTLYYHNTRDGADDTQTDIQDDGCAGGACKI
;
A,B,D,C
2 'polypeptide(L)'
;MGHHHHHHENLYFQMSYSTFPKTKNDALKEPMFFGQPVNVARYDQQKYEVFEKLIEKQLSFFWRPEEIDVSRDRIDYANL
PEHEKHIFISNLKYQTLLDSIQGRSPNVALLPLVSIPELETWVETWSFSETIHSRSYTHIIRNIVNDPSVVFDDIVENEY
ITARAEDIACYYDDLIEYTQYYNLLGEGVHNVGGKPVTVSLRGLKKKLYLCLMCVNVLEAIRFYVSFACSFAFAERELME
GNAKIIKDIARDEALHLTGTQHMLNLMRSGVDDPEMAEIAAELQDECFQLFKKAAEQEKEWAAYLFKDGSMIGLNKEILS
QYVEYITNLRMQAVGLPAGFEGANQNPIPWINAWLSSDNVQVAPQEVEISSYLIGQIDSEVNTDDLGDFEL
;
E,G,F,H
#
loop_
_chem_comp.id
_chem_comp.type
_chem_comp.name
_chem_comp.formula
CDP non-polymer CYTIDINE-5'-DIPHOSPHATE 'C9 H15 N3 O11 P2'
DTP non-polymer '2'-DEOXYADENOSINE 5'-TRIPHOSPHATE' 'C10 H16 N5 O12 P3'
FEO non-polymer MU-OXO-DIIRON 'Fe2 O'
MG non-polymer 'MAGNESIUM ION' 'Mg 2'
#
# COMPACT_ATOMS: atom_id res chain seq x y z
N THR A 19 46.89 -11.13 -46.68
CA THR A 19 47.19 -12.55 -46.62
C THR A 19 46.90 -13.22 -47.95
N ASP A 20 46.33 -14.44 -47.89
CA ASP A 20 45.98 -15.19 -49.09
C ASP A 20 44.52 -14.93 -49.44
N LEU A 21 44.29 -13.75 -50.02
CA LEU A 21 42.94 -13.33 -50.39
C LEU A 21 42.52 -14.07 -51.65
N LYS A 22 42.16 -15.34 -51.46
CA LYS A 22 41.71 -16.20 -52.55
C LYS A 22 40.30 -16.69 -52.24
N VAL A 23 39.62 -17.14 -53.30
CA VAL A 23 38.25 -17.61 -53.22
C VAL A 23 38.15 -18.95 -53.95
N THR A 24 36.97 -19.55 -53.89
CA THR A 24 36.66 -20.78 -54.62
C THR A 24 36.03 -20.38 -55.94
N LYS A 25 36.81 -20.44 -57.01
CA LYS A 25 36.33 -20.01 -58.32
C LYS A 25 35.37 -21.04 -58.89
N ARG A 26 34.96 -20.80 -60.14
CA ARG A 26 34.03 -21.69 -60.81
C ARG A 26 34.55 -23.12 -60.88
N ASP A 27 35.87 -23.30 -61.00
CA ASP A 27 36.45 -24.62 -61.07
C ASP A 27 36.79 -25.18 -59.69
N GLY A 28 37.21 -24.33 -58.77
CA GLY A 28 37.55 -24.77 -57.43
C GLY A 28 38.94 -24.36 -57.00
N ARG A 29 39.70 -23.75 -57.91
CA ARG A 29 41.05 -23.31 -57.60
C ARG A 29 41.03 -21.99 -56.84
N LEU A 30 42.16 -21.66 -56.23
CA LEU A 30 42.29 -20.43 -55.45
C LEU A 30 42.51 -19.26 -56.40
N GLU A 31 41.53 -18.37 -56.48
CA GLU A 31 41.57 -17.26 -57.41
C GLU A 31 42.25 -16.04 -56.77
N ALA A 32 42.13 -14.90 -57.42
CA ALA A 32 42.75 -13.66 -56.95
C ALA A 32 41.88 -13.03 -55.86
N ILE A 33 42.18 -11.77 -55.53
CA ILE A 33 41.48 -11.08 -54.44
C ILE A 33 40.17 -10.44 -54.88
N ASP A 34 39.77 -10.60 -56.15
CA ASP A 34 38.52 -10.06 -56.66
C ASP A 34 38.46 -8.54 -56.53
N LEU A 35 39.62 -7.88 -56.52
CA LEU A 35 39.63 -6.42 -56.44
C LEU A 35 39.10 -5.81 -57.74
N ASP A 36 39.76 -6.09 -58.85
CA ASP A 36 39.27 -5.69 -60.16
C ASP A 36 38.42 -6.83 -60.73
N LYS A 37 38.01 -6.69 -61.99
CA LYS A 37 37.21 -7.68 -62.72
C LYS A 37 35.85 -7.93 -62.08
N ILE A 38 35.51 -7.21 -61.02
CA ILE A 38 34.18 -7.33 -60.42
C ILE A 38 33.20 -6.36 -61.03
N HIS A 39 33.66 -5.16 -61.37
CA HIS A 39 32.81 -4.20 -62.06
C HIS A 39 32.56 -4.57 -63.51
N ARG A 40 33.34 -5.51 -64.05
CA ARG A 40 33.15 -5.91 -65.44
C ARG A 40 31.76 -6.48 -65.67
N VAL A 41 31.30 -7.35 -64.77
CA VAL A 41 30.01 -8.01 -64.99
C VAL A 41 28.87 -7.01 -64.84
N VAL A 42 28.97 -6.08 -63.89
CA VAL A 42 27.88 -5.13 -63.70
C VAL A 42 27.86 -4.10 -64.81
N THR A 43 29.03 -3.80 -65.39
CA THR A 43 29.05 -2.94 -66.57
C THR A 43 28.48 -3.66 -67.78
N TRP A 44 28.79 -4.95 -67.92
CA TRP A 44 28.17 -5.77 -68.96
C TRP A 44 26.65 -5.76 -68.81
N ALA A 45 26.18 -5.80 -67.57
CA ALA A 45 24.73 -5.77 -67.33
C ALA A 45 24.15 -4.41 -67.71
N ALA A 46 24.64 -3.35 -67.10
CA ALA A 46 24.15 -1.99 -67.38
C ALA A 46 24.92 -1.36 -68.53
N GLU A 47 24.98 -2.06 -69.67
CA GLU A 47 25.67 -1.54 -70.84
C GLU A 47 24.78 -0.64 -71.69
N GLY A 48 23.47 -0.71 -71.52
CA GLY A 48 22.57 0.10 -72.31
C GLY A 48 21.38 0.62 -71.52
N LEU A 49 21.46 0.55 -70.20
CA LEU A 49 20.38 1.02 -69.34
C LEU A 49 20.59 2.49 -69.01
N GLU A 50 19.79 3.01 -68.07
CA GLU A 50 19.90 4.40 -67.66
C GLU A 50 19.48 4.51 -66.20
N ASN A 51 19.91 5.61 -65.58
CA ASN A 51 19.61 5.95 -64.18
C ASN A 51 19.87 4.78 -63.22
N VAL A 52 20.75 3.87 -63.60
CA VAL A 52 21.13 2.75 -62.75
C VAL A 52 22.39 3.14 -61.97
N SER A 53 22.36 2.89 -60.67
CA SER A 53 23.46 3.27 -59.78
C SER A 53 24.39 2.07 -59.63
N VAL A 54 25.35 1.96 -60.54
CA VAL A 54 26.30 0.85 -60.50
C VAL A 54 27.09 0.88 -59.19
N SER A 55 27.46 2.07 -58.72
CA SER A 55 28.21 2.17 -57.47
C SER A 55 27.36 1.71 -56.30
N GLN A 56 26.09 2.10 -56.26
CA GLN A 56 25.22 1.71 -55.16
C GLN A 56 25.04 0.20 -55.11
N VAL A 57 24.67 -0.40 -56.24
CA VAL A 57 24.44 -1.84 -56.25
C VAL A 57 25.73 -2.60 -56.00
N GLU A 58 26.87 -2.06 -56.44
CA GLU A 58 28.15 -2.70 -56.12
C GLU A 58 28.52 -2.52 -54.66
N LEU A 59 27.95 -1.53 -53.98
CA LEU A 59 28.25 -1.25 -52.59
C LEU A 59 27.16 -1.66 -51.63
N LYS A 60 25.89 -1.46 -51.99
CA LYS A 60 24.79 -1.83 -51.09
C LYS A 60 24.58 -3.32 -50.99
N SER A 61 25.48 -4.13 -51.56
CA SER A 61 25.39 -5.58 -51.40
C SER A 61 25.59 -5.98 -49.94
N HIS A 62 26.48 -5.28 -49.24
CA HIS A 62 26.76 -5.54 -47.82
C HIS A 62 27.19 -6.99 -47.61
N ILE A 63 28.11 -7.44 -48.45
CA ILE A 63 28.57 -8.83 -48.42
C ILE A 63 29.78 -8.94 -47.50
N GLN A 64 29.90 -10.11 -46.86
CA GLN A 64 31.09 -10.42 -46.09
C GLN A 64 32.19 -10.90 -47.02
N PHE A 65 33.42 -10.50 -46.70
CA PHE A 65 34.58 -10.78 -47.53
C PHE A 65 35.56 -11.71 -46.83
N TYR A 66 35.04 -12.74 -46.17
CA TYR A 66 35.90 -13.70 -45.50
C TYR A 66 36.51 -14.66 -46.50
N ASN A 67 37.75 -15.07 -46.24
CA ASN A 67 38.42 -16.01 -47.12
C ASN A 67 37.76 -17.38 -47.02
N GLY A 68 37.39 -17.93 -48.18
CA GLY A 68 36.71 -19.21 -48.20
C GLY A 68 35.30 -19.10 -48.75
N ILE A 69 35.07 -18.13 -49.62
CA ILE A 69 33.78 -17.94 -50.27
C ILE A 69 33.89 -18.39 -51.71
N ARG A 70 32.76 -18.79 -52.28
CA ARG A 70 32.68 -19.25 -53.66
C ARG A 70 32.01 -18.17 -54.51
N THR A 71 32.55 -17.94 -55.71
CA THR A 71 32.06 -16.85 -56.54
C THR A 71 30.60 -17.06 -56.94
N ASP A 72 30.17 -18.32 -57.02
CA ASP A 72 28.75 -18.58 -57.25
C ASP A 72 27.90 -18.02 -56.12
N ASP A 73 28.33 -18.24 -54.87
CA ASP A 73 27.63 -17.65 -53.74
C ASP A 73 27.69 -16.13 -53.78
N ILE A 74 28.79 -15.57 -54.27
CA ILE A 74 28.89 -14.12 -54.37
C ILE A 74 27.88 -13.58 -55.37
N HIS A 75 27.74 -14.24 -56.51
CA HIS A 75 26.71 -13.83 -57.47
C HIS A 75 25.32 -13.98 -56.87
N GLU A 76 25.08 -15.08 -56.15
CA GLU A 76 23.79 -15.30 -55.53
C GLU A 76 23.44 -14.17 -54.57
N THR A 77 24.38 -13.81 -53.69
CA THR A 77 24.06 -12.77 -52.71
C THR A 77 24.00 -11.39 -53.35
N ILE A 78 24.81 -11.13 -54.38
CA ILE A 78 24.74 -9.81 -55.01
C ILE A 78 23.45 -9.66 -55.79
N ILE A 79 22.89 -10.76 -56.31
CA ILE A 79 21.61 -10.64 -56.99
C ILE A 79 20.47 -10.64 -55.99
N LYS A 80 20.66 -11.25 -54.82
CA LYS A 80 19.66 -11.15 -53.76
C LYS A 80 19.59 -9.72 -53.23
N ALA A 81 20.73 -9.02 -53.19
CA ALA A 81 20.76 -7.63 -52.78
C ALA A 81 20.42 -6.66 -53.91
N ALA A 82 20.54 -7.10 -55.16
CA ALA A 82 20.27 -6.21 -56.28
C ALA A 82 18.78 -5.89 -56.38
N ALA A 83 17.95 -6.91 -56.54
CA ALA A 83 16.52 -6.71 -56.65
C ALA A 83 15.89 -6.19 -55.36
N ASP A 84 16.61 -6.25 -54.24
CA ASP A 84 16.05 -5.76 -52.98
C ASP A 84 15.80 -4.27 -53.03
N LEU A 85 16.79 -3.51 -53.50
CA LEU A 85 16.67 -2.05 -53.57
C LEU A 85 16.06 -1.67 -54.92
N ILE A 86 14.74 -1.72 -54.97
CA ILE A 86 13.98 -1.34 -56.17
C ILE A 86 12.68 -0.68 -55.72
N SER A 87 12.24 0.31 -56.48
CA SER A 87 11.01 1.04 -56.19
C SER A 87 10.65 1.88 -57.40
N GLU A 88 9.48 2.52 -57.33
CA GLU A 88 9.00 3.34 -58.44
C GLU A 88 9.89 4.55 -58.68
N ASP A 89 10.76 4.90 -57.72
CA ASP A 89 11.69 5.99 -57.94
C ASP A 89 12.68 5.66 -59.04
N THR A 90 13.32 4.50 -58.95
CA THR A 90 14.26 4.01 -59.97
C THR A 90 13.95 2.55 -60.27
N PRO A 91 12.82 2.27 -60.94
CA PRO A 91 12.45 0.91 -61.32
C PRO A 91 13.03 0.51 -62.67
N ASP A 92 14.34 0.72 -62.84
CA ASP A 92 14.98 0.51 -64.13
C ASP A 92 15.88 -0.71 -64.19
N TYR A 93 16.68 -0.95 -63.15
CA TYR A 93 17.67 -2.02 -63.21
C TYR A 93 17.12 -3.38 -62.79
N GLN A 94 15.80 -3.56 -62.87
CA GLN A 94 15.28 -4.92 -62.81
C GLN A 94 15.74 -5.73 -64.00
N TYR A 95 15.90 -5.08 -65.16
CA TYR A 95 16.54 -5.72 -66.29
C TYR A 95 17.97 -6.10 -65.97
N LEU A 96 18.67 -5.29 -65.18
CA LEU A 96 20.02 -5.65 -64.75
C LEU A 96 19.99 -6.92 -63.90
N ALA A 97 19.04 -7.02 -62.98
CA ALA A 97 18.90 -8.23 -62.18
C ALA A 97 18.61 -9.43 -63.06
N ALA A 98 17.76 -9.26 -64.07
CA ALA A 98 17.44 -10.37 -64.97
C ALA A 98 18.67 -10.78 -65.78
N ARG A 99 19.47 -9.81 -66.22
CA ARG A 99 20.68 -10.12 -66.95
C ARG A 99 21.66 -10.91 -66.09
N LEU A 100 21.86 -10.46 -64.85
CA LEU A 100 22.72 -11.20 -63.94
C LEU A 100 22.17 -12.60 -63.67
N ALA A 101 20.85 -12.72 -63.59
CA ALA A 101 20.24 -14.03 -63.35
C ALA A 101 20.50 -14.98 -64.50
N ILE A 102 20.24 -14.55 -65.73
CA ILE A 102 20.46 -15.43 -66.87
C ILE A 102 21.94 -15.70 -67.05
N PHE A 103 22.81 -14.77 -66.66
CA PHE A 103 24.24 -15.02 -66.72
C PHE A 103 24.63 -16.12 -65.75
N HIS A 104 24.18 -16.02 -64.50
CA HIS A 104 24.48 -17.06 -63.52
C HIS A 104 23.87 -18.40 -63.94
N LEU A 105 22.72 -18.37 -64.60
CA LEU A 105 22.11 -19.61 -65.06
C LEU A 105 22.95 -20.26 -66.17
N ARG A 106 23.36 -19.47 -67.16
CA ARG A 106 24.22 -20.00 -68.20
C ARG A 106 25.55 -20.47 -67.64
N LYS A 107 26.00 -19.86 -66.54
CA LYS A 107 27.24 -20.31 -65.90
C LYS A 107 27.04 -21.66 -65.22
N ILE A 108 25.99 -21.78 -64.40
CA ILE A 108 25.72 -23.05 -63.73
C ILE A 108 25.31 -24.14 -64.71
N ALA A 109 24.96 -23.77 -65.94
CA ALA A 109 24.65 -24.77 -66.96
C ALA A 109 25.90 -25.29 -67.64
N TYR A 110 26.77 -24.40 -68.11
CA TYR A 110 27.97 -24.82 -68.83
C TYR A 110 29.23 -24.15 -68.28
N GLY A 111 29.09 -22.93 -67.77
CA GLY A 111 30.24 -22.18 -67.29
C GLY A 111 30.65 -21.08 -68.24
N GLU A 112 30.59 -21.38 -69.53
CA GLU A 112 30.95 -20.42 -70.57
C GLU A 112 29.70 -19.64 -70.99
N TYR A 113 29.81 -18.89 -72.08
CA TYR A 113 28.70 -18.11 -72.62
C TYR A 113 28.49 -18.45 -74.08
N GLU A 114 28.47 -19.75 -74.39
CA GLU A 114 28.26 -20.21 -75.76
C GLU A 114 27.69 -21.63 -75.74
N PRO A 115 26.38 -21.78 -75.78
CA PRO A 115 25.78 -23.11 -75.76
C PRO A 115 26.06 -23.86 -77.04
N PRO A 116 25.93 -25.20 -77.02
CA PRO A 116 26.20 -25.98 -78.23
C PRO A 116 25.18 -25.74 -79.34
N HIS A 117 25.39 -26.39 -80.49
CA HIS A 117 24.52 -26.21 -81.64
C HIS A 117 23.31 -27.13 -81.58
N LEU A 118 22.61 -27.12 -80.45
CA LEU A 118 21.34 -27.81 -80.24
C LEU A 118 21.49 -29.32 -80.28
N TYR A 119 22.68 -29.82 -80.61
CA TYR A 119 22.90 -31.26 -80.72
C TYR A 119 23.81 -31.79 -79.62
N ASN A 120 24.99 -31.21 -79.45
CA ASN A 120 25.89 -31.63 -78.37
C ASN A 120 25.21 -31.50 -77.01
N HIS A 121 24.20 -30.64 -76.91
CA HIS A 121 23.41 -30.56 -75.68
C HIS A 121 22.32 -31.62 -75.66
N VAL A 122 21.61 -31.81 -76.78
CA VAL A 122 20.51 -32.76 -76.81
C VAL A 122 21.04 -34.18 -76.92
N LYS A 123 21.96 -34.43 -77.85
CA LYS A 123 22.47 -35.79 -78.04
C LYS A 123 23.32 -36.23 -76.86
N LYS A 124 23.94 -35.30 -76.15
CA LYS A 124 24.77 -35.64 -75.00
C LYS A 124 23.99 -35.81 -73.72
N LEU A 125 22.81 -35.19 -73.62
CA LEU A 125 22.00 -35.27 -72.41
C LEU A 125 20.75 -36.11 -72.57
N THR A 126 20.52 -36.69 -73.76
CA THR A 126 19.35 -37.53 -73.96
C THR A 126 19.41 -38.78 -73.09
N ASP A 127 20.60 -39.36 -72.95
CA ASP A 127 20.77 -40.54 -72.12
C ASP A 127 20.71 -40.24 -70.63
N ALA A 128 20.66 -38.95 -70.25
CA ALA A 128 20.59 -38.58 -68.84
C ALA A 128 19.24 -38.89 -68.21
N GLY A 129 18.27 -39.36 -68.98
CA GLY A 129 16.97 -39.71 -68.46
C GLY A 129 16.03 -38.55 -68.21
N LYS A 130 16.53 -37.31 -68.20
CA LYS A 130 15.66 -36.17 -67.97
C LYS A 130 14.67 -35.97 -69.11
N TYR A 131 15.08 -36.28 -70.33
CA TYR A 131 14.22 -36.17 -71.50
C TYR A 131 13.54 -37.51 -71.78
N ASP A 132 12.81 -37.56 -72.89
CA ASP A 132 12.16 -38.78 -73.35
C ASP A 132 12.99 -39.38 -74.48
N ARG A 133 13.21 -40.69 -74.42
CA ARG A 133 14.09 -41.34 -75.37
C ARG A 133 13.38 -41.64 -76.69
N HIS A 134 12.75 -40.62 -77.29
CA HIS A 134 12.15 -40.78 -78.61
C HIS A 134 12.38 -39.59 -79.53
N ILE A 135 12.84 -38.45 -79.02
CA ILE A 135 13.01 -37.27 -79.87
C ILE A 135 14.09 -37.52 -80.91
N LEU A 136 15.25 -37.99 -80.48
CA LEU A 136 16.35 -38.25 -81.41
C LEU A 136 15.96 -39.31 -82.43
N GLU A 137 15.13 -40.27 -82.05
CA GLU A 137 14.66 -41.29 -82.96
C GLU A 137 13.48 -40.83 -83.82
N ASP A 138 13.05 -39.58 -83.69
CA ASP A 138 11.92 -39.06 -84.43
C ASP A 138 12.29 -37.98 -85.44
N TYR A 139 13.54 -37.53 -85.46
CA TYR A 139 13.97 -36.51 -86.40
C TYR A 139 15.33 -36.89 -86.97
N SER A 140 15.78 -36.13 -87.96
CA SER A 140 17.01 -36.42 -88.69
C SER A 140 18.14 -35.51 -88.22
N ARG A 141 19.35 -36.05 -88.29
CA ARG A 141 20.53 -35.28 -87.90
C ARG A 141 20.85 -34.19 -88.92
N GLU A 142 20.56 -34.43 -90.19
CA GLU A 142 20.88 -33.46 -91.24
C GLU A 142 20.08 -32.17 -91.04
N GLU A 143 18.75 -32.27 -91.03
CA GLU A 143 17.92 -31.10 -90.84
C GLU A 143 18.03 -30.53 -89.43
N PHE A 144 18.61 -31.28 -88.49
CA PHE A 144 18.80 -30.77 -87.14
C PHE A 144 19.66 -29.52 -87.13
N ASP A 145 20.84 -29.60 -87.75
CA ASP A 145 21.71 -28.43 -87.82
C ASP A 145 21.11 -27.33 -88.67
N GLU A 146 20.31 -27.69 -89.68
CA GLU A 146 19.67 -26.67 -90.51
C GLU A 146 18.68 -25.86 -89.69
N LEU A 147 17.88 -26.52 -88.87
CA LEU A 147 16.98 -25.81 -87.96
C LEU A 147 17.72 -25.20 -86.78
N ASN A 148 18.97 -25.58 -86.54
CA ASN A 148 19.69 -25.04 -85.39
C ASN A 148 20.05 -23.57 -85.60
N ALA A 149 20.30 -23.16 -86.84
CA ALA A 149 20.72 -21.79 -87.11
C ALA A 149 19.52 -20.87 -87.21
N TYR A 150 18.63 -20.94 -86.22
CA TYR A 150 17.47 -20.09 -86.14
C TYR A 150 17.20 -19.59 -84.73
N ILE A 151 18.06 -19.90 -83.76
CA ILE A 151 17.80 -19.61 -82.35
C ILE A 151 18.95 -18.90 -81.67
N ASP A 152 19.52 -17.90 -82.34
CA ASP A 152 20.49 -17.02 -81.69
C ASP A 152 19.98 -16.59 -80.33
N HIS A 153 20.78 -16.84 -79.30
CA HIS A 153 20.37 -16.60 -77.93
C HIS A 153 20.35 -15.14 -77.55
N GLU A 154 20.57 -14.22 -78.50
CA GLU A 154 20.56 -12.79 -78.19
C GLU A 154 19.20 -12.34 -77.65
N ARG A 155 18.13 -13.04 -77.99
CA ARG A 155 16.80 -12.70 -77.48
C ARG A 155 16.59 -13.14 -76.04
N ASP A 156 17.51 -13.94 -75.48
CA ASP A 156 17.38 -14.39 -74.10
C ASP A 156 17.59 -13.26 -73.11
N MET A 157 18.16 -12.14 -73.54
CA MET A 157 18.38 -10.99 -72.66
C MET A 157 17.21 -10.01 -72.71
N SER A 158 16.00 -10.52 -72.50
CA SER A 158 14.81 -9.68 -72.50
C SER A 158 13.83 -10.06 -71.40
N PHE A 159 14.29 -10.80 -70.38
CA PHE A 159 13.43 -11.23 -69.30
C PHE A 159 13.40 -10.18 -68.18
N SER A 160 12.63 -10.47 -67.15
CA SER A 160 12.61 -9.69 -65.92
C SER A 160 13.04 -10.58 -64.76
N TYR A 161 13.42 -9.95 -63.66
CA TYR A 161 13.82 -10.72 -62.48
C TYR A 161 12.65 -11.57 -61.98
N ALA A 162 11.44 -11.02 -62.03
CA ALA A 162 10.26 -11.78 -61.62
C ALA A 162 10.02 -12.99 -62.51
N ALA A 163 10.63 -13.03 -63.69
CA ALA A 163 10.53 -14.19 -64.57
C ALA A 163 11.60 -15.23 -64.24
N VAL A 164 12.87 -14.83 -64.29
CA VAL A 164 13.95 -15.76 -64.04
C VAL A 164 13.88 -16.34 -62.64
N LYS A 165 13.32 -15.59 -61.69
CA LYS A 165 13.17 -16.09 -60.33
C LYS A 165 12.33 -17.36 -60.31
N GLN A 166 11.08 -17.27 -60.77
CA GLN A 166 10.21 -18.44 -60.79
C GLN A 166 10.73 -19.49 -61.76
N LEU A 167 11.41 -19.08 -62.84
CA LEU A 167 11.96 -20.05 -63.77
C LEU A 167 12.97 -20.95 -63.08
N GLU A 168 13.95 -20.35 -62.40
CA GLU A 168 14.92 -21.14 -61.65
C GLU A 168 14.26 -21.83 -60.47
N GLY A 169 13.15 -21.31 -59.97
CA GLY A 169 12.46 -21.97 -58.87
C GLY A 169 11.84 -23.28 -59.28
N LYS A 170 10.76 -23.23 -60.07
CA LYS A 170 10.22 -24.46 -60.63
C LYS A 170 9.51 -24.13 -61.94
N TYR A 171 10.27 -24.18 -63.04
CA TYR A 171 9.67 -24.16 -64.36
C TYR A 171 10.33 -25.10 -65.36
N LEU A 172 11.60 -25.48 -65.17
CA LEU A 172 12.35 -26.26 -66.13
C LEU A 172 12.94 -27.48 -65.45
N VAL A 173 13.48 -28.39 -66.28
CA VAL A 173 13.95 -29.67 -65.78
C VAL A 173 15.16 -29.48 -64.88
N GLN A 174 15.12 -30.09 -63.70
CA GLN A 174 16.21 -30.05 -62.74
C GLN A 174 15.88 -31.00 -61.60
N ASN A 175 16.92 -31.59 -61.01
CA ASN A 175 16.72 -32.48 -59.88
C ASN A 175 16.27 -31.69 -58.66
N ARG A 176 15.16 -32.11 -58.07
CA ARG A 176 14.55 -31.40 -56.95
C ARG A 176 15.27 -31.63 -55.62
N VAL A 177 16.42 -32.31 -55.62
CA VAL A 177 17.16 -32.53 -54.39
C VAL A 177 18.54 -31.91 -54.53
N THR A 178 19.03 -31.82 -55.76
CA THR A 178 20.35 -31.27 -56.03
C THR A 178 20.29 -29.85 -56.58
N ARG A 179 19.23 -29.50 -57.29
CA ARG A 179 19.04 -28.21 -57.94
C ARG A 179 20.09 -27.95 -59.02
N GLN A 180 20.75 -29.00 -59.50
CA GLN A 180 21.70 -28.88 -60.61
C GLN A 180 20.90 -28.75 -61.89
N ILE A 181 20.70 -27.50 -62.34
CA ILE A 181 19.91 -27.25 -63.54
C ILE A 181 20.62 -27.82 -64.75
N TYR A 182 19.86 -28.46 -65.64
CA TYR A 182 20.41 -29.11 -66.83
C TYR A 182 19.80 -28.57 -68.11
N GLU A 183 19.23 -27.37 -68.10
CA GLU A 183 18.58 -26.83 -69.29
C GLU A 183 18.92 -25.35 -69.39
N THR A 184 18.25 -24.66 -70.32
CA THR A 184 18.49 -23.26 -70.62
C THR A 184 17.17 -22.69 -71.11
N PRO A 185 16.78 -21.49 -70.66
CA PRO A 185 15.47 -20.95 -71.04
C PRO A 185 15.33 -20.63 -72.53
N GLN A 186 16.39 -20.82 -73.30
CA GLN A 186 16.33 -20.63 -74.74
C GLN A 186 16.00 -21.90 -75.49
N PHE A 187 16.61 -23.02 -75.12
CA PHE A 187 16.29 -24.31 -75.73
C PHE A 187 14.92 -24.83 -75.32
N LEU A 188 14.33 -24.26 -74.27
CA LEU A 188 13.03 -24.71 -73.78
C LEU A 188 11.97 -24.63 -74.87
N TYR A 189 11.81 -23.46 -75.48
CA TYR A 189 10.72 -23.24 -76.43
C TYR A 189 10.88 -24.14 -77.65
N VAL A 190 12.07 -24.18 -78.24
CA VAL A 190 12.25 -24.98 -79.43
C VAL A 190 12.17 -26.46 -79.10
N LEU A 191 12.59 -26.87 -77.90
CA LEU A 191 12.49 -28.27 -77.53
C LEU A 191 11.04 -28.69 -77.41
N VAL A 192 10.20 -27.87 -76.75
CA VAL A 192 8.80 -28.24 -76.62
C VAL A 192 8.09 -28.18 -77.97
N ALA A 193 8.46 -27.20 -78.81
CA ALA A 193 7.82 -27.11 -80.12
C ALA A 193 8.22 -28.26 -81.02
N MET A 194 9.45 -28.78 -80.86
CA MET A 194 9.87 -29.93 -81.64
C MET A 194 9.23 -31.20 -81.13
N CYS A 195 9.08 -31.32 -79.81
CA CYS A 195 8.48 -32.53 -79.25
C CYS A 195 6.99 -32.60 -79.54
N LEU A 196 6.30 -31.47 -79.58
CA LEU A 196 4.86 -31.48 -79.83
C LEU A 196 4.52 -31.81 -81.28
N PHE A 197 5.51 -31.86 -82.17
CA PHE A 197 5.27 -32.06 -83.60
C PHE A 197 5.97 -33.33 -84.09
N SER A 198 5.87 -34.41 -83.34
CA SER A 198 6.53 -35.65 -83.72
C SER A 198 5.77 -36.37 -84.83
N LYS A 199 4.53 -36.77 -84.55
CA LYS A 199 3.72 -37.52 -85.50
C LYS A 199 3.15 -36.55 -86.52
N TYR A 200 3.95 -36.27 -87.54
CA TYR A 200 3.57 -35.36 -88.61
C TYR A 200 4.32 -35.75 -89.87
N PRO A 201 3.80 -35.38 -91.05
CA PRO A 201 4.53 -35.68 -92.28
C PRO A 201 5.84 -34.92 -92.36
N LYS A 202 6.89 -35.61 -92.79
CA LYS A 202 8.22 -35.03 -92.86
C LYS A 202 8.40 -34.19 -94.11
N GLU A 203 7.47 -33.26 -94.35
CA GLU A 203 7.55 -32.37 -95.49
C GLU A 203 7.31 -30.90 -95.15
N ALA A 204 6.64 -30.60 -94.03
CA ALA A 204 6.41 -29.22 -93.64
C ALA A 204 6.66 -28.94 -92.17
N ARG A 205 6.95 -29.95 -91.35
CA ARG A 205 7.13 -29.73 -89.92
C ARG A 205 8.32 -28.79 -89.66
N LEU A 206 9.38 -28.91 -90.46
CA LEU A 206 10.55 -28.07 -90.25
C LEU A 206 10.22 -26.59 -90.49
N ASP A 207 9.42 -26.30 -91.51
CA ASP A 207 8.99 -24.93 -91.77
C ASP A 207 7.79 -24.52 -90.93
N TYR A 208 7.20 -25.45 -90.19
CA TYR A 208 6.04 -25.18 -89.36
C TYR A 208 6.39 -24.91 -87.91
N VAL A 209 7.46 -25.52 -87.40
CA VAL A 209 7.87 -25.30 -86.02
C VAL A 209 8.40 -23.89 -85.82
N LYS A 210 8.91 -23.25 -86.89
CA LYS A 210 9.46 -21.91 -86.77
C LYS A 210 8.38 -20.91 -86.38
N ARG A 211 7.17 -21.07 -86.92
CA ARG A 211 6.08 -20.16 -86.57
C ARG A 211 5.76 -20.24 -85.08
N PHE A 212 5.63 -21.47 -84.55
CA PHE A 212 5.34 -21.63 -83.13
C PHE A 212 6.47 -21.11 -82.27
N TYR A 213 7.71 -21.31 -82.70
CA TYR A 213 8.84 -20.78 -81.92
C TYR A 213 8.83 -19.27 -81.90
N ASP A 214 8.59 -18.64 -83.05
CA ASP A 214 8.52 -17.18 -83.08
C ASP A 214 7.35 -16.66 -82.27
N ALA A 215 6.27 -17.46 -82.17
CA ALA A 215 5.13 -17.05 -81.36
C ALA A 215 5.46 -17.11 -79.88
N VAL A 216 6.09 -18.19 -79.44
CA VAL A 216 6.34 -18.36 -78.01
C VAL A 216 7.51 -17.49 -77.53
N SER A 217 8.50 -17.26 -78.40
CA SER A 217 9.67 -16.49 -77.98
C SER A 217 9.34 -15.01 -77.85
N THR A 218 8.52 -14.47 -78.74
CA THR A 218 8.10 -13.08 -78.67
C THR A 218 7.02 -12.83 -77.64
N PHE A 219 6.75 -13.81 -76.77
CA PHE A 219 5.77 -13.69 -75.69
C PHE A 219 4.36 -13.43 -76.21
N LYS A 220 4.09 -13.76 -77.46
CA LYS A 220 2.74 -13.58 -78.00
C LYS A 220 1.77 -14.64 -77.53
N VAL A 221 2.26 -15.83 -77.20
CA VAL A 221 1.43 -16.93 -76.70
C VAL A 221 2.06 -17.43 -75.40
N SER A 222 1.23 -17.66 -74.39
CA SER A 222 1.70 -18.06 -73.07
C SER A 222 1.34 -19.52 -72.82
N LEU A 223 2.19 -20.22 -72.07
CA LEU A 223 1.97 -21.65 -71.77
C LEU A 223 2.09 -21.90 -70.26
N PRO A 224 1.18 -22.71 -69.67
CA PRO A 224 1.22 -23.06 -68.23
C PRO A 224 2.38 -23.94 -67.75
N THR A 225 2.40 -24.25 -66.44
CA THR A 225 3.46 -25.12 -65.88
C THR A 225 3.16 -26.58 -66.26
N PRO A 226 1.89 -27.04 -66.20
CA PRO A 226 1.54 -28.41 -66.55
C PRO A 226 2.03 -28.80 -67.96
N ILE A 227 2.23 -27.80 -68.83
CA ILE A 227 2.69 -28.07 -70.18
C ILE A 227 4.16 -27.71 -70.36
N MET A 228 4.66 -26.73 -69.60
CA MET A 228 6.07 -26.41 -69.62
C MET A 228 6.85 -27.05 -68.49
N SER A 229 6.18 -27.44 -67.41
CA SER A 229 6.83 -28.20 -66.36
C SER A 229 6.83 -29.70 -66.62
N GLY A 230 6.14 -30.16 -67.67
CA GLY A 230 6.00 -31.59 -67.89
C GLY A 230 6.25 -32.05 -69.30
N VAL A 231 6.58 -31.13 -70.21
CA VAL A 231 6.87 -31.52 -71.59
C VAL A 231 8.15 -32.34 -71.64
N ARG A 232 8.35 -33.02 -72.78
CA ARG A 232 9.53 -33.86 -73.12
C ARG A 232 10.03 -34.67 -71.91
N THR A 233 9.12 -35.01 -71.01
CA THR A 233 9.41 -35.70 -69.77
C THR A 233 8.87 -37.13 -69.83
N PRO A 234 9.59 -38.11 -69.28
CA PRO A 234 9.08 -39.49 -69.31
C PRO A 234 7.67 -39.65 -68.78
N THR A 235 7.34 -39.02 -67.65
CA THR A 235 5.99 -39.09 -67.11
C THR A 235 5.08 -38.22 -67.97
N ARG A 236 4.39 -38.84 -68.93
CA ARG A 236 3.56 -38.11 -69.88
C ARG A 236 2.22 -37.82 -69.24
N GLN A 237 2.14 -36.68 -68.55
CA GLN A 237 0.89 -36.19 -67.98
C GLN A 237 0.82 -34.69 -68.24
N PHE A 238 -0.29 -34.25 -68.82
CA PHE A 238 -0.40 -32.86 -69.24
C PHE A 238 -1.75 -32.23 -68.96
N SER A 239 -2.64 -32.87 -68.21
CA SER A 239 -3.90 -32.24 -67.88
C SER A 239 -3.68 -31.11 -66.88
N SER A 240 -4.75 -30.37 -66.60
CA SER A 240 -4.71 -29.29 -65.63
C SER A 240 -5.76 -29.43 -64.53
N CYS A 241 -6.93 -29.98 -64.83
CA CYS A 241 -7.97 -30.18 -63.83
C CYS A 241 -8.71 -31.46 -64.15
N VAL A 242 -9.24 -32.11 -63.11
CA VAL A 242 -10.07 -33.29 -63.26
C VAL A 242 -11.26 -33.18 -62.33
N LEU A 243 -12.33 -33.88 -62.68
CA LEU A 243 -13.57 -33.88 -61.91
C LEU A 243 -13.91 -35.30 -61.48
N ILE A 244 -14.63 -35.41 -60.37
CA ILE A 244 -15.07 -36.71 -59.86
C ILE A 244 -16.19 -36.48 -58.87
N GLU A 245 -17.20 -37.34 -58.93
CA GLU A 245 -18.34 -37.28 -58.02
C GLU A 245 -18.61 -38.67 -57.47
N CYS A 246 -18.98 -38.74 -56.20
CA CYS A 246 -19.20 -40.00 -55.50
C CYS A 246 -20.62 -40.05 -54.96
N ASP A 247 -21.31 -41.16 -55.25
CA ASP A 247 -22.67 -41.37 -54.76
C ASP A 247 -22.63 -42.25 -53.51
N ASP A 248 -23.81 -42.63 -53.03
CA ASP A 248 -23.93 -43.38 -51.79
C ASP A 248 -23.54 -44.84 -51.96
N SER A 249 -22.26 -45.16 -51.79
CA SER A 249 -21.79 -46.53 -51.85
C SER A 249 -20.37 -46.60 -51.28
N LEU A 250 -20.11 -47.67 -50.52
CA LEU A 250 -18.79 -47.85 -49.93
C LEU A 250 -17.74 -48.11 -51.00
N ASP A 251 -18.06 -48.99 -51.95
CA ASP A 251 -17.12 -49.29 -53.03
C ASP A 251 -16.79 -48.04 -53.83
N SER A 252 -17.79 -47.18 -54.07
CA SER A 252 -17.55 -45.94 -54.80
C SER A 252 -16.60 -45.04 -54.01
N ILE A 253 -16.77 -44.99 -52.69
CA ILE A 253 -15.89 -44.16 -51.86
C ILE A 253 -14.47 -44.68 -51.90
N ASN A 254 -14.30 -46.00 -51.76
CA ASN A 254 -12.95 -46.57 -51.86
C ASN A 254 -12.33 -46.28 -53.22
N ALA A 255 -13.13 -46.40 -54.29
CA ALA A 255 -12.62 -46.18 -55.63
C ALA A 255 -12.18 -44.73 -55.81
N THR A 256 -13.01 -43.77 -55.39
CA THR A 256 -12.64 -42.38 -55.56
C THR A 256 -11.47 -42.00 -54.67
N THR A 257 -11.33 -42.64 -53.51
CA THR A 257 -10.17 -42.39 -52.67
C THR A 257 -8.89 -42.88 -53.35
N SER A 258 -8.93 -44.10 -53.91
CA SER A 258 -7.79 -44.58 -54.66
C SER A 258 -7.49 -43.66 -55.85
N ALA A 259 -8.53 -43.17 -56.51
CA ALA A 259 -8.34 -42.30 -57.67
C ALA A 259 -7.67 -40.99 -57.28
N ILE A 260 -8.13 -40.36 -56.19
CA ILE A 260 -7.52 -39.10 -55.78
C ILE A 260 -6.11 -39.34 -55.28
N VAL A 261 -5.84 -40.48 -54.64
CA VAL A 261 -4.50 -40.75 -54.15
C VAL A 261 -3.54 -40.97 -55.33
N LYS A 262 -4.02 -41.62 -56.39
CA LYS A 262 -3.14 -41.96 -57.50
C LYS A 262 -2.97 -40.82 -58.50
N TYR A 263 -4.01 -40.00 -58.70
CA TYR A 263 -3.97 -39.04 -59.79
C TYR A 263 -3.28 -37.75 -59.39
N VAL A 264 -3.44 -37.32 -58.13
CA VAL A 264 -2.87 -36.05 -57.70
C VAL A 264 -1.35 -36.08 -57.74
N SER A 265 -0.75 -37.27 -57.85
CA SER A 265 0.70 -37.38 -57.81
C SER A 265 1.36 -36.91 -59.10
N GLN A 266 0.59 -36.55 -60.14
CA GLN A 266 1.14 -36.01 -61.38
C GLN A 266 0.36 -34.75 -61.77
N ARG A 267 0.74 -33.61 -61.21
CA ARG A 267 0.31 -32.28 -61.67
C ARG A 267 -1.19 -32.24 -61.98
N ALA A 268 -1.99 -32.44 -60.94
CA ALA A 268 -3.43 -32.58 -61.11
C ALA A 268 -4.17 -31.45 -60.42
N GLY A 269 -5.43 -31.29 -60.81
CA GLY A 269 -6.36 -30.37 -60.18
C GLY A 269 -7.70 -31.04 -59.96
N ILE A 270 -8.21 -31.00 -58.73
CA ILE A 270 -9.28 -31.88 -58.30
C ILE A 270 -10.56 -31.07 -58.07
N GLY A 271 -11.68 -31.60 -58.58
CA GLY A 271 -12.98 -31.02 -58.36
C GLY A 271 -13.93 -31.97 -57.65
N ILE A 272 -13.44 -32.62 -56.59
CA ILE A 272 -14.20 -33.66 -55.92
C ILE A 272 -15.57 -33.16 -55.51
N ASN A 273 -16.58 -34.04 -55.64
CA ASN A 273 -17.94 -33.74 -55.24
C ASN A 273 -18.52 -34.93 -54.51
N ALA A 274 -19.06 -34.69 -53.31
CA ALA A 274 -19.60 -35.75 -52.47
C ALA A 274 -20.90 -35.31 -51.83
N GLY A 275 -21.78 -34.69 -52.62
CA GLY A 275 -23.05 -34.24 -52.10
C GLY A 275 -24.13 -35.30 -52.09
N ARG A 276 -23.74 -36.57 -52.22
CA ARG A 276 -24.69 -37.67 -52.32
C ARG A 276 -24.25 -38.85 -51.49
N ILE A 277 -23.80 -38.62 -50.26
CA ILE A 277 -23.29 -39.72 -49.44
C ILE A 277 -24.39 -40.30 -48.56
N ARG A 278 -24.91 -39.52 -47.62
CA ARG A 278 -25.91 -39.97 -46.65
C ARG A 278 -26.24 -38.80 -45.74
N GLY A 279 -27.40 -38.88 -45.10
CA GLY A 279 -27.73 -37.95 -44.05
C GLY A 279 -27.31 -38.48 -42.70
N LEU A 280 -28.21 -38.40 -41.71
CA LEU A 280 -27.98 -39.01 -40.40
C LEU A 280 -29.26 -39.68 -39.90
N ASP A 281 -30.02 -40.28 -40.81
CA ASP A 281 -31.35 -40.78 -40.47
C ASP A 281 -31.28 -42.14 -39.79
N SER A 282 -30.83 -43.16 -40.52
CA SER A 282 -30.83 -44.53 -40.01
C SER A 282 -30.14 -45.48 -40.97
N GLU A 283 -30.07 -46.76 -40.60
CA GLU A 283 -29.59 -47.82 -41.48
C GLU A 283 -30.65 -48.91 -41.54
N ILE A 284 -30.97 -49.35 -42.76
CA ILE A 284 -32.08 -50.28 -42.94
C ILE A 284 -31.75 -51.63 -42.33
N ARG A 285 -30.65 -52.24 -42.75
CA ARG A 285 -30.35 -53.60 -42.34
C ARG A 285 -29.76 -53.68 -40.93
N GLY A 286 -29.86 -52.62 -40.14
CA GLY A 286 -29.40 -52.66 -38.76
C GLY A 286 -28.02 -52.07 -38.58
N GLY A 287 -27.96 -50.91 -37.92
CA GLY A 287 -26.71 -50.22 -37.72
C GLY A 287 -26.88 -48.71 -37.65
N GLU A 288 -25.79 -47.98 -37.45
CA GLU A 288 -25.88 -46.53 -37.38
C GLU A 288 -26.14 -45.94 -38.76
N ALA A 289 -26.70 -44.73 -38.78
CA ALA A 289 -27.05 -44.06 -40.02
C ALA A 289 -25.83 -43.79 -40.89
N ARG A 290 -24.93 -42.91 -40.43
CA ARG A 290 -23.77 -42.55 -41.23
C ARG A 290 -22.51 -42.33 -40.41
N HIS A 291 -22.52 -42.66 -39.12
CA HIS A 291 -21.40 -42.40 -38.22
C HIS A 291 -21.06 -40.92 -38.22
N THR A 292 -22.02 -40.12 -37.75
CA THR A 292 -21.98 -38.66 -37.65
C THR A 292 -22.03 -37.98 -39.01
N GLY A 293 -22.28 -38.70 -40.09
CA GLY A 293 -22.44 -38.08 -41.39
C GLY A 293 -21.15 -37.82 -42.13
N CYS A 294 -21.03 -36.64 -42.74
CA CYS A 294 -19.90 -36.33 -43.61
C CYS A 294 -18.66 -35.90 -42.83
N ILE A 295 -18.78 -35.59 -41.54
CA ILE A 295 -17.64 -35.08 -40.78
C ILE A 295 -16.47 -36.05 -40.78
N PRO A 296 -16.63 -37.34 -40.47
CA PRO A 296 -15.48 -38.24 -40.50
C PRO A 296 -15.09 -38.64 -41.92
N PHE A 297 -16.06 -38.68 -42.82
CA PHE A 297 -15.78 -39.12 -44.18
C PHE A 297 -14.91 -38.11 -44.92
N PHE A 298 -15.15 -36.81 -44.72
CA PHE A 298 -14.36 -35.80 -45.40
C PHE A 298 -12.92 -35.77 -44.91
N LYS A 299 -12.66 -36.25 -43.70
CA LYS A 299 -11.28 -36.35 -43.24
C LYS A 299 -10.45 -37.25 -44.14
N MET A 300 -11.07 -38.31 -44.69
CA MET A 300 -10.36 -39.18 -45.60
C MET A 300 -9.90 -38.43 -46.84
N PHE A 301 -10.80 -37.66 -47.45
CA PHE A 301 -10.42 -36.88 -48.63
C PHE A 301 -9.39 -35.82 -48.28
N GLN A 302 -9.54 -35.19 -47.12
CA GLN A 302 -8.59 -34.16 -46.71
C GLN A 302 -7.19 -34.75 -46.56
N ALA A 303 -7.08 -35.93 -45.95
CA ALA A 303 -5.78 -36.58 -45.84
C ALA A 303 -5.28 -37.06 -47.20
N ALA A 304 -6.19 -37.46 -48.08
CA ALA A 304 -5.78 -37.96 -49.39
C ALA A 304 -5.16 -36.85 -50.22
N VAL A 305 -5.83 -35.70 -50.31
CA VAL A 305 -5.29 -34.59 -51.09
C VAL A 305 -4.01 -34.05 -50.46
N LYS A 306 -3.83 -34.21 -49.15
CA LYS A 306 -2.59 -33.82 -48.49
C LYS A 306 -1.62 -34.99 -48.62
N SER A 307 -0.88 -35.01 -49.71
CA SER A 307 0.00 -36.11 -50.03
C SER A 307 1.20 -35.56 -50.80
N CYS A 308 1.89 -36.44 -51.51
CA CYS A 308 3.07 -36.07 -52.29
C CYS A 308 2.77 -34.88 -53.20
N SER A 309 3.83 -34.14 -53.53
CA SER A 309 3.69 -32.96 -54.37
C SER A 309 3.13 -33.33 -55.73
N GLN A 310 2.40 -32.39 -56.32
CA GLN A 310 1.76 -32.62 -57.62
C GLN A 310 2.81 -32.61 -58.73
N GLY A 311 3.62 -33.66 -58.80
CA GLY A 311 4.69 -33.75 -59.76
C GLY A 311 6.04 -33.28 -59.27
N GLY A 312 6.10 -32.67 -58.09
CA GLY A 312 7.34 -32.17 -57.55
C GLY A 312 7.55 -30.68 -57.68
N VAL A 313 6.49 -29.88 -57.73
CA VAL A 313 6.59 -28.44 -57.85
C VAL A 313 5.91 -27.72 -56.70
N ARG A 314 4.72 -28.16 -56.31
CA ARG A 314 3.96 -27.50 -55.26
C ARG A 314 3.05 -28.53 -54.60
N GLY A 315 2.14 -28.05 -53.75
CA GLY A 315 1.19 -28.92 -53.09
C GLY A 315 -0.24 -28.69 -53.53
N GLY A 316 -0.88 -29.74 -54.04
CA GLY A 316 -2.23 -29.61 -54.53
C GLY A 316 -3.24 -29.39 -53.41
N ALA A 317 -4.43 -28.95 -53.80
CA ALA A 317 -5.51 -28.70 -52.86
C ALA A 317 -6.84 -28.86 -53.58
N ALA A 318 -7.63 -29.84 -53.17
CA ALA A 318 -8.89 -30.14 -53.83
C ALA A 318 -9.97 -29.16 -53.38
N THR A 319 -11.21 -29.41 -53.80
CA THR A 319 -12.32 -28.52 -53.48
C THR A 319 -13.59 -29.35 -53.51
N LEU A 320 -14.25 -29.50 -52.36
CA LEU A 320 -15.45 -30.31 -52.26
C LEU A 320 -16.69 -29.46 -52.46
N PHE A 321 -17.83 -30.13 -52.65
CA PHE A 321 -19.10 -29.46 -52.87
C PHE A 321 -20.21 -30.27 -52.20
N TYR A 322 -21.30 -29.58 -51.87
CA TYR A 322 -22.48 -30.23 -51.30
C TYR A 322 -23.67 -29.28 -51.42
N PRO A 323 -24.87 -29.81 -51.59
CA PRO A 323 -26.04 -28.94 -51.76
C PRO A 323 -26.50 -28.33 -50.44
N LEU A 324 -27.21 -27.20 -50.58
CA LEU A 324 -27.66 -26.47 -49.40
C LEU A 324 -28.81 -27.18 -48.70
N TRP A 325 -29.63 -27.91 -49.43
CA TRP A 325 -30.78 -28.60 -48.85
C TRP A 325 -30.40 -29.88 -48.11
N HIS A 326 -29.11 -30.13 -47.92
CA HIS A 326 -28.67 -31.32 -47.20
C HIS A 326 -29.14 -31.28 -45.75
N ILE A 327 -29.66 -32.40 -45.27
CA ILE A 327 -30.13 -32.47 -43.89
C ILE A 327 -29.02 -32.08 -42.93
N GLU A 328 -27.79 -32.48 -43.23
CA GLU A 328 -26.64 -31.92 -42.54
C GLU A 328 -26.42 -30.51 -43.08
N ALA A 329 -26.94 -29.52 -42.36
CA ALA A 329 -26.99 -28.15 -42.86
C ALA A 329 -25.63 -27.49 -42.70
N GLU A 330 -25.61 -26.16 -42.82
CA GLU A 330 -24.38 -25.39 -42.72
C GLU A 330 -23.75 -25.51 -41.33
N SER A 331 -24.37 -26.29 -40.45
CA SER A 331 -23.73 -26.65 -39.19
C SER A 331 -22.37 -27.28 -39.42
N LEU A 332 -22.16 -27.88 -40.59
CA LEU A 332 -20.84 -28.37 -40.98
C LEU A 332 -20.02 -27.34 -41.74
N LEU A 333 -20.65 -26.26 -42.22
CA LEU A 333 -19.93 -25.24 -42.97
C LEU A 333 -18.91 -24.51 -42.11
N VAL A 334 -19.09 -24.52 -40.78
CA VAL A 334 -18.14 -23.90 -39.87
C VAL A 334 -16.79 -24.60 -39.90
N LEU A 335 -16.69 -25.76 -40.55
CA LEU A 335 -15.45 -26.53 -40.55
C LEU A 335 -14.26 -25.76 -41.11
N LYS A 336 -14.50 -24.65 -41.79
CA LYS A 336 -13.43 -23.79 -42.28
C LYS A 336 -13.11 -22.65 -41.33
N ASN A 337 -13.90 -22.47 -40.26
CA ASN A 337 -13.64 -21.40 -39.31
C ASN A 337 -12.40 -21.72 -38.49
N ASN A 338 -11.84 -20.67 -37.87
CA ASN A 338 -10.62 -20.81 -37.08
C ASN A 338 -10.92 -21.10 -35.61
N ARG A 339 -11.67 -20.22 -34.96
CA ARG A 339 -11.95 -20.38 -33.54
C ARG A 339 -12.99 -21.47 -33.33
N GLY A 340 -12.58 -22.56 -32.69
CA GLY A 340 -13.50 -23.66 -32.43
C GLY A 340 -12.75 -24.87 -31.94
N VAL A 341 -13.52 -25.86 -31.49
CA VAL A 341 -12.97 -27.11 -31.00
C VAL A 341 -12.41 -27.91 -32.16
N GLU A 342 -11.64 -28.96 -31.87
CA GLU A 342 -11.04 -29.80 -32.89
C GLU A 342 -11.94 -30.95 -33.32
N ASP A 343 -13.24 -30.86 -33.02
CA ASP A 343 -14.16 -31.90 -33.47
C ASP A 343 -14.23 -31.95 -34.99
N ASN A 344 -14.56 -30.81 -35.62
CA ASN A 344 -14.63 -30.73 -37.08
C ASN A 344 -14.22 -29.32 -37.49
N ARG A 345 -12.92 -29.15 -37.74
CA ARG A 345 -12.38 -27.87 -38.20
C ARG A 345 -11.30 -28.10 -39.25
N ILE A 346 -11.54 -29.00 -40.19
CA ILE A 346 -10.53 -29.35 -41.18
C ILE A 346 -10.38 -28.22 -42.18
N ARG A 347 -9.39 -27.36 -41.96
CA ARG A 347 -9.14 -26.22 -42.84
C ARG A 347 -8.00 -26.54 -43.80
N GLN A 348 -8.32 -27.37 -44.79
CA GLN A 348 -7.34 -27.72 -45.81
C GLN A 348 -7.93 -27.79 -47.21
N LEU A 349 -9.20 -27.47 -47.38
CA LEU A 349 -9.89 -27.62 -48.65
C LEU A 349 -10.49 -26.28 -49.08
N ASP A 350 -11.18 -26.29 -50.21
CA ASP A 350 -11.93 -25.15 -50.72
C ASP A 350 -13.38 -25.61 -50.84
N TYR A 351 -14.15 -25.42 -49.78
CA TYR A 351 -15.52 -25.90 -49.74
C TYR A 351 -16.37 -25.22 -50.81
N GLY A 352 -17.43 -25.91 -51.22
CA GLY A 352 -18.34 -25.37 -52.22
C GLY A 352 -19.77 -25.75 -51.89
N VAL A 353 -20.68 -24.86 -52.29
CA VAL A 353 -22.11 -25.05 -52.05
C VAL A 353 -22.86 -24.70 -53.32
N GLN A 354 -23.94 -25.44 -53.57
CA GLN A 354 -24.72 -25.25 -54.78
C GLN A 354 -25.87 -24.27 -54.53
N ILE A 355 -26.24 -23.55 -55.58
CA ILE A 355 -27.31 -22.56 -55.51
C ILE A 355 -28.04 -22.54 -56.84
N ASN A 356 -29.35 -22.34 -56.79
CA ASN A 356 -30.21 -22.29 -57.97
C ASN A 356 -30.97 -20.98 -58.01
N ARG A 357 -31.89 -20.85 -58.97
CA ARG A 357 -32.67 -19.64 -59.16
C ARG A 357 -33.78 -19.48 -58.13
N LEU A 358 -34.11 -20.52 -57.38
CA LEU A 358 -35.26 -20.50 -56.48
C LEU A 358 -34.89 -20.23 -55.03
N LEU A 359 -33.70 -20.63 -54.59
CA LEU A 359 -33.32 -20.46 -53.19
C LEU A 359 -33.27 -18.99 -52.81
N TYR A 360 -32.58 -18.18 -53.62
CA TYR A 360 -32.54 -16.75 -53.37
C TYR A 360 -33.94 -16.15 -53.41
N THR A 361 -34.81 -16.68 -54.28
CA THR A 361 -36.19 -16.22 -54.33
C THR A 361 -36.94 -16.59 -53.05
N ARG A 362 -36.69 -17.79 -52.53
CA ARG A 362 -37.32 -18.19 -51.28
C ARG A 362 -36.85 -17.32 -50.13
N LEU A 363 -35.59 -16.87 -50.16
CA LEU A 363 -35.12 -15.95 -49.14
C LEU A 363 -35.75 -14.57 -49.29
N ILE A 364 -35.83 -14.07 -50.53
CA ILE A 364 -36.44 -12.76 -50.77
C ILE A 364 -37.89 -12.76 -50.29
N LYS A 365 -38.63 -13.84 -50.60
CA LYS A 365 -39.99 -13.95 -50.12
C LYS A 365 -40.03 -14.17 -48.61
N GLY A 366 -38.96 -14.71 -48.04
CA GLY A 366 -38.89 -14.98 -46.62
C GLY A 366 -39.18 -16.41 -46.22
N GLY A 367 -39.22 -17.34 -47.17
CA GLY A 367 -39.53 -18.73 -46.83
C GLY A 367 -38.40 -19.37 -46.07
N ASN A 368 -38.73 -20.02 -44.96
CA ASN A 368 -37.74 -20.74 -44.15
C ASN A 368 -37.42 -22.05 -44.84
N ILE A 369 -36.21 -22.14 -45.42
CA ILE A 369 -35.83 -23.34 -46.17
C ILE A 369 -35.78 -24.53 -45.24
N THR A 370 -36.31 -25.66 -45.70
CA THR A 370 -36.33 -26.90 -44.94
C THR A 370 -35.41 -27.90 -45.63
N LEU A 371 -34.26 -28.16 -45.01
CA LEU A 371 -33.32 -29.14 -45.53
C LEU A 371 -33.77 -30.55 -45.20
N PHE A 372 -33.31 -31.50 -46.01
CA PHE A 372 -33.75 -32.89 -45.92
C PHE A 372 -32.61 -33.80 -46.34
N SER A 373 -32.86 -35.11 -46.26
CA SER A 373 -31.88 -36.15 -46.56
C SER A 373 -31.92 -36.53 -48.03
N PRO A 374 -30.75 -36.64 -48.67
CA PRO A 374 -30.72 -36.96 -50.10
C PRO A 374 -31.22 -38.37 -50.42
N ASN A 375 -30.67 -39.37 -49.72
CA ASN A 375 -31.00 -40.75 -50.01
C ASN A 375 -32.37 -41.15 -49.50
N GLU A 376 -32.88 -40.48 -48.46
CA GLU A 376 -34.19 -40.82 -47.92
C GLU A 376 -35.31 -40.52 -48.91
N VAL A 377 -35.10 -39.60 -49.84
CA VAL A 377 -36.10 -39.23 -50.84
C VAL A 377 -35.59 -39.68 -52.20
N SER A 378 -36.53 -39.85 -53.13
CA SER A 378 -36.22 -40.30 -54.48
C SER A 378 -36.60 -39.24 -55.50
N GLY A 379 -35.77 -39.11 -56.53
CA GLY A 379 -36.03 -38.14 -57.59
C GLY A 379 -35.89 -36.71 -57.15
N LEU A 380 -34.90 -36.41 -56.32
CA LEU A 380 -34.67 -35.06 -55.83
C LEU A 380 -33.31 -34.50 -56.23
N TYR A 381 -32.23 -35.28 -56.06
CA TYR A 381 -30.90 -34.78 -56.36
C TYR A 381 -30.75 -34.49 -57.86
N GLU A 382 -31.11 -35.45 -58.71
CA GLU A 382 -31.07 -35.19 -60.15
C GLU A 382 -32.08 -34.12 -60.53
N ALA A 383 -33.22 -34.09 -59.84
CA ALA A 383 -34.23 -33.05 -60.08
C ALA A 383 -33.70 -31.67 -59.71
N PHE A 384 -32.72 -31.61 -58.80
CA PHE A 384 -32.11 -30.34 -58.46
C PHE A 384 -31.38 -29.72 -59.64
N PHE A 385 -31.12 -30.50 -60.70
CA PHE A 385 -30.47 -29.99 -61.89
C PHE A 385 -31.31 -30.13 -63.15
N ALA A 386 -32.47 -30.79 -63.08
CA ALA A 386 -33.20 -31.17 -64.29
C ALA A 386 -34.35 -30.22 -64.63
N ASP A 387 -35.31 -30.07 -63.74
CA ASP A 387 -36.53 -29.33 -64.06
C ASP A 387 -36.97 -28.51 -62.85
N GLN A 388 -38.15 -27.91 -62.95
CA GLN A 388 -38.70 -27.07 -61.90
C GLN A 388 -40.09 -27.50 -61.45
N ASP A 389 -40.93 -27.97 -62.37
CA ASP A 389 -42.30 -28.35 -62.01
C ASP A 389 -42.31 -29.52 -61.04
N GLU A 390 -41.72 -30.65 -61.45
CA GLU A 390 -41.64 -31.81 -60.56
C GLU A 390 -40.80 -31.49 -59.33
N PHE A 391 -39.74 -30.70 -59.50
CA PHE A 391 -38.89 -30.35 -58.37
C PHE A 391 -39.67 -29.55 -57.33
N GLU A 392 -40.38 -28.52 -57.76
CA GLU A 392 -41.17 -27.72 -56.83
C GLU A 392 -42.31 -28.56 -56.23
N ARG A 393 -42.95 -29.40 -57.05
CA ARG A 393 -44.03 -30.24 -56.54
C ARG A 393 -43.52 -31.15 -55.42
N LEU A 394 -42.36 -31.77 -55.61
CA LEU A 394 -41.80 -32.61 -54.57
C LEU A 394 -41.37 -31.79 -53.36
N TYR A 395 -40.79 -30.61 -53.60
CA TYR A 395 -40.34 -29.76 -52.49
C TYR A 395 -41.50 -29.33 -51.60
N THR A 396 -42.69 -29.12 -52.19
CA THR A 396 -43.85 -28.77 -51.39
C THR A 396 -44.57 -29.97 -50.80
N LYS A 397 -44.58 -31.08 -51.57
CA LYS A 397 -45.24 -32.34 -51.15
C LYS A 397 -44.59 -32.89 -49.88
N TYR A 398 -43.29 -32.66 -49.69
CA TYR A 398 -42.60 -33.12 -48.46
C TYR A 398 -42.95 -32.14 -47.35
N GLU A 399 -42.97 -30.85 -47.67
CA GLU A 399 -43.39 -29.82 -46.70
C GLU A 399 -44.79 -30.22 -46.24
N GLN A 400 -45.42 -31.10 -47.03
CA GLN A 400 -46.74 -31.63 -46.72
C GLN A 400 -46.65 -33.02 -46.11
N ASP A 401 -45.69 -33.82 -46.55
CA ASP A 401 -45.55 -35.19 -46.06
C ASP A 401 -44.97 -35.19 -44.65
N PRO A 402 -45.74 -35.60 -43.64
CA PRO A 402 -45.26 -35.51 -42.26
C PRO A 402 -44.22 -36.56 -41.87
N ASN A 403 -44.44 -37.81 -42.29
CA ASN A 403 -43.66 -38.92 -41.75
C ASN A 403 -42.32 -39.09 -42.45
N ILE A 404 -41.57 -38.00 -42.61
CA ILE A 404 -40.18 -38.03 -43.06
C ILE A 404 -39.44 -36.92 -42.36
N ARG A 405 -38.26 -37.19 -41.76
CA ARG A 405 -37.42 -36.31 -40.85
C ARG A 405 -36.55 -35.25 -41.55
N LYS A 406 -36.83 -33.94 -41.35
CA LYS A 406 -36.26 -32.78 -42.02
C LYS A 406 -35.90 -31.75 -40.96
N ARG A 407 -35.31 -30.64 -41.41
CA ARG A 407 -34.93 -29.57 -40.48
C ARG A 407 -35.20 -28.22 -41.15
N ILE A 408 -36.09 -27.44 -40.56
CA ILE A 408 -36.48 -26.15 -41.11
C ILE A 408 -35.72 -25.05 -40.38
N ILE A 409 -35.43 -23.97 -41.08
CA ILE A 409 -34.71 -22.83 -40.52
C ILE A 409 -34.94 -21.62 -41.42
N PRO A 410 -35.05 -20.42 -40.86
CA PRO A 410 -35.21 -19.23 -41.70
C PRO A 410 -34.00 -19.01 -42.58
N ALA A 411 -34.24 -18.58 -43.82
CA ALA A 411 -33.15 -18.42 -44.77
C ALA A 411 -32.19 -17.32 -44.34
N ALA A 412 -32.68 -16.35 -43.56
CA ALA A 412 -31.83 -15.23 -43.16
C ALA A 412 -30.66 -15.69 -42.31
N ASP A 413 -30.93 -16.52 -41.30
CA ASP A 413 -29.85 -16.97 -40.42
C ASP A 413 -28.84 -17.82 -41.17
N LEU A 414 -29.32 -18.72 -42.03
CA LEU A 414 -28.42 -19.58 -42.78
C LEU A 414 -27.53 -18.76 -43.72
N PHE A 415 -28.14 -17.81 -44.44
CA PHE A 415 -27.36 -16.99 -45.36
C PHE A 415 -26.37 -16.10 -44.61
N SER A 416 -26.77 -15.58 -43.45
CA SER A 416 -25.87 -14.75 -42.67
C SER A 416 -24.69 -15.56 -42.17
N THR A 417 -24.94 -16.78 -41.68
CA THR A 417 -23.85 -17.63 -41.24
C THR A 417 -22.91 -17.97 -42.40
N LEU A 418 -23.47 -18.31 -43.56
CA LEU A 418 -22.65 -18.63 -44.72
C LEU A 418 -21.78 -17.44 -45.12
N MET A 419 -22.37 -16.24 -45.16
CA MET A 419 -21.61 -15.07 -45.58
C MET A 419 -20.56 -14.69 -44.56
N GLN A 420 -20.86 -14.86 -43.27
CA GLN A 420 -19.87 -14.59 -42.24
C GLN A 420 -18.70 -15.56 -42.35
N GLU A 421 -18.99 -16.84 -42.56
CA GLU A 421 -17.92 -17.82 -42.74
C GLU A 421 -17.09 -17.49 -43.97
N ARG A 422 -17.73 -17.04 -45.04
CA ARG A 422 -16.99 -16.67 -46.25
C ARG A 422 -16.08 -15.48 -45.99
N ALA A 423 -16.60 -14.45 -45.34
CA ALA A 423 -15.79 -13.26 -45.05
C ALA A 423 -14.68 -13.56 -44.08
N GLY A 424 -14.87 -14.56 -43.21
CA GLY A 424 -13.83 -14.92 -42.26
C GLY A 424 -12.73 -15.74 -42.90
N THR A 425 -13.08 -16.91 -43.43
CA THR A 425 -12.06 -17.79 -44.01
C THR A 425 -11.54 -17.24 -45.34
N GLY A 426 -12.40 -16.61 -46.12
CA GLY A 426 -11.97 -16.05 -47.39
C GLY A 426 -11.63 -17.09 -48.44
N ARG A 427 -12.22 -18.28 -48.35
CA ARG A 427 -11.96 -19.32 -49.34
C ARG A 427 -13.20 -20.10 -49.76
N ILE A 428 -14.39 -19.73 -49.29
CA ILE A 428 -15.60 -20.47 -49.60
C ILE A 428 -16.11 -20.05 -50.97
N TYR A 429 -16.22 -21.01 -51.88
CA TYR A 429 -16.69 -20.75 -53.24
C TYR A 429 -18.13 -21.21 -53.40
N ILE A 430 -18.83 -20.59 -54.35
CA ILE A 430 -20.22 -20.91 -54.65
C ILE A 430 -20.37 -21.03 -56.17
N GLN A 431 -21.10 -22.05 -56.60
CA GLN A 431 -21.35 -22.30 -58.02
C GLN A 431 -22.82 -22.07 -58.34
N ASN A 432 -23.07 -21.40 -59.46
CA ASN A 432 -24.42 -21.09 -59.92
C ASN A 432 -24.82 -22.15 -60.94
N VAL A 433 -25.48 -23.20 -60.46
CA VAL A 433 -25.81 -24.34 -61.31
C VAL A 433 -26.84 -23.95 -62.37
N ASP A 434 -27.68 -22.95 -62.09
CA ASP A 434 -28.68 -22.53 -63.06
C ASP A 434 -28.02 -21.96 -64.31
N HIS A 435 -27.05 -21.07 -64.13
CA HIS A 435 -26.29 -20.53 -65.24
C HIS A 435 -25.21 -21.48 -65.74
N CYS A 436 -24.98 -22.59 -65.04
CA CYS A 436 -23.98 -23.56 -65.44
C CYS A 436 -24.47 -24.50 -66.53
N ASN A 437 -25.73 -24.38 -66.95
CA ASN A 437 -26.27 -25.26 -67.99
C ASN A 437 -26.89 -24.43 -69.11
N THR A 438 -27.48 -23.29 -68.76
CA THR A 438 -28.13 -22.43 -69.74
C THR A 438 -27.15 -21.74 -70.67
N HIS A 439 -25.84 -21.93 -70.47
CA HIS A 439 -24.85 -21.36 -71.36
C HIS A 439 -23.74 -22.32 -71.76
N SER A 440 -23.78 -23.56 -71.28
CA SER A 440 -22.73 -24.51 -71.64
C SER A 440 -22.95 -25.03 -73.05
N PRO A 441 -21.87 -25.29 -73.79
CA PRO A 441 -22.03 -25.87 -75.14
C PRO A 441 -22.55 -27.30 -75.11
N PHE A 442 -22.57 -27.95 -73.95
CA PHE A 442 -23.10 -29.30 -73.85
C PHE A 442 -24.62 -29.28 -73.97
N ASP A 443 -25.22 -30.47 -73.96
CA ASP A 443 -26.66 -30.60 -74.01
C ASP A 443 -27.18 -30.92 -72.61
N PRO A 444 -27.82 -29.98 -71.92
CA PRO A 444 -28.30 -30.21 -70.55
C PRO A 444 -29.59 -31.03 -70.50
N ARG A 445 -29.60 -32.16 -71.20
CA ARG A 445 -30.77 -33.03 -71.20
C ARG A 445 -30.38 -34.47 -70.89
N VAL A 446 -29.17 -34.85 -71.26
CA VAL A 446 -28.71 -36.22 -71.05
C VAL A 446 -27.46 -36.31 -70.19
N ALA A 447 -26.71 -35.23 -70.00
CA ALA A 447 -25.51 -35.27 -69.17
C ALA A 447 -25.20 -33.87 -68.65
N PRO A 448 -25.85 -33.43 -67.59
CA PRO A 448 -25.60 -32.09 -67.04
C PRO A 448 -24.31 -32.07 -66.23
N VAL A 449 -23.90 -30.87 -65.83
CA VAL A 449 -22.72 -30.71 -65.00
C VAL A 449 -23.12 -30.86 -63.54
N HIS A 450 -22.13 -31.20 -62.71
CA HIS A 450 -22.39 -31.41 -61.29
C HIS A 450 -21.38 -30.78 -60.34
N GLN A 451 -20.21 -30.35 -60.83
CA GLN A 451 -19.20 -29.81 -59.94
C GLN A 451 -18.27 -28.91 -60.75
N SER A 452 -17.18 -28.47 -60.13
CA SER A 452 -16.21 -27.61 -60.78
C SER A 452 -14.85 -27.85 -60.14
N ASN A 453 -13.79 -27.53 -60.89
CA ASN A 453 -12.45 -27.77 -60.40
C ASN A 453 -12.08 -26.76 -59.32
N LEU A 454 -10.94 -27.01 -58.66
CA LEU A 454 -10.54 -26.22 -57.50
C LEU A 454 -10.40 -24.74 -57.82
N CYS A 455 -10.13 -24.40 -59.08
CA CYS A 455 -9.98 -23.03 -59.50
C CYS A 455 -11.28 -22.42 -60.00
N MET A 456 -12.30 -23.24 -60.24
CA MET A 456 -13.66 -22.80 -60.56
C MET A 456 -13.70 -22.01 -61.88
N GLU A 457 -13.31 -22.69 -62.95
CA GLU A 457 -13.35 -22.10 -64.28
C GLU A 457 -13.80 -23.07 -65.37
N ILE A 458 -14.18 -24.30 -65.03
CA ILE A 458 -14.49 -25.32 -66.02
C ILE A 458 -15.66 -26.15 -65.56
N ALA A 459 -16.26 -26.88 -66.50
CA ALA A 459 -17.39 -27.74 -66.21
C ALA A 459 -17.47 -28.81 -67.30
N LEU A 460 -17.91 -30.00 -66.88
CA LEU A 460 -18.05 -31.14 -67.78
C LEU A 460 -18.86 -32.23 -67.08
N PRO A 461 -19.57 -33.07 -67.84
CA PRO A 461 -20.33 -34.15 -67.20
C PRO A 461 -19.41 -35.15 -66.53
N THR A 462 -19.95 -35.83 -65.52
CA THR A 462 -19.18 -36.82 -64.76
C THR A 462 -20.10 -37.96 -64.36
N LYS A 463 -19.57 -39.17 -64.40
CA LYS A 463 -20.30 -40.36 -64.02
C LYS A 463 -19.56 -41.08 -62.90
N PRO A 464 -20.25 -41.47 -61.81
CA PRO A 464 -19.55 -42.16 -60.72
C PRO A 464 -19.09 -43.55 -61.12
N LEU A 465 -18.43 -44.26 -60.20
CA LEU A 465 -17.88 -45.57 -60.50
C LEU A 465 -17.86 -46.41 -59.23
N ASP A 466 -17.89 -47.72 -59.41
CA ASP A 466 -17.87 -48.66 -58.29
C ASP A 466 -16.44 -49.10 -57.95
N ASN A 467 -15.59 -49.26 -58.96
CA ASN A 467 -14.20 -49.60 -58.74
C ASN A 467 -13.39 -49.11 -59.95
N ILE A 468 -12.13 -48.79 -59.71
CA ILE A 468 -11.31 -48.13 -60.72
C ILE A 468 -11.13 -49.01 -61.95
N ASN A 469 -11.08 -50.32 -61.74
CA ASN A 469 -10.82 -51.24 -62.88
C ASN A 469 -12.04 -51.34 -63.80
N ASP A 470 -13.20 -50.78 -63.45
CA ASP A 470 -14.32 -50.99 -64.35
C ASP A 470 -14.48 -49.81 -65.30
N PRO A 471 -14.75 -50.08 -66.58
CA PRO A 471 -14.95 -48.98 -67.54
C PRO A 471 -16.32 -48.33 -67.48
N ASP A 472 -17.16 -48.73 -66.53
CA ASP A 472 -18.49 -48.14 -66.42
C ASP A 472 -18.40 -46.64 -66.11
N GLY A 473 -17.66 -46.29 -65.07
CA GLY A 473 -17.49 -44.89 -64.73
C GLY A 473 -16.67 -44.14 -65.76
N GLU A 474 -16.69 -42.82 -65.63
CA GLU A 474 -15.96 -41.96 -66.57
C GLU A 474 -15.72 -40.60 -65.91
N ILE A 475 -14.46 -40.21 -65.83
CA ILE A 475 -14.08 -38.89 -65.37
C ILE A 475 -13.43 -38.16 -66.53
N ALA A 476 -13.45 -36.82 -66.45
CA ALA A 476 -12.98 -35.98 -67.54
C ALA A 476 -11.88 -35.05 -67.04
N LEU A 477 -11.22 -34.41 -68.00
CA LEU A 477 -10.16 -33.45 -67.72
C LEU A 477 -10.16 -32.40 -68.83
N CYS A 478 -9.14 -31.55 -68.84
CA CYS A 478 -9.03 -30.50 -69.85
C CYS A 478 -7.56 -30.13 -70.01
N THR A 479 -7.30 -29.12 -70.83
CA THR A 479 -5.95 -28.63 -71.07
C THR A 479 -6.03 -27.16 -71.42
N LEU A 480 -5.12 -26.37 -70.84
CA LEU A 480 -5.17 -24.92 -70.97
C LEU A 480 -4.05 -24.41 -71.86
N SER A 481 -4.17 -23.15 -72.24
CA SER A 481 -3.13 -22.37 -72.91
C SER A 481 -3.59 -20.92 -72.91
N ALA A 482 -2.71 -20.03 -73.35
CA ALA A 482 -3.02 -18.60 -73.28
C ALA A 482 -2.30 -17.86 -74.40
N PHE A 483 -3.01 -16.90 -75.00
CA PHE A 483 -2.42 -15.98 -75.97
C PHE A 483 -2.51 -14.56 -75.41
N ASN A 484 -1.43 -13.80 -75.60
CA ASN A 484 -1.31 -12.49 -74.98
C ASN A 484 -2.26 -11.49 -75.63
N LEU A 485 -2.66 -10.49 -74.84
CA LEU A 485 -3.49 -9.37 -75.30
C LEU A 485 -2.78 -8.08 -74.93
N GLY A 486 -2.02 -7.53 -75.87
CA GLY A 486 -1.28 -6.30 -75.64
C GLY A 486 0.10 -6.34 -76.27
N ALA A 487 0.67 -7.54 -76.36
CA ALA A 487 1.96 -7.72 -77.02
C ALA A 487 1.85 -7.73 -78.54
N LEU A 488 0.67 -7.51 -79.08
CA LEU A 488 0.44 -7.51 -80.52
C LEU A 488 0.38 -6.08 -81.04
N ASN A 489 0.20 -5.95 -82.34
CA ASN A 489 -0.02 -4.66 -83.00
C ASN A 489 -1.35 -4.60 -83.72
N SER A 490 -1.79 -5.69 -84.34
CA SER A 490 -3.08 -5.76 -85.01
C SER A 490 -3.65 -7.15 -84.83
N LEU A 491 -4.95 -7.21 -84.52
CA LEU A 491 -5.63 -8.48 -84.27
C LEU A 491 -5.73 -9.36 -85.51
N ASP A 492 -5.49 -8.80 -86.70
CA ASP A 492 -5.75 -9.55 -87.93
C ASP A 492 -4.93 -10.82 -88.01
N GLU A 493 -3.68 -10.79 -87.53
CA GLU A 493 -2.82 -11.96 -87.60
C GLU A 493 -3.21 -13.04 -86.60
N LEU A 494 -4.06 -12.72 -85.62
CA LEU A 494 -4.38 -13.66 -84.55
C LEU A 494 -4.84 -15.01 -85.11
N GLU A 495 -5.67 -14.99 -86.16
CA GLU A 495 -6.10 -16.22 -86.81
C GLU A 495 -4.93 -17.14 -87.07
N GLY A 496 -3.93 -16.64 -87.81
CA GLY A 496 -2.73 -17.43 -88.04
C GLY A 496 -2.14 -18.00 -86.77
N LEU A 497 -1.98 -17.14 -85.75
CA LEU A 497 -1.52 -17.61 -84.45
C LEU A 497 -2.38 -18.76 -83.96
N ALA A 498 -3.70 -18.54 -83.90
CA ALA A 498 -4.60 -19.63 -83.53
C ALA A 498 -4.41 -20.82 -84.47
N ASP A 499 -4.32 -20.53 -85.78
CA ASP A 499 -4.17 -21.58 -86.78
C ASP A 499 -2.98 -22.47 -86.50
N LEU A 500 -2.07 -22.04 -85.63
CA LEU A 500 -1.00 -22.92 -85.18
C LEU A 500 -1.38 -23.63 -83.88
N THR A 501 -1.70 -22.86 -82.84
CA THR A 501 -1.64 -23.40 -81.49
C THR A 501 -2.62 -24.56 -81.29
N VAL A 502 -3.87 -24.39 -81.73
CA VAL A 502 -4.84 -25.46 -81.58
C VAL A 502 -4.37 -26.71 -82.30
N ARG A 503 -3.83 -26.55 -83.51
CA ARG A 503 -3.22 -27.67 -84.21
C ARG A 503 -2.21 -28.36 -83.32
N ALA A 504 -1.27 -27.58 -82.77
CA ALA A 504 -0.32 -28.13 -81.81
C ALA A 504 -1.05 -28.81 -80.67
N LEU A 505 -2.03 -28.11 -80.09
CA LEU A 505 -2.77 -28.67 -78.97
C LEU A 505 -3.41 -29.99 -79.35
N ASP A 506 -3.79 -30.16 -80.62
CA ASP A 506 -4.33 -31.44 -81.07
C ASP A 506 -3.35 -32.56 -80.77
N ALA A 507 -2.11 -32.41 -81.23
CA ALA A 507 -1.10 -33.44 -80.98
C ALA A 507 -0.85 -33.65 -79.49
N LEU A 508 -1.27 -32.72 -78.64
CA LEU A 508 -1.09 -32.90 -77.20
C LEU A 508 -2.01 -33.98 -76.66
N LEU A 509 -3.21 -34.13 -77.24
CA LEU A 509 -4.19 -35.03 -76.65
C LEU A 509 -3.83 -36.49 -76.89
N ASP A 510 -3.61 -36.87 -78.14
CA ASP A 510 -3.30 -38.26 -78.46
C ASP A 510 -1.89 -38.66 -78.10
N TYR A 511 -1.15 -37.84 -77.35
CA TYR A 511 0.24 -38.14 -77.00
C TYR A 511 0.43 -38.48 -75.53
N GLN A 512 -0.36 -37.91 -74.63
CA GLN A 512 -0.15 -38.12 -73.21
C GLN A 512 -0.74 -39.46 -72.77
N GLY A 513 -0.36 -39.87 -71.55
CA GLY A 513 -0.88 -41.08 -70.95
C GLY A 513 -1.97 -40.79 -69.93
N TYR A 514 -2.59 -41.87 -69.45
CA TYR A 514 -3.69 -41.74 -68.51
C TYR A 514 -3.61 -42.83 -67.44
N PRO A 515 -3.43 -42.46 -66.18
CA PRO A 515 -3.32 -43.49 -65.12
C PRO A 515 -4.62 -44.24 -64.91
N VAL A 516 -5.72 -43.51 -64.69
CA VAL A 516 -7.01 -44.16 -64.47
C VAL A 516 -7.49 -44.77 -65.77
N GLU A 517 -7.79 -46.07 -65.75
CA GLU A 517 -8.21 -46.75 -66.96
C GLU A 517 -9.51 -46.20 -67.50
N ALA A 518 -10.38 -45.70 -66.63
CA ALA A 518 -11.65 -45.14 -67.08
C ALA A 518 -11.52 -43.71 -67.58
N ALA A 519 -10.46 -43.00 -67.19
CA ALA A 519 -10.31 -41.61 -67.60
C ALA A 519 -9.91 -41.47 -69.06
N ARG A 520 -9.46 -42.55 -69.69
CA ARG A 520 -8.95 -42.45 -71.06
C ARG A 520 -10.08 -42.26 -72.06
N THR A 521 -11.18 -43.01 -71.90
CA THR A 521 -12.22 -43.03 -72.91
C THR A 521 -12.90 -41.68 -73.06
N SER A 522 -13.30 -41.08 -71.93
CA SER A 522 -14.04 -39.82 -71.99
C SER A 522 -13.18 -38.71 -72.59
N THR A 523 -11.91 -38.63 -72.19
CA THR A 523 -11.05 -37.58 -72.71
C THR A 523 -10.62 -37.83 -74.14
N MET A 524 -10.59 -39.09 -74.59
CA MET A 524 -10.32 -39.36 -75.99
C MET A 524 -11.55 -39.10 -76.85
N ASP A 525 -12.74 -39.18 -76.26
CA ASP A 525 -13.96 -38.93 -77.02
C ASP A 525 -14.24 -37.44 -77.13
N ARG A 526 -14.42 -36.76 -75.99
CA ARG A 526 -14.81 -35.36 -76.03
C ARG A 526 -13.68 -34.47 -76.52
N ARG A 527 -12.44 -34.79 -76.16
CA ARG A 527 -11.26 -33.97 -76.50
C ARG A 527 -11.43 -32.54 -76.03
N SER A 528 -12.08 -32.34 -74.88
CA SER A 528 -12.35 -31.00 -74.38
C SER A 528 -11.07 -30.19 -74.23
N LEU A 529 -11.16 -28.90 -74.52
CA LEU A 529 -9.98 -28.04 -74.49
C LEU A 529 -10.44 -26.59 -74.40
N GLY A 530 -9.85 -25.86 -73.46
CA GLY A 530 -10.13 -24.45 -73.30
C GLY A 530 -8.89 -23.63 -73.05
N ILE A 531 -8.84 -22.43 -73.62
CA ILE A 531 -7.66 -21.57 -73.52
C ILE A 531 -8.12 -20.17 -73.16
N GLY A 532 -7.17 -19.36 -72.69
CA GLY A 532 -7.50 -18.02 -72.21
C GLY A 532 -6.50 -16.94 -72.54
N VAL A 533 -6.37 -15.96 -71.63
CA VAL A 533 -5.51 -14.81 -71.81
C VAL A 533 -4.84 -14.48 -70.48
N ILE A 534 -3.70 -13.81 -70.56
CA ILE A 534 -2.88 -13.49 -69.38
C ILE A 534 -2.99 -12.00 -69.00
N ASN A 535 -2.66 -11.11 -69.93
CA ASN A 535 -2.56 -9.69 -69.62
C ASN A 535 -3.86 -8.99 -69.98
N TYR A 536 -4.32 -8.11 -69.11
CA TYR A 536 -5.56 -7.38 -69.33
C TYR A 536 -5.39 -5.88 -69.14
N ALA A 537 -4.56 -5.45 -68.20
CA ALA A 537 -4.45 -4.02 -67.89
C ALA A 537 -3.64 -3.28 -68.93
N TYR A 538 -2.59 -3.91 -69.46
CA TYR A 538 -1.75 -3.23 -70.45
C TYR A 538 -2.52 -2.91 -71.72
N TYR A 539 -3.32 -3.87 -72.20
CA TYR A 539 -4.12 -3.63 -73.39
C TYR A 539 -5.14 -2.53 -73.14
N LEU A 540 -5.74 -2.51 -71.95
CA LEU A 540 -6.73 -1.49 -71.64
C LEU A 540 -6.10 -0.10 -71.56
N ALA A 541 -4.89 -0.01 -70.99
CA ALA A 541 -4.20 1.27 -70.94
C ALA A 541 -3.79 1.73 -72.33
N LYS A 542 -3.28 0.81 -73.16
CA LYS A 542 -2.96 1.14 -74.54
C LYS A 542 -4.20 1.58 -75.30
N ASN A 543 -5.37 1.04 -74.95
CA ASN A 543 -6.60 1.50 -75.56
C ASN A 543 -6.91 2.95 -75.16
N GLY A 544 -6.97 3.22 -73.86
CA GLY A 544 -7.19 4.56 -73.38
C GLY A 544 -8.45 4.75 -72.56
N VAL A 545 -8.91 3.69 -71.91
CA VAL A 545 -10.09 3.76 -71.05
C VAL A 545 -9.75 3.12 -69.71
N ARG A 546 -10.45 3.55 -68.67
CA ARG A 546 -10.24 3.07 -67.31
C ARG A 546 -11.33 2.08 -66.93
N TYR A 547 -11.35 1.69 -65.66
CA TYR A 547 -12.32 0.73 -65.13
C TYR A 547 -13.42 1.38 -64.30
N SER A 548 -13.16 2.55 -63.72
CA SER A 548 -14.10 3.13 -62.77
C SER A 548 -15.32 3.73 -63.46
N ASP A 549 -15.09 4.63 -64.43
CA ASP A 549 -16.19 5.35 -65.05
C ASP A 549 -17.12 4.40 -65.80
N GLY A 550 -16.57 3.38 -66.43
CA GLY A 550 -17.34 2.49 -67.27
C GLY A 550 -17.07 2.63 -68.75
N SER A 551 -16.04 3.38 -69.15
CA SER A 551 -15.71 3.51 -70.56
C SER A 551 -15.25 2.21 -71.19
N ALA A 552 -14.95 1.19 -70.39
CA ALA A 552 -14.57 -0.12 -70.88
C ALA A 552 -15.74 -1.08 -70.92
N LEU A 553 -16.95 -0.64 -70.56
CA LEU A 553 -18.11 -1.54 -70.55
C LEU A 553 -18.42 -2.06 -71.94
N GLY A 554 -18.05 -1.32 -72.99
CA GLY A 554 -18.26 -1.78 -74.34
C GLY A 554 -17.06 -1.55 -75.22
N LEU A 555 -16.00 -0.98 -74.65
CA LEU A 555 -14.79 -0.72 -75.42
C LEU A 555 -14.10 -2.02 -75.83
N THR A 556 -14.23 -3.07 -75.03
CA THR A 556 -13.62 -4.36 -75.34
C THR A 556 -14.43 -5.18 -76.33
N HIS A 557 -15.61 -4.70 -76.73
CA HIS A 557 -16.44 -5.43 -77.69
C HIS A 557 -16.07 -5.16 -79.13
N ARG A 558 -15.00 -4.39 -79.38
CA ARG A 558 -14.58 -4.08 -80.74
C ARG A 558 -13.67 -5.17 -81.31
N THR A 559 -12.71 -5.64 -80.52
CA THR A 559 -11.77 -6.67 -80.94
C THR A 559 -11.85 -7.93 -80.10
N PHE A 560 -11.91 -7.79 -78.77
CA PHE A 560 -11.96 -8.97 -77.91
C PHE A 560 -13.22 -9.78 -78.16
N GLU A 561 -14.28 -9.14 -78.65
CA GLU A 561 -15.50 -9.85 -79.01
C GLU A 561 -15.40 -10.57 -80.36
N ALA A 562 -14.22 -10.59 -80.97
CA ALA A 562 -14.02 -11.25 -82.25
C ALA A 562 -13.19 -12.51 -82.16
N ILE A 563 -12.30 -12.62 -81.18
CA ILE A 563 -11.45 -13.80 -81.07
C ILE A 563 -12.26 -15.02 -80.69
N GLN A 564 -13.27 -14.85 -79.83
CA GLN A 564 -14.09 -15.98 -79.39
C GLN A 564 -14.86 -16.56 -80.56
N TYR A 565 -15.19 -15.74 -81.55
CA TYR A 565 -15.92 -16.22 -82.72
C TYR A 565 -15.00 -16.65 -83.85
N TYR A 566 -13.77 -16.15 -83.90
CA TYR A 566 -12.83 -16.51 -84.95
C TYR A 566 -11.91 -17.65 -84.57
N LEU A 567 -11.91 -18.07 -83.31
CA LEU A 567 -11.20 -19.28 -82.92
C LEU A 567 -11.89 -20.53 -83.44
N LEU A 568 -13.23 -20.52 -83.46
CA LEU A 568 -13.96 -21.63 -84.07
C LEU A 568 -13.65 -21.74 -85.55
N LYS A 569 -13.42 -20.61 -86.22
CA LYS A 569 -13.03 -20.65 -87.63
C LYS A 569 -11.71 -21.39 -87.80
N ALA A 570 -10.72 -21.08 -86.96
CA ALA A 570 -9.44 -21.78 -87.03
C ALA A 570 -9.61 -23.27 -86.72
N SER A 571 -10.41 -23.59 -85.71
CA SER A 571 -10.63 -24.99 -85.36
C SER A 571 -11.26 -25.75 -86.52
N ALA A 572 -12.24 -25.14 -87.20
CA ALA A 572 -12.89 -25.78 -88.32
C ALA A 572 -11.93 -25.96 -89.48
N ASN A 573 -11.19 -24.91 -89.82
CA ASN A 573 -10.23 -24.99 -90.92
C ASN A 573 -9.11 -25.98 -90.64
N LEU A 574 -8.78 -26.23 -89.38
CA LEU A 574 -7.72 -27.14 -89.02
C LEU A 574 -8.21 -28.55 -88.70
N ALA A 575 -9.53 -28.75 -88.57
CA ALA A 575 -10.07 -30.06 -88.26
C ALA A 575 -11.16 -30.49 -89.24
N LYS A 576 -11.29 -29.82 -90.37
CA LYS A 576 -12.29 -30.22 -91.37
C LYS A 576 -11.95 -31.55 -92.03
N GLU A 577 -10.73 -32.05 -91.86
CA GLU A 577 -10.32 -33.32 -92.44
C GLU A 577 -9.77 -34.29 -91.41
N TYR A 578 -9.78 -33.92 -90.12
CA TYR A 578 -9.23 -34.77 -89.06
C TYR A 578 -10.31 -35.59 -88.37
N GLY A 579 -11.34 -35.99 -89.11
CA GLY A 579 -12.39 -36.82 -88.54
C GLY A 579 -13.41 -36.00 -87.77
N ALA A 580 -13.94 -36.60 -86.71
CA ALA A 580 -14.99 -35.99 -85.91
C ALA A 580 -14.80 -36.36 -84.46
N CYS A 581 -15.52 -35.65 -83.59
CA CYS A 581 -15.53 -35.97 -82.17
C CYS A 581 -16.51 -37.10 -81.91
N THR A 582 -16.03 -38.15 -81.24
CA THR A 582 -16.84 -39.33 -81.00
C THR A 582 -18.09 -39.03 -80.18
N LEU A 583 -18.11 -37.93 -79.44
CA LEU A 583 -19.25 -37.52 -78.64
C LEU A 583 -19.74 -36.13 -79.03
N PHE A 584 -19.47 -35.72 -80.28
CA PHE A 584 -19.88 -34.39 -80.72
C PHE A 584 -21.39 -34.23 -80.71
N ASN A 585 -22.13 -35.33 -80.89
CA ASN A 585 -23.58 -35.24 -80.88
C ASN A 585 -24.11 -34.75 -79.54
N GLN A 586 -23.38 -35.02 -78.46
CA GLN A 586 -23.78 -34.55 -77.14
C GLN A 586 -23.21 -33.15 -76.91
N THR A 587 -23.76 -32.19 -77.66
CA THR A 587 -23.34 -30.81 -77.56
C THR A 587 -24.41 -29.93 -78.20
N VAL A 588 -24.74 -28.82 -77.54
CA VAL A 588 -25.75 -27.91 -78.06
C VAL A 588 -25.29 -27.30 -79.37
N TYR A 589 -23.99 -26.97 -79.47
CA TYR A 589 -23.46 -26.42 -80.71
C TYR A 589 -23.60 -27.38 -81.88
N SER A 590 -23.77 -28.68 -81.61
CA SER A 590 -23.98 -29.65 -82.67
C SER A 590 -25.37 -29.58 -83.26
N GLN A 591 -26.24 -28.69 -82.76
CA GLN A 591 -27.59 -28.57 -83.30
C GLN A 591 -27.66 -27.61 -84.48
N GLY A 592 -26.73 -26.67 -84.59
CA GLY A 592 -26.71 -25.72 -85.68
C GLY A 592 -26.78 -24.26 -85.25
N LYS A 593 -26.75 -23.98 -83.96
CA LYS A 593 -26.81 -22.61 -83.46
C LYS A 593 -25.47 -22.26 -82.82
N LEU A 594 -24.84 -21.20 -83.30
CA LEU A 594 -23.55 -20.78 -82.79
C LEU A 594 -23.72 -19.98 -81.50
N PRO A 595 -22.72 -20.02 -80.61
CA PRO A 595 -22.81 -19.22 -79.37
C PRO A 595 -22.64 -17.74 -79.61
N ILE A 596 -23.48 -17.17 -80.49
CA ILE A 596 -23.43 -15.74 -80.77
C ILE A 596 -24.57 -14.97 -80.12
N ASP A 597 -25.67 -15.64 -79.78
CA ASP A 597 -26.79 -14.96 -79.13
C ASP A 597 -27.45 -15.81 -78.05
N THR A 598 -26.93 -17.00 -77.74
CA THR A 598 -27.56 -17.88 -76.76
C THR A 598 -27.11 -17.52 -75.34
N TYR A 599 -27.37 -16.27 -74.97
CA TYR A 599 -27.02 -15.75 -73.66
C TYR A 599 -28.26 -15.21 -72.96
N LYS A 600 -28.36 -15.50 -71.67
CA LYS A 600 -29.48 -15.03 -70.85
C LYS A 600 -29.10 -13.76 -70.10
N LYS A 601 -28.83 -12.71 -70.85
CA LYS A 601 -28.42 -11.44 -70.25
C LYS A 601 -29.61 -10.80 -69.52
N ASP A 602 -29.28 -9.81 -68.69
CA ASP A 602 -30.32 -9.08 -67.97
C ASP A 602 -31.20 -8.30 -68.92
N LEU A 603 -30.58 -7.46 -69.76
CA LEU A 603 -31.30 -6.68 -70.74
C LEU A 603 -30.80 -6.86 -72.17
N ASP A 604 -29.67 -7.55 -72.34
CA ASP A 604 -29.03 -7.76 -73.64
C ASP A 604 -28.62 -6.45 -74.33
N ALA A 605 -28.73 -5.32 -73.63
CA ALA A 605 -28.32 -4.03 -74.18
C ALA A 605 -27.63 -3.16 -73.14
N VAL A 606 -27.25 -3.71 -71.99
CA VAL A 606 -26.54 -2.93 -70.98
C VAL A 606 -25.25 -2.36 -71.55
N CYS A 607 -24.58 -3.13 -72.40
CA CYS A 607 -23.38 -2.71 -73.11
C CYS A 607 -23.59 -2.87 -74.61
N GLY A 608 -24.74 -2.40 -75.09
CA GLY A 608 -25.15 -2.58 -76.47
C GLY A 608 -24.13 -2.17 -77.51
N GLU A 609 -23.91 -3.05 -78.49
CA GLU A 609 -22.99 -2.79 -79.58
C GLU A 609 -23.39 -3.67 -80.76
N PRO A 610 -23.13 -3.25 -81.99
CA PRO A 610 -23.53 -4.06 -83.14
C PRO A 610 -22.74 -5.36 -83.19
N LEU A 611 -23.44 -6.44 -83.54
CA LEU A 611 -22.79 -7.73 -83.72
C LEU A 611 -21.75 -7.62 -84.83
N HIS A 612 -20.48 -7.69 -84.47
CA HIS A 612 -19.43 -7.33 -85.42
C HIS A 612 -19.20 -8.43 -86.45
N TYR A 613 -19.14 -9.69 -86.00
CA TYR A 613 -18.81 -10.81 -86.89
C TYR A 613 -19.85 -11.92 -86.71
N ASP A 614 -20.89 -11.86 -87.54
CA ASP A 614 -21.90 -12.92 -87.59
C ASP A 614 -21.58 -13.88 -88.73
N TRP A 615 -20.51 -14.64 -88.53
CA TRP A 615 -20.05 -15.57 -89.56
C TRP A 615 -20.94 -16.81 -89.61
N GLU A 616 -22.07 -16.71 -90.32
CA GLU A 616 -22.95 -17.87 -90.47
C GLU A 616 -22.33 -18.95 -91.35
N SER A 617 -21.38 -18.59 -92.22
CA SER A 617 -20.66 -19.60 -92.98
C SER A 617 -19.89 -20.53 -92.06
N LEU A 618 -19.43 -20.02 -90.91
CA LEU A 618 -18.72 -20.86 -89.95
C LEU A 618 -19.62 -22.00 -89.45
N ARG A 619 -20.80 -21.66 -88.94
CA ARG A 619 -21.70 -22.69 -88.45
C ARG A 619 -22.23 -23.56 -89.59
N ALA A 620 -22.36 -22.98 -90.79
CA ALA A 620 -22.75 -23.79 -91.96
C ALA A 620 -21.74 -24.89 -92.22
N ASP A 621 -20.46 -24.53 -92.35
CA ASP A 621 -19.42 -25.52 -92.57
C ASP A 621 -19.26 -26.45 -91.38
N ILE A 622 -19.57 -25.95 -90.17
CA ILE A 622 -19.48 -26.80 -88.98
C ILE A 622 -20.51 -27.92 -89.06
N VAL A 623 -21.77 -27.58 -89.32
CA VAL A 623 -22.79 -28.60 -89.49
C VAL A 623 -22.47 -29.48 -90.69
N LYS A 624 -21.82 -28.91 -91.72
CA LYS A 624 -21.43 -29.70 -92.88
C LYS A 624 -20.46 -30.80 -92.51
N TYR A 625 -19.25 -30.42 -92.08
CA TYR A 625 -18.25 -31.40 -91.68
C TYR A 625 -17.45 -30.99 -90.45
N GLY A 626 -17.69 -29.80 -89.89
CA GLY A 626 -16.90 -29.34 -88.77
C GLY A 626 -17.25 -30.02 -87.47
N LEU A 627 -16.36 -30.88 -86.98
CA LEU A 627 -16.54 -31.57 -85.70
C LEU A 627 -15.19 -31.52 -84.98
N ARG A 628 -15.02 -30.48 -84.17
CA ARG A 628 -13.78 -30.21 -83.47
C ARG A 628 -13.89 -30.64 -82.01
N ASN A 629 -12.90 -30.26 -81.21
CA ASN A 629 -12.93 -30.51 -79.78
C ASN A 629 -14.21 -29.97 -79.16
N SER A 630 -14.69 -30.65 -78.12
CA SER A 630 -15.94 -30.27 -77.48
C SER A 630 -15.89 -28.84 -76.97
N THR A 631 -15.00 -28.58 -76.02
CA THR A 631 -14.83 -27.23 -75.51
C THR A 631 -14.02 -26.39 -76.49
N LEU A 632 -14.16 -25.07 -76.37
CA LEU A 632 -13.48 -24.13 -77.26
C LEU A 632 -12.44 -23.29 -76.52
N THR A 633 -12.84 -22.59 -75.47
CA THR A 633 -11.93 -21.70 -74.75
C THR A 633 -12.40 -21.59 -73.31
N ALA A 634 -11.65 -20.83 -72.52
CA ALA A 634 -11.97 -20.60 -71.12
C ALA A 634 -11.29 -19.31 -70.69
N LEU A 635 -11.23 -19.09 -69.37
CA LEU A 635 -10.51 -17.93 -68.84
C LEU A 635 -9.94 -18.32 -67.47
N MET A 636 -8.70 -18.73 -67.47
CA MET A 636 -7.96 -19.11 -66.28
C MET A 636 -7.13 -17.94 -65.76
N PRO A 637 -6.89 -17.87 -64.45
CA PRO A 637 -6.12 -16.73 -63.93
C PRO A 637 -4.66 -16.79 -64.31
N SER A 638 -4.08 -17.98 -64.44
CA SER A 638 -2.66 -18.15 -64.77
C SER A 638 -1.78 -17.36 -63.81
N GLU A 639 -1.90 -17.69 -62.52
CA GLU A 639 -1.21 -16.92 -61.49
C GLU A 639 0.28 -17.23 -61.47
N THR A 640 0.63 -18.51 -61.43
CA THR A 640 2.04 -18.88 -61.46
C THR A 640 2.68 -18.53 -62.79
N SER A 641 1.92 -18.64 -63.88
CA SER A 641 2.40 -18.21 -65.19
C SER A 641 2.19 -16.72 -65.35
N SER A 642 2.31 -16.23 -66.58
CA SER A 642 2.16 -14.83 -66.97
C SER A 642 3.25 -13.94 -66.42
N GLN A 643 4.18 -14.48 -65.62
CA GLN A 643 5.34 -13.73 -65.17
C GLN A 643 6.56 -13.97 -66.04
N ILE A 644 6.53 -14.99 -66.89
CA ILE A 644 7.63 -15.20 -67.83
C ILE A 644 7.71 -14.04 -68.81
N ALA A 645 6.56 -13.49 -69.20
CA ALA A 645 6.50 -12.35 -70.10
C ALA A 645 6.30 -11.03 -69.37
N ASN A 646 6.22 -11.06 -68.04
CA ASN A 646 6.00 -9.87 -67.22
C ASN A 646 4.72 -9.15 -67.62
N ALA A 647 3.60 -9.86 -67.45
CA ALA A 647 2.28 -9.33 -67.74
C ALA A 647 1.49 -9.17 -66.44
N THR A 648 0.24 -8.76 -66.57
CA THR A 648 -0.62 -8.60 -65.42
C THR A 648 -1.24 -9.93 -65.02
N ASN A 649 -1.27 -10.19 -63.72
CA ASN A 649 -1.78 -11.47 -63.20
C ASN A 649 -3.27 -11.57 -63.45
N GLY A 650 -3.66 -12.40 -64.42
CA GLY A 650 -5.06 -12.60 -64.71
C GLY A 650 -5.76 -11.33 -65.20
N ILE A 651 -7.08 -11.40 -65.21
CA ILE A 651 -7.89 -10.26 -65.61
C ILE A 651 -8.00 -9.20 -64.53
N GLU A 652 -7.63 -9.52 -63.30
CA GLU A 652 -7.73 -8.55 -62.22
C GLU A 652 -6.62 -7.52 -62.34
N PRO A 653 -6.91 -6.25 -62.07
CA PRO A 653 -5.87 -5.22 -62.12
C PRO A 653 -4.85 -5.43 -61.03
N PRO A 654 -3.64 -4.89 -61.18
CA PRO A 654 -2.60 -5.09 -60.17
C PRO A 654 -2.93 -4.35 -58.88
N ARG A 655 -2.37 -4.85 -57.78
CA ARG A 655 -2.55 -4.20 -56.49
C ARG A 655 -1.99 -2.79 -56.50
N GLY A 656 -0.93 -2.55 -57.26
CA GLY A 656 -0.34 -1.24 -57.37
C GLY A 656 0.52 -1.14 -58.61
N LEU A 657 1.25 -0.03 -58.70
CA LEU A 657 2.17 0.15 -59.82
C LEU A 657 3.29 -0.88 -59.78
N VAL A 658 3.92 -1.04 -58.63
CA VAL A 658 4.90 -2.09 -58.38
C VAL A 658 4.27 -3.11 -57.45
N THR A 659 4.38 -4.39 -57.80
CA THR A 659 3.76 -5.46 -57.05
C THR A 659 4.81 -6.15 -56.20
N VAL A 660 4.70 -6.01 -54.88
CA VAL A 660 5.57 -6.69 -53.94
C VAL A 660 4.92 -8.01 -53.57
N LYS A 661 5.52 -9.11 -53.98
CA LYS A 661 4.98 -10.45 -53.74
C LYS A 661 5.90 -11.23 -52.82
N ALA A 662 5.31 -12.18 -52.10
CA ALA A 662 6.04 -13.02 -51.17
C ALA A 662 5.68 -14.48 -51.40
N SER A 663 6.65 -15.35 -51.17
CA SER A 663 6.48 -16.78 -51.33
C SER A 663 7.55 -17.48 -50.50
N LYS A 664 7.69 -18.80 -50.69
CA LYS A 664 8.70 -19.56 -49.96
C LYS A 664 10.11 -19.16 -50.36
N ASP A 665 10.30 -18.62 -51.56
CA ASP A 665 11.63 -18.21 -51.99
C ASP A 665 12.09 -16.98 -51.23
N GLY A 666 11.33 -15.88 -51.33
CA GLY A 666 11.70 -14.64 -50.67
C GLY A 666 10.69 -13.54 -50.88
N ILE A 667 11.16 -12.34 -51.19
CA ILE A 667 10.30 -11.18 -51.44
C ILE A 667 10.68 -10.62 -52.80
N LEU A 668 9.81 -10.79 -53.78
CA LEU A 668 10.04 -10.29 -55.12
C LEU A 668 9.28 -8.99 -55.34
N LYS A 669 9.72 -8.22 -56.34
CA LYS A 669 9.11 -6.94 -56.67
C LYS A 669 8.99 -6.86 -58.18
N GLN A 670 7.82 -7.19 -58.71
CA GLN A 670 7.57 -7.12 -60.14
C GLN A 670 7.03 -5.75 -60.54
N VAL A 671 7.18 -5.42 -61.80
CA VAL A 671 6.74 -4.14 -62.34
C VAL A 671 5.83 -4.38 -63.53
N VAL A 672 4.90 -3.45 -63.73
CA VAL A 672 3.97 -3.51 -64.87
C VAL A 672 4.70 -3.01 -66.10
N PRO A 673 4.34 -3.44 -67.30
CA PRO A 673 5.05 -2.99 -68.50
C PRO A 673 4.75 -1.54 -68.81
N GLU A 674 5.66 -0.94 -69.60
CA GLU A 674 5.53 0.45 -70.05
C GLU A 674 5.39 1.41 -68.87
N PHE A 675 6.16 1.14 -67.81
CA PHE A 675 6.09 2.00 -66.63
C PHE A 675 6.63 3.39 -66.90
N GLU A 676 7.59 3.51 -67.82
CA GLU A 676 8.20 4.81 -68.08
C GLU A 676 7.26 5.74 -68.83
N THR A 677 6.67 5.24 -69.93
CA THR A 677 5.82 6.09 -70.76
C THR A 677 4.40 6.20 -70.24
N LEU A 678 4.00 5.32 -69.33
CA LEU A 678 2.64 5.29 -68.79
C LEU A 678 2.68 5.24 -67.27
N LYS A 679 3.45 6.15 -66.67
CA LYS A 679 3.60 6.18 -65.22
C LYS A 679 2.25 6.21 -64.51
N ASN A 680 1.41 7.17 -64.88
CA ASN A 680 0.05 7.26 -64.35
C ASN A 680 -0.92 7.04 -65.51
N ALA A 681 -1.18 5.77 -65.81
CA ALA A 681 -2.19 5.40 -66.81
C ALA A 681 -3.09 4.28 -66.36
N TYR A 682 -2.65 3.42 -65.44
CA TYR A 682 -3.47 2.33 -64.92
C TYR A 682 -4.31 2.84 -63.75
N GLU A 683 -4.92 1.91 -63.01
CA GLU A 683 -5.64 2.24 -61.79
C GLU A 683 -5.39 1.12 -60.79
N THR A 684 -5.08 1.49 -59.56
CA THR A 684 -4.88 0.51 -58.51
C THR A 684 -6.22 0.06 -57.95
N LEU A 685 -6.33 -1.25 -57.68
CA LEU A 685 -7.55 -1.78 -57.09
C LEU A 685 -7.88 -1.13 -55.75
N TRP A 686 -6.89 -0.52 -55.10
CA TRP A 686 -7.15 0.29 -53.92
C TRP A 686 -7.93 1.56 -54.26
N GLN A 687 -7.93 1.98 -55.53
CA GLN A 687 -8.60 3.20 -55.95
C GLN A 687 -9.90 2.94 -56.69
N LEU A 688 -10.38 1.70 -56.71
CA LEU A 688 -11.63 1.33 -57.37
C LEU A 688 -12.57 0.72 -56.33
N PRO A 689 -13.34 1.56 -55.61
CA PRO A 689 -14.24 1.01 -54.58
C PRO A 689 -15.49 0.37 -55.14
N GLY A 690 -15.91 0.72 -56.36
CA GLY A 690 -17.12 0.15 -56.91
C GLY A 690 -16.90 -1.14 -57.67
N ASN A 691 -17.21 -2.27 -57.02
CA ASN A 691 -17.10 -3.56 -57.69
C ASN A 691 -18.09 -3.72 -58.83
N GLU A 692 -19.06 -2.80 -58.96
CA GLU A 692 -20.00 -2.86 -60.06
C GLU A 692 -19.28 -2.74 -61.41
N GLY A 693 -18.19 -1.98 -61.46
CA GLY A 693 -17.42 -1.90 -62.69
C GLY A 693 -16.80 -3.23 -63.07
N TYR A 694 -16.20 -3.92 -62.09
CA TYR A 694 -15.64 -5.24 -62.36
C TYR A 694 -16.73 -6.22 -62.76
N LEU A 695 -17.91 -6.13 -62.12
CA LEU A 695 -19.02 -7.01 -62.49
C LEU A 695 -19.48 -6.73 -63.92
N LYS A 696 -19.57 -5.46 -64.30
CA LYS A 696 -19.97 -5.13 -65.66
C LYS A 696 -18.92 -5.59 -66.66
N LEU A 697 -17.64 -5.53 -66.28
CA LEU A 697 -16.59 -5.99 -67.18
C LEU A 697 -16.67 -7.49 -67.40
N VAL A 698 -16.82 -8.27 -66.33
CA VAL A 698 -16.89 -9.71 -66.50
C VAL A 698 -18.20 -10.11 -67.18
N GLY A 699 -19.25 -9.29 -67.04
CA GLY A 699 -20.47 -9.55 -67.78
C GLY A 699 -20.33 -9.24 -69.26
N VAL A 700 -19.58 -8.20 -69.60
CA VAL A 700 -19.27 -7.94 -71.01
C VAL A 700 -18.45 -9.10 -71.57
N MET A 701 -17.55 -9.65 -70.75
CA MET A 701 -16.82 -10.84 -71.16
C MET A 701 -17.76 -12.04 -71.29
N GLN A 702 -18.87 -12.03 -70.53
CA GLN A 702 -19.84 -13.12 -70.61
C GLN A 702 -20.49 -13.19 -71.98
N LYS A 703 -20.48 -12.09 -72.73
CA LYS A 703 -21.07 -12.09 -74.07
C LYS A 703 -20.36 -13.07 -75.00
N PHE A 704 -19.11 -13.41 -74.72
CA PHE A 704 -18.36 -14.29 -75.62
C PHE A 704 -17.55 -15.36 -74.90
N VAL A 705 -17.66 -15.48 -73.57
CA VAL A 705 -16.92 -16.51 -72.86
C VAL A 705 -17.47 -17.88 -73.24
N ASP A 706 -16.57 -18.86 -73.32
CA ASP A 706 -16.96 -20.22 -73.70
C ASP A 706 -17.22 -21.10 -72.50
N GLN A 707 -16.22 -21.29 -71.62
CA GLN A 707 -16.36 -22.19 -70.49
C GLN A 707 -16.79 -21.47 -69.22
N ALA A 708 -15.95 -20.56 -68.72
CA ALA A 708 -16.20 -19.86 -67.47
C ALA A 708 -15.07 -18.86 -67.24
N ILE A 709 -15.23 -18.06 -66.20
CA ILE A 709 -14.23 -17.08 -65.78
C ILE A 709 -13.99 -17.23 -64.29
N SER A 710 -12.72 -17.10 -63.89
CA SER A 710 -12.34 -17.17 -62.48
C SER A 710 -12.29 -15.76 -61.91
N ALA A 711 -13.48 -15.24 -61.59
CA ALA A 711 -13.61 -13.87 -61.10
C ALA A 711 -13.10 -13.75 -59.66
N ASN A 712 -13.19 -12.54 -59.12
CA ASN A 712 -12.79 -12.25 -57.76
C ASN A 712 -13.27 -10.86 -57.39
N THR A 713 -13.62 -10.67 -56.12
CA THR A 713 -14.01 -9.38 -55.59
C THR A 713 -13.10 -8.98 -54.44
N ALA A 714 -13.07 -7.69 -54.15
CA ALA A 714 -12.22 -7.16 -53.10
C ALA A 714 -12.80 -5.84 -52.60
N TYR A 715 -12.74 -5.64 -51.29
CA TYR A 715 -13.23 -4.43 -50.64
C TYR A 715 -12.08 -3.74 -49.91
N ASP A 716 -12.41 -2.69 -49.15
CA ASP A 716 -11.45 -1.98 -48.33
C ASP A 716 -12.16 -1.43 -47.09
N PRO A 717 -11.81 -1.90 -45.90
CA PRO A 717 -12.48 -1.42 -44.67
C PRO A 717 -12.33 0.06 -44.44
N GLY A 718 -11.45 0.75 -45.16
CA GLY A 718 -11.30 2.18 -45.05
C GLY A 718 -12.37 3.00 -45.72
N LYS A 719 -13.46 2.37 -46.16
CA LYS A 719 -14.55 3.09 -46.82
C LYS A 719 -15.91 2.64 -46.30
N PHE A 720 -15.97 2.22 -45.04
CA PHE A 720 -17.21 1.81 -44.40
C PHE A 720 -17.52 2.73 -43.23
N GLU A 721 -18.64 2.46 -42.55
CA GLU A 721 -19.08 3.33 -41.46
C GLU A 721 -18.07 3.33 -40.31
N GLY A 722 -17.88 2.17 -39.68
CA GLY A 722 -16.97 2.07 -38.56
C GLY A 722 -15.81 1.14 -38.82
N ASN A 723 -15.28 1.17 -40.04
CA ASN A 723 -14.18 0.30 -40.48
C ASN A 723 -14.52 -1.18 -40.35
N LYS A 724 -15.80 -1.51 -40.23
CA LYS A 724 -16.26 -2.89 -40.13
C LYS A 724 -17.06 -3.25 -41.37
N VAL A 725 -16.99 -4.52 -41.76
CA VAL A 725 -17.67 -4.99 -42.96
C VAL A 725 -19.17 -4.90 -42.78
N SER A 726 -19.88 -4.64 -43.88
CA SER A 726 -21.32 -4.54 -43.87
C SER A 726 -21.93 -5.94 -44.04
N MET A 727 -23.26 -5.98 -44.23
CA MET A 727 -23.95 -7.23 -44.48
C MET A 727 -24.91 -7.19 -45.67
N LYS A 728 -25.35 -5.99 -46.08
CA LYS A 728 -26.26 -5.85 -47.21
C LYS A 728 -25.62 -5.23 -48.43
N GLN A 729 -24.64 -4.34 -48.25
CA GLN A 729 -23.95 -3.75 -49.39
C GLN A 729 -23.23 -4.80 -50.21
N MET A 730 -22.41 -5.63 -49.55
CA MET A 730 -21.78 -6.74 -50.25
C MET A 730 -22.81 -7.77 -50.70
N LEU A 731 -23.90 -7.93 -49.94
CA LEU A 731 -25.00 -8.77 -50.40
C LEU A 731 -25.65 -8.19 -51.65
N LYS A 732 -25.78 -6.87 -51.70
CA LYS A 732 -26.29 -6.22 -52.91
C LYS A 732 -25.35 -6.45 -54.09
N ASP A 733 -24.04 -6.41 -53.84
CA ASP A 733 -23.08 -6.70 -54.90
C ASP A 733 -23.22 -8.13 -55.40
N LEU A 734 -23.37 -9.08 -54.46
CA LEU A 734 -23.60 -10.46 -54.85
C LEU A 734 -24.86 -10.60 -55.68
N LEU A 735 -25.91 -9.87 -55.31
CA LEU A 735 -27.18 -9.98 -56.03
C LEU A 735 -27.07 -9.39 -57.43
N THR A 736 -26.42 -8.23 -57.56
CA THR A 736 -26.28 -7.65 -58.90
C THR A 736 -25.29 -8.42 -59.75
N ALA A 737 -24.39 -9.19 -59.14
CA ALA A 737 -23.60 -10.16 -59.90
C ALA A 737 -24.43 -11.36 -60.30
N TYR A 738 -25.41 -11.73 -59.48
CA TYR A 738 -26.36 -12.77 -59.82
C TYR A 738 -27.36 -12.32 -60.88
N LYS A 739 -27.49 -11.02 -61.10
CA LYS A 739 -28.38 -10.52 -62.15
C LYS A 739 -27.79 -10.75 -63.54
N TYR A 740 -26.63 -10.15 -63.81
CA TYR A 740 -25.96 -10.26 -65.10
C TYR A 740 -24.50 -10.59 -64.90
N GLY A 741 -23.97 -11.43 -65.79
CA GLY A 741 -22.60 -11.89 -65.65
C GLY A 741 -22.45 -12.81 -64.45
N VAL A 742 -23.06 -13.99 -64.53
CA VAL A 742 -23.18 -14.87 -63.36
C VAL A 742 -22.24 -16.05 -63.50
N LYS A 743 -21.06 -15.94 -62.90
CA LYS A 743 -20.11 -17.05 -62.90
C LYS A 743 -19.67 -17.37 -61.46
N THR A 744 -18.67 -18.22 -61.32
CA THR A 744 -18.26 -18.71 -60.02
C THR A 744 -17.74 -17.57 -59.14
N LEU A 745 -17.57 -17.89 -57.85
CA LEU A 745 -17.06 -16.95 -56.87
C LEU A 745 -15.68 -17.38 -56.40
N TYR A 746 -15.05 -16.53 -55.60
CA TYR A 746 -13.65 -16.74 -55.22
C TYR A 746 -13.37 -15.96 -53.93
N TYR A 747 -12.09 -15.76 -53.63
CA TYR A 747 -11.63 -15.09 -52.42
C TYR A 747 -12.43 -13.82 -52.14
N HIS A 748 -12.75 -13.61 -50.87
CA HIS A 748 -13.33 -12.34 -50.45
C HIS A 748 -12.34 -11.20 -50.65
N ASN A 749 -11.06 -11.46 -50.42
CA ASN A 749 -9.98 -10.52 -50.71
C ASN A 749 -10.16 -9.19 -49.98
N THR A 750 -10.11 -9.26 -48.66
CA THR A 750 -10.14 -8.06 -47.85
C THR A 750 -8.78 -7.36 -47.93
N ARG A 751 -8.64 -6.29 -47.15
CA ARG A 751 -7.40 -5.52 -47.13
C ARG A 751 -7.14 -5.05 -45.71
N ASP A 752 -6.10 -5.60 -45.09
CA ASP A 752 -5.74 -5.24 -43.72
C ASP A 752 -5.11 -3.85 -43.67
N LEU B 11 -59.86 -60.46 36.85
CA LEU B 11 -59.14 -59.46 37.64
C LEU B 11 -59.75 -59.32 39.03
N TYR B 12 -60.68 -58.39 39.17
CA TYR B 12 -61.31 -58.08 40.45
C TYR B 12 -62.56 -57.26 40.19
N PHE B 13 -63.16 -56.72 41.25
CA PHE B 13 -64.39 -55.96 41.16
C PHE B 13 -64.20 -54.51 41.60
N GLN B 14 -63.09 -53.89 41.18
CA GLN B 14 -62.79 -52.49 41.48
C GLN B 14 -62.80 -52.23 42.98
N MET B 15 -61.85 -52.88 43.66
CA MET B 15 -61.81 -52.85 45.12
C MET B 15 -61.64 -51.42 45.64
N SER B 16 -60.77 -50.63 45.00
CA SER B 16 -60.47 -49.30 45.52
C SER B 16 -59.96 -48.43 44.37
N TYR B 17 -59.34 -47.30 44.72
CA TYR B 17 -58.81 -46.36 43.75
C TYR B 17 -57.86 -47.05 42.78
N SER B 18 -57.95 -46.68 41.51
CA SER B 18 -57.18 -47.28 40.44
C SER B 18 -56.14 -46.31 39.92
N THR B 19 -55.32 -46.78 38.98
CA THR B 19 -54.22 -45.96 38.46
C THR B 19 -54.74 -44.84 37.56
N PHE B 20 -55.71 -45.15 36.69
CA PHE B 20 -56.32 -44.14 35.83
C PHE B 20 -57.60 -44.72 35.25
N PRO B 21 -58.61 -43.89 35.01
CA PRO B 21 -59.91 -44.42 34.57
C PRO B 21 -59.88 -44.84 33.12
N LYS B 22 -60.93 -45.58 32.74
CA LYS B 22 -61.05 -46.07 31.37
C LYS B 22 -61.59 -45.00 30.42
N THR B 23 -62.31 -44.01 30.93
CA THR B 23 -62.89 -42.96 30.10
C THR B 23 -62.75 -41.63 30.83
N LYS B 24 -63.34 -40.58 30.25
CA LYS B 24 -63.28 -39.26 30.85
C LYS B 24 -64.26 -39.14 32.01
N ASN B 25 -63.93 -38.26 32.95
CA ASN B 25 -64.83 -37.94 34.05
C ASN B 25 -65.32 -36.50 33.97
N ASP B 26 -64.43 -35.53 34.05
CA ASP B 26 -64.77 -34.14 33.75
C ASP B 26 -63.79 -33.50 32.78
N ALA B 27 -62.51 -33.77 32.92
CA ALA B 27 -61.46 -33.40 31.98
C ALA B 27 -61.18 -31.90 31.95
N LEU B 28 -62.03 -31.09 32.60
CA LEU B 28 -61.79 -29.65 32.63
C LEU B 28 -62.05 -28.99 33.98
N LYS B 29 -62.90 -29.53 34.85
CA LYS B 29 -63.36 -28.81 36.02
C LYS B 29 -63.35 -29.69 37.26
N GLU B 30 -62.28 -30.47 37.43
CA GLU B 30 -62.13 -31.26 38.64
C GLU B 30 -61.57 -30.40 39.77
N PRO B 31 -61.73 -30.83 41.02
CA PRO B 31 -61.11 -30.10 42.14
C PRO B 31 -59.60 -30.09 42.03
N MET B 32 -58.97 -29.33 42.93
CA MET B 32 -57.53 -29.14 42.89
C MET B 32 -56.79 -30.46 43.10
N PHE B 33 -56.93 -31.06 44.26
CA PHE B 33 -56.24 -32.32 44.56
C PHE B 33 -57.20 -33.29 45.24
N PHE B 34 -58.40 -33.43 44.69
CA PHE B 34 -59.36 -34.40 45.17
C PHE B 34 -60.29 -34.80 44.04
N GLY B 35 -60.58 -36.10 43.95
CA GLY B 35 -61.48 -36.62 42.94
C GLY B 35 -60.82 -37.69 42.09
N GLN B 36 -61.22 -37.75 40.83
CA GLN B 36 -60.74 -38.77 39.93
C GLN B 36 -59.25 -38.56 39.61
N PRO B 37 -58.53 -39.64 39.30
CA PRO B 37 -57.12 -39.50 38.94
C PRO B 37 -56.92 -38.93 37.55
N VAL B 38 -55.68 -38.87 37.10
CA VAL B 38 -55.34 -38.35 35.77
C VAL B 38 -55.35 -39.50 34.77
N ASN B 39 -55.89 -39.22 33.59
CA ASN B 39 -55.95 -40.22 32.51
C ASN B 39 -55.30 -39.76 31.21
N VAL B 40 -55.14 -38.47 30.98
CA VAL B 40 -54.51 -37.97 29.76
C VAL B 40 -53.98 -36.57 30.03
N ALA B 41 -52.75 -36.31 29.60
CA ALA B 41 -52.08 -35.02 29.82
C ALA B 41 -52.26 -34.16 28.57
N ARG B 42 -53.31 -33.33 28.58
CA ARG B 42 -53.52 -32.41 27.45
C ARG B 42 -52.41 -31.38 27.37
N TYR B 43 -51.99 -30.84 28.51
CA TYR B 43 -50.82 -29.98 28.66
C TYR B 43 -50.95 -28.66 27.90
N ASP B 44 -52.08 -28.41 27.25
CA ASP B 44 -52.28 -27.16 26.52
C ASP B 44 -53.36 -26.29 27.14
N GLN B 45 -54.45 -26.89 27.65
CA GLN B 45 -55.52 -26.16 28.30
C GLN B 45 -55.57 -26.57 29.76
N GLN B 46 -55.20 -25.65 30.65
CA GLN B 46 -55.14 -25.90 32.08
C GLN B 46 -56.18 -25.04 32.80
N LYS B 47 -56.35 -25.32 34.09
CA LYS B 47 -57.34 -24.62 34.89
C LYS B 47 -56.82 -23.32 35.50
N TYR B 48 -55.50 -23.17 35.62
CA TYR B 48 -54.91 -21.99 36.25
C TYR B 48 -53.68 -21.58 35.47
N GLU B 49 -53.72 -20.37 34.90
CA GLU B 49 -52.62 -19.91 34.06
C GLU B 49 -51.38 -19.59 34.91
N VAL B 50 -51.57 -18.99 36.07
CA VAL B 50 -50.44 -18.66 36.95
C VAL B 50 -50.18 -19.92 37.77
N PHE B 51 -49.46 -20.84 37.16
CA PHE B 51 -49.18 -22.16 37.72
C PHE B 51 -48.09 -22.78 36.87
N GLU B 52 -47.89 -24.09 37.02
CA GLU B 52 -46.91 -24.86 36.26
C GLU B 52 -46.93 -24.52 34.78
N LYS B 53 -48.10 -24.14 34.26
CA LYS B 53 -48.18 -23.63 32.90
C LYS B 53 -47.22 -22.48 32.65
N LEU B 54 -46.84 -21.75 33.70
CA LEU B 54 -45.83 -20.71 33.61
C LEU B 54 -44.63 -20.99 34.49
N ILE B 55 -44.83 -21.36 35.75
CA ILE B 55 -43.70 -21.48 36.68
C ILE B 55 -42.89 -22.73 36.37
N GLU B 56 -43.54 -23.84 36.02
CA GLU B 56 -42.78 -24.99 35.53
C GLU B 56 -42.20 -24.70 34.16
N LYS B 57 -42.87 -23.88 33.37
CA LYS B 57 -42.30 -23.36 32.14
C LYS B 57 -41.23 -22.31 32.39
N GLN B 58 -41.17 -21.76 33.60
CA GLN B 58 -40.11 -20.82 33.96
C GLN B 58 -38.82 -21.52 34.33
N LEU B 59 -38.86 -22.82 34.61
CA LEU B 59 -37.64 -23.53 34.97
C LEU B 59 -36.78 -23.75 33.74
N SER B 60 -36.29 -22.66 33.16
CA SER B 60 -35.34 -22.71 32.06
C SER B 60 -33.94 -22.29 32.49
N PHE B 61 -33.74 -22.01 33.77
CA PHE B 61 -32.42 -21.68 34.30
C PHE B 61 -31.55 -22.92 34.49
N PHE B 62 -31.92 -24.04 33.89
CA PHE B 62 -31.21 -25.29 34.07
C PHE B 62 -29.72 -25.12 33.83
N TRP B 63 -28.91 -25.82 34.63
CA TRP B 63 -27.47 -25.63 34.61
C TRP B 63 -26.80 -26.90 35.11
N ARG B 64 -25.73 -27.28 34.44
CA ARG B 64 -24.95 -28.43 34.89
C ARG B 64 -24.04 -28.00 36.05
N PRO B 65 -24.01 -28.75 37.16
CA PRO B 65 -23.18 -28.32 38.30
C PRO B 65 -21.69 -28.40 38.01
N GLU B 66 -21.26 -29.36 37.19
CA GLU B 66 -19.86 -29.45 36.81
C GLU B 66 -19.46 -28.41 35.76
N GLU B 67 -20.44 -27.68 35.20
CA GLU B 67 -20.13 -26.72 34.15
C GLU B 67 -19.45 -25.47 34.69
N ILE B 68 -19.51 -25.22 35.99
CA ILE B 68 -18.90 -24.04 36.58
C ILE B 68 -17.52 -24.42 37.10
N ASP B 69 -16.71 -23.41 37.39
CA ASP B 69 -15.37 -23.60 37.93
C ASP B 69 -15.38 -23.18 39.39
N VAL B 70 -15.16 -24.15 40.28
CA VAL B 70 -15.05 -23.90 41.72
C VAL B 70 -13.77 -24.57 42.18
N SER B 71 -12.67 -23.82 42.16
CA SER B 71 -11.36 -24.38 42.50
C SER B 71 -10.69 -23.58 43.61
N ARG B 72 -11.03 -22.30 43.73
CA ARG B 72 -10.42 -21.44 44.73
C ARG B 72 -10.81 -21.81 46.16
N ASP B 73 -11.71 -22.77 46.34
CA ASP B 73 -12.17 -23.12 47.68
C ASP B 73 -11.02 -23.66 48.53
N ARG B 74 -10.37 -24.73 48.06
CA ARG B 74 -9.28 -25.32 48.83
C ARG B 74 -8.14 -24.34 49.03
N ILE B 75 -7.92 -23.45 48.06
CA ILE B 75 -6.87 -22.44 48.22
C ILE B 75 -7.28 -21.35 49.20
N ASP B 76 -8.58 -21.21 49.46
CA ASP B 76 -9.08 -20.20 50.39
C ASP B 76 -9.88 -20.85 51.52
N TYR B 77 -9.41 -21.99 52.02
CA TYR B 77 -10.07 -22.64 53.13
C TYR B 77 -9.10 -22.95 54.26
N ALA B 78 -7.83 -23.17 53.92
CA ALA B 78 -6.84 -23.54 54.93
C ALA B 78 -6.67 -22.43 55.97
N ASN B 79 -6.19 -21.26 55.54
CA ASN B 79 -5.91 -20.15 56.44
C ASN B 79 -7.23 -19.47 56.82
N LEU B 80 -7.93 -20.08 57.77
CA LEU B 80 -9.18 -19.54 58.30
C LEU B 80 -9.33 -20.02 59.74
N PRO B 81 -10.06 -19.28 60.56
CA PRO B 81 -10.25 -19.73 61.96
C PRO B 81 -11.01 -21.05 62.02
N GLU B 82 -10.81 -21.75 63.13
CA GLU B 82 -11.45 -23.07 63.30
C GLU B 82 -12.96 -22.92 63.39
N HIS B 83 -13.44 -21.95 64.19
CA HIS B 83 -14.87 -21.79 64.37
C HIS B 83 -15.56 -21.39 63.07
N GLU B 84 -14.88 -20.63 62.21
CA GLU B 84 -15.46 -20.28 60.92
C GLU B 84 -15.73 -21.53 60.09
N LYS B 85 -14.73 -22.41 59.99
CA LYS B 85 -14.93 -23.66 59.26
C LYS B 85 -16.00 -24.52 59.92
N HIS B 86 -16.05 -24.50 61.26
CA HIS B 86 -17.05 -25.29 61.97
C HIS B 86 -18.46 -24.84 61.61
N ILE B 87 -18.71 -23.52 61.66
CA ILE B 87 -20.04 -23.03 61.34
C ILE B 87 -20.34 -23.19 59.85
N PHE B 88 -19.33 -23.12 59.00
CA PHE B 88 -19.55 -23.32 57.57
C PHE B 88 -19.99 -24.74 57.29
N ILE B 89 -19.30 -25.72 57.86
CA ILE B 89 -19.68 -27.12 57.69
C ILE B 89 -21.03 -27.39 58.34
N SER B 90 -21.32 -26.73 59.46
CA SER B 90 -22.63 -26.90 60.09
C SER B 90 -23.74 -26.42 59.17
N ASN B 91 -23.55 -25.25 58.57
CA ASN B 91 -24.54 -24.72 57.63
C ASN B 91 -24.70 -25.64 56.43
N LEU B 92 -23.60 -26.14 55.89
CA LEU B 92 -23.67 -27.04 54.75
C LEU B 92 -24.44 -28.32 55.10
N LYS B 93 -24.16 -28.88 56.28
CA LYS B 93 -24.86 -30.08 56.70
C LYS B 93 -26.34 -29.81 56.91
N TYR B 94 -26.68 -28.68 57.52
CA TYR B 94 -28.09 -28.33 57.70
C TYR B 94 -28.79 -28.22 56.35
N GLN B 95 -28.15 -27.55 55.40
CA GLN B 95 -28.75 -27.37 54.08
C GLN B 95 -28.99 -28.72 53.41
N THR B 96 -27.96 -29.57 53.39
CA THR B 96 -28.09 -30.83 52.68
C THR B 96 -29.11 -31.74 53.37
N LEU B 97 -29.17 -31.72 54.70
CA LEU B 97 -30.14 -32.56 55.40
C LEU B 97 -31.56 -32.08 55.16
N LEU B 98 -31.78 -30.76 55.26
CA LEU B 98 -33.11 -30.23 55.02
C LEU B 98 -33.57 -30.53 53.60
N ASP B 99 -32.67 -30.43 52.63
CA ASP B 99 -33.10 -30.59 51.24
C ASP B 99 -33.24 -32.06 50.89
N SER B 100 -32.53 -32.95 51.59
CA SER B 100 -32.76 -34.38 51.41
C SER B 100 -34.00 -34.86 52.13
N ILE B 101 -34.43 -34.17 53.19
CA ILE B 101 -35.62 -34.59 53.91
C ILE B 101 -36.90 -34.31 53.12
N GLN B 102 -36.78 -33.53 52.05
CA GLN B 102 -37.96 -33.19 51.20
C GLN B 102 -37.67 -33.54 49.73
N GLY B 103 -36.71 -34.42 49.48
CA GLY B 103 -36.43 -34.80 48.10
C GLY B 103 -37.48 -35.72 47.53
N ARG B 104 -37.74 -36.83 48.23
CA ARG B 104 -38.73 -37.80 47.78
C ARG B 104 -40.07 -37.67 48.49
N SER B 105 -40.14 -36.88 49.55
CA SER B 105 -41.39 -36.76 50.32
C SER B 105 -42.53 -36.16 49.52
N PRO B 106 -42.39 -35.04 48.81
CA PRO B 106 -43.57 -34.42 48.19
C PRO B 106 -44.23 -35.29 47.15
N ASN B 107 -43.46 -36.00 46.33
CA ASN B 107 -44.05 -36.86 45.31
C ASN B 107 -44.82 -38.00 45.95
N VAL B 108 -44.17 -38.75 46.84
CA VAL B 108 -44.81 -39.91 47.44
C VAL B 108 -45.94 -39.51 48.38
N ALA B 109 -46.02 -38.23 48.75
CA ALA B 109 -47.05 -37.79 49.67
C ALA B 109 -48.20 -37.04 48.99
N LEU B 110 -48.00 -36.53 47.78
CA LEU B 110 -49.00 -35.71 47.12
C LEU B 110 -49.49 -36.30 45.80
N LEU B 111 -48.65 -37.04 45.08
CA LEU B 111 -49.06 -37.62 43.82
C LEU B 111 -50.31 -38.49 43.92
N PRO B 112 -50.49 -39.36 44.93
CA PRO B 112 -51.73 -40.14 45.00
C PRO B 112 -52.99 -39.33 45.22
N LEU B 113 -52.86 -38.04 45.54
CA LEU B 113 -54.03 -37.20 45.81
C LEU B 113 -54.29 -36.16 44.74
N VAL B 114 -53.27 -35.69 44.02
CA VAL B 114 -53.46 -34.65 43.03
C VAL B 114 -54.33 -35.17 41.89
N SER B 115 -55.30 -34.35 41.48
CA SER B 115 -56.24 -34.74 40.43
C SER B 115 -55.80 -34.19 39.07
N ILE B 116 -55.59 -32.88 38.99
CA ILE B 116 -55.22 -32.27 37.71
C ILE B 116 -53.78 -32.67 37.38
N PRO B 117 -53.50 -33.17 36.18
CA PRO B 117 -52.12 -33.56 35.84
C PRO B 117 -51.17 -32.39 35.74
N GLU B 118 -51.68 -31.20 35.47
CA GLU B 118 -50.82 -30.02 35.33
C GLU B 118 -50.11 -29.68 36.63
N LEU B 119 -50.59 -30.18 37.76
CA LEU B 119 -49.88 -30.06 39.01
C LEU B 119 -48.96 -31.25 39.26
N GLU B 120 -49.31 -32.42 38.72
CA GLU B 120 -48.41 -33.57 38.82
C GLU B 120 -47.11 -33.30 38.09
N THR B 121 -47.20 -32.68 36.91
CA THR B 121 -45.97 -32.29 36.22
C THR B 121 -45.13 -31.35 37.08
N TRP B 122 -45.79 -30.41 37.76
CA TRP B 122 -45.03 -29.45 38.56
C TRP B 122 -44.35 -30.13 39.74
N VAL B 123 -45.04 -31.06 40.40
CA VAL B 123 -44.40 -31.73 41.53
C VAL B 123 -43.28 -32.64 41.03
N GLU B 124 -43.41 -33.20 39.82
CA GLU B 124 -42.31 -33.97 39.25
C GLU B 124 -41.10 -33.08 39.02
N THR B 125 -41.31 -31.91 38.43
CA THR B 125 -40.20 -30.98 38.22
C THR B 125 -39.61 -30.52 39.55
N TRP B 126 -40.45 -30.36 40.57
CA TRP B 126 -39.95 -29.99 41.89
C TRP B 126 -39.01 -31.06 42.44
N SER B 127 -39.45 -32.32 42.37
CA SER B 127 -38.60 -33.41 42.82
C SER B 127 -37.29 -33.45 42.03
N PHE B 128 -37.37 -33.27 40.72
CA PHE B 128 -36.16 -33.28 39.91
C PHE B 128 -35.22 -32.15 40.29
N SER B 129 -35.77 -30.97 40.56
CA SER B 129 -34.95 -29.83 40.93
C SER B 129 -34.27 -30.07 42.28
N GLU B 130 -35.01 -30.70 43.20
CA GLU B 130 -34.48 -31.04 44.54
C GLU B 130 -33.33 -32.05 44.34
N THR B 131 -33.49 -32.98 43.41
CA THR B 131 -32.47 -33.97 43.10
C THR B 131 -31.21 -33.29 42.57
N ILE B 132 -31.39 -32.31 41.69
CA ILE B 132 -30.26 -31.55 41.16
C ILE B 132 -29.58 -30.80 42.30
N HIS B 133 -30.37 -30.28 43.24
CA HIS B 133 -29.81 -29.63 44.42
C HIS B 133 -28.92 -30.58 45.20
N SER B 134 -29.40 -31.81 45.42
CA SER B 134 -28.61 -32.80 46.15
C SER B 134 -27.32 -33.11 45.41
N ARG B 135 -27.39 -33.24 44.08
CA ARG B 135 -26.19 -33.48 43.30
C ARG B 135 -25.20 -32.33 43.44
N SER B 136 -25.69 -31.08 43.41
CA SER B 136 -24.81 -29.94 43.54
C SER B 136 -24.18 -29.89 44.92
N TYR B 137 -24.94 -30.26 45.95
CA TYR B 137 -24.37 -30.33 47.30
C TYR B 137 -23.27 -31.37 47.37
N THR B 138 -23.52 -32.56 46.81
CA THR B 138 -22.50 -33.60 46.79
C THR B 138 -21.27 -33.13 46.02
N HIS B 139 -21.46 -32.31 44.99
CA HIS B 139 -20.34 -31.79 44.24
C HIS B 139 -19.53 -30.80 45.07
N ILE B 140 -20.22 -29.88 45.76
CA ILE B 140 -19.51 -28.87 46.54
C ILE B 140 -18.84 -29.46 47.77
N ILE B 141 -19.33 -30.60 48.26
CA ILE B 141 -18.67 -31.23 49.40
C ILE B 141 -17.54 -32.17 48.96
N ARG B 142 -17.50 -32.55 47.68
CA ARG B 142 -16.48 -33.46 47.18
C ARG B 142 -15.15 -32.79 46.91
N ASN B 143 -15.01 -31.50 47.24
CA ASN B 143 -13.76 -30.79 47.01
C ASN B 143 -13.43 -29.86 48.18
N ILE B 144 -13.83 -30.22 49.39
CA ILE B 144 -13.56 -29.41 50.57
C ILE B 144 -12.80 -30.23 51.59
N VAL B 145 -13.42 -31.31 52.07
CA VAL B 145 -12.82 -32.19 53.07
C VAL B 145 -12.50 -33.51 52.40
N ASN B 146 -11.28 -34.00 52.62
CA ASN B 146 -10.83 -35.23 52.00
C ASN B 146 -11.50 -36.48 52.58
N ASP B 147 -12.44 -36.33 53.50
CA ASP B 147 -13.14 -37.46 54.12
C ASP B 147 -14.64 -37.23 53.99
N PRO B 148 -15.20 -37.46 52.80
CA PRO B 148 -16.66 -37.32 52.66
C PRO B 148 -17.44 -38.34 53.46
N SER B 149 -16.83 -39.44 53.87
CA SER B 149 -17.49 -40.43 54.72
C SER B 149 -17.43 -40.06 56.20
N VAL B 150 -16.71 -39.00 56.56
CA VAL B 150 -16.64 -38.57 57.95
C VAL B 150 -17.66 -37.49 58.28
N VAL B 151 -18.26 -36.85 57.28
CA VAL B 151 -19.23 -35.81 57.56
C VAL B 151 -20.61 -36.40 57.83
N PHE B 152 -20.90 -37.58 57.29
CA PHE B 152 -22.19 -38.22 57.52
C PHE B 152 -22.13 -39.11 58.76
N ASP B 153 -21.63 -38.57 59.86
CA ASP B 153 -21.55 -39.29 61.13
C ASP B 153 -22.34 -38.59 62.23
N ASP B 154 -22.07 -37.31 62.46
CA ASP B 154 -22.81 -36.53 63.45
C ASP B 154 -24.07 -35.92 62.85
N ILE B 155 -23.91 -35.16 61.77
CA ILE B 155 -25.05 -34.51 61.12
C ILE B 155 -26.08 -35.51 60.65
N VAL B 156 -25.69 -36.78 60.48
CA VAL B 156 -26.67 -37.80 60.12
C VAL B 156 -27.67 -38.00 61.24
N GLU B 157 -27.23 -37.98 62.49
CA GLU B 157 -28.11 -38.19 63.64
C GLU B 157 -27.76 -37.24 64.77
N ASN B 158 -27.52 -35.97 64.44
CA ASN B 158 -27.28 -34.96 65.47
C ASN B 158 -28.62 -34.45 66.01
N GLU B 159 -28.78 -34.50 67.33
CA GLU B 159 -30.04 -34.07 67.94
C GLU B 159 -30.39 -32.65 67.56
N TYR B 160 -29.38 -31.78 67.42
CA TYR B 160 -29.60 -30.39 67.03
C TYR B 160 -30.46 -30.30 65.77
N ILE B 161 -30.24 -31.19 64.82
CA ILE B 161 -30.99 -31.18 63.57
C ILE B 161 -32.06 -32.25 63.61
N THR B 162 -31.80 -33.33 64.36
CA THR B 162 -32.76 -34.43 64.43
C THR B 162 -34.07 -34.02 65.05
N ALA B 163 -34.04 -33.07 66.00
CA ALA B 163 -35.27 -32.58 66.60
C ALA B 163 -36.21 -32.02 65.55
N ARG B 164 -35.73 -31.04 64.78
CA ARG B 164 -36.57 -30.45 63.73
C ARG B 164 -36.87 -31.45 62.62
N ALA B 165 -35.95 -32.38 62.36
CA ALA B 165 -36.21 -33.40 61.35
C ALA B 165 -37.43 -34.24 61.74
N GLU B 166 -37.44 -34.74 62.98
CA GLU B 166 -38.58 -35.51 63.45
C GLU B 166 -39.84 -34.67 63.51
N ASP B 167 -39.70 -33.39 63.92
CA ASP B 167 -40.86 -32.52 64.00
C ASP B 167 -41.50 -32.31 62.64
N ILE B 168 -40.67 -32.22 61.59
CA ILE B 168 -41.19 -32.04 60.24
C ILE B 168 -41.59 -33.34 59.57
N ALA B 169 -41.12 -34.48 60.08
CA ALA B 169 -41.42 -35.75 59.44
C ALA B 169 -42.64 -36.45 60.04
N CYS B 170 -42.86 -36.30 61.35
CA CYS B 170 -43.93 -37.01 62.03
C CYS B 170 -45.30 -36.64 61.46
N TYR B 171 -45.70 -35.38 61.63
CA TYR B 171 -46.96 -34.92 61.07
C TYR B 171 -46.77 -34.44 59.63
N TYR B 172 -46.06 -35.24 58.87
CA TYR B 172 -46.01 -35.25 57.41
C TYR B 172 -46.19 -36.66 56.87
N ASP B 173 -45.62 -37.65 57.54
CA ASP B 173 -45.92 -39.04 57.25
C ASP B 173 -47.26 -39.45 57.84
N ASP B 174 -47.75 -38.72 58.85
CA ASP B 174 -49.11 -38.96 59.32
C ASP B 174 -50.11 -38.78 58.19
N LEU B 175 -49.91 -37.77 57.35
CA LEU B 175 -50.81 -37.56 56.21
C LEU B 175 -50.75 -38.74 55.25
N ILE B 176 -49.56 -39.25 54.99
CA ILE B 176 -49.42 -40.37 54.05
C ILE B 176 -50.11 -41.61 54.59
N GLU B 177 -49.89 -41.92 55.86
CA GLU B 177 -50.51 -43.12 56.42
C GLU B 177 -52.03 -42.96 56.51
N TYR B 178 -52.51 -41.75 56.79
CA TYR B 178 -53.95 -41.55 56.83
C TYR B 178 -54.56 -41.65 55.44
N THR B 179 -53.85 -41.19 54.40
CA THR B 179 -54.33 -41.36 53.04
C THR B 179 -54.37 -42.83 52.66
N GLN B 180 -53.35 -43.59 53.05
CA GLN B 180 -53.36 -45.03 52.82
C GLN B 180 -54.55 -45.67 53.50
N TYR B 181 -54.84 -45.30 54.75
CA TYR B 181 -55.99 -45.82 55.46
C TYR B 181 -57.29 -45.49 54.72
N TYR B 182 -57.42 -44.23 54.29
CA TYR B 182 -58.65 -43.81 53.62
C TYR B 182 -58.85 -44.56 52.31
N ASN B 183 -57.77 -44.80 51.58
CA ASN B 183 -57.91 -45.52 50.32
C ASN B 183 -58.16 -47.01 50.53
N LEU B 184 -57.60 -47.60 51.57
CA LEU B 184 -57.76 -49.03 51.81
C LEU B 184 -59.04 -49.37 52.56
N LEU B 185 -59.69 -48.39 53.18
CA LEU B 185 -60.91 -48.64 53.94
C LEU B 185 -62.13 -47.91 53.41
N GLY B 186 -61.95 -46.76 52.78
CA GLY B 186 -63.09 -46.00 52.30
C GLY B 186 -63.85 -45.33 53.44
N GLU B 187 -65.00 -44.77 53.08
CA GLU B 187 -65.84 -44.09 54.06
C GLU B 187 -66.46 -45.11 55.01
N GLY B 188 -67.06 -44.58 56.09
CA GLY B 188 -67.67 -45.43 57.09
C GLY B 188 -66.65 -46.06 58.02
N VAL B 189 -67.03 -46.21 59.30
CA VAL B 189 -66.10 -46.80 60.26
C VAL B 189 -65.87 -48.27 59.94
N HIS B 190 -64.74 -48.79 60.40
CA HIS B 190 -64.36 -50.17 60.14
C HIS B 190 -63.59 -50.70 61.35
N ASN B 191 -63.02 -51.89 61.20
CA ASN B 191 -62.20 -52.51 62.23
C ASN B 191 -61.05 -53.22 61.55
N VAL B 192 -59.85 -52.67 61.67
CA VAL B 192 -58.67 -53.20 60.98
C VAL B 192 -58.10 -54.31 61.87
N GLY B 193 -58.63 -55.53 61.69
CA GLY B 193 -58.16 -56.67 62.44
C GLY B 193 -58.30 -56.52 63.94
N GLY B 194 -59.54 -56.51 64.43
CA GLY B 194 -59.75 -56.33 65.85
C GLY B 194 -60.23 -54.95 66.23
N LYS B 195 -59.31 -54.11 66.71
CA LYS B 195 -59.66 -52.77 67.15
C LYS B 195 -60.40 -52.02 66.04
N PRO B 196 -61.36 -51.16 66.38
CA PRO B 196 -62.11 -50.46 65.34
C PRO B 196 -61.26 -49.41 64.64
N VAL B 197 -61.56 -49.22 63.36
CA VAL B 197 -60.86 -48.24 62.52
C VAL B 197 -61.74 -47.01 62.38
N THR B 198 -61.18 -45.84 62.67
CA THR B 198 -61.92 -44.60 62.54
C THR B 198 -62.09 -44.23 61.07
N VAL B 199 -62.84 -43.15 60.84
CA VAL B 199 -63.10 -42.67 59.49
C VAL B 199 -63.44 -41.20 59.57
N SER B 200 -63.08 -40.44 58.54
CA SER B 200 -63.40 -39.03 58.46
C SER B 200 -63.12 -38.54 57.05
N LEU B 201 -64.05 -37.77 56.50
CA LEU B 201 -63.80 -37.13 55.20
C LEU B 201 -62.99 -35.87 55.37
N ARG B 202 -63.39 -35.00 56.31
CA ARG B 202 -62.62 -33.80 56.59
C ARG B 202 -61.30 -34.12 57.29
N GLY B 203 -61.21 -35.29 57.93
CA GLY B 203 -59.96 -35.68 58.57
C GLY B 203 -58.81 -35.81 57.59
N LEU B 204 -59.12 -36.16 56.34
CA LEU B 204 -58.14 -36.22 55.28
C LEU B 204 -57.83 -34.86 54.67
N LYS B 205 -58.23 -33.77 55.34
CA LYS B 205 -57.91 -32.42 54.90
C LYS B 205 -56.95 -31.73 55.86
N LYS B 206 -57.35 -31.60 57.13
CA LYS B 206 -56.48 -30.96 58.11
C LYS B 206 -55.14 -31.69 58.22
N LYS B 207 -55.19 -33.00 58.46
CA LYS B 207 -53.99 -33.81 58.51
C LYS B 207 -53.13 -33.64 57.27
N LEU B 208 -53.70 -33.16 56.17
CA LEU B 208 -52.91 -32.76 55.02
C LEU B 208 -52.56 -31.27 55.06
N TYR B 209 -53.58 -30.43 55.24
CA TYR B 209 -53.38 -28.99 55.08
C TYR B 209 -52.32 -28.47 56.03
N LEU B 210 -52.42 -28.82 57.32
CA LEU B 210 -51.42 -28.40 58.29
C LEU B 210 -50.02 -28.82 57.84
N CYS B 211 -49.90 -30.06 57.35
CA CYS B 211 -48.61 -30.51 56.84
C CYS B 211 -48.10 -29.58 55.74
N LEU B 212 -48.99 -29.19 54.82
CA LEU B 212 -48.61 -28.25 53.78
C LEU B 212 -48.06 -26.97 54.38
N MET B 213 -48.65 -26.50 55.47
CA MET B 213 -48.12 -25.33 56.16
C MET B 213 -46.66 -25.54 56.52
N CYS B 214 -46.36 -26.70 57.13
CA CYS B 214 -44.97 -27.05 57.39
C CYS B 214 -44.14 -26.95 56.11
N VAL B 215 -44.66 -27.54 55.03
CA VAL B 215 -43.99 -27.46 53.74
C VAL B 215 -43.60 -26.02 53.45
N ASN B 216 -44.54 -25.08 53.63
CA ASN B 216 -44.23 -23.68 53.41
C ASN B 216 -43.02 -23.25 54.24
N VAL B 217 -43.09 -23.43 55.56
CA VAL B 217 -41.97 -23.00 56.39
C VAL B 217 -40.77 -23.91 56.18
N LEU B 218 -40.97 -25.08 55.57
CA LEU B 218 -39.84 -25.92 55.20
C LEU B 218 -39.00 -25.29 54.11
N GLU B 219 -39.54 -24.31 53.38
CA GLU B 219 -38.80 -23.61 52.34
C GLU B 219 -39.08 -22.12 52.35
N ALA B 220 -39.35 -21.56 53.54
CA ALA B 220 -39.61 -20.13 53.63
C ALA B 220 -38.71 -19.45 54.64
N ILE B 221 -38.42 -20.13 55.75
CA ILE B 221 -37.65 -19.50 56.82
C ILE B 221 -36.42 -20.34 57.19
N ARG B 222 -36.65 -21.60 57.58
CA ARG B 222 -35.56 -22.39 58.15
C ARG B 222 -34.41 -22.56 57.17
N PHE B 223 -34.72 -22.84 55.91
CA PHE B 223 -33.68 -22.91 54.90
C PHE B 223 -33.27 -21.55 54.37
N TYR B 224 -34.06 -20.51 54.66
CA TYR B 224 -33.81 -19.18 54.13
C TYR B 224 -32.79 -18.40 54.96
N VAL B 225 -32.64 -18.71 56.25
CA VAL B 225 -31.61 -18.07 57.05
C VAL B 225 -30.25 -18.67 56.76
N SER B 226 -30.20 -19.98 56.52
CA SER B 226 -28.94 -20.65 56.21
C SER B 226 -28.28 -20.02 54.98
N PHE B 227 -29.11 -19.47 54.08
CA PHE B 227 -28.57 -18.71 52.95
C PHE B 227 -27.62 -17.63 53.43
N ALA B 228 -28.13 -16.68 54.22
CA ALA B 228 -27.32 -15.58 54.69
C ALA B 228 -26.18 -16.06 55.56
N CYS B 229 -26.41 -17.13 56.33
CA CYS B 229 -25.36 -17.67 57.20
C CYS B 229 -24.17 -18.13 56.37
N SER B 230 -24.43 -18.83 55.28
CA SER B 230 -23.37 -19.26 54.37
C SER B 230 -23.10 -18.26 53.26
N PHE B 231 -23.65 -17.05 53.35
CA PHE B 231 -23.54 -16.07 52.28
C PHE B 231 -22.69 -14.86 52.66
N ALA B 232 -22.50 -14.61 53.96
CA ALA B 232 -21.68 -13.47 54.37
C ALA B 232 -20.26 -13.55 53.83
N PHE B 233 -19.79 -14.75 53.48
CA PHE B 233 -18.47 -14.91 52.91
C PHE B 233 -18.50 -14.63 51.42
N ALA B 234 -19.07 -13.50 51.02
CA ALA B 234 -19.18 -13.11 49.63
C ALA B 234 -18.38 -11.87 49.30
N GLU B 235 -18.64 -10.76 50.01
CA GLU B 235 -17.92 -9.53 49.74
C GLU B 235 -16.44 -9.67 50.04
N ARG B 236 -16.10 -10.25 51.18
CA ARG B 236 -14.72 -10.63 51.42
C ARG B 236 -14.31 -11.71 50.43
N GLU B 237 -13.20 -11.49 49.75
CA GLU B 237 -12.82 -12.36 48.64
C GLU B 237 -12.37 -13.72 49.15
N LEU B 238 -13.31 -14.67 49.23
CA LEU B 238 -13.02 -16.03 49.64
C LEU B 238 -14.26 -16.89 49.38
N MET B 239 -14.03 -18.13 48.94
CA MET B 239 -15.10 -19.09 48.68
C MET B 239 -16.14 -18.53 47.71
N GLU B 240 -15.67 -17.87 46.64
CA GLU B 240 -16.59 -17.30 45.67
C GLU B 240 -17.35 -18.38 44.91
N GLY B 241 -16.72 -19.55 44.71
CA GLY B 241 -17.42 -20.64 44.07
C GLY B 241 -18.64 -21.09 44.84
N ASN B 242 -18.59 -21.02 46.18
CA ASN B 242 -19.75 -21.36 46.99
C ASN B 242 -20.92 -20.44 46.68
N ALA B 243 -20.67 -19.13 46.61
CA ALA B 243 -21.73 -18.20 46.28
C ALA B 243 -22.22 -18.42 44.85
N LYS B 244 -21.30 -18.68 43.93
CA LYS B 244 -21.69 -18.90 42.53
C LYS B 244 -22.61 -20.11 42.41
N ILE B 245 -22.33 -21.17 43.16
CA ILE B 245 -23.16 -22.36 43.09
C ILE B 245 -24.43 -22.23 43.92
N ILE B 246 -24.43 -21.34 44.93
CA ILE B 246 -25.61 -21.22 45.78
C ILE B 246 -26.61 -20.20 45.25
N LYS B 247 -26.19 -19.30 44.34
CA LYS B 247 -27.14 -18.34 43.77
C LYS B 247 -28.27 -19.05 43.04
N ASP B 248 -27.93 -20.06 42.23
CA ASP B 248 -28.95 -20.79 41.49
C ASP B 248 -29.86 -21.57 42.43
N ILE B 249 -29.29 -22.15 43.49
CA ILE B 249 -30.10 -22.85 44.48
C ILE B 249 -31.08 -21.86 45.14
N ALA B 250 -30.61 -20.64 45.40
CA ALA B 250 -31.49 -19.63 45.98
C ALA B 250 -32.61 -19.27 45.03
N ARG B 251 -32.30 -19.10 43.74
CA ARG B 251 -33.34 -18.85 42.75
C ARG B 251 -34.37 -19.97 42.73
N ASP B 252 -33.88 -21.21 42.75
CA ASP B 252 -34.75 -22.41 42.74
C ASP B 252 -35.64 -22.42 44.00
N GLU B 253 -35.02 -22.18 45.16
CA GLU B 253 -35.77 -22.17 46.46
C GLU B 253 -36.85 -21.07 46.41
N ALA B 254 -36.52 -19.92 45.80
CA ALA B 254 -37.46 -18.81 45.70
C ALA B 254 -38.64 -19.18 44.82
N LEU B 255 -38.37 -19.89 43.71
CA LEU B 255 -39.46 -20.36 42.87
C LEU B 255 -40.34 -21.36 43.61
N HIS B 256 -39.72 -22.26 44.39
CA HIS B 256 -40.48 -23.18 45.22
C HIS B 256 -41.39 -22.42 46.18
N LEU B 257 -40.85 -21.39 46.83
CA LEU B 257 -41.63 -20.59 47.77
C LEU B 257 -42.80 -19.94 47.08
N THR B 258 -42.55 -19.31 45.93
CA THR B 258 -43.64 -18.68 45.19
C THR B 258 -44.73 -19.68 44.84
N GLY B 259 -44.33 -20.86 44.33
CA GLY B 259 -45.32 -21.84 43.95
C GLY B 259 -46.14 -22.33 45.12
N THR B 260 -45.47 -22.71 46.21
CA THR B 260 -46.20 -23.26 47.36
C THR B 260 -47.06 -22.20 48.03
N GLN B 261 -46.60 -20.96 48.08
CA GLN B 261 -47.41 -19.90 48.67
C GLN B 261 -48.63 -19.60 47.82
N HIS B 262 -48.46 -19.61 46.49
CA HIS B 262 -49.62 -19.45 45.61
C HIS B 262 -50.60 -20.59 45.78
N MET B 263 -50.10 -21.82 45.91
CA MET B 263 -50.98 -22.97 46.09
C MET B 263 -51.75 -22.87 47.39
N LEU B 264 -51.08 -22.48 48.48
CA LEU B 264 -51.76 -22.34 49.76
C LEU B 264 -52.80 -21.23 49.71
N ASN B 265 -52.44 -20.08 49.13
CA ASN B 265 -53.37 -18.97 49.07
C ASN B 265 -54.57 -19.29 48.17
N LEU B 266 -54.39 -20.18 47.19
CA LEU B 266 -55.49 -20.55 46.32
C LEU B 266 -56.39 -21.62 46.96
N MET B 267 -55.80 -22.55 47.70
CA MET B 267 -56.57 -23.64 48.29
C MET B 267 -57.02 -23.30 49.71
N ARG B 268 -56.06 -23.02 50.60
CA ARG B 268 -56.42 -22.76 52.00
C ARG B 268 -57.25 -21.49 52.14
N SER B 269 -57.02 -20.51 51.28
CA SER B 269 -57.81 -19.29 51.26
C SER B 269 -58.63 -19.23 49.97
N GLY B 270 -59.78 -18.58 50.03
CA GLY B 270 -60.68 -18.55 48.91
C GLY B 270 -61.10 -19.95 48.48
N VAL B 271 -61.86 -20.61 49.33
CA VAL B 271 -62.20 -22.01 49.10
C VAL B 271 -63.09 -22.13 47.87
N ASP B 272 -62.64 -22.91 46.89
CA ASP B 272 -63.48 -23.20 45.73
C ASP B 272 -64.58 -24.18 46.10
N ASP B 273 -64.21 -25.35 46.61
CA ASP B 273 -65.20 -26.26 47.16
C ASP B 273 -65.66 -25.76 48.51
N PRO B 274 -66.94 -25.91 48.85
CA PRO B 274 -67.49 -25.38 50.10
C PRO B 274 -67.26 -26.32 51.30
N GLU B 275 -66.04 -26.81 51.43
CA GLU B 275 -65.71 -27.69 52.55
C GLU B 275 -64.48 -27.23 53.33
N MET B 276 -63.46 -26.72 52.65
CA MET B 276 -62.22 -26.34 53.32
C MET B 276 -62.34 -25.02 54.07
N ALA B 277 -63.46 -24.31 53.96
CA ALA B 277 -63.65 -23.11 54.77
C ALA B 277 -63.70 -23.45 56.25
N GLU B 278 -64.35 -24.57 56.60
CA GLU B 278 -64.33 -25.02 57.99
C GLU B 278 -62.91 -25.36 58.45
N ILE B 279 -62.09 -25.89 57.54
CA ILE B 279 -60.70 -26.19 57.89
C ILE B 279 -59.92 -24.91 58.11
N ALA B 280 -60.15 -23.90 57.27
CA ALA B 280 -59.49 -22.61 57.46
C ALA B 280 -59.94 -21.94 58.75
N ALA B 281 -61.19 -22.14 59.14
CA ALA B 281 -61.69 -21.51 60.37
C ALA B 281 -61.15 -22.23 61.60
N GLU B 282 -61.19 -23.56 61.59
CA GLU B 282 -60.75 -24.31 62.78
C GLU B 282 -59.23 -24.30 62.90
N LEU B 283 -58.53 -24.68 61.84
CA LEU B 283 -57.07 -24.76 61.86
C LEU B 283 -56.45 -23.38 61.59
N GLN B 284 -56.80 -22.43 62.45
CA GLN B 284 -56.28 -21.07 62.34
C GLN B 284 -55.42 -20.69 63.53
N ASP B 285 -55.93 -20.81 64.76
CA ASP B 285 -55.14 -20.44 65.92
C ASP B 285 -54.01 -21.44 66.15
N GLU B 286 -54.29 -22.73 66.03
CA GLU B 286 -53.22 -23.72 66.15
C GLU B 286 -52.19 -23.55 65.04
N CYS B 287 -52.60 -23.02 63.89
CA CYS B 287 -51.64 -22.72 62.82
C CYS B 287 -50.63 -21.68 63.28
N PHE B 288 -51.12 -20.57 63.85
CA PHE B 288 -50.20 -19.56 64.40
C PHE B 288 -49.38 -20.13 65.55
N GLN B 289 -49.97 -21.02 66.35
CA GLN B 289 -49.23 -21.64 67.44
C GLN B 289 -48.03 -22.44 66.92
N LEU B 290 -48.27 -23.34 65.97
CA LEU B 290 -47.18 -24.13 65.40
C LEU B 290 -46.20 -23.26 64.64
N PHE B 291 -46.69 -22.18 64.03
CA PHE B 291 -45.81 -21.27 63.31
C PHE B 291 -44.83 -20.59 64.26
N LYS B 292 -45.34 -20.03 65.35
CA LYS B 292 -44.47 -19.43 66.35
C LYS B 292 -43.57 -20.47 67.00
N LYS B 293 -44.05 -21.71 67.15
CA LYS B 293 -43.20 -22.76 67.70
C LYS B 293 -42.02 -23.04 66.77
N ALA B 294 -42.27 -23.13 65.47
CA ALA B 294 -41.19 -23.35 64.51
C ALA B 294 -40.24 -22.16 64.49
N ALA B 295 -40.78 -20.95 64.61
CA ALA B 295 -39.93 -19.76 64.65
C ALA B 295 -39.00 -19.80 65.86
N GLU B 296 -39.55 -20.11 67.03
CA GLU B 296 -38.72 -20.21 68.23
C GLU B 296 -37.72 -21.35 68.12
N GLN B 297 -38.09 -22.45 67.47
CA GLN B 297 -37.16 -23.55 67.26
C GLN B 297 -35.99 -23.11 66.39
N GLU B 298 -36.28 -22.39 65.31
CA GLU B 298 -35.20 -21.89 64.45
C GLU B 298 -34.32 -20.90 65.21
N LYS B 299 -34.94 -20.05 66.03
CA LYS B 299 -34.17 -19.09 66.81
C LYS B 299 -33.22 -19.81 67.78
N GLU B 300 -33.73 -20.83 68.47
CA GLU B 300 -32.90 -21.59 69.38
C GLU B 300 -31.81 -22.35 68.63
N TRP B 301 -32.12 -22.82 67.42
CA TRP B 301 -31.09 -23.43 66.58
C TRP B 301 -29.99 -22.43 66.26
N ALA B 302 -30.36 -21.17 66.04
CA ALA B 302 -29.36 -20.17 65.69
C ALA B 302 -28.61 -19.70 66.93
N ALA B 303 -28.17 -20.64 67.74
CA ALA B 303 -27.30 -20.41 68.87
C ALA B 303 -26.13 -21.39 68.91
N TYR B 304 -26.36 -22.64 68.51
CA TYR B 304 -25.30 -23.65 68.59
C TYR B 304 -24.18 -23.35 67.61
N LEU B 305 -24.53 -22.92 66.40
CA LEU B 305 -23.54 -22.52 65.41
C LEU B 305 -22.98 -21.13 65.69
N PHE B 306 -23.22 -20.58 66.87
CA PHE B 306 -22.65 -19.29 67.23
C PHE B 306 -22.06 -19.24 68.63
N LYS B 307 -22.27 -20.24 69.48
CA LYS B 307 -21.74 -20.21 70.84
C LYS B 307 -20.32 -20.76 70.89
N ASP B 308 -19.47 -20.27 70.00
CA ASP B 308 -18.04 -20.58 70.04
C ASP B 308 -17.14 -19.38 69.78
N GLY B 309 -17.63 -18.33 69.12
CA GLY B 309 -16.81 -17.17 68.80
C GLY B 309 -17.52 -16.19 67.91
N SER B 310 -17.03 -14.95 67.88
CA SER B 310 -17.65 -13.90 67.09
C SER B 310 -17.29 -14.04 65.62
N MET B 311 -17.90 -13.19 64.79
CA MET B 311 -17.64 -13.18 63.36
C MET B 311 -18.13 -11.86 62.79
N ILE B 312 -17.43 -11.37 61.76
CA ILE B 312 -17.83 -10.13 61.12
C ILE B 312 -19.18 -10.31 60.44
N GLY B 313 -19.96 -9.23 60.39
CA GLY B 313 -21.26 -9.27 59.76
C GLY B 313 -22.41 -9.50 60.71
N LEU B 314 -22.40 -10.63 61.42
CA LEU B 314 -23.52 -10.97 62.30
C LEU B 314 -23.11 -12.11 63.22
N ASN B 315 -23.39 -11.96 64.51
CA ASN B 315 -23.15 -13.04 65.46
C ASN B 315 -24.42 -13.57 66.09
N LYS B 316 -25.14 -12.76 66.85
CA LYS B 316 -26.39 -13.26 67.42
C LYS B 316 -27.56 -12.30 67.27
N GLU B 317 -27.32 -11.00 67.43
CA GLU B 317 -28.42 -10.05 67.41
C GLU B 317 -28.86 -9.74 65.98
N ILE B 318 -27.90 -9.56 65.09
CA ILE B 318 -28.22 -9.25 63.70
C ILE B 318 -29.00 -10.39 63.07
N LEU B 319 -28.55 -11.62 63.29
CA LEU B 319 -29.25 -12.76 62.69
C LEU B 319 -30.61 -12.97 63.32
N SER B 320 -30.74 -12.69 64.62
CA SER B 320 -32.03 -12.81 65.28
C SER B 320 -33.02 -11.80 64.71
N GLN B 321 -32.60 -10.54 64.58
CA GLN B 321 -33.45 -9.54 63.96
C GLN B 321 -33.80 -9.94 62.52
N TYR B 322 -32.84 -10.51 61.81
CA TYR B 322 -33.08 -10.90 60.42
C TYR B 322 -34.14 -11.99 60.34
N VAL B 323 -34.02 -13.03 61.16
CA VAL B 323 -34.99 -14.13 61.09
C VAL B 323 -36.35 -13.66 61.57
N GLU B 324 -36.39 -12.78 62.57
CA GLU B 324 -37.68 -12.23 63.00
C GLU B 324 -38.35 -11.45 61.87
N TYR B 325 -37.58 -10.62 61.18
CA TYR B 325 -38.14 -9.86 60.08
C TYR B 325 -38.58 -10.78 58.94
N ILE B 326 -37.79 -11.81 58.65
CA ILE B 326 -38.17 -12.76 57.61
C ILE B 326 -39.48 -13.45 57.97
N THR B 327 -39.62 -13.86 59.23
CA THR B 327 -40.86 -14.48 59.68
C THR B 327 -42.03 -13.54 59.51
N ASN B 328 -41.89 -12.30 59.99
CA ASN B 328 -43.00 -11.35 59.94
C ASN B 328 -43.36 -10.98 58.52
N LEU B 329 -42.39 -10.98 57.61
CA LEU B 329 -42.68 -10.60 56.23
C LEU B 329 -43.25 -11.78 55.45
N ARG B 330 -42.84 -13.00 55.78
CA ARG B 330 -43.31 -14.15 55.02
C ARG B 330 -44.68 -14.60 55.48
N MET B 331 -44.95 -14.55 56.78
CA MET B 331 -46.24 -15.01 57.28
C MET B 331 -47.37 -14.12 56.77
N GLN B 332 -47.09 -12.84 56.53
CA GLN B 332 -48.12 -11.94 56.02
C GLN B 332 -48.25 -12.09 54.51
N ALA B 333 -48.36 -13.34 54.05
CA ALA B 333 -48.64 -13.63 52.65
C ALA B 333 -49.63 -14.77 52.47
N VAL B 334 -50.06 -15.40 53.56
CA VAL B 334 -51.05 -16.48 53.50
C VAL B 334 -52.27 -16.20 54.37
N GLY B 335 -52.19 -15.22 55.26
CA GLY B 335 -53.31 -14.87 56.12
C GLY B 335 -53.11 -15.37 57.54
N LEU B 336 -52.64 -14.48 58.41
CA LEU B 336 -52.39 -14.77 59.82
C LEU B 336 -52.04 -13.48 60.53
N PRO B 337 -52.45 -13.31 61.79
CA PRO B 337 -52.07 -12.11 62.53
C PRO B 337 -50.56 -12.03 62.73
N ALA B 338 -50.02 -10.82 62.71
CA ALA B 338 -48.59 -10.62 62.85
C ALA B 338 -48.13 -11.06 64.24
N GLY B 339 -47.26 -12.07 64.28
CA GLY B 339 -46.77 -12.57 65.54
C GLY B 339 -45.68 -11.74 66.17
N PHE B 340 -45.02 -10.89 65.39
CA PHE B 340 -43.94 -10.04 65.87
C PHE B 340 -44.24 -8.59 65.54
N GLU B 341 -44.03 -7.71 66.52
CA GLU B 341 -44.27 -6.29 66.32
C GLU B 341 -43.04 -5.64 65.68
N GLY B 342 -43.14 -4.33 65.45
CA GLY B 342 -42.05 -3.59 64.85
C GLY B 342 -42.04 -3.67 63.34
N ALA B 343 -41.61 -4.82 62.79
CA ALA B 343 -41.55 -5.04 61.35
C ALA B 343 -40.82 -3.92 60.65
N ASN B 344 -39.68 -3.52 61.22
CA ASN B 344 -38.94 -2.38 60.73
C ASN B 344 -38.15 -2.77 59.49
N GLN B 345 -37.22 -1.90 59.08
CA GLN B 345 -36.43 -2.14 57.88
C GLN B 345 -35.61 -3.42 58.01
N ASN B 346 -35.16 -3.91 56.86
CA ASN B 346 -34.36 -5.13 56.81
C ASN B 346 -33.08 -4.95 57.61
N PRO B 347 -32.85 -5.76 58.65
CA PRO B 347 -31.63 -5.60 59.45
C PRO B 347 -30.34 -5.81 58.67
N ILE B 348 -30.42 -6.27 57.43
CA ILE B 348 -29.25 -6.48 56.58
C ILE B 348 -29.69 -6.35 55.14
N PRO B 349 -29.51 -5.19 54.52
CA PRO B 349 -30.15 -4.94 53.21
C PRO B 349 -29.34 -5.44 52.02
N TRP B 350 -28.02 -5.54 52.15
CA TRP B 350 -27.20 -5.89 51.00
C TRP B 350 -27.50 -7.30 50.49
N ILE B 351 -28.12 -8.15 51.30
CA ILE B 351 -28.50 -9.48 50.84
C ILE B 351 -29.51 -9.39 49.71
N ASN B 352 -30.26 -8.30 49.64
CA ASN B 352 -31.19 -8.11 48.52
C ASN B 352 -30.48 -7.82 47.22
N ALA B 353 -29.17 -7.54 47.25
CA ALA B 353 -28.44 -7.26 46.03
C ALA B 353 -28.17 -8.51 45.21
N TRP B 354 -28.06 -9.67 45.86
CA TRP B 354 -27.74 -10.91 45.17
C TRP B 354 -28.94 -11.82 44.97
N LEU B 355 -29.92 -11.78 45.88
CA LEU B 355 -30.97 -12.79 45.89
C LEU B 355 -31.96 -12.57 44.76
N SER B 356 -31.64 -13.08 43.57
CA SER B 356 -32.56 -13.18 42.44
C SER B 356 -33.24 -11.85 42.14
N SER B 357 -32.40 -10.89 41.71
CA SER B 357 -32.94 -9.61 41.26
C SER B 357 -33.89 -9.79 40.08
N ASP B 358 -33.60 -10.74 39.20
CA ASP B 358 -34.51 -11.10 38.11
C ASP B 358 -35.36 -12.31 38.52
N ASN B 359 -36.12 -12.13 39.59
CA ASN B 359 -36.92 -13.22 40.15
C ASN B 359 -38.09 -13.54 39.22
N VAL B 360 -38.87 -14.54 39.63
CA VAL B 360 -40.02 -14.97 38.85
C VAL B 360 -41.24 -15.16 39.77
N ASP B 388 -31.47 49.31 24.58
CA ASP B 388 -32.44 49.72 25.60
C ASP B 388 -32.13 51.11 26.10
N PHE B 389 -32.98 52.08 25.74
CA PHE B 389 -32.75 53.46 26.16
C PHE B 389 -33.19 53.70 27.60
N GLU B 390 -33.85 52.72 28.22
CA GLU B 390 -34.31 52.87 29.59
C GLU B 390 -33.15 52.78 30.57
N THR C 19 -55.54 -36.96 -6.53
CA THR C 19 -56.04 -36.69 -7.87
C THR C 19 -56.10 -37.97 -8.71
N ASP C 20 -55.73 -37.85 -9.98
CA ASP C 20 -55.74 -39.00 -10.89
C ASP C 20 -54.34 -39.60 -10.92
N LEU C 21 -54.02 -40.34 -9.86
CA LEU C 21 -52.71 -40.98 -9.72
C LEU C 21 -52.65 -42.19 -10.64
N LYS C 22 -52.46 -41.91 -11.93
CA LYS C 22 -52.36 -42.93 -12.95
C LYS C 22 -51.02 -42.83 -13.65
N VAL C 23 -50.61 -43.91 -14.30
CA VAL C 23 -49.35 -43.98 -15.01
C VAL C 23 -49.59 -44.56 -16.40
N THR C 24 -48.52 -44.63 -17.19
CA THR C 24 -48.56 -45.24 -18.52
C THR C 24 -48.11 -46.68 -18.37
N LYS C 25 -49.07 -47.61 -18.36
CA LYS C 25 -48.76 -49.01 -18.15
C LYS C 25 -48.10 -49.61 -19.38
N ARG C 26 -47.89 -50.93 -19.33
CA ARG C 26 -47.24 -51.63 -20.43
C ARG C 26 -47.99 -51.44 -21.75
N ASP C 27 -49.32 -51.33 -21.69
CA ASP C 27 -50.12 -51.15 -22.90
C ASP C 27 -50.30 -49.68 -23.26
N GLY C 28 -50.40 -48.80 -22.26
CA GLY C 28 -50.56 -47.39 -22.52
C GLY C 28 -51.78 -46.80 -21.83
N ARG C 29 -52.56 -47.64 -21.17
CA ARG C 29 -53.75 -47.17 -20.48
C ARG C 29 -53.38 -46.58 -19.12
N LEU C 30 -54.32 -45.85 -18.54
CA LEU C 30 -54.11 -45.20 -17.25
C LEU C 30 -54.31 -46.23 -16.15
N GLU C 31 -53.23 -46.57 -15.44
CA GLU C 31 -53.24 -47.61 -14.44
C GLU C 31 -53.60 -47.02 -13.07
N ALA C 32 -53.42 -47.81 -12.02
CA ALA C 32 -53.74 -47.40 -10.66
C ALA C 32 -52.60 -46.54 -10.10
N ILE C 33 -52.62 -46.31 -8.78
CA ILE C 33 -51.64 -45.45 -8.14
C ILE C 33 -50.35 -46.16 -7.78
N ASP C 34 -50.21 -47.44 -8.13
CA ASP C 34 -49.00 -48.20 -7.86
C ASP C 34 -48.67 -48.27 -6.37
N LEU C 35 -49.68 -48.14 -5.51
CA LEU C 35 -49.45 -48.24 -4.08
C LEU C 35 -49.06 -49.66 -3.69
N ASP C 36 -49.95 -50.62 -3.94
CA ASP C 36 -49.64 -52.03 -3.76
C ASP C 36 -49.11 -52.59 -5.07
N LYS C 37 -48.90 -53.90 -5.12
CA LYS C 37 -48.41 -54.63 -6.30
C LYS C 37 -47.02 -54.19 -6.73
N ILE C 38 -46.38 -53.29 -5.99
CA ILE C 38 -45.01 -52.89 -6.30
C ILE C 38 -44.00 -53.77 -5.57
N HIS C 39 -44.31 -54.16 -4.33
CA HIS C 39 -43.45 -55.09 -3.61
C HIS C 39 -43.53 -56.50 -4.16
N ARG C 40 -44.54 -56.80 -4.99
CA ARG C 40 -44.67 -58.15 -5.53
C ARG C 40 -43.45 -58.53 -6.36
N VAL C 41 -42.98 -57.62 -7.21
CA VAL C 41 -41.88 -57.96 -8.10
C VAL C 41 -40.57 -58.11 -7.32
N VAL C 42 -40.36 -57.27 -6.31
CA VAL C 42 -39.11 -57.36 -5.55
C VAL C 42 -39.13 -58.58 -4.64
N THR C 43 -40.31 -59.00 -4.19
CA THR C 43 -40.40 -60.26 -3.44
C THR C 43 -40.18 -61.45 -4.36
N TRP C 44 -40.72 -61.38 -5.59
CA TRP C 44 -40.43 -62.41 -6.58
C TRP C 44 -38.94 -62.51 -6.84
N ALA C 45 -38.25 -61.36 -6.86
CA ALA C 45 -36.80 -61.35 -7.06
C ALA C 45 -36.08 -61.98 -5.87
N ALA C 46 -36.28 -61.43 -4.68
CA ALA C 46 -35.65 -61.94 -3.47
C ALA C 46 -36.49 -63.02 -2.82
N GLU C 47 -36.86 -64.04 -3.59
CA GLU C 47 -37.65 -65.14 -3.05
C GLU C 47 -36.80 -66.23 -2.41
N GLY C 48 -35.50 -66.25 -2.70
CA GLY C 48 -34.64 -67.27 -2.13
C GLY C 48 -33.26 -66.75 -1.77
N LEU C 49 -33.12 -65.42 -1.71
CA LEU C 49 -31.84 -64.82 -1.36
C LEU C 49 -31.74 -64.62 0.15
N GLU C 50 -30.72 -63.90 0.59
CA GLU C 50 -30.52 -63.64 2.01
C GLU C 50 -29.84 -62.28 2.18
N ASN C 51 -29.98 -61.73 3.39
CA ASN C 51 -29.38 -60.46 3.78
C ASN C 51 -29.66 -59.33 2.78
N VAL C 52 -30.72 -59.46 1.99
CA VAL C 52 -31.12 -58.43 1.05
C VAL C 52 -32.14 -57.52 1.71
N SER C 53 -31.92 -56.22 1.59
CA SER C 53 -32.78 -55.21 2.24
C SER C 53 -33.84 -54.78 1.24
N VAL C 54 -34.96 -55.51 1.23
CA VAL C 54 -36.05 -55.18 0.31
C VAL C 54 -36.57 -53.78 0.59
N SER C 55 -36.67 -53.40 1.87
CA SER C 55 -37.15 -52.07 2.20
C SER C 55 -36.20 -50.99 1.70
N GLN C 56 -34.89 -51.21 1.86
CA GLN C 56 -33.92 -50.21 1.43
C GLN C 56 -33.98 -50.02 -0.08
N VAL C 57 -33.92 -51.12 -0.84
CA VAL C 57 -33.92 -51.00 -2.29
C VAL C 57 -35.26 -50.46 -2.79
N GLU C 58 -36.36 -50.77 -2.09
CA GLU C 58 -37.64 -50.18 -2.46
C GLU C 58 -37.72 -48.71 -2.08
N LEU C 59 -36.88 -48.26 -1.16
CA LEU C 59 -36.89 -46.87 -0.70
C LEU C 59 -35.71 -46.06 -1.22
N LYS C 60 -34.52 -46.64 -1.29
CA LYS C 60 -33.36 -45.89 -1.76
C LYS C 60 -33.37 -45.64 -3.26
N SER C 61 -34.47 -45.97 -3.93
CA SER C 61 -34.60 -45.66 -5.35
C SER C 61 -34.60 -44.15 -5.59
N HIS C 62 -35.23 -43.39 -4.68
CA HIS C 62 -35.29 -41.93 -4.76
C HIS C 62 -35.91 -41.49 -6.09
N ILE C 63 -37.01 -42.11 -6.44
CA ILE C 63 -37.68 -41.84 -7.71
C ILE C 63 -38.70 -40.74 -7.53
N GLN C 64 -38.90 -39.96 -8.59
CA GLN C 64 -39.97 -38.98 -8.62
C GLN C 64 -41.29 -39.65 -8.96
N PHE C 65 -42.36 -39.19 -8.33
CA PHE C 65 -43.68 -39.80 -8.46
C PHE C 65 -44.65 -38.85 -9.14
N TYR C 66 -44.19 -38.16 -10.19
CA TYR C 66 -45.06 -37.25 -10.92
C TYR C 66 -45.99 -38.03 -11.84
N ASN C 67 -47.22 -37.53 -11.99
CA ASN C 67 -48.18 -38.16 -12.87
C ASN C 67 -47.73 -38.02 -14.32
N GLY C 68 -47.67 -39.14 -15.03
CA GLY C 68 -47.22 -39.13 -16.41
C GLY C 68 -45.92 -39.90 -16.60
N ILE C 69 -45.71 -40.91 -15.77
CA ILE C 69 -44.53 -41.77 -15.87
C ILE C 69 -44.97 -43.12 -16.41
N ARG C 70 -44.03 -43.80 -17.07
CA ARG C 70 -44.28 -45.12 -17.64
C ARG C 70 -43.60 -46.18 -16.79
N THR C 71 -44.31 -47.29 -16.56
CA THR C 71 -43.79 -48.32 -15.66
C THR C 71 -42.49 -48.92 -16.16
N ASP C 72 -42.28 -48.92 -17.48
CA ASP C 72 -40.99 -49.33 -18.02
C ASP C 72 -39.88 -48.42 -17.51
N ASP C 73 -40.11 -47.11 -17.54
CA ASP C 73 -39.13 -46.18 -16.99
C ASP C 73 -38.95 -46.39 -15.50
N ILE C 74 -40.01 -46.77 -14.79
CA ILE C 74 -39.90 -47.01 -13.36
C ILE C 74 -39.00 -48.22 -13.10
N HIS C 75 -39.17 -49.28 -13.87
CA HIS C 75 -38.28 -50.43 -13.74
C HIS C 75 -36.85 -50.06 -14.09
N GLU C 76 -36.67 -49.25 -15.14
CA GLU C 76 -35.34 -48.82 -15.54
C GLU C 76 -34.65 -48.08 -14.41
N THR C 77 -35.34 -47.11 -13.80
CA THR C 77 -34.70 -46.32 -12.76
C THR C 77 -34.53 -47.12 -11.47
N ILE C 78 -35.46 -48.02 -11.15
CA ILE C 78 -35.29 -48.80 -9.93
C ILE C 78 -34.14 -49.80 -10.09
N ILE C 79 -33.88 -50.26 -11.31
CA ILE C 79 -32.73 -51.15 -11.48
C ILE C 79 -31.45 -50.34 -11.60
N LYS C 80 -31.53 -49.10 -12.06
CA LYS C 80 -30.35 -48.24 -12.05
C LYS C 80 -29.96 -47.88 -10.61
N ALA C 81 -30.94 -47.76 -9.72
CA ALA C 81 -30.67 -47.51 -8.31
C ALA C 81 -30.40 -48.78 -7.53
N ALA C 82 -30.80 -49.94 -8.04
CA ALA C 82 -30.59 -51.18 -7.32
C ALA C 82 -29.11 -51.55 -7.28
N ALA C 83 -28.50 -51.72 -8.45
CA ALA C 83 -27.09 -52.08 -8.50
C ALA C 83 -26.17 -50.99 -8.00
N ASP C 84 -26.68 -49.76 -7.83
CA ASP C 84 -25.84 -48.67 -7.35
C ASP C 84 -25.36 -48.94 -5.93
N LEU C 85 -26.28 -49.33 -5.05
CA LEU C 85 -25.95 -49.59 -3.65
C LEU C 85 -25.53 -51.05 -3.50
N ILE C 86 -24.26 -51.31 -3.80
CA ILE C 86 -23.68 -52.64 -3.66
C ILE C 86 -22.23 -52.49 -3.21
N SER C 87 -21.77 -53.43 -2.39
CA SER C 87 -20.41 -53.41 -1.87
C SER C 87 -20.15 -54.76 -1.20
N GLU C 88 -18.88 -54.95 -0.79
CA GLU C 88 -18.49 -56.20 -0.16
C GLU C 88 -19.20 -56.45 1.16
N ASP C 89 -19.81 -55.40 1.73
CA ASP C 89 -20.58 -55.60 2.96
C ASP C 89 -21.79 -56.48 2.71
N THR C 90 -22.58 -56.15 1.70
CA THR C 90 -23.75 -56.95 1.30
C THR C 90 -23.74 -57.13 -0.21
N PRO C 91 -22.80 -57.93 -0.74
CA PRO C 91 -22.74 -58.20 -2.18
C PRO C 91 -23.61 -59.39 -2.59
N ASP C 92 -24.87 -59.37 -2.17
CA ASP C 92 -25.76 -60.51 -2.37
C ASP C 92 -26.84 -60.27 -3.41
N TYR C 93 -27.48 -59.10 -3.42
CA TYR C 93 -28.61 -58.88 -4.29
C TYR C 93 -28.22 -58.39 -5.68
N GLN C 94 -26.98 -58.66 -6.11
CA GLN C 94 -26.69 -58.52 -7.53
C GLN C 94 -27.48 -59.53 -8.34
N TYR C 95 -27.72 -60.71 -7.77
CA TYR C 95 -28.66 -61.65 -8.40
C TYR C 95 -30.06 -61.06 -8.48
N LEU C 96 -30.46 -60.27 -7.49
CA LEU C 96 -31.75 -59.59 -7.57
C LEU C 96 -31.78 -58.62 -8.74
N ALA C 97 -30.70 -57.86 -8.92
CA ALA C 97 -30.62 -56.95 -10.06
C ALA C 97 -30.70 -57.71 -11.37
N ALA C 98 -30.01 -58.86 -11.44
CA ALA C 98 -30.05 -59.66 -12.67
C ALA C 98 -31.45 -60.21 -12.92
N ARG C 99 -32.15 -60.63 -11.86
CA ARG C 99 -33.51 -61.12 -12.01
C ARG C 99 -34.42 -60.03 -12.53
N LEU C 100 -34.33 -58.84 -11.95
CA LEU C 100 -35.12 -57.71 -12.44
C LEU C 100 -34.77 -57.39 -13.89
N ALA C 101 -33.49 -57.50 -14.24
CA ALA C 101 -33.07 -57.21 -15.61
C ALA C 101 -33.68 -58.17 -16.60
N ILE C 102 -33.57 -59.48 -16.32
CA ILE C 102 -34.13 -60.45 -17.25
C ILE C 102 -35.65 -60.36 -17.27
N PHE C 103 -36.26 -59.96 -16.15
CA PHE C 103 -37.71 -59.75 -16.17
C PHE C 103 -38.10 -58.60 -17.08
N HIS C 104 -37.42 -57.47 -16.95
CA HIS C 104 -37.70 -56.34 -17.84
C HIS C 104 -37.41 -56.69 -19.29
N LEU C 105 -36.40 -57.53 -19.53
CA LEU C 105 -36.09 -57.94 -20.90
C LEU C 105 -37.20 -58.81 -21.48
N ARG C 106 -37.65 -59.80 -20.71
CA ARG C 106 -38.75 -60.63 -21.18
C ARG C 106 -40.03 -59.81 -21.35
N LYS C 107 -40.17 -58.73 -20.58
CA LYS C 107 -41.33 -57.86 -20.74
C LYS C 107 -41.23 -57.07 -22.03
N ILE C 108 -40.09 -56.41 -22.27
CA ILE C 108 -39.91 -55.65 -23.50
C ILE C 108 -39.87 -56.55 -24.73
N ALA C 109 -39.69 -57.85 -24.54
CA ALA C 109 -39.72 -58.79 -25.66
C ALA C 109 -41.15 -59.19 -26.02
N TYR C 110 -41.93 -59.62 -25.02
CA TYR C 110 -43.28 -60.09 -25.28
C TYR C 110 -44.30 -59.43 -24.35
N GLY C 111 -43.89 -59.09 -23.14
CA GLY C 111 -44.79 -58.52 -22.16
C GLY C 111 -45.17 -59.53 -21.09
N GLU C 112 -45.39 -60.76 -21.51
CA GLU C 112 -45.77 -61.83 -20.59
C GLU C 112 -44.51 -62.53 -20.09
N TYR C 113 -44.69 -63.67 -19.43
CA TYR C 113 -43.58 -64.47 -18.91
C TYR C 113 -43.69 -65.91 -19.41
N GLU C 114 -43.94 -66.05 -20.71
CA GLU C 114 -44.06 -67.37 -21.32
C GLU C 114 -43.73 -67.28 -22.81
N PRO C 115 -42.48 -67.52 -23.19
CA PRO C 115 -42.10 -67.43 -24.61
C PRO C 115 -42.73 -68.54 -25.41
N PRO C 116 -42.81 -68.39 -26.74
CA PRO C 116 -43.41 -69.45 -27.57
C PRO C 116 -42.59 -70.72 -27.61
N HIS C 117 -43.10 -71.74 -28.30
CA HIS C 117 -42.42 -73.04 -28.37
C HIS C 117 -41.38 -73.06 -29.50
N LEU C 118 -40.50 -72.06 -29.52
CA LEU C 118 -39.34 -71.98 -30.40
C LEU C 118 -39.74 -71.81 -31.86
N TYR C 119 -41.04 -71.89 -32.17
CA TYR C 119 -41.51 -71.80 -33.54
C TYR C 119 -42.28 -70.51 -33.81
N ASN C 120 -43.30 -70.22 -33.01
CA ASN C 120 -44.05 -68.97 -33.17
C ASN C 120 -43.13 -67.76 -33.04
N HIS C 121 -41.99 -67.91 -32.37
CA HIS C 121 -41.00 -66.85 -32.33
C HIS C 121 -40.10 -66.89 -33.56
N VAL C 122 -39.64 -68.06 -33.97
CA VAL C 122 -38.74 -68.16 -35.10
C VAL C 122 -39.49 -68.01 -36.41
N LYS C 123 -40.59 -68.76 -36.57
CA LYS C 123 -41.33 -68.71 -37.83
C LYS C 123 -42.03 -67.36 -38.01
N LYS C 124 -42.35 -66.67 -36.91
CA LYS C 124 -43.02 -65.39 -37.00
C LYS C 124 -42.06 -64.23 -37.19
N LEU C 125 -40.79 -64.38 -36.79
CA LEU C 125 -39.81 -63.32 -36.90
C LEU C 125 -38.75 -63.59 -37.97
N THR C 126 -38.84 -64.71 -38.67
CA THR C 126 -37.87 -65.00 -39.73
C THR C 126 -37.98 -63.98 -40.87
N ASP C 127 -39.20 -63.60 -41.21
CA ASP C 127 -39.41 -62.61 -42.27
C ASP C 127 -39.04 -61.20 -41.85
N ALA C 128 -38.71 -60.98 -40.57
CA ALA C 128 -38.34 -59.66 -40.08
C ALA C 128 -36.97 -59.22 -40.57
N GLY C 129 -36.23 -60.08 -41.28
CA GLY C 129 -34.94 -59.72 -41.81
C GLY C 129 -33.80 -59.77 -40.82
N LYS C 130 -34.09 -59.82 -39.52
CA LYS C 130 -33.01 -59.86 -38.53
C LYS C 130 -32.22 -61.17 -38.61
N TYR C 131 -32.89 -62.27 -38.95
CA TYR C 131 -32.23 -63.56 -39.09
C TYR C 131 -31.85 -63.79 -40.55
N ASP C 132 -31.34 -64.98 -40.84
CA ASP C 132 -30.99 -65.39 -42.19
C ASP C 132 -32.09 -66.30 -42.72
N ARG C 133 -32.50 -66.06 -43.96
CA ARG C 133 -33.63 -66.78 -44.53
C ARG C 133 -33.22 -68.15 -45.07
N HIS C 134 -32.56 -68.95 -44.23
CA HIS C 134 -32.22 -70.32 -44.61
C HIS C 134 -32.41 -71.32 -43.49
N ILE C 135 -32.59 -70.89 -42.24
CA ILE C 135 -32.71 -71.83 -41.13
C ILE C 135 -33.98 -72.65 -41.28
N LEU C 136 -35.12 -71.99 -41.48
CA LEU C 136 -36.38 -72.70 -41.63
C LEU C 136 -36.37 -73.64 -42.83
N GLU C 137 -35.64 -73.28 -43.88
CA GLU C 137 -35.51 -74.14 -45.05
C GLU C 137 -34.45 -75.21 -44.88
N ASP C 138 -33.81 -75.29 -43.72
CA ASP C 138 -32.76 -76.26 -43.48
C ASP C 138 -33.12 -77.33 -42.44
N TYR C 139 -34.27 -77.20 -41.78
CA TYR C 139 -34.69 -78.17 -40.78
C TYR C 139 -36.17 -78.46 -40.96
N SER C 140 -36.65 -79.46 -40.22
CA SER C 140 -38.01 -79.93 -40.35
C SER C 140 -38.89 -79.40 -39.22
N ARG C 141 -40.17 -79.22 -39.54
CA ARG C 141 -41.12 -78.74 -38.54
C ARG C 141 -41.44 -79.81 -37.51
N GLU C 142 -41.41 -81.08 -37.91
CA GLU C 142 -41.75 -82.17 -36.98
C GLU C 142 -40.74 -82.26 -35.85
N GLU C 143 -39.47 -82.45 -36.18
CA GLU C 143 -38.42 -82.52 -35.17
C GLU C 143 -38.20 -81.19 -34.47
N PHE C 144 -38.72 -80.09 -35.01
CA PHE C 144 -38.57 -78.79 -34.37
C PHE C 144 -39.21 -78.80 -32.98
N ASP C 145 -40.47 -79.21 -32.90
CA ASP C 145 -41.15 -79.27 -31.61
C ASP C 145 -40.53 -80.34 -30.71
N GLU C 146 -40.00 -81.42 -31.29
CA GLU C 146 -39.35 -82.45 -30.49
C GLU C 146 -38.12 -81.89 -29.79
N LEU C 147 -37.30 -81.13 -30.52
CA LEU C 147 -36.16 -80.47 -29.90
C LEU C 147 -36.56 -79.27 -29.06
N ASN C 148 -37.80 -78.79 -29.20
CA ASN C 148 -38.21 -77.61 -28.44
C ASN C 148 -38.36 -77.93 -26.95
N ALA C 149 -38.76 -79.16 -26.61
CA ALA C 149 -38.99 -79.51 -25.22
C ALA C 149 -37.69 -79.91 -24.54
N TYR C 150 -36.67 -79.07 -24.69
CA TYR C 150 -35.39 -79.28 -24.04
C TYR C 150 -34.79 -77.99 -23.49
N ILE C 151 -35.51 -76.87 -23.55
CA ILE C 151 -34.96 -75.57 -23.19
C ILE C 151 -35.84 -74.80 -22.23
N ASP C 152 -36.35 -75.48 -21.19
CA ASP C 152 -37.04 -74.80 -20.11
C ASP C 152 -36.24 -73.59 -19.66
N HIS C 153 -36.88 -72.42 -19.67
CA HIS C 153 -36.19 -71.17 -19.39
C HIS C 153 -35.85 -70.98 -17.91
N GLU C 154 -36.10 -71.97 -17.07
CA GLU C 154 -35.80 -71.84 -15.66
C GLU C 154 -34.32 -71.59 -15.39
N ARG C 155 -33.44 -72.01 -16.31
CA ARG C 155 -32.02 -71.75 -16.17
C ARG C 155 -31.63 -70.32 -16.50
N ASP C 156 -32.55 -69.54 -17.08
CA ASP C 156 -32.25 -68.15 -17.41
C ASP C 156 -32.10 -67.28 -16.18
N MET C 157 -32.54 -67.74 -15.02
CA MET C 157 -32.42 -66.98 -13.78
C MET C 157 -31.14 -67.33 -13.04
N SER C 158 -30.00 -67.25 -13.74
CA SER C 158 -28.71 -67.55 -13.12
C SER C 158 -27.64 -66.57 -13.58
N PHE C 159 -28.01 -65.42 -14.12
CA PHE C 159 -27.05 -64.44 -14.61
C PHE C 159 -26.66 -63.48 -13.49
N SER C 160 -25.77 -62.55 -13.82
CA SER C 160 -25.42 -61.45 -12.95
C SER C 160 -25.78 -60.14 -13.63
N TYR C 161 -25.85 -59.06 -12.85
CA TYR C 161 -26.15 -57.76 -13.43
C TYR C 161 -25.06 -57.35 -14.42
N ALA C 162 -23.80 -57.67 -14.12
CA ALA C 162 -22.72 -57.36 -15.03
C ALA C 162 -22.84 -58.13 -16.35
N ALA C 163 -23.65 -59.19 -16.38
CA ALA C 163 -23.88 -59.93 -17.61
C ALA C 163 -25.03 -59.31 -18.41
N VAL C 164 -26.21 -59.20 -17.79
CA VAL C 164 -27.37 -58.68 -18.49
C VAL C 164 -27.14 -57.24 -18.95
N LYS C 165 -26.31 -56.48 -18.22
CA LYS C 165 -26.00 -55.12 -18.63
C LYS C 165 -25.39 -55.09 -20.02
N GLN C 166 -24.24 -55.75 -20.19
CA GLN C 166 -23.59 -55.78 -21.50
C GLN C 166 -24.43 -56.51 -22.53
N LEU C 167 -25.22 -57.52 -22.10
CA LEU C 167 -26.07 -58.23 -23.03
C LEU C 167 -27.08 -57.28 -23.68
N GLU C 168 -27.82 -56.54 -22.84
CA GLU C 168 -28.75 -55.55 -23.37
C GLU C 168 -28.02 -54.41 -24.07
N GLY C 169 -26.76 -54.17 -23.71
CA GLY C 169 -26.01 -53.12 -24.38
C GLY C 169 -25.68 -53.47 -25.82
N LYS C 170 -24.77 -54.42 -26.03
CA LYS C 170 -24.54 -54.91 -27.39
C LYS C 170 -24.04 -56.35 -27.30
N TYR C 171 -24.97 -57.30 -27.31
CA TYR C 171 -24.62 -58.69 -27.52
C TYR C 171 -25.59 -59.46 -28.40
N LEU C 172 -26.84 -59.02 -28.54
CA LEU C 172 -27.86 -59.76 -29.25
C LEU C 172 -28.53 -58.86 -30.29
N VAL C 173 -29.34 -59.47 -31.14
CA VAL C 173 -29.91 -58.75 -32.27
C VAL C 173 -30.91 -57.70 -31.79
N GLN C 174 -30.76 -56.49 -32.29
CA GLN C 174 -31.64 -55.37 -31.97
C GLN C 174 -31.27 -54.19 -32.86
N ASN C 175 -32.27 -53.38 -33.20
CA ASN C 175 -32.02 -52.20 -34.01
C ASN C 175 -31.24 -51.17 -33.22
N ARG C 176 -30.12 -50.71 -33.77
CA ARG C 176 -29.22 -49.80 -33.08
C ARG C 176 -29.71 -48.36 -33.06
N VAL C 177 -30.94 -48.10 -33.52
CA VAL C 177 -31.48 -46.75 -33.51
C VAL C 177 -32.75 -46.73 -32.67
N THR C 178 -33.43 -47.87 -32.60
CA THR C 178 -34.67 -47.99 -31.84
C THR C 178 -34.48 -48.72 -30.51
N ARG C 179 -33.51 -49.62 -30.42
CA ARG C 179 -33.24 -50.43 -29.24
C ARG C 179 -34.40 -51.36 -28.89
N GLN C 180 -35.29 -51.60 -29.85
CA GLN C 180 -36.39 -52.54 -29.66
C GLN C 180 -35.82 -53.95 -29.78
N ILE C 181 -35.52 -54.57 -28.64
CA ILE C 181 -34.91 -55.90 -28.64
C ILE C 181 -35.91 -56.91 -29.18
N TYR C 182 -35.43 -57.83 -30.02
CA TYR C 182 -36.28 -58.82 -30.66
C TYR C 182 -35.83 -60.25 -30.36
N GLU C 183 -35.09 -60.46 -29.28
CA GLU C 183 -34.57 -61.79 -28.97
C GLU C 183 -34.68 -62.01 -27.47
N THR C 184 -34.08 -63.10 -26.99
CA THR C 184 -34.14 -63.52 -25.61
C THR C 184 -32.86 -64.29 -25.32
N PRO C 185 -32.21 -64.05 -24.18
CA PRO C 185 -30.90 -64.69 -23.92
C PRO C 185 -30.99 -66.21 -23.76
N GLN C 186 -32.19 -66.77 -23.83
CA GLN C 186 -32.34 -68.22 -23.77
C GLN C 186 -32.36 -68.86 -25.15
N PHE C 187 -33.07 -68.26 -26.11
CA PHE C 187 -33.08 -68.78 -27.47
C PHE C 187 -31.76 -68.52 -28.19
N LEU C 188 -30.91 -67.66 -27.65
CA LEU C 188 -29.64 -67.34 -28.28
C LEU C 188 -28.79 -68.58 -28.49
N TYR C 189 -28.56 -69.34 -27.42
CA TYR C 189 -27.63 -70.46 -27.48
C TYR C 189 -28.14 -71.53 -28.44
N VAL C 190 -29.40 -71.91 -28.32
CA VAL C 190 -29.92 -72.96 -29.18
C VAL C 190 -30.02 -72.47 -30.62
N LEU C 191 -30.28 -71.18 -30.83
CA LEU C 191 -30.34 -70.67 -32.19
C LEU C 191 -28.98 -70.74 -32.86
N VAL C 192 -27.93 -70.32 -32.15
CA VAL C 192 -26.60 -70.37 -32.75
C VAL C 192 -26.14 -71.81 -32.93
N ALA C 193 -26.49 -72.68 -31.99
CA ALA C 193 -26.09 -74.09 -32.12
C ALA C 193 -26.83 -74.77 -33.25
N MET C 194 -28.06 -74.36 -33.52
CA MET C 194 -28.80 -74.93 -34.65
C MET C 194 -28.29 -74.37 -35.97
N CYS C 195 -27.93 -73.09 -36.00
CA CYS C 195 -27.44 -72.50 -37.23
C CYS C 195 -26.06 -73.01 -37.60
N LEU C 196 -25.21 -73.29 -36.61
CA LEU C 196 -23.87 -73.77 -36.90
C LEU C 196 -23.85 -75.21 -37.42
N PHE C 197 -24.96 -75.92 -37.37
CA PHE C 197 -25.03 -77.33 -37.74
C PHE C 197 -26.00 -77.55 -38.89
N SER C 198 -25.94 -76.69 -39.91
CA SER C 198 -26.85 -76.82 -41.04
C SER C 198 -26.42 -77.94 -41.97
N LYS C 199 -25.23 -77.82 -42.56
CA LYS C 199 -24.73 -78.79 -43.53
C LYS C 199 -24.20 -80.01 -42.77
N TYR C 200 -25.11 -80.91 -42.44
CA TYR C 200 -24.78 -82.13 -41.71
C TYR C 200 -25.80 -83.20 -42.06
N PRO C 201 -25.45 -84.47 -41.91
CA PRO C 201 -26.42 -85.54 -42.19
C PRO C 201 -27.59 -85.48 -41.20
N LYS C 202 -28.80 -85.66 -41.74
CA LYS C 202 -30.00 -85.59 -40.93
C LYS C 202 -30.26 -86.89 -40.19
N GLU C 203 -29.25 -87.38 -39.47
CA GLU C 203 -29.38 -88.59 -38.67
C GLU C 203 -28.85 -88.46 -37.25
N ALA C 204 -27.97 -87.51 -36.98
CA ALA C 204 -27.45 -87.32 -35.63
C ALA C 204 -27.38 -85.87 -35.18
N ARG C 205 -27.68 -84.90 -36.05
CA ARG C 205 -27.58 -83.50 -35.67
C ARG C 205 -28.52 -83.16 -34.52
N LEU C 206 -29.71 -83.77 -34.51
CA LEU C 206 -30.67 -83.47 -33.46
C LEU C 206 -30.16 -83.93 -32.09
N ASP C 207 -29.52 -85.10 -32.04
CA ASP C 207 -28.93 -85.58 -30.80
C ASP C 207 -27.55 -84.99 -30.54
N TYR C 208 -27.00 -84.25 -31.50
CA TYR C 208 -25.68 -83.66 -31.36
C TYR C 208 -25.72 -82.22 -30.90
N VAL C 209 -26.76 -81.48 -31.27
CA VAL C 209 -26.89 -80.08 -30.86
C VAL C 209 -27.13 -79.97 -29.36
N LYS C 210 -27.71 -81.00 -28.75
CA LYS C 210 -28.01 -80.94 -27.32
C LYS C 210 -26.74 -80.86 -26.49
N ARG C 211 -25.68 -81.56 -26.92
CA ARG C 211 -24.41 -81.50 -26.19
C ARG C 211 -23.85 -80.09 -26.20
N PHE C 212 -23.83 -79.45 -27.37
CA PHE C 212 -23.33 -78.09 -27.46
C PHE C 212 -24.19 -77.11 -26.66
N TYR C 213 -25.50 -77.32 -26.68
CA TYR C 213 -26.37 -76.44 -25.89
C TYR C 213 -26.11 -76.60 -24.41
N ASP C 214 -25.98 -77.83 -23.93
CA ASP C 214 -25.68 -78.04 -22.52
C ASP C 214 -24.31 -77.49 -22.16
N ALA C 215 -23.39 -77.47 -23.11
CA ALA C 215 -22.07 -76.91 -22.85
C ALA C 215 -22.14 -75.39 -22.72
N VAL C 216 -22.86 -74.74 -23.63
CA VAL C 216 -22.86 -73.28 -23.62
C VAL C 216 -23.77 -72.73 -22.53
N SER C 217 -24.86 -73.45 -22.19
CA SER C 217 -25.79 -72.95 -21.19
C SER C 217 -25.20 -73.03 -19.79
N THR C 218 -24.48 -74.10 -19.49
CA THR C 218 -23.84 -74.27 -18.18
C THR C 218 -22.57 -73.45 -18.05
N PHE C 219 -22.31 -72.53 -18.98
CA PHE C 219 -21.15 -71.64 -18.96
C PHE C 219 -19.82 -72.39 -19.00
N LYS C 220 -19.84 -73.64 -19.48
CA LYS C 220 -18.60 -74.40 -19.58
C LYS C 220 -17.75 -73.96 -20.75
N VAL C 221 -18.35 -73.42 -21.81
CA VAL C 221 -17.63 -72.94 -22.99
C VAL C 221 -18.10 -71.52 -23.25
N SER C 222 -17.14 -70.62 -23.53
CA SER C 222 -17.44 -69.21 -23.73
C SER C 222 -17.28 -68.85 -25.20
N LEU C 223 -18.09 -67.90 -25.66
CA LEU C 223 -18.05 -67.47 -27.09
C LEU C 223 -17.94 -65.95 -27.18
N PRO C 224 -17.08 -65.41 -28.08
CA PRO C 224 -16.92 -63.96 -28.29
C PRO C 224 -18.11 -63.19 -28.90
N THR C 225 -17.94 -61.88 -29.09
CA THR C 225 -19.01 -61.05 -29.71
C THR C 225 -19.02 -61.31 -31.21
N PRO C 226 -17.85 -61.39 -31.89
CA PRO C 226 -17.79 -61.63 -33.33
C PRO C 226 -18.58 -62.89 -33.74
N ILE C 227 -18.77 -63.83 -32.81
CA ILE C 227 -19.51 -65.05 -33.11
C ILE C 227 -20.90 -65.04 -32.49
N MET C 228 -21.09 -64.32 -31.39
CA MET C 228 -22.42 -64.16 -30.82
C MET C 228 -23.08 -62.86 -31.22
N SER C 229 -22.30 -61.85 -31.62
CA SER C 229 -22.88 -60.63 -32.16
C SER C 229 -23.16 -60.71 -33.65
N GLY C 230 -22.74 -61.79 -34.32
CA GLY C 230 -22.88 -61.87 -35.76
C GLY C 230 -23.45 -63.16 -36.30
N VAL C 231 -23.77 -64.10 -35.41
CA VAL C 231 -24.36 -65.36 -35.87
C VAL C 231 -25.75 -65.12 -36.45
N ARG C 232 -26.25 -66.12 -37.17
CA ARG C 232 -27.59 -66.17 -37.82
C ARG C 232 -28.00 -64.81 -38.41
N THR C 233 -27.01 -64.02 -38.83
CA THR C 233 -27.18 -62.69 -39.34
C THR C 233 -26.90 -62.66 -40.85
N PRO C 234 -27.66 -61.89 -41.63
CA PRO C 234 -27.40 -61.85 -43.08
C PRO C 234 -25.95 -61.53 -43.44
N THR C 235 -25.34 -60.55 -42.79
CA THR C 235 -23.94 -60.22 -43.05
C THR C 235 -23.07 -61.30 -42.43
N ARG C 236 -22.67 -62.28 -43.24
CA ARG C 236 -21.91 -63.44 -42.76
C ARG C 236 -20.45 -63.05 -42.66
N GLN C 237 -20.07 -62.53 -41.50
CA GLN C 237 -18.68 -62.23 -41.19
C GLN C 237 -18.40 -62.67 -39.77
N PHE C 238 -17.36 -63.47 -39.58
CA PHE C 238 -17.11 -64.06 -38.27
C PHE C 238 -15.64 -64.08 -37.86
N SER C 239 -14.75 -63.40 -38.59
CA SER C 239 -13.37 -63.35 -38.17
C SER C 239 -13.22 -62.47 -36.93
N SER C 240 -12.01 -62.45 -36.38
CA SER C 240 -11.71 -61.62 -35.23
C SER C 240 -10.53 -60.69 -35.45
N CYS C 241 -9.53 -61.11 -36.23
CA CYS C 241 -8.38 -60.28 -36.51
C CYS C 241 -7.92 -60.55 -37.94
N VAL C 242 -7.32 -59.54 -38.57
CA VAL C 242 -6.73 -59.68 -39.90
C VAL C 242 -5.39 -58.97 -39.91
N LEU C 243 -4.52 -59.40 -40.82
CA LEU C 243 -3.19 -58.85 -40.98
C LEU C 243 -3.02 -58.32 -42.40
N ILE C 244 -2.14 -57.33 -42.54
CA ILE C 244 -1.83 -56.75 -43.84
C ILE C 244 -0.52 -55.98 -43.72
N GLU C 245 0.31 -56.09 -44.76
CA GLU C 245 1.58 -55.39 -44.83
C GLU C 245 1.71 -54.74 -46.20
N CYS C 246 2.29 -53.54 -46.21
CA CYS C 246 2.42 -52.75 -47.43
C CYS C 246 3.88 -52.44 -47.69
N ASP C 247 4.33 -52.69 -48.91
CA ASP C 247 5.70 -52.40 -49.32
C ASP C 247 5.74 -51.07 -50.06
N ASP C 248 6.91 -50.75 -50.60
CA ASP C 248 7.13 -49.46 -51.25
C ASP C 248 6.48 -49.40 -52.63
N SER C 249 5.22 -48.98 -52.70
CA SER C 249 4.53 -48.81 -53.96
C SER C 249 3.25 -48.03 -53.73
N LEU C 250 2.95 -47.10 -54.66
CA LEU C 250 1.74 -46.30 -54.54
C LEU C 250 0.50 -47.15 -54.71
N ASP C 251 0.49 -48.04 -55.71
CA ASP C 251 -0.65 -48.90 -55.93
C ASP C 251 -0.91 -49.78 -54.73
N SER C 252 0.15 -50.28 -54.09
CA SER C 252 -0.02 -51.09 -52.89
C SER C 252 -0.65 -50.28 -51.77
N ILE C 253 -0.25 -49.01 -51.63
CA ILE C 253 -0.82 -48.16 -50.59
C ILE C 253 -2.29 -47.91 -50.85
N ASN C 254 -2.65 -47.60 -52.10
CA ASN C 254 -4.06 -47.41 -52.42
C ASN C 254 -4.85 -48.68 -52.16
N ALA C 255 -4.28 -49.83 -52.50
CA ALA C 255 -4.99 -51.10 -52.30
C ALA C 255 -5.21 -51.39 -50.83
N THR C 256 -4.18 -51.21 -50.01
CA THR C 256 -4.35 -51.48 -48.58
C THR C 256 -5.26 -50.46 -47.92
N THR C 257 -5.29 -49.23 -48.43
CA THR C 257 -6.24 -48.25 -47.90
C THR C 257 -7.67 -48.66 -48.21
N SER C 258 -7.92 -49.07 -49.46
CA SER C 258 -9.26 -49.57 -49.79
C SER C 258 -9.60 -50.80 -48.95
N ALA C 259 -8.63 -51.66 -48.70
CA ALA C 259 -8.88 -52.87 -47.93
C ALA C 259 -9.24 -52.54 -46.48
N ILE C 260 -8.50 -51.62 -45.85
CA ILE C 260 -8.83 -51.27 -44.47
C ILE C 260 -10.15 -50.52 -44.41
N VAL C 261 -10.48 -49.72 -45.43
CA VAL C 261 -11.75 -49.00 -45.41
C VAL C 261 -12.91 -49.97 -45.56
N LYS C 262 -12.74 -51.01 -46.37
CA LYS C 262 -13.85 -51.92 -46.65
C LYS C 262 -14.00 -53.01 -45.59
N TYR C 263 -12.90 -53.46 -45.00
CA TYR C 263 -12.97 -54.64 -44.13
C TYR C 263 -13.36 -54.28 -42.71
N VAL C 264 -12.92 -53.13 -42.21
CA VAL C 264 -13.19 -52.76 -40.82
C VAL C 264 -14.68 -52.56 -40.59
N SER C 265 -15.46 -52.43 -41.65
CA SER C 265 -16.88 -52.16 -41.50
C SER C 265 -17.68 -53.36 -41.03
N GLN C 266 -17.06 -54.54 -40.91
CA GLN C 266 -17.73 -55.74 -40.39
C GLN C 266 -16.83 -56.40 -39.34
N ARG C 267 -16.91 -55.91 -38.10
CA ARG C 267 -16.37 -56.59 -36.91
C ARG C 267 -14.97 -57.14 -37.16
N ALA C 268 -14.03 -56.22 -37.41
CA ALA C 268 -12.69 -56.60 -37.82
C ALA C 268 -11.66 -56.18 -36.78
N GLY C 269 -10.47 -56.78 -36.89
CA GLY C 269 -9.32 -56.41 -36.09
C GLY C 269 -8.09 -56.34 -36.97
N ILE C 270 -7.37 -55.21 -36.92
CA ILE C 270 -6.39 -54.86 -37.95
C ILE C 270 -4.99 -54.93 -37.37
N GLY C 271 -4.08 -55.55 -38.11
CA GLY C 271 -2.67 -55.61 -37.76
C GLY C 271 -1.77 -54.95 -38.79
N ILE C 272 -2.17 -53.75 -39.26
CA ILE C 272 -1.49 -53.09 -40.36
C ILE C 272 0.00 -52.98 -40.07
N ASN C 273 0.81 -53.15 -41.12
CA ASN C 273 2.26 -53.02 -41.04
C ASN C 273 2.76 -52.25 -42.25
N ALA C 274 3.52 -51.19 -42.00
CA ALA C 274 4.02 -50.33 -43.06
C ALA C 274 5.49 -49.96 -42.81
N GLY C 275 6.29 -50.95 -42.42
CA GLY C 275 7.70 -50.69 -42.16
C GLY C 275 8.57 -50.73 -43.40
N ARG C 276 7.96 -50.64 -44.58
CA ARG C 276 8.69 -50.77 -45.84
C ARG C 276 8.22 -49.75 -46.85
N ILE C 277 8.04 -48.50 -46.43
CA ILE C 277 7.51 -47.50 -47.35
C ILE C 277 8.64 -46.73 -48.03
N ARG C 278 9.43 -45.97 -47.28
CA ARG C 278 10.50 -45.14 -47.82
C ARG C 278 11.17 -44.44 -46.65
N GLY C 279 12.41 -43.99 -46.88
CA GLY C 279 13.06 -43.11 -45.94
C GLY C 279 12.81 -41.66 -46.27
N LEU C 280 13.86 -40.84 -46.27
CA LEU C 280 13.78 -39.44 -46.70
C LEU C 280 14.99 -39.08 -47.53
N ASP C 281 15.47 -40.04 -48.34
CA ASP C 281 16.74 -39.84 -49.03
C ASP C 281 16.57 -39.00 -50.30
N SER C 282 15.84 -39.54 -51.29
CA SER C 282 15.72 -38.88 -52.58
C SER C 282 14.72 -39.61 -53.48
N GLU C 283 14.52 -39.08 -54.68
CA GLU C 283 13.72 -39.73 -55.71
C GLU C 283 14.56 -39.83 -56.98
N ILE C 284 14.59 -41.02 -57.56
CA ILE C 284 15.50 -41.28 -58.69
C ILE C 284 15.07 -40.47 -59.90
N ARG C 285 13.82 -40.64 -60.34
CA ARG C 285 13.37 -40.02 -61.59
C ARG C 285 13.04 -38.54 -61.44
N GLY C 286 13.45 -37.90 -60.34
CA GLY C 286 13.23 -36.47 -60.18
C GLY C 286 12.03 -36.14 -59.34
N GLY C 287 12.27 -35.64 -58.14
CA GLY C 287 11.20 -35.31 -57.21
C GLY C 287 11.64 -35.44 -55.77
N GLU C 288 10.73 -35.17 -54.83
CA GLU C 288 11.06 -35.27 -53.43
C GLU C 288 11.16 -36.74 -53.02
N ALA C 289 11.89 -36.98 -51.93
CA ALA C 289 12.12 -38.34 -51.44
C ALA C 289 10.82 -39.02 -51.04
N ARG C 290 10.18 -38.55 -49.97
CA ARG C 290 8.97 -39.19 -49.49
C ARG C 290 7.93 -38.20 -48.97
N HIS C 291 8.11 -36.90 -49.19
CA HIS C 291 7.23 -35.87 -48.65
C HIS C 291 7.13 -35.99 -47.13
N THR C 292 8.28 -35.77 -46.49
CA THR C 292 8.49 -35.84 -45.03
C THR C 292 8.40 -37.26 -44.49
N GLY C 293 8.34 -38.28 -45.34
CA GLY C 293 8.36 -39.65 -44.88
C GLY C 293 7.02 -40.21 -44.46
N CYS C 294 6.99 -40.91 -43.33
CA CYS C 294 5.79 -41.62 -42.90
C CYS C 294 4.80 -40.72 -42.19
N ILE C 295 5.20 -39.51 -41.80
CA ILE C 295 4.30 -38.64 -41.03
C ILE C 295 3.01 -38.34 -41.76
N PRO C 296 3.01 -37.91 -43.04
CA PRO C 296 1.73 -37.65 -43.71
C PRO C 296 1.05 -38.93 -44.16
N PHE C 297 1.83 -39.97 -44.45
CA PHE C 297 1.25 -41.21 -44.95
C PHE C 297 0.43 -41.91 -43.87
N PHE C 298 0.91 -41.90 -42.63
CA PHE C 298 0.19 -42.56 -41.55
C PHE C 298 -1.12 -41.86 -41.22
N LYS C 299 -1.24 -40.57 -41.55
CA LYS C 299 -2.52 -39.89 -41.35
C LYS C 299 -3.62 -40.54 -42.17
N MET C 300 -3.29 -41.04 -43.36
CA MET C 300 -4.28 -41.73 -44.18
C MET C 300 -4.82 -42.95 -43.46
N PHE C 301 -3.94 -43.79 -42.92
CA PHE C 301 -4.38 -44.97 -42.19
C PHE C 301 -5.15 -44.60 -40.94
N GLN C 302 -4.69 -43.55 -40.24
CA GLN C 302 -5.39 -43.12 -39.03
C GLN C 302 -6.82 -42.68 -39.34
N ALA C 303 -7.00 -41.93 -40.42
CA ALA C 303 -8.36 -41.54 -40.82
C ALA C 303 -9.15 -42.73 -41.32
N ALA C 304 -8.49 -43.70 -41.96
CA ALA C 304 -9.20 -44.86 -42.48
C ALA C 304 -9.77 -45.70 -41.36
N VAL C 305 -8.95 -46.03 -40.36
CA VAL C 305 -9.44 -46.84 -39.25
C VAL C 305 -10.48 -46.08 -38.43
N LYS C 306 -10.45 -44.75 -38.45
CA LYS C 306 -11.47 -43.96 -37.78
C LYS C 306 -12.62 -43.78 -38.76
N SER C 307 -13.54 -44.74 -38.74
CA SER C 307 -14.63 -44.79 -39.71
C SER C 307 -15.84 -45.42 -39.01
N CYS C 308 -16.78 -45.90 -39.82
CA CYS C 308 -18.00 -46.51 -39.31
C CYS C 308 -17.68 -47.59 -38.27
N SER C 309 -18.65 -47.84 -37.39
CA SER C 309 -18.48 -48.82 -36.33
C SER C 309 -18.23 -50.21 -36.91
N GLN C 310 -17.47 -51.01 -36.18
CA GLN C 310 -17.12 -52.35 -36.63
C GLN C 310 -18.32 -53.27 -36.52
N GLY C 311 -19.30 -53.09 -37.42
CA GLY C 311 -20.52 -53.85 -37.40
C GLY C 311 -21.67 -53.21 -36.65
N GLY C 312 -21.42 -52.11 -35.94
CA GLY C 312 -22.44 -51.44 -35.18
C GLY C 312 -22.44 -51.71 -33.69
N VAL C 313 -21.28 -52.03 -33.11
CA VAL C 313 -21.18 -52.31 -31.69
C VAL C 313 -20.19 -51.36 -31.01
N ARG C 314 -19.04 -51.11 -31.62
CA ARG C 314 -18.01 -50.28 -31.01
C ARG C 314 -17.17 -49.67 -32.12
N GLY C 315 -16.06 -49.03 -31.74
CA GLY C 315 -15.17 -48.43 -32.71
C GLY C 315 -13.82 -49.12 -32.78
N GLY C 316 -13.45 -49.59 -33.97
CA GLY C 316 -12.20 -50.30 -34.12
C GLY C 316 -10.99 -49.39 -34.00
N ALA C 317 -9.84 -50.02 -33.81
CA ALA C 317 -8.58 -49.30 -33.67
C ALA C 317 -7.45 -50.20 -34.13
N ALA C 318 -6.76 -49.80 -35.18
CA ALA C 318 -5.71 -50.62 -35.77
C ALA C 318 -4.42 -50.46 -34.96
N THR C 319 -3.33 -51.04 -35.46
CA THR C 319 -2.05 -51.01 -34.77
C THR C 319 -0.95 -51.15 -35.81
N LEU C 320 -0.13 -50.11 -35.98
CA LEU C 320 0.91 -50.10 -36.97
C LEU C 320 2.23 -50.60 -36.37
N PHE C 321 3.19 -50.88 -37.25
CA PHE C 321 4.50 -51.37 -36.85
C PHE C 321 5.56 -50.80 -37.78
N TYR C 322 6.78 -50.74 -37.27
CA TYR C 322 7.92 -50.29 -38.05
C TYR C 322 9.20 -50.71 -37.35
N PRO C 323 10.27 -51.00 -38.10
CA PRO C 323 11.50 -51.46 -37.49
C PRO C 323 12.29 -50.31 -36.84
N LEU C 324 13.13 -50.68 -35.89
CA LEU C 324 13.89 -49.69 -35.14
C LEU C 324 15.02 -49.10 -35.98
N TRP C 325 15.58 -49.87 -36.92
CA TRP C 325 16.69 -49.40 -37.74
C TRP C 325 16.23 -48.47 -38.85
N HIS C 326 14.98 -48.04 -38.86
CA HIS C 326 14.49 -47.13 -39.89
C HIS C 326 15.21 -45.79 -39.79
N ILE C 327 15.62 -45.26 -40.95
CA ILE C 327 16.30 -43.97 -40.97
C ILE C 327 15.46 -42.91 -40.31
N GLU C 328 14.14 -42.95 -40.51
CA GLU C 328 13.24 -42.16 -39.69
C GLU C 328 13.15 -42.81 -38.32
N ALA C 329 13.95 -42.32 -37.39
CA ALA C 329 14.14 -42.98 -36.09
C ALA C 329 12.95 -42.68 -35.18
N GLU C 330 13.11 -42.95 -33.89
CA GLU C 330 12.06 -42.74 -32.91
C GLU C 330 11.68 -41.27 -32.79
N SER C 331 12.31 -40.41 -33.60
CA SER C 331 11.86 -39.03 -33.72
C SER C 331 10.39 -38.97 -34.11
N LEU C 332 9.88 -40.01 -34.76
CA LEU C 332 8.46 -40.13 -35.04
C LEU C 332 7.69 -40.86 -33.95
N LEU C 333 8.39 -41.56 -33.05
CA LEU C 333 7.73 -42.29 -31.99
C LEU C 333 7.00 -41.37 -31.02
N VAL C 334 7.41 -40.11 -30.94
CA VAL C 334 6.75 -39.14 -30.08
C VAL C 334 5.32 -38.86 -30.53
N LEU C 335 4.93 -39.36 -31.71
CA LEU C 335 3.60 -39.08 -32.24
C LEU C 335 2.47 -39.51 -31.32
N LYS C 336 2.76 -40.35 -30.32
CA LYS C 336 1.77 -40.75 -29.34
C LYS C 336 1.82 -39.90 -28.08
N ASN C 337 2.79 -39.02 -27.95
CA ASN C 337 2.88 -38.16 -26.79
C ASN C 337 1.77 -37.12 -26.79
N ASN C 338 1.51 -36.55 -25.62
CA ASN C 338 0.44 -35.56 -25.46
C ASN C 338 0.95 -34.13 -25.68
N ARG C 339 1.93 -33.72 -24.89
CA ARG C 339 2.44 -32.35 -24.96
C ARG C 339 3.30 -32.19 -26.21
N GLY C 340 2.84 -31.37 -27.14
CA GLY C 340 3.60 -31.13 -28.36
C GLY C 340 2.75 -30.39 -29.37
N VAL C 341 3.43 -29.95 -30.44
CA VAL C 341 2.78 -29.24 -31.53
C VAL C 341 1.90 -30.20 -32.32
N GLU C 342 1.04 -29.66 -33.18
CA GLU C 342 0.14 -30.47 -33.97
C GLU C 342 0.75 -30.90 -35.30
N ASP C 343 2.08 -30.83 -35.44
CA ASP C 343 2.73 -31.29 -36.66
C ASP C 343 2.53 -32.79 -36.84
N ASN C 344 2.90 -33.58 -35.84
CA ASN C 344 2.74 -35.04 -35.91
C ASN C 344 2.49 -35.54 -34.48
N ARG C 345 1.21 -35.60 -34.10
CA ARG C 345 0.81 -36.11 -32.79
C ARG C 345 -0.45 -36.94 -32.91
N ILE C 346 -0.53 -37.80 -33.93
CA ILE C 346 -1.75 -38.56 -34.18
C ILE C 346 -1.89 -39.66 -33.13
N ARG C 347 -2.67 -39.39 -32.09
CA ARG C 347 -2.89 -40.34 -31.00
C ARG C 347 -4.22 -41.06 -31.19
N GLN C 348 -4.23 -41.98 -32.15
CA GLN C 348 -5.40 -42.79 -32.42
C GLN C 348 -5.09 -44.25 -32.71
N LEU C 349 -3.83 -44.66 -32.65
CA LEU C 349 -3.41 -46.00 -33.02
C LEU C 349 -2.69 -46.67 -31.85
N ASP C 350 -2.22 -47.88 -32.09
CA ASP C 350 -1.40 -48.64 -31.15
C ASP C 350 -0.08 -48.93 -31.87
N TYR C 351 0.88 -48.03 -31.72
CA TYR C 351 2.14 -48.16 -32.44
C TYR C 351 2.89 -49.42 -32.03
N GLY C 352 3.73 -49.91 -32.92
CA GLY C 352 4.52 -51.09 -32.65
C GLY C 352 5.90 -50.96 -33.24
N VAL C 353 6.87 -51.60 -32.57
CA VAL C 353 8.26 -51.56 -32.98
C VAL C 353 8.83 -52.97 -32.89
N GLN C 354 9.71 -53.31 -33.83
CA GLN C 354 10.29 -54.64 -33.90
C GLN C 354 11.60 -54.69 -33.12
N ILE C 355 11.90 -55.87 -32.57
CA ILE C 355 13.11 -56.08 -31.79
C ILE C 355 13.58 -57.51 -32.01
N ASN C 356 14.90 -57.69 -32.05
CA ASN C 356 15.52 -58.99 -32.25
C ASN C 356 16.49 -59.29 -31.10
N ARG C 357 17.22 -60.40 -31.24
CA ARG C 357 18.13 -60.85 -30.20
C ARG C 357 19.42 -60.05 -30.15
N LEU C 358 19.70 -59.23 -31.16
CA LEU C 358 20.98 -58.54 -31.27
C LEU C 358 20.93 -57.08 -30.82
N LEU C 359 19.79 -56.42 -30.95
CA LEU C 359 19.70 -55.00 -30.60
C LEU C 359 19.95 -54.79 -29.11
N TYR C 360 19.26 -55.57 -28.26
CA TYR C 360 19.50 -55.49 -26.83
C TYR C 360 20.96 -55.82 -26.50
N THR C 361 21.55 -56.75 -27.26
CA THR C 361 22.96 -57.07 -27.05
C THR C 361 23.86 -55.90 -27.44
N ARG C 362 23.52 -55.21 -28.53
CA ARG C 362 24.28 -54.03 -28.92
C ARG C 362 24.16 -52.93 -27.89
N LEU C 363 23.01 -52.83 -27.22
CA LEU C 363 22.88 -51.85 -26.14
C LEU C 363 23.70 -52.27 -24.92
N ILE C 364 23.63 -53.54 -24.55
CA ILE C 364 24.39 -54.02 -23.39
C ILE C 364 25.88 -53.79 -23.61
N LYS C 365 26.38 -54.09 -24.82
CA LYS C 365 27.76 -53.82 -25.14
C LYS C 365 28.04 -52.32 -25.23
N GLY C 366 27.00 -51.53 -25.52
CA GLY C 366 27.14 -50.09 -25.65
C GLY C 366 27.26 -49.58 -27.06
N GLY C 367 26.99 -50.41 -28.08
CA GLY C 367 27.13 -49.96 -29.45
C GLY C 367 26.05 -48.96 -29.81
N ASN C 368 26.47 -47.85 -30.41
CA ASN C 368 25.53 -46.81 -30.86
C ASN C 368 24.88 -47.29 -32.16
N ILE C 369 23.61 -47.66 -32.08
CA ILE C 369 22.91 -48.19 -33.24
C ILE C 369 22.83 -47.12 -34.33
N THR C 370 23.07 -47.53 -35.57
CA THR C 370 23.04 -46.64 -36.73
C THR C 370 21.86 -47.05 -37.61
N LEU C 371 20.81 -46.24 -37.59
CA LEU C 371 19.64 -46.48 -38.43
C LEU C 371 19.91 -46.06 -39.86
N PHE C 372 19.17 -46.68 -40.78
CA PHE C 372 19.39 -46.50 -42.20
C PHE C 372 18.06 -46.63 -42.94
N SER C 373 18.10 -46.43 -44.26
CA SER C 373 16.93 -46.44 -45.13
C SER C 373 16.65 -47.85 -45.64
N PRO C 374 15.39 -48.27 -45.61
CA PRO C 374 15.06 -49.64 -46.04
C PRO C 374 15.25 -49.86 -47.52
N ASN C 375 14.68 -48.97 -48.34
CA ASN C 375 14.72 -49.15 -49.79
C ASN C 375 16.08 -48.82 -50.38
N GLU C 376 16.88 -47.96 -49.72
CA GLU C 376 18.18 -47.60 -50.25
C GLU C 376 19.16 -48.77 -50.23
N VAL C 377 18.92 -49.77 -49.37
CA VAL C 377 19.77 -50.94 -49.28
C VAL C 377 18.98 -52.15 -49.75
N SER C 378 19.69 -53.19 -50.16
CA SER C 378 19.08 -54.41 -50.67
C SER C 378 19.44 -55.60 -49.79
N GLY C 379 18.47 -56.50 -49.61
CA GLY C 379 18.69 -57.68 -48.81
C GLY C 379 18.86 -57.40 -47.32
N LEU C 380 18.09 -56.46 -46.79
CA LEU C 380 18.18 -56.10 -45.37
C LEU C 380 16.87 -56.35 -44.62
N TYR C 381 15.74 -55.92 -45.18
CA TYR C 381 14.47 -56.07 -44.48
C TYR C 381 14.10 -57.53 -44.29
N GLU C 382 14.15 -58.31 -45.37
CA GLU C 382 13.90 -59.75 -45.24
C GLU C 382 14.99 -60.41 -44.40
N ALA C 383 16.23 -59.91 -44.52
CA ALA C 383 17.31 -60.44 -43.70
C ALA C 383 17.10 -60.15 -42.23
N PHE C 384 16.32 -59.11 -41.91
CA PHE C 384 16.00 -58.83 -40.52
C PHE C 384 15.17 -59.94 -39.89
N PHE C 385 14.61 -60.84 -40.70
CA PHE C 385 13.85 -61.97 -40.20
C PHE C 385 14.42 -63.32 -40.59
N ALA C 386 15.45 -63.37 -41.43
CA ALA C 386 15.89 -64.62 -42.05
C ALA C 386 17.09 -65.24 -41.35
N ASP C 387 18.22 -64.54 -41.29
CA ASP C 387 19.47 -65.13 -40.82
C ASP C 387 20.22 -64.11 -40.00
N GLN C 388 21.45 -64.47 -39.62
CA GLN C 388 22.31 -63.62 -38.80
C GLN C 388 23.67 -63.35 -39.43
N ASP C 389 24.25 -64.34 -40.12
CA ASP C 389 25.58 -64.16 -40.71
C ASP C 389 25.57 -63.07 -41.77
N GLU C 390 24.74 -63.25 -42.81
CA GLU C 390 24.64 -62.23 -43.84
C GLU C 390 24.10 -60.92 -43.28
N PHE C 391 23.15 -61.02 -42.33
CA PHE C 391 22.59 -59.81 -41.73
C PHE C 391 23.66 -59.01 -41.01
N GLU C 392 24.44 -59.67 -40.15
CA GLU C 392 25.50 -58.97 -39.45
C GLU C 392 26.57 -58.47 -40.41
N ARG C 393 26.92 -59.27 -41.42
CA ARG C 393 27.92 -58.84 -42.39
C ARG C 393 27.48 -57.56 -43.09
N LEU C 394 26.21 -57.49 -43.51
CA LEU C 394 25.72 -56.28 -44.14
C LEU C 394 25.65 -55.12 -43.15
N TYR C 395 25.24 -55.40 -41.91
CA TYR C 395 25.13 -54.36 -40.91
C TYR C 395 26.49 -53.72 -40.61
N THR C 396 27.55 -54.50 -40.68
CA THR C 396 28.90 -53.95 -40.46
C THR C 396 29.50 -53.34 -41.73
N LYS C 397 29.21 -53.96 -42.87
CA LYS C 397 29.71 -53.51 -44.20
C LYS C 397 29.22 -52.09 -44.51
N TYR C 398 28.02 -51.73 -44.03
CA TYR C 398 27.49 -50.36 -44.25
C TYR C 398 28.20 -49.44 -43.26
N GLU C 399 28.36 -49.92 -42.02
CA GLU C 399 29.11 -49.15 -40.99
C GLU C 399 30.48 -48.88 -41.60
N GLN C 400 30.81 -49.65 -42.64
CA GLN C 400 32.06 -49.49 -43.37
C GLN C 400 31.86 -48.72 -44.67
N ASP C 401 30.72 -48.91 -45.32
CA ASP C 401 30.44 -48.24 -46.59
C ASP C 401 30.14 -46.76 -46.37
N PRO C 402 30.99 -45.85 -46.82
CA PRO C 402 30.79 -44.43 -46.52
C PRO C 402 29.68 -43.77 -47.33
N ASN C 403 29.62 -44.06 -48.63
CA ASN C 403 28.77 -43.27 -49.53
C ASN C 403 27.32 -43.73 -49.53
N ILE C 404 26.74 -43.90 -48.33
CA ILE C 404 25.31 -44.11 -48.16
C ILE C 404 24.89 -43.44 -46.87
N ARG C 405 23.80 -42.63 -46.88
CA ARG C 405 23.30 -41.71 -45.78
C ARG C 405 22.49 -42.37 -44.63
N LYS C 406 23.02 -42.38 -43.40
CA LYS C 406 22.54 -43.08 -42.21
C LYS C 406 22.54 -42.10 -41.05
N ARG C 407 22.07 -42.58 -39.89
CA ARG C 407 22.03 -41.75 -38.69
C ARG C 407 22.39 -42.59 -37.48
N ILE C 408 23.49 -42.26 -36.83
CA ILE C 408 23.97 -43.00 -35.67
C ILE C 408 23.55 -42.28 -34.40
N ILE C 409 23.31 -43.07 -33.35
CA ILE C 409 22.90 -42.53 -32.05
C ILE C 409 23.16 -43.58 -30.99
N PRO C 410 23.56 -43.19 -29.78
CA PRO C 410 23.75 -44.19 -28.71
C PRO C 410 22.45 -44.89 -28.37
N ALA C 411 22.55 -46.19 -28.11
CA ALA C 411 21.35 -46.97 -27.82
C ALA C 411 20.66 -46.52 -26.54
N ALA C 412 21.42 -45.95 -25.61
CA ALA C 412 20.86 -45.55 -24.33
C ALA C 412 19.80 -44.48 -24.49
N ASP C 413 20.10 -43.43 -25.26
CA ASP C 413 19.16 -42.34 -25.43
C ASP C 413 17.90 -42.82 -26.15
N LEU C 414 18.06 -43.62 -27.20
CA LEU C 414 16.91 -44.12 -27.94
C LEU C 414 16.02 -45.00 -27.06
N PHE C 415 16.63 -45.92 -26.31
CA PHE C 415 15.85 -46.80 -25.44
C PHE C 415 15.16 -46.00 -24.34
N SER C 416 15.85 -44.99 -23.79
CA SER C 416 15.24 -44.17 -22.74
C SER C 416 14.05 -43.40 -23.28
N THR C 417 14.18 -42.82 -24.48
CA THR C 417 13.05 -42.12 -25.08
C THR C 417 11.89 -43.06 -25.34
N LEU C 418 12.18 -44.26 -25.87
CA LEU C 418 11.12 -45.23 -26.14
C LEU C 418 10.40 -45.61 -24.86
N MET C 419 11.15 -45.89 -23.80
CA MET C 419 10.53 -46.32 -22.55
C MET C 419 9.76 -45.19 -21.90
N GLN C 420 10.25 -43.95 -22.01
CA GLN C 420 9.51 -42.81 -21.48
C GLN C 420 8.20 -42.62 -22.23
N GLU C 421 8.24 -42.73 -23.55
CA GLU C 421 7.01 -42.62 -24.34
C GLU C 421 6.04 -43.73 -23.98
N ARG C 422 6.54 -44.95 -23.74
CA ARG C 422 5.67 -46.04 -23.35
C ARG C 422 5.03 -45.79 -22.00
N ALA C 423 5.82 -45.35 -21.02
CA ALA C 423 5.28 -45.09 -19.70
C ALA C 423 4.32 -43.91 -19.71
N GLY C 424 4.49 -42.97 -20.62
CA GLY C 424 3.60 -41.85 -20.73
C GLY C 424 2.28 -42.19 -21.39
N THR C 425 2.33 -42.63 -22.65
CA THR C 425 1.10 -42.94 -23.37
C THR C 425 0.45 -44.22 -22.86
N GLY C 426 1.25 -45.20 -22.46
CA GLY C 426 0.69 -46.44 -21.96
C GLY C 426 0.01 -47.29 -23.00
N ARG C 427 0.42 -47.17 -24.26
CA ARG C 427 -0.19 -47.97 -25.32
C ARG C 427 0.82 -48.49 -26.35
N ILE C 428 2.12 -48.26 -26.15
CA ILE C 428 3.12 -48.67 -27.13
C ILE C 428 3.44 -50.15 -26.93
N TYR C 429 3.23 -50.94 -27.96
CA TYR C 429 3.49 -52.37 -27.91
C TYR C 429 4.78 -52.71 -28.63
N ILE C 430 5.40 -53.83 -28.23
CA ILE C 430 6.64 -54.31 -28.82
C ILE C 430 6.51 -55.80 -29.10
N GLN C 431 6.97 -56.22 -30.27
CA GLN C 431 6.92 -57.62 -30.68
C GLN C 431 8.32 -58.20 -30.75
N ASN C 432 8.48 -59.41 -30.24
CA ASN C 432 9.76 -60.12 -30.21
C ASN C 432 9.79 -61.06 -31.42
N VAL C 433 10.36 -60.56 -32.52
CA VAL C 433 10.34 -61.33 -33.77
C VAL C 433 11.22 -62.57 -33.67
N ASP C 434 12.24 -62.55 -32.81
CA ASP C 434 13.11 -63.71 -32.67
C ASP C 434 12.34 -64.89 -32.09
N HIS C 435 11.58 -64.66 -31.03
CA HIS C 435 10.73 -65.70 -30.46
C HIS C 435 9.44 -65.90 -31.25
N CYS C 436 9.16 -65.04 -32.23
CA CYS C 436 7.96 -65.17 -33.03
C CYS C 436 8.09 -66.21 -34.15
N ASN C 437 9.26 -66.83 -34.29
CA ASN C 437 9.46 -67.84 -35.33
C ASN C 437 9.99 -69.13 -34.74
N THR C 438 10.82 -69.01 -33.70
CA THR C 438 11.41 -70.17 -33.05
C THR C 438 10.41 -71.01 -32.29
N HIS C 439 9.14 -70.59 -32.22
CA HIS C 439 8.12 -71.37 -31.55
C HIS C 439 6.81 -71.46 -32.34
N SER C 440 6.72 -70.86 -33.52
CA SER C 440 5.50 -70.93 -34.30
C SER C 440 5.38 -72.29 -34.96
N PRO C 441 4.15 -72.82 -35.09
CA PRO C 441 3.98 -74.09 -35.81
C PRO C 441 4.26 -73.98 -37.29
N PHE C 442 4.38 -72.78 -37.84
CA PHE C 442 4.69 -72.60 -39.24
C PHE C 442 6.15 -72.97 -39.51
N ASP C 443 6.54 -72.90 -40.78
CA ASP C 443 7.91 -73.16 -41.17
C ASP C 443 8.61 -71.85 -41.45
N PRO C 444 9.50 -71.38 -40.58
CA PRO C 444 10.17 -70.10 -40.78
C PRO C 444 11.30 -70.14 -41.80
N ARG C 445 11.01 -70.70 -42.97
CA ARG C 445 12.01 -70.78 -44.04
C ARG C 445 11.45 -70.26 -45.35
N VAL C 446 10.14 -70.38 -45.55
CA VAL C 446 9.51 -69.94 -46.79
C VAL C 446 8.44 -68.89 -46.58
N ALA C 447 7.92 -68.71 -45.36
CA ALA C 447 6.90 -67.70 -45.11
C ALA C 447 6.91 -67.30 -43.64
N PRO C 448 7.81 -66.42 -43.23
CA PRO C 448 7.87 -65.99 -41.83
C PRO C 448 6.76 -65.00 -41.51
N VAL C 449 6.64 -64.68 -40.22
CA VAL C 449 5.66 -63.70 -39.77
C VAL C 449 6.28 -62.31 -39.87
N HIS C 450 5.42 -61.30 -39.96
CA HIS C 450 5.89 -59.93 -40.09
C HIS C 450 5.17 -58.91 -39.20
N GLN C 451 4.02 -59.25 -38.62
CA GLN C 451 3.28 -58.28 -37.82
C GLN C 451 2.38 -59.04 -36.85
N SER C 452 1.51 -58.31 -36.17
CA SER C 452 0.59 -58.89 -35.21
C SER C 452 -0.66 -58.03 -35.14
N ASN C 453 -1.77 -58.63 -34.71
CA ASN C 453 -3.03 -57.90 -34.66
C ASN C 453 -3.02 -56.90 -33.51
N LEU C 454 -4.06 -56.05 -33.49
CA LEU C 454 -4.12 -54.94 -32.55
C LEU C 454 -4.07 -55.40 -31.10
N CYS C 455 -4.50 -56.63 -30.82
CA CYS C 455 -4.50 -57.18 -29.49
C CYS C 455 -3.23 -57.95 -29.17
N MET C 456 -2.42 -58.25 -30.18
CA MET C 456 -1.08 -58.84 -30.01
C MET C 456 -1.14 -60.22 -29.37
N GLU C 457 -1.83 -61.14 -30.06
CA GLU C 457 -1.92 -62.52 -29.61
C GLU C 457 -1.83 -63.54 -30.73
N ILE C 458 -1.60 -63.12 -31.98
CA ILE C 458 -1.65 -64.02 -33.12
C ILE C 458 -0.56 -63.65 -34.10
N ALA C 459 -0.26 -64.59 -35.00
CA ALA C 459 0.75 -64.39 -36.03
C ALA C 459 0.46 -65.33 -37.19
N LEU C 460 0.77 -64.86 -38.40
CA LEU C 460 0.56 -65.63 -39.61
C LEU C 460 1.30 -64.95 -40.76
N PRO C 461 1.72 -65.70 -41.77
CA PRO C 461 2.40 -65.07 -42.92
C PRO C 461 1.46 -64.16 -43.67
N THR C 462 2.04 -63.18 -44.35
CA THR C 462 1.28 -62.20 -45.11
C THR C 462 2.05 -61.81 -46.36
N LYS C 463 1.34 -61.62 -47.46
CA LYS C 463 1.93 -61.22 -48.72
C LYS C 463 1.29 -59.93 -49.20
N PRO C 464 2.08 -58.93 -49.60
CA PRO C 464 1.49 -57.66 -50.06
C PRO C 464 0.74 -57.82 -51.38
N LEU C 465 0.16 -56.73 -51.87
CA LEU C 465 -0.63 -56.78 -53.09
C LEU C 465 -0.57 -55.43 -53.79
N ASP C 466 -0.78 -55.47 -55.10
CA ASP C 466 -0.76 -54.25 -55.91
C ASP C 466 -2.16 -53.64 -56.06
N ASN C 467 -3.19 -54.47 -56.16
CA ASN C 467 -4.56 -54.00 -56.22
C ASN C 467 -5.47 -55.11 -55.70
N ILE C 468 -6.60 -54.71 -55.14
CA ILE C 468 -7.47 -55.66 -54.43
C ILE C 468 -8.01 -56.73 -55.37
N ASN C 469 -8.24 -56.36 -56.63
CA ASN C 469 -8.82 -57.34 -57.59
C ASN C 469 -7.83 -58.42 -57.98
N ASP C 470 -6.55 -58.33 -57.61
CA ASP C 470 -5.65 -59.36 -58.10
C ASP C 470 -5.48 -60.46 -57.05
N PRO C 471 -5.47 -61.72 -57.48
CA PRO C 471 -5.29 -62.82 -56.52
C PRO C 471 -3.84 -63.05 -56.12
N ASP C 472 -2.91 -62.20 -56.58
CA ASP C 472 -1.51 -62.38 -56.23
C ASP C 472 -1.30 -62.24 -54.72
N GLY C 473 -1.78 -61.15 -54.14
CA GLY C 473 -1.66 -60.95 -52.72
C GLY C 473 -2.51 -61.92 -51.93
N GLU C 474 -2.26 -61.95 -50.63
CA GLU C 474 -2.99 -62.85 -49.74
C GLU C 474 -2.89 -62.33 -48.31
N ILE C 475 -4.04 -62.08 -47.69
CA ILE C 475 -4.11 -61.73 -46.29
C ILE C 475 -4.83 -62.86 -45.55
N ALA C 476 -4.58 -62.94 -44.25
CA ALA C 476 -5.10 -64.02 -43.43
C ALA C 476 -5.93 -63.48 -42.28
N LEU C 477 -6.63 -64.38 -41.62
CA LEU C 477 -7.45 -64.05 -40.46
C LEU C 477 -7.48 -65.27 -39.53
N CYS C 478 -8.34 -65.21 -38.52
CA CYS C 478 -8.46 -66.30 -37.56
C CYS C 478 -9.85 -66.27 -36.95
N THR C 479 -10.08 -67.15 -35.98
CA THR C 479 -11.36 -67.23 -35.29
C THR C 479 -11.10 -67.75 -33.88
N LEU C 480 -11.76 -67.14 -32.90
CA LEU C 480 -11.51 -67.44 -31.50
C LEU C 480 -12.67 -68.19 -30.87
N SER C 481 -12.41 -68.74 -29.69
CA SER C 481 -13.41 -69.32 -28.80
C SER C 481 -12.73 -69.57 -27.46
N ALA C 482 -13.51 -69.96 -26.47
CA ALA C 482 -12.98 -70.11 -25.12
C ALA C 482 -13.76 -71.17 -24.36
N PHE C 483 -13.02 -71.98 -23.59
CA PHE C 483 -13.60 -72.95 -22.68
C PHE C 483 -13.21 -72.59 -21.26
N ASN C 484 -14.16 -72.69 -20.34
CA ASN C 484 -13.95 -72.22 -18.98
C ASN C 484 -12.98 -73.11 -18.22
N LEU C 485 -12.30 -72.52 -17.24
CA LEU C 485 -11.39 -73.23 -16.33
C LEU C 485 -11.82 -72.90 -14.91
N GLY C 486 -12.62 -73.78 -14.31
CA GLY C 486 -13.10 -73.58 -12.96
C GLY C 486 -14.55 -73.96 -12.81
N ALA C 487 -15.32 -73.83 -13.89
CA ALA C 487 -16.72 -74.25 -13.89
C ALA C 487 -16.88 -75.75 -14.06
N LEU C 488 -15.79 -76.51 -14.10
CA LEU C 488 -15.83 -77.94 -14.26
C LEU C 488 -15.63 -78.63 -12.92
N ASN C 489 -15.67 -79.96 -12.94
CA ASN C 489 -15.36 -80.78 -11.78
C ASN C 489 -14.18 -81.71 -12.02
N SER C 490 -14.05 -82.25 -13.22
CA SER C 490 -12.92 -83.11 -13.58
C SER C 490 -12.56 -82.86 -15.03
N LEU C 491 -11.25 -82.76 -15.30
CA LEU C 491 -10.75 -82.47 -16.63
C LEU C 491 -11.02 -83.59 -17.62
N ASP C 492 -11.37 -84.79 -17.15
CA ASP C 492 -11.45 -85.96 -18.02
C ASP C 492 -12.48 -85.74 -19.13
N GLU C 493 -13.59 -85.09 -18.83
CA GLU C 493 -14.63 -84.89 -19.83
C GLU C 493 -14.26 -83.85 -20.87
N LEU C 494 -13.20 -83.06 -20.62
CA LEU C 494 -12.85 -81.95 -21.52
C LEU C 494 -12.72 -82.41 -22.96
N GLU C 495 -12.09 -83.57 -23.18
CA GLU C 495 -11.99 -84.13 -24.52
C GLU C 495 -13.33 -84.09 -25.24
N GLY C 496 -14.35 -84.72 -24.64
CA GLY C 496 -15.68 -84.67 -25.22
C GLY C 496 -16.11 -83.25 -25.56
N LEU C 497 -15.95 -82.34 -24.60
CA LEU C 497 -16.24 -80.93 -24.86
C LEU C 497 -15.51 -80.45 -26.10
N ALA C 498 -14.19 -80.62 -26.12
CA ALA C 498 -13.42 -80.28 -27.31
C ALA C 498 -13.97 -81.03 -28.53
N ASP C 499 -14.23 -82.34 -28.34
CA ASP C 499 -14.73 -83.17 -29.43
C ASP C 499 -15.97 -82.60 -30.07
N LEU C 500 -16.64 -81.66 -29.41
CA LEU C 500 -17.74 -80.94 -30.03
C LEU C 500 -17.26 -79.65 -30.69
N THR C 501 -16.64 -78.77 -29.89
CA THR C 501 -16.53 -77.36 -30.29
C THR C 501 -15.74 -77.20 -31.59
N VAL C 502 -14.58 -77.84 -31.68
CA VAL C 502 -13.77 -77.73 -32.90
C VAL C 502 -14.57 -78.21 -34.09
N ARG C 503 -15.28 -79.34 -33.95
CA ARG C 503 -16.18 -79.79 -35.01
C ARG C 503 -17.11 -78.68 -35.42
N ALA C 504 -17.80 -78.08 -34.45
CA ALA C 504 -18.65 -76.92 -34.73
C ALA C 504 -17.85 -75.84 -35.41
N LEU C 505 -16.67 -75.51 -34.86
CA LEU C 505 -15.85 -74.47 -35.45
C LEU C 505 -15.50 -74.79 -36.88
N ASP C 506 -15.39 -76.07 -37.23
CA ASP C 506 -15.15 -76.45 -38.62
C ASP C 506 -16.23 -75.87 -39.52
N ALA C 507 -17.50 -76.13 -39.19
CA ALA C 507 -18.60 -75.61 -39.98
C ALA C 507 -18.61 -74.09 -40.03
N LEU C 508 -17.91 -73.42 -39.11
CA LEU C 508 -17.86 -71.97 -39.14
C LEU C 508 -17.04 -71.46 -40.31
N LEU C 509 -16.01 -72.20 -40.72
CA LEU C 509 -15.08 -71.67 -41.73
C LEU C 509 -15.72 -71.67 -43.12
N ASP C 510 -16.22 -72.83 -43.55
CA ASP C 510 -16.79 -72.94 -44.89
C ASP C 510 -18.17 -72.30 -45.01
N TYR C 511 -18.62 -71.55 -44.00
CA TYR C 511 -19.95 -70.94 -44.01
C TYR C 511 -19.94 -69.44 -44.19
N GLN C 512 -18.91 -68.74 -43.69
CA GLN C 512 -18.89 -67.29 -43.74
C GLN C 512 -18.46 -66.80 -45.11
N GLY C 513 -18.68 -65.50 -45.33
CA GLY C 513 -18.28 -64.85 -46.56
C GLY C 513 -16.99 -64.06 -46.38
N TYR C 514 -16.47 -63.56 -47.50
CA TYR C 514 -15.22 -62.83 -47.49
C TYR C 514 -15.28 -61.64 -48.45
N PRO C 515 -15.18 -60.41 -47.96
CA PRO C 515 -15.25 -59.24 -48.84
C PRO C 515 -14.08 -59.16 -49.80
N VAL C 516 -12.86 -59.20 -49.26
CA VAL C 516 -11.67 -59.11 -50.10
C VAL C 516 -11.54 -60.40 -50.91
N GLU C 517 -11.45 -60.27 -52.23
CA GLU C 517 -11.37 -61.44 -53.09
C GLU C 517 -10.11 -62.25 -52.81
N ALA C 518 -9.03 -61.58 -52.41
CA ALA C 518 -7.79 -62.29 -52.12
C ALA C 518 -7.77 -62.93 -50.75
N ALA C 519 -8.61 -62.46 -49.82
CA ALA C 519 -8.61 -63.00 -48.47
C ALA C 519 -9.23 -64.38 -48.40
N ARG C 520 -9.96 -64.81 -49.43
CA ARG C 520 -10.67 -66.08 -49.36
C ARG C 520 -9.73 -67.26 -49.47
N THR C 521 -8.76 -67.19 -50.37
CA THR C 521 -7.92 -68.35 -50.68
C THR C 521 -7.07 -68.75 -49.48
N SER C 522 -6.38 -67.78 -48.87
CA SER C 522 -5.47 -68.11 -47.77
C SER C 522 -6.24 -68.69 -46.59
N THR C 523 -7.38 -68.11 -46.25
CA THR C 523 -8.14 -68.60 -45.10
C THR C 523 -8.85 -69.91 -45.40
N MET C 524 -9.16 -70.19 -46.67
CA MET C 524 -9.71 -71.50 -47.00
C MET C 524 -8.63 -72.56 -47.04
N ASP C 525 -7.39 -72.16 -47.29
CA ASP C 525 -6.29 -73.13 -47.34
C ASP C 525 -5.80 -73.46 -45.93
N ARG C 526 -5.32 -72.45 -45.19
CA ARG C 526 -4.72 -72.71 -43.89
C ARG C 526 -5.76 -73.12 -42.86
N ARG C 527 -6.96 -72.53 -42.93
CA ARG C 527 -8.02 -72.77 -41.95
C ARG C 527 -7.55 -72.51 -40.52
N SER C 528 -6.69 -71.50 -40.35
CA SER C 528 -6.11 -71.21 -39.04
C SER C 528 -7.20 -70.95 -38.01
N LEU C 529 -6.95 -71.41 -36.78
CA LEU C 529 -7.95 -71.30 -35.73
C LEU C 529 -7.27 -71.45 -34.37
N GLY C 530 -7.55 -70.52 -33.47
CA GLY C 530 -7.01 -70.56 -32.12
C GLY C 530 -8.04 -70.22 -31.08
N ILE C 531 -8.01 -70.92 -29.94
CA ILE C 531 -8.99 -70.73 -28.88
C ILE C 531 -8.25 -70.61 -27.55
N GLY C 532 -8.96 -70.09 -26.55
CA GLY C 532 -8.34 -69.84 -25.27
C GLY C 532 -9.20 -70.12 -24.05
N VAL C 533 -9.01 -69.32 -22.99
CA VAL C 533 -9.69 -69.50 -21.72
C VAL C 533 -10.05 -68.12 -21.16
N ILE C 534 -11.07 -68.09 -20.30
CA ILE C 534 -11.60 -66.86 -19.74
C ILE C 534 -11.19 -66.67 -18.28
N ASN C 535 -11.54 -67.63 -17.42
CA ASN C 535 -11.34 -67.48 -15.99
C ASN C 535 -10.03 -68.13 -15.57
N TYR C 536 -9.29 -67.45 -14.72
CA TYR C 536 -8.01 -67.95 -14.23
C TYR C 536 -7.88 -67.91 -12.71
N ALA C 537 -8.46 -66.91 -12.06
CA ALA C 537 -8.28 -66.75 -10.62
C ALA C 537 -9.14 -67.73 -9.83
N TYR C 538 -10.36 -68.01 -10.31
CA TYR C 538 -11.24 -68.91 -9.58
C TYR C 538 -10.66 -70.32 -9.52
N TYR C 539 -10.11 -70.81 -10.65
CA TYR C 539 -9.51 -72.13 -10.66
C TYR C 539 -8.30 -72.18 -9.74
N LEU C 540 -7.51 -71.11 -9.73
CA LEU C 540 -6.33 -71.08 -8.87
C LEU C 540 -6.71 -71.07 -7.40
N ALA C 541 -7.76 -70.33 -7.04
CA ALA C 541 -8.21 -70.32 -5.65
C ALA C 541 -8.79 -71.67 -5.25
N LYS C 542 -9.57 -72.29 -6.14
CA LYS C 542 -10.07 -73.63 -5.87
C LYS C 542 -8.94 -74.64 -5.72
N ASN C 543 -7.82 -74.41 -6.43
CA ASN C 543 -6.65 -75.26 -6.26
C ASN C 543 -6.05 -75.09 -4.87
N GLY C 544 -5.72 -73.85 -4.51
CA GLY C 544 -5.21 -73.57 -3.18
C GLY C 544 -3.81 -72.99 -3.14
N VAL C 545 -3.41 -72.30 -4.21
CA VAL C 545 -2.11 -71.64 -4.27
C VAL C 545 -2.31 -70.21 -4.73
N ARG C 546 -1.37 -69.36 -4.34
CA ARG C 546 -1.42 -67.93 -4.64
C ARG C 546 -0.45 -67.61 -5.79
N TYR C 547 -0.27 -66.32 -6.06
CA TYR C 547 0.61 -65.86 -7.12
C TYR C 547 1.93 -65.30 -6.61
N SER C 548 1.97 -64.81 -5.37
CA SER C 548 3.15 -64.09 -4.89
C SER C 548 4.30 -65.04 -4.57
N ASP C 549 4.05 -66.05 -3.74
CA ASP C 549 5.13 -66.92 -3.29
C ASP C 549 5.76 -67.70 -4.44
N GLY C 550 4.93 -68.11 -5.40
CA GLY C 550 5.39 -68.95 -6.48
C GLY C 550 4.89 -70.37 -6.44
N SER C 551 3.94 -70.69 -5.55
CA SER C 551 3.39 -72.04 -5.48
C SER C 551 2.64 -72.43 -6.73
N ALA C 552 2.31 -71.48 -7.60
CA ALA C 552 1.65 -71.75 -8.86
C ALA C 552 2.62 -71.85 -10.02
N LEU C 553 3.93 -71.74 -9.77
CA LEU C 553 4.90 -71.82 -10.85
C LEU C 553 4.89 -73.18 -11.55
N GLY C 554 4.45 -74.23 -10.86
CA GLY C 554 4.35 -75.53 -11.46
C GLY C 554 3.06 -76.23 -11.09
N LEU C 555 2.23 -75.57 -10.29
CA LEU C 555 0.96 -76.16 -9.90
C LEU C 555 0.00 -76.30 -11.08
N THR C 556 0.10 -75.41 -12.06
CA THR C 556 -0.75 -75.48 -13.24
C THR C 556 -0.27 -76.48 -14.27
N HIS C 557 0.88 -77.11 -14.06
CA HIS C 557 1.40 -78.09 -15.00
C HIS C 557 0.82 -79.48 -14.79
N ARG C 558 -0.13 -79.64 -13.88
CA ARG C 558 -0.73 -80.94 -13.63
C ARG C 558 -1.89 -81.24 -14.57
N THR C 559 -2.75 -80.24 -14.79
CA THR C 559 -3.91 -80.40 -15.66
C THR C 559 -3.89 -79.44 -16.84
N PHE C 560 -3.58 -78.16 -16.61
CA PHE C 560 -3.56 -77.19 -17.68
C PHE C 560 -2.51 -77.54 -18.73
N GLU C 561 -1.46 -78.27 -18.34
CA GLU C 561 -0.46 -78.73 -19.28
C GLU C 561 -0.91 -79.94 -20.08
N ALA C 562 -2.17 -80.36 -19.94
CA ALA C 562 -2.70 -81.51 -20.67
C ALA C 562 -3.69 -81.13 -21.76
N ILE C 563 -4.39 -80.01 -21.61
CA ILE C 563 -5.39 -79.64 -22.60
C ILE C 563 -4.73 -79.25 -23.92
N GLN C 564 -3.58 -78.59 -23.85
CA GLN C 564 -2.89 -78.16 -25.07
C GLN C 564 -2.43 -79.36 -25.88
N TYR C 565 -2.17 -80.49 -25.22
CA TYR C 565 -1.74 -81.68 -25.92
C TYR C 565 -2.90 -82.60 -26.29
N TYR C 566 -4.02 -82.51 -25.58
CA TYR C 566 -5.18 -83.35 -25.85
C TYR C 566 -6.19 -82.70 -26.78
N LEU C 567 -6.03 -81.40 -27.06
CA LEU C 567 -6.85 -80.77 -28.09
C LEU C 567 -6.47 -81.25 -29.49
N LEU C 568 -5.18 -81.48 -29.73
CA LEU C 568 -4.74 -82.06 -30.98
C LEU C 568 -5.33 -83.45 -31.18
N LYS C 569 -5.49 -84.21 -30.10
CA LYS C 569 -6.13 -85.52 -30.18
C LYS C 569 -7.56 -85.39 -30.69
N ALA C 570 -8.32 -84.45 -30.14
CA ALA C 570 -9.69 -84.23 -30.60
C ALA C 570 -9.71 -83.78 -32.04
N SER C 571 -8.80 -82.88 -32.42
CA SER C 571 -8.76 -82.41 -33.80
C SER C 571 -8.47 -83.56 -34.77
N ALA C 572 -7.54 -84.44 -34.40
CA ALA C 572 -7.21 -85.57 -35.25
C ALA C 572 -8.39 -86.54 -35.35
N ASN C 573 -8.99 -86.88 -34.21
CA ASN C 573 -10.12 -87.80 -34.23
C ASN C 573 -11.32 -87.23 -34.96
N LEU C 574 -11.45 -85.91 -35.03
CA LEU C 574 -12.58 -85.28 -35.72
C LEU C 574 -12.27 -84.88 -37.15
N ALA C 575 -11.00 -84.93 -37.57
CA ALA C 575 -10.64 -84.57 -38.93
C ALA C 575 -9.82 -85.64 -39.63
N LYS C 576 -9.78 -86.86 -39.10
CA LYS C 576 -9.05 -87.95 -39.76
C LYS C 576 -9.71 -88.38 -41.06
N GLU C 577 -10.94 -87.97 -41.31
CA GLU C 577 -11.65 -88.32 -42.53
C GLU C 577 -12.16 -87.11 -43.29
N TYR C 578 -11.87 -85.90 -42.83
CA TYR C 578 -12.34 -84.68 -43.46
C TYR C 578 -11.31 -84.07 -44.40
N GLY C 579 -10.50 -84.91 -45.05
CA GLY C 579 -9.52 -84.41 -45.99
C GLY C 579 -8.26 -83.92 -45.30
N ALA C 580 -7.66 -82.89 -45.89
CA ALA C 580 -6.39 -82.36 -45.41
C ALA C 580 -6.37 -80.85 -45.61
N CYS C 581 -5.42 -80.20 -44.97
CA CYS C 581 -5.20 -78.77 -45.15
C CYS C 581 -4.40 -78.54 -46.42
N THR C 582 -4.90 -77.68 -47.30
CA THR C 582 -4.26 -77.45 -48.59
C THR C 582 -2.85 -76.88 -48.44
N LEU C 583 -2.54 -76.28 -47.30
CA LEU C 583 -1.22 -75.72 -47.04
C LEU C 583 -0.60 -76.35 -45.80
N PHE C 584 -1.00 -77.57 -45.46
CA PHE C 584 -0.47 -78.23 -44.26
C PHE C 584 1.03 -78.47 -44.37
N ASN C 585 1.53 -78.65 -45.60
CA ASN C 585 2.97 -78.88 -45.78
C ASN C 585 3.79 -77.71 -45.28
N GLN C 586 3.23 -76.50 -45.31
CA GLN C 586 3.92 -75.31 -44.81
C GLN C 586 3.64 -75.17 -43.31
N THR C 587 4.19 -76.11 -42.54
CA THR C 587 4.03 -76.11 -41.09
C THR C 587 5.09 -77.00 -40.48
N VAL C 588 5.71 -76.52 -39.40
CA VAL C 588 6.74 -77.31 -38.73
C VAL C 588 6.17 -78.59 -38.16
N TYR C 589 4.94 -78.52 -37.62
CA TYR C 589 4.29 -79.71 -37.09
C TYR C 589 4.07 -80.78 -38.16
N SER C 590 4.07 -80.39 -39.43
CA SER C 590 3.94 -81.35 -40.52
C SER C 590 5.20 -82.16 -40.75
N GLN C 591 6.26 -81.91 -39.99
CA GLN C 591 7.50 -82.67 -40.16
C GLN C 591 7.51 -83.95 -39.33
N GLY C 592 6.74 -84.02 -38.26
CA GLY C 592 6.68 -85.20 -37.42
C GLY C 592 7.06 -84.96 -35.97
N LYS C 593 7.31 -83.71 -35.56
CA LYS C 593 7.67 -83.39 -34.19
C LYS C 593 6.54 -82.59 -33.56
N LEU C 594 6.02 -83.09 -32.44
CA LEU C 594 4.92 -82.43 -31.76
C LEU C 594 5.44 -81.29 -30.89
N PRO C 595 4.63 -80.26 -30.67
CA PRO C 595 5.06 -79.15 -29.80
C PRO C 595 5.09 -79.53 -28.34
N ILE C 596 5.84 -80.58 -28.00
CA ILE C 596 5.97 -81.03 -26.62
C ILE C 596 7.32 -80.65 -26.02
N ASP C 597 8.35 -80.43 -26.83
CA ASP C 597 9.66 -80.04 -26.32
C ASP C 597 10.35 -78.98 -27.16
N THR C 598 9.72 -78.45 -28.21
CA THR C 598 10.35 -77.50 -29.11
C THR C 598 10.23 -76.07 -28.56
N TYR C 599 10.74 -75.90 -27.34
CA TYR C 599 10.71 -74.63 -26.64
C TYR C 599 12.13 -74.20 -26.29
N LYS C 600 12.42 -72.91 -26.47
CA LYS C 600 13.72 -72.35 -26.14
C LYS C 600 13.68 -71.69 -24.76
N LYS C 601 13.46 -72.51 -23.74
CA LYS C 601 13.38 -72.01 -22.38
C LYS C 601 14.76 -71.56 -21.90
N ASP C 602 14.75 -70.81 -20.80
CA ASP C 602 16.00 -70.34 -20.21
C ASP C 602 16.81 -71.52 -19.68
N LEU C 603 16.20 -72.34 -18.83
CA LEU C 603 16.86 -73.51 -18.27
C LEU C 603 16.08 -74.79 -18.48
N ASP C 604 14.84 -74.72 -18.96
CA ASP C 604 13.96 -75.86 -19.17
C ASP C 604 13.66 -76.62 -17.89
N ALA C 605 14.07 -76.08 -16.73
CA ALA C 605 13.77 -76.71 -15.45
C ALA C 605 13.43 -75.69 -14.37
N VAL C 606 13.19 -74.43 -14.75
CA VAL C 606 12.80 -73.41 -13.78
C VAL C 606 11.53 -73.83 -13.04
N CYS C 607 10.61 -74.47 -13.74
CA CYS C 607 9.38 -75.03 -13.17
C CYS C 607 9.29 -76.51 -13.51
N GLY C 608 10.40 -77.23 -13.29
CA GLY C 608 10.53 -78.62 -13.66
C GLY C 608 9.43 -79.53 -13.16
N GLU C 609 8.90 -80.35 -14.07
CA GLU C 609 7.85 -81.31 -13.75
C GLU C 609 7.89 -82.41 -14.79
N PRO C 610 7.48 -83.63 -14.44
CA PRO C 610 7.54 -84.73 -15.41
C PRO C 610 6.56 -84.50 -16.54
N LEU C 611 6.99 -84.83 -17.77
CA LEU C 611 6.12 -84.74 -18.92
C LEU C 611 4.94 -85.69 -18.73
N HIS C 612 3.75 -85.12 -18.53
CA HIS C 612 2.63 -85.94 -18.08
C HIS C 612 2.04 -86.77 -19.21
N TYR C 613 1.87 -86.18 -20.39
CA TYR C 613 1.21 -86.86 -21.51
C TYR C 613 2.07 -86.73 -22.76
N ASP C 614 2.95 -87.71 -22.97
CA ASP C 614 3.75 -87.79 -24.18
C ASP C 614 3.09 -88.75 -25.18
N TRP C 615 1.95 -88.30 -25.71
CA TRP C 615 1.17 -89.12 -26.63
C TRP C 615 1.82 -89.17 -28.00
N GLU C 616 2.81 -90.05 -28.17
CA GLU C 616 3.44 -90.21 -29.48
C GLU C 616 2.52 -90.84 -30.50
N SER C 617 1.51 -91.59 -30.06
CA SER C 617 0.51 -92.10 -30.98
C SER C 617 -0.22 -90.97 -31.68
N LEU C 618 -0.39 -89.83 -31.00
CA LEU C 618 -1.04 -88.69 -31.61
C LEU C 618 -0.27 -88.19 -32.83
N ARG C 619 1.03 -87.92 -32.67
CA ARG C 619 1.82 -87.48 -33.81
C ARG C 619 1.99 -88.57 -34.84
N ALA C 620 2.01 -89.83 -34.42
CA ALA C 620 2.04 -90.93 -35.37
C ALA C 620 0.84 -90.90 -36.30
N ASP C 621 -0.36 -90.87 -35.72
CA ASP C 621 -1.58 -90.82 -36.53
C ASP C 621 -1.68 -89.51 -37.30
N ILE C 622 -1.08 -88.43 -36.77
CA ILE C 622 -1.09 -87.16 -37.48
C ILE C 622 -0.30 -87.25 -38.77
N VAL C 623 0.94 -87.76 -38.68
CA VAL C 623 1.74 -87.97 -39.89
C VAL C 623 1.08 -88.99 -40.79
N LYS C 624 0.35 -89.95 -40.21
CA LYS C 624 -0.35 -90.95 -41.00
C LYS C 624 -1.42 -90.30 -41.89
N TYR C 625 -2.46 -89.74 -41.26
CA TYR C 625 -3.51 -89.07 -42.00
C TYR C 625 -4.00 -87.78 -41.35
N GLY C 626 -3.48 -87.41 -40.19
CA GLY C 626 -3.97 -86.24 -39.49
C GLY C 626 -3.50 -84.94 -40.10
N LEU C 627 -4.42 -84.22 -40.75
CA LEU C 627 -4.14 -82.92 -41.34
C LEU C 627 -5.31 -81.99 -40.99
N ARG C 628 -5.17 -81.29 -39.87
CA ARG C 628 -6.21 -80.45 -39.32
C ARG C 628 -5.91 -78.98 -39.64
N ASN C 629 -6.66 -78.09 -39.01
CA ASN C 629 -6.42 -76.66 -39.14
C ASN C 629 -4.98 -76.32 -38.78
N SER C 630 -4.45 -75.29 -39.45
CA SER C 630 -3.06 -74.90 -39.24
C SER C 630 -2.79 -74.57 -37.78
N THR C 631 -3.44 -73.52 -37.28
CA THR C 631 -3.30 -73.16 -35.88
C THR C 631 -4.12 -74.10 -35.00
N LEU C 632 -3.76 -74.15 -33.72
CA LEU C 632 -4.43 -75.02 -32.76
C LEU C 632 -5.17 -74.23 -31.69
N THR C 633 -4.47 -73.34 -30.98
CA THR C 633 -5.09 -72.60 -29.88
C THR C 633 -4.36 -71.27 -29.73
N ALA C 634 -4.82 -70.47 -28.77
CA ALA C 634 -4.24 -69.17 -28.50
C ALA C 634 -4.60 -68.78 -27.07
N LEU C 635 -4.40 -67.52 -26.72
CA LEU C 635 -4.81 -67.02 -25.40
C LEU C 635 -5.18 -65.54 -25.57
N MET C 636 -6.46 -65.29 -25.75
CA MET C 636 -7.02 -63.96 -25.89
C MET C 636 -7.54 -63.46 -24.55
N PRO C 637 -7.54 -62.15 -24.32
CA PRO C 637 -8.02 -61.65 -23.02
C PRO C 637 -9.51 -61.77 -22.84
N SER C 638 -10.29 -61.68 -23.92
CA SER C 638 -11.75 -61.76 -23.87
C SER C 638 -12.31 -60.76 -22.85
N GLU C 639 -12.02 -59.48 -23.09
CA GLU C 639 -12.38 -58.46 -22.11
C GLU C 639 -13.88 -58.15 -22.15
N THR C 640 -14.42 -57.92 -23.34
CA THR C 640 -15.85 -57.67 -23.45
C THR C 640 -16.64 -58.93 -23.11
N SER C 641 -16.12 -60.10 -23.45
CA SER C 641 -16.74 -61.35 -23.07
C SER C 641 -16.33 -61.71 -21.65
N SER C 642 -16.59 -62.96 -21.25
CA SER C 642 -16.27 -63.54 -19.95
C SER C 642 -17.11 -62.93 -18.83
N GLN C 643 -17.94 -61.93 -19.13
CA GLN C 643 -18.87 -61.39 -18.14
C GLN C 643 -20.25 -62.02 -18.23
N ILE C 644 -20.55 -62.74 -19.31
CA ILE C 644 -21.80 -63.47 -19.41
C ILE C 644 -21.87 -64.55 -18.34
N ALA C 645 -20.74 -65.18 -18.04
CA ALA C 645 -20.66 -66.20 -17.01
C ALA C 645 -20.11 -65.66 -15.69
N ASN C 646 -19.80 -64.37 -15.62
CA ASN C 646 -19.25 -63.74 -14.42
C ASN C 646 -17.97 -64.43 -13.99
N ALA C 647 -16.97 -64.35 -14.85
CA ALA C 647 -15.65 -64.91 -14.61
C ALA C 647 -14.63 -63.78 -14.48
N THR C 648 -13.37 -64.16 -14.31
CA THR C 648 -12.30 -63.18 -14.21
C THR C 648 -11.84 -62.73 -15.59
N ASN C 649 -11.62 -61.43 -15.73
CA ASN C 649 -11.26 -60.86 -17.02
C ASN C 649 -9.86 -61.32 -17.42
N GLY C 650 -9.79 -62.24 -18.38
CA GLY C 650 -8.51 -62.73 -18.86
C GLY C 650 -7.72 -63.46 -17.78
N ILE C 651 -6.44 -63.68 -18.09
CA ILE C 651 -5.54 -64.34 -17.15
C ILE C 651 -5.08 -63.42 -16.04
N GLU C 652 -5.27 -62.12 -16.17
CA GLU C 652 -4.83 -61.18 -15.15
C GLU C 652 -5.76 -61.25 -13.94
N PRO C 653 -5.23 -61.17 -12.72
CA PRO C 653 -6.08 -61.18 -11.53
C PRO C 653 -6.92 -59.92 -11.47
N PRO C 654 -8.03 -59.94 -10.74
CA PRO C 654 -8.88 -58.75 -10.65
C PRO C 654 -8.21 -57.64 -9.87
N ARG C 655 -8.65 -56.41 -10.16
CA ARG C 655 -8.14 -55.25 -9.45
C ARG C 655 -8.47 -55.32 -7.96
N GLY C 656 -9.59 -55.94 -7.61
CA GLY C 656 -9.96 -56.11 -6.23
C GLY C 656 -11.01 -57.20 -6.09
N LEU C 657 -11.56 -57.30 -4.87
CA LEU C 657 -12.61 -58.28 -4.64
C LEU C 657 -13.86 -57.94 -5.44
N VAL C 658 -14.30 -56.68 -5.38
CA VAL C 658 -15.38 -56.18 -6.22
C VAL C 658 -14.76 -55.23 -7.25
N THR C 659 -15.14 -55.42 -8.51
CA THR C 659 -14.57 -54.64 -9.61
C THR C 659 -15.56 -53.57 -10.02
N VAL C 660 -15.19 -52.31 -9.79
CA VAL C 660 -15.98 -51.17 -10.21
C VAL C 660 -15.49 -50.76 -11.59
N LYS C 661 -16.33 -50.94 -12.60
CA LYS C 661 -15.98 -50.64 -13.98
C LYS C 661 -16.83 -49.49 -14.51
N ALA C 662 -16.29 -48.77 -15.48
CA ALA C 662 -16.97 -47.63 -16.09
C ALA C 662 -16.90 -47.75 -17.60
N SER C 663 -17.93 -47.26 -18.26
CA SER C 663 -18.03 -47.28 -19.71
C SER C 663 -19.04 -46.22 -20.13
N LYS C 664 -19.41 -46.23 -21.41
CA LYS C 664 -20.39 -45.27 -21.91
C LYS C 664 -21.77 -45.48 -21.31
N ASP C 665 -22.07 -46.69 -20.85
CA ASP C 665 -23.38 -46.95 -20.25
C ASP C 665 -23.49 -46.28 -18.89
N GLY C 666 -22.60 -46.62 -17.96
CA GLY C 666 -22.64 -46.06 -16.62
C GLY C 666 -21.52 -46.55 -15.74
N ILE C 667 -21.83 -46.92 -14.51
CA ILE C 667 -20.86 -47.43 -13.55
C ILE C 667 -21.38 -48.78 -13.04
N LEU C 668 -20.73 -49.86 -13.46
CA LEU C 668 -21.11 -51.20 -13.05
C LEU C 668 -20.20 -51.68 -11.93
N LYS C 669 -20.69 -52.68 -11.18
CA LYS C 669 -19.94 -53.25 -10.07
C LYS C 669 -20.07 -54.76 -10.14
N GLN C 670 -19.08 -55.43 -10.72
CA GLN C 670 -19.09 -56.88 -10.82
C GLN C 670 -18.41 -57.50 -9.62
N VAL C 671 -18.73 -58.78 -9.37
CA VAL C 671 -18.19 -59.51 -8.24
C VAL C 671 -17.55 -60.80 -8.74
N VAL C 672 -16.53 -61.25 -8.02
CA VAL C 672 -15.85 -62.51 -8.34
C VAL C 672 -16.70 -63.66 -7.82
N PRO C 673 -16.62 -64.84 -8.42
CA PRO C 673 -17.45 -65.96 -7.96
C PRO C 673 -16.98 -66.49 -6.61
N GLU C 674 -17.90 -67.17 -5.94
CA GLU C 674 -17.63 -67.80 -4.64
C GLU C 674 -17.14 -66.79 -3.62
N PHE C 675 -17.74 -65.58 -3.65
CA PHE C 675 -17.32 -64.54 -2.73
C PHE C 675 -17.67 -64.89 -1.28
N GLU C 676 -18.75 -65.65 -1.07
CA GLU C 676 -19.18 -65.96 0.28
C GLU C 676 -18.24 -66.95 0.95
N THR C 677 -17.95 -68.06 0.27
CA THR C 677 -17.13 -69.11 0.88
C THR C 677 -15.64 -68.84 0.77
N LEU C 678 -15.23 -67.91 -0.07
CA LEU C 678 -13.83 -67.59 -0.30
C LEU C 678 -13.60 -66.09 -0.21
N LYS C 679 -14.10 -65.48 0.87
CA LYS C 679 -13.99 -64.04 1.05
C LYS C 679 -12.55 -63.57 0.90
N ASN C 680 -11.63 -64.18 1.66
CA ASN C 680 -10.21 -63.88 1.55
C ASN C 680 -9.51 -65.14 1.06
N ALA C 681 -9.51 -65.34 -0.25
CA ALA C 681 -8.77 -66.43 -0.88
C ALA C 681 -7.99 -66.00 -2.11
N TYR C 682 -8.39 -64.93 -2.78
CA TYR C 682 -7.68 -64.43 -3.94
C TYR C 682 -6.58 -63.47 -3.51
N GLU C 683 -6.01 -62.74 -4.46
CA GLU C 683 -5.05 -61.69 -4.16
C GLU C 683 -5.28 -60.54 -5.12
N THR C 684 -5.30 -59.32 -4.59
CA THR C 684 -5.48 -58.15 -5.43
C THR C 684 -4.15 -57.76 -6.07
N LEU C 685 -4.20 -57.36 -7.34
CA LEU C 685 -2.99 -56.92 -8.03
C LEU C 685 -2.34 -55.73 -7.32
N TRP C 686 -3.09 -55.01 -6.49
CA TRP C 686 -2.50 -53.99 -5.64
C TRP C 686 -1.60 -54.59 -4.58
N GLN C 687 -1.75 -55.89 -4.27
CA GLN C 687 -0.98 -56.54 -3.22
C GLN C 687 0.11 -57.45 -3.78
N LEU C 688 0.37 -57.40 -5.09
CA LEU C 688 1.41 -58.20 -5.73
C LEU C 688 2.41 -57.27 -6.40
N PRO C 689 3.42 -56.78 -5.66
CA PRO C 689 4.37 -55.85 -6.26
C PRO C 689 5.40 -56.52 -7.17
N GLY C 690 5.65 -57.81 -7.01
CA GLY C 690 6.63 -58.49 -7.83
C GLY C 690 6.07 -59.05 -9.12
N ASN C 691 6.30 -58.34 -10.22
CA ASN C 691 5.87 -58.81 -11.53
C ASN C 691 6.61 -60.07 -11.97
N GLU C 692 7.67 -60.46 -11.26
CA GLU C 692 8.38 -61.69 -11.58
C GLU C 692 7.48 -62.90 -11.44
N GLY C 693 6.52 -62.86 -10.50
CA GLY C 693 5.57 -63.96 -10.40
C GLY C 693 4.68 -64.08 -11.62
N TYR C 694 4.16 -62.95 -12.11
CA TYR C 694 3.36 -62.95 -13.33
C TYR C 694 4.19 -63.42 -14.52
N LEU C 695 5.46 -62.99 -14.59
CA LEU C 695 6.33 -63.42 -15.67
C LEU C 695 6.56 -64.93 -15.62
N LYS C 696 6.80 -65.47 -14.42
CA LYS C 696 7.00 -66.90 -14.28
C LYS C 696 5.73 -67.66 -14.64
N LEU C 697 4.56 -67.09 -14.32
CA LEU C 697 3.31 -67.75 -14.66
C LEU C 697 3.11 -67.81 -16.15
N VAL C 698 3.32 -66.68 -16.85
CA VAL C 698 3.12 -66.69 -18.29
C VAL C 698 4.20 -67.53 -18.97
N GLY C 699 5.38 -67.66 -18.34
CA GLY C 699 6.40 -68.54 -18.88
C GLY C 699 6.05 -70.01 -18.70
N VAL C 700 5.43 -70.35 -17.57
CA VAL C 700 4.92 -71.70 -17.38
C VAL C 700 3.84 -71.98 -18.41
N MET C 701 3.03 -70.98 -18.72
CA MET C 701 2.05 -71.13 -19.81
C MET C 701 2.75 -71.26 -21.15
N GLN C 702 3.95 -70.70 -21.27
CA GLN C 702 4.71 -70.80 -22.52
C GLN C 702 5.08 -72.24 -22.84
N LYS C 703 5.13 -73.09 -21.82
CA LYS C 703 5.45 -74.50 -22.04
C LYS C 703 4.45 -75.19 -22.94
N PHE C 704 3.22 -74.68 -23.04
CA PHE C 704 2.20 -75.33 -23.84
C PHE C 704 1.37 -74.37 -24.68
N VAL C 705 1.69 -73.07 -24.70
CA VAL C 705 0.93 -72.13 -25.52
C VAL C 705 1.18 -72.44 -26.99
N ASP C 706 0.13 -72.26 -27.81
CA ASP C 706 0.21 -72.54 -29.24
C ASP C 706 0.55 -71.30 -30.04
N GLN C 707 -0.30 -70.27 -29.97
CA GLN C 707 -0.12 -69.07 -30.79
C GLN C 707 0.64 -67.98 -30.03
N ALA C 708 0.06 -67.45 -28.96
CA ALA C 708 0.64 -66.35 -28.20
C ALA C 708 -0.26 -66.07 -27.00
N ILE C 709 0.21 -65.15 -26.15
CA ILE C 709 -0.52 -64.72 -24.97
C ILE C 709 -0.52 -63.19 -24.95
N SER C 710 -1.65 -62.61 -24.56
CA SER C 710 -1.78 -61.16 -24.44
C SER C 710 -1.51 -60.77 -22.99
N ALA C 711 -0.22 -60.69 -22.67
CA ALA C 711 0.21 -60.40 -21.31
C ALA C 711 0.00 -58.92 -20.99
N ASN C 712 0.37 -58.55 -19.76
CA ASN C 712 0.27 -57.18 -19.28
C ASN C 712 1.03 -57.06 -17.97
N THR C 713 1.62 -55.89 -17.73
CA THR C 713 2.31 -55.59 -16.49
C THR C 713 1.69 -54.36 -15.85
N ALA C 714 1.92 -54.22 -14.54
CA ALA C 714 1.37 -53.12 -13.77
C ALA C 714 2.23 -52.87 -12.54
N TYR C 715 2.44 -51.61 -12.22
CA TYR C 715 3.22 -51.19 -11.06
C TYR C 715 2.35 -50.37 -10.13
N ASP C 716 2.98 -49.80 -9.10
CA ASP C 716 2.30 -48.93 -8.15
C ASP C 716 3.30 -47.89 -7.63
N PRO C 717 3.09 -46.60 -7.93
CA PRO C 717 4.04 -45.57 -7.47
C PRO C 717 4.17 -45.48 -5.96
N GLY C 718 3.30 -46.14 -5.20
CA GLY C 718 3.40 -46.17 -3.75
C GLY C 718 4.46 -47.10 -3.20
N LYS C 719 5.34 -47.63 -4.06
CA LYS C 719 6.39 -48.53 -3.61
C LYS C 719 7.74 -48.18 -4.24
N PHE C 720 7.95 -46.91 -4.57
CA PHE C 720 9.20 -46.43 -5.13
C PHE C 720 9.85 -45.44 -4.17
N GLU C 721 11.01 -44.93 -4.58
CA GLU C 721 11.77 -44.02 -3.72
C GLU C 721 11.01 -42.74 -3.43
N GLY C 722 10.73 -41.95 -4.47
CA GLY C 722 10.04 -40.70 -4.31
C GLY C 722 8.72 -40.65 -5.04
N ASN C 723 7.99 -41.78 -5.03
CA ASN C 723 6.71 -41.93 -5.71
C ASN C 723 6.82 -41.68 -7.21
N LYS C 724 8.03 -41.72 -7.75
CA LYS C 724 8.27 -41.54 -9.18
C LYS C 724 8.76 -42.85 -9.79
N VAL C 725 8.43 -43.07 -11.06
CA VAL C 725 8.79 -44.30 -11.73
C VAL C 725 10.30 -44.37 -11.90
N SER C 726 10.83 -45.59 -11.88
CA SER C 726 12.26 -45.81 -12.04
C SER C 726 12.60 -45.93 -13.52
N MET C 727 13.83 -46.32 -13.82
CA MET C 727 14.27 -46.53 -15.19
C MET C 727 14.99 -47.85 -15.42
N LYS C 728 15.54 -48.47 -14.37
CA LYS C 728 16.25 -49.74 -14.49
C LYS C 728 15.51 -50.90 -13.88
N GLN C 729 14.74 -50.67 -12.81
CA GLN C 729 13.96 -51.75 -12.21
C GLN C 729 12.95 -52.31 -13.19
N MET C 730 12.14 -51.44 -13.80
CA MET C 730 11.23 -51.90 -14.84
C MET C 730 11.98 -52.38 -16.07
N LEU C 731 13.14 -51.79 -16.34
CA LEU C 731 13.99 -52.32 -17.42
C LEU C 731 14.50 -53.71 -17.06
N LYS C 732 14.83 -53.94 -15.79
CA LYS C 732 15.21 -55.28 -15.35
C LYS C 732 14.06 -56.26 -15.51
N ASP C 733 12.83 -55.81 -15.23
CA ASP C 733 11.68 -56.66 -15.42
C ASP C 733 11.48 -57.01 -16.90
N LEU C 734 11.63 -56.00 -17.77
CA LEU C 734 11.57 -56.26 -19.20
C LEU C 734 12.63 -57.26 -19.64
N LEU C 735 13.84 -57.13 -19.08
CA LEU C 735 14.92 -58.03 -19.48
C LEU C 735 14.66 -59.46 -19.01
N THR C 736 14.18 -59.63 -17.76
CA THR C 736 13.91 -60.98 -17.28
C THR C 736 12.67 -61.57 -17.94
N ALA C 737 11.78 -60.74 -18.48
CA ALA C 737 10.73 -61.24 -19.35
C ALA C 737 11.27 -61.63 -20.72
N TYR C 738 12.31 -60.93 -21.18
CA TYR C 738 13.01 -61.29 -22.40
C TYR C 738 13.86 -62.55 -22.23
N LYS C 739 14.15 -62.95 -20.99
CA LYS C 739 14.91 -64.17 -20.77
C LYS C 739 14.05 -65.40 -21.00
N TYR C 740 12.98 -65.55 -20.23
CA TYR C 740 12.10 -66.71 -20.33
C TYR C 740 10.65 -66.24 -20.37
N GLY C 741 9.84 -66.93 -21.17
CA GLY C 741 8.47 -66.51 -21.38
C GLY C 741 8.38 -65.21 -22.15
N VAL C 742 8.77 -65.24 -23.42
CA VAL C 742 8.96 -64.03 -24.20
C VAL C 742 7.83 -63.87 -25.21
N LYS C 743 6.79 -63.10 -24.83
CA LYS C 743 5.70 -62.82 -25.74
C LYS C 743 5.48 -61.31 -25.86
N THR C 744 4.39 -60.91 -26.50
CA THR C 744 4.14 -59.51 -26.78
C THR C 744 3.98 -58.69 -25.50
N LEU C 745 3.99 -57.38 -25.66
CA LEU C 745 3.82 -56.44 -24.57
C LEU C 745 2.49 -55.71 -24.71
N TYR C 746 2.15 -54.92 -23.69
CA TYR C 746 0.83 -54.30 -23.61
C TYR C 746 0.92 -53.10 -22.69
N TYR C 747 -0.24 -52.62 -22.23
CA TYR C 747 -0.36 -51.44 -21.39
C TYR C 747 0.67 -51.44 -20.27
N HIS C 748 1.23 -50.25 -20.00
CA HIS C 748 2.07 -50.09 -18.83
C HIS C 748 1.27 -50.26 -17.55
N ASN C 749 0.02 -49.80 -17.55
CA ASN C 749 -0.93 -50.03 -16.47
C ASN C 749 -0.41 -49.50 -15.14
N THR C 750 -0.24 -48.18 -15.08
CA THR C 750 0.12 -47.53 -13.83
C THR C 750 -1.09 -47.48 -12.91
N ARG C 751 -0.93 -46.82 -11.76
CA ARG C 751 -2.01 -46.70 -10.78
C ARG C 751 -1.93 -45.31 -10.15
N ASP C 752 -2.91 -44.47 -10.46
CA ASP C 752 -2.95 -43.12 -9.91
C ASP C 752 -3.34 -43.13 -8.44
N LEU D 11 54.93 33.73 -66.63
CA LEU D 11 54.53 34.49 -65.46
C LEU D 11 55.38 35.74 -65.30
N TYR D 12 56.46 35.62 -64.53
CA TYR D 12 57.35 36.74 -64.24
C TYR D 12 58.64 36.18 -63.68
N PHE D 13 59.50 37.07 -63.17
CA PHE D 13 60.81 36.70 -62.65
C PHE D 13 60.93 36.99 -61.15
N GLN D 14 59.89 36.68 -60.39
CA GLN D 14 59.86 36.85 -58.94
C GLN D 14 60.18 38.31 -58.55
N MET D 15 59.28 39.19 -58.96
CA MET D 15 59.50 40.62 -58.79
C MET D 15 59.65 40.99 -57.32
N SER D 16 58.83 40.41 -56.45
CA SER D 16 58.84 40.82 -55.05
C SER D 16 58.28 39.67 -54.20
N TYR D 17 57.93 39.99 -52.96
CA TYR D 17 57.39 39.00 -52.02
C TYR D 17 56.18 38.29 -52.61
N SER D 18 56.11 36.98 -52.37
CA SER D 18 55.07 36.12 -52.93
C SER D 18 54.12 35.66 -51.81
N THR D 19 53.09 34.93 -52.23
CA THR D 19 52.07 34.50 -51.27
C THR D 19 52.60 33.40 -50.35
N PHE D 20 53.33 32.43 -50.89
CA PHE D 20 53.93 31.37 -50.09
C PHE D 20 54.97 30.67 -50.93
N PRO D 21 56.05 30.18 -50.33
CA PRO D 21 57.15 29.61 -51.11
C PRO D 21 56.80 28.23 -51.66
N LYS D 22 57.62 27.78 -52.59
CA LYS D 22 57.43 26.47 -53.22
C LYS D 22 57.95 25.33 -52.36
N THR D 23 58.90 25.59 -51.47
CA THR D 23 59.49 24.57 -50.62
C THR D 23 59.69 25.15 -49.22
N LYS D 24 60.34 24.38 -48.36
CA LYS D 24 60.60 24.81 -46.99
C LYS D 24 61.77 25.79 -46.95
N ASN D 25 61.76 26.66 -45.94
CA ASN D 25 62.88 27.55 -45.70
C ASN D 25 63.58 27.23 -44.37
N ASP D 26 62.88 27.33 -43.26
CA ASP D 26 63.38 26.83 -41.99
C ASP D 26 62.38 25.95 -41.27
N ALA D 27 61.10 26.33 -41.29
CA ALA D 27 59.97 25.53 -40.82
C ALA D 27 59.95 25.36 -39.31
N LEU D 28 61.02 25.77 -38.61
CA LEU D 28 61.01 25.69 -37.16
C LEU D 28 61.62 26.87 -36.43
N LYS D 29 62.50 27.66 -37.05
CA LYS D 29 63.27 28.65 -36.30
C LYS D 29 63.34 29.97 -37.06
N GLU D 30 62.21 30.40 -37.62
CA GLU D 30 62.15 31.70 -38.27
C GLU D 30 61.94 32.79 -37.22
N PRO D 31 62.25 34.05 -37.56
CA PRO D 31 61.97 35.15 -36.64
C PRO D 31 60.48 35.29 -36.37
N MET D 32 60.16 36.18 -35.43
CA MET D 32 58.77 36.36 -34.99
C MET D 32 57.88 36.82 -36.13
N PHE D 33 58.12 38.02 -36.64
CA PHE D 33 57.31 38.57 -37.73
C PHE D 33 58.20 39.19 -38.80
N PHE D 34 59.24 38.48 -39.19
CA PHE D 34 60.12 38.91 -40.27
C PHE D 34 60.74 37.70 -40.93
N GLY D 35 60.80 37.72 -42.26
CA GLY D 35 61.42 36.64 -43.02
C GLY D 35 60.45 36.04 -44.03
N GLN D 36 60.61 34.75 -44.26
CA GLN D 36 59.80 34.06 -45.26
C GLN D 36 58.35 33.96 -44.82
N PRO D 37 57.42 33.90 -45.78
CA PRO D 37 56.00 33.75 -45.41
C PRO D 37 55.66 32.35 -44.93
N VAL D 38 54.38 32.10 -44.71
CA VAL D 38 53.91 30.80 -44.25
C VAL D 38 53.55 29.95 -45.46
N ASN D 39 53.91 28.67 -45.40
CA ASN D 39 53.63 27.73 -46.47
C ASN D 39 52.84 26.49 -46.03
N VAL D 40 52.85 26.15 -44.75
CA VAL D 40 52.10 24.99 -44.26
C VAL D 40 51.86 25.18 -42.77
N ALA D 41 50.63 24.91 -42.33
CA ALA D 41 50.23 25.08 -40.93
C ALA D 41 50.32 23.74 -40.22
N ARG D 42 51.47 23.48 -39.60
CA ARG D 42 51.63 22.24 -38.85
C ARG D 42 50.70 22.21 -37.64
N TYR D 43 50.58 23.33 -36.93
CA TYR D 43 49.61 23.56 -35.87
C TYR D 43 49.81 22.65 -34.66
N ASP D 44 50.84 21.80 -34.68
CA ASP D 44 51.11 20.91 -33.55
C ASP D 44 52.41 21.24 -32.84
N GLN D 45 53.45 21.63 -33.56
CA GLN D 45 54.73 22.01 -32.99
C GLN D 45 54.96 23.49 -33.28
N GLN D 46 54.91 24.31 -32.23
CA GLN D 46 55.07 25.75 -32.34
C GLN D 46 56.34 26.19 -31.62
N LYS D 47 56.69 27.46 -31.81
CA LYS D 47 57.91 28.01 -31.23
C LYS D 47 57.72 28.54 -29.81
N TYR D 48 56.48 28.84 -29.42
CA TYR D 48 56.21 29.42 -28.10
C TYR D 48 54.94 28.81 -27.54
N GLU D 49 55.08 28.09 -26.42
CA GLU D 49 53.94 27.39 -25.83
C GLU D 49 52.94 28.37 -25.23
N VAL D 50 53.43 29.42 -24.58
CA VAL D 50 52.54 30.43 -23.98
C VAL D 50 52.23 31.42 -25.09
N PHE D 51 51.26 31.04 -25.92
CA PHE D 51 50.88 31.79 -27.11
C PHE D 51 49.57 31.20 -27.61
N GLU D 52 49.20 31.54 -28.84
CA GLU D 52 47.98 31.04 -29.48
C GLU D 52 47.79 29.54 -29.28
N LYS D 53 48.91 28.80 -29.16
CA LYS D 53 48.82 27.39 -28.80
C LYS D 53 48.03 27.17 -27.52
N LEU D 54 47.97 28.18 -26.65
CA LEU D 54 47.14 28.13 -25.45
C LEU D 54 46.07 29.21 -25.42
N ILE D 55 46.44 30.46 -25.73
CA ILE D 55 45.49 31.56 -25.56
C ILE D 55 44.44 31.53 -26.67
N GLU D 56 44.83 31.22 -27.90
CA GLU D 56 43.82 31.00 -28.93
C GLU D 56 43.06 29.72 -28.67
N LYS D 57 43.71 28.72 -28.05
CA LYS D 57 43.02 27.55 -27.55
C LYS D 57 42.19 27.85 -26.30
N GLN D 58 42.44 28.99 -25.65
CA GLN D 58 41.64 29.39 -24.51
C GLN D 58 40.33 30.04 -24.93
N LEU D 59 40.21 30.46 -26.18
CA LEU D 59 38.98 31.09 -26.63
C LEU D 59 37.88 30.05 -26.80
N SER D 60 37.48 29.44 -25.69
CA SER D 60 36.36 28.50 -25.67
C SER D 60 35.13 29.10 -24.97
N PHE D 61 35.21 30.36 -24.55
CA PHE D 61 34.08 31.05 -23.95
C PHE D 61 33.07 31.52 -24.98
N PHE D 62 33.15 31.00 -26.21
CA PHE D 62 32.29 31.44 -27.29
C PHE D 62 30.82 31.42 -26.88
N TRP D 63 30.07 32.41 -27.35
CA TRP D 63 28.70 32.61 -26.90
C TRP D 63 27.93 33.34 -27.98
N ARG D 64 26.71 32.91 -28.23
CA ARG D 64 25.84 33.62 -29.17
C ARG D 64 25.24 34.84 -28.49
N PRO D 65 25.28 36.01 -29.12
CA PRO D 65 24.74 37.21 -28.45
C PRO D 65 23.23 37.17 -28.29
N GLU D 66 22.52 36.55 -29.23
CA GLU D 66 21.08 36.42 -29.09
C GLU D 66 20.68 35.33 -28.09
N GLU D 67 21.64 34.54 -27.61
CA GLU D 67 21.31 33.45 -26.70
C GLU D 67 20.95 33.94 -25.30
N ILE D 68 21.28 35.17 -24.95
CA ILE D 68 20.97 35.70 -23.64
C ILE D 68 19.66 36.48 -23.73
N ASP D 69 19.09 36.78 -22.56
CA ASP D 69 17.86 37.54 -22.45
C ASP D 69 18.19 38.92 -21.92
N VAL D 70 17.98 39.94 -22.75
CA VAL D 70 18.17 41.34 -22.36
C VAL D 70 16.89 42.07 -22.75
N SER D 71 15.94 42.15 -21.82
CA SER D 71 14.65 42.75 -22.10
C SER D 71 14.32 43.85 -21.11
N ARG D 72 14.87 43.77 -19.90
CA ARG D 72 14.59 44.75 -18.85
C ARG D 72 15.17 46.12 -19.16
N ASP D 73 15.93 46.27 -20.25
CA ASP D 73 16.55 47.55 -20.56
C ASP D 73 15.49 48.63 -20.80
N ARG D 74 14.62 48.40 -21.77
CA ARG D 74 13.60 49.40 -22.09
C ARG D 74 12.68 49.66 -20.92
N ILE D 75 12.43 48.65 -20.08
CA ILE D 75 11.61 48.84 -18.90
C ILE D 75 12.36 49.61 -17.82
N ASP D 76 13.69 49.65 -17.88
CA ASP D 76 14.51 50.36 -16.90
C ASP D 76 15.38 51.41 -17.59
N TYR D 77 14.82 52.11 -18.57
CA TYR D 77 15.56 53.18 -19.25
C TYR D 77 14.76 54.47 -19.27
N ALA D 78 13.43 54.37 -19.28
CA ALA D 78 12.59 55.55 -19.37
C ALA D 78 12.79 56.47 -18.17
N ASN D 79 12.44 55.99 -16.98
CA ASN D 79 12.51 56.79 -15.76
C ASN D 79 13.96 56.87 -15.29
N LEU D 80 14.71 57.76 -15.94
CA LEU D 80 16.10 58.02 -15.59
C LEU D 80 16.42 59.46 -15.96
N PRO D 81 17.40 60.08 -15.30
CA PRO D 81 17.76 61.45 -15.64
C PRO D 81 18.29 61.55 -17.07
N GLU D 82 18.18 62.75 -17.63
CA GLU D 82 18.62 62.97 -18.99
C GLU D 82 20.14 62.81 -19.13
N HIS D 83 20.89 63.40 -18.20
CA HIS D 83 22.34 63.33 -18.28
C HIS D 83 22.85 61.90 -18.12
N GLU D 84 22.16 61.08 -17.33
CA GLU D 84 22.54 59.68 -17.20
C GLU D 84 22.46 58.96 -18.54
N LYS D 85 21.32 59.12 -19.23
CA LYS D 85 21.19 58.53 -20.56
C LYS D 85 22.21 59.11 -21.53
N HIS D 86 22.49 60.40 -21.42
CA HIS D 86 23.47 61.04 -22.30
C HIS D 86 24.84 60.40 -22.14
N ILE D 87 25.30 60.26 -20.90
CA ILE D 87 26.62 59.68 -20.68
C ILE D 87 26.63 58.19 -21.02
N PHE D 88 25.50 57.51 -20.84
CA PHE D 88 25.42 56.10 -21.20
C PHE D 88 25.58 55.92 -22.70
N ILE D 89 24.85 56.71 -23.49
CA ILE D 89 24.97 56.64 -24.94
C ILE D 89 26.35 57.09 -25.39
N SER D 90 26.94 58.08 -24.71
CA SER D 90 28.29 58.49 -25.05
C SER D 90 29.29 57.37 -24.85
N ASN D 91 29.18 56.66 -23.72
CA ASN D 91 30.06 55.53 -23.47
C ASN D 91 29.86 54.44 -24.50
N LEU D 92 28.60 54.14 -24.84
CA LEU D 92 28.34 53.11 -25.84
C LEU D 92 28.93 53.48 -27.19
N LYS D 93 28.79 54.74 -27.58
CA LYS D 93 29.35 55.20 -28.85
C LYS D 93 30.86 55.13 -28.84
N TYR D 94 31.49 55.55 -27.73
CA TYR D 94 32.94 55.46 -27.63
C TYR D 94 33.40 54.01 -27.77
N GLN D 95 32.72 53.10 -27.08
CA GLN D 95 33.10 51.69 -27.12
C GLN D 95 32.99 51.15 -28.54
N THR D 96 31.85 51.39 -29.19
CA THR D 96 31.65 50.83 -30.52
C THR D 96 32.61 51.45 -31.54
N LEU D 97 32.91 52.74 -31.41
CA LEU D 97 33.84 53.37 -32.35
C LEU D 97 35.26 52.85 -32.14
N LEU D 98 35.70 52.75 -30.89
CA LEU D 98 37.03 52.24 -30.63
C LEU D 98 37.18 50.82 -31.13
N ASP D 99 36.15 50.00 -30.95
CA ASP D 99 36.30 48.59 -31.31
C ASP D 99 36.13 48.39 -32.81
N SER D 100 35.43 49.30 -33.49
CA SER D 100 35.38 49.25 -34.94
C SER D 100 36.64 49.82 -35.58
N ILE D 101 37.36 50.71 -34.88
CA ILE D 101 38.58 51.27 -35.44
C ILE D 101 39.72 50.27 -35.47
N GLN D 102 39.54 49.14 -34.78
CA GLN D 102 40.59 48.08 -34.73
C GLN D 102 39.99 46.73 -35.14
N GLY D 103 38.87 46.73 -35.87
CA GLY D 103 38.30 45.48 -36.31
C GLY D 103 39.06 44.86 -37.45
N ARG D 104 39.27 45.63 -38.51
CA ARG D 104 39.99 45.14 -39.69
C ARG D 104 41.44 45.61 -39.74
N SER D 105 41.82 46.55 -38.87
CA SER D 105 43.18 47.09 -38.92
C SER D 105 44.26 46.05 -38.61
N PRO D 106 44.17 45.26 -37.54
CA PRO D 106 45.31 44.38 -37.20
C PRO D 106 45.62 43.36 -38.27
N ASN D 107 44.61 42.76 -38.89
CA ASN D 107 44.87 41.77 -39.94
C ASN D 107 45.55 42.41 -41.14
N VAL D 108 44.95 43.46 -41.68
CA VAL D 108 45.50 44.10 -42.87
C VAL D 108 46.82 44.79 -42.60
N ALA D 109 47.17 44.99 -41.33
CA ALA D 109 48.41 45.67 -40.99
C ALA D 109 49.51 44.73 -40.53
N LEU D 110 49.19 43.52 -40.10
CA LEU D 110 50.17 42.61 -39.53
C LEU D 110 50.33 41.32 -40.30
N LEU D 111 49.26 40.84 -40.94
CA LEU D 111 49.35 39.60 -41.71
C LEU D 111 50.44 39.60 -42.77
N PRO D 112 50.65 40.67 -43.56
CA PRO D 112 51.74 40.62 -44.56
C PRO D 112 53.13 40.54 -43.95
N LEU D 113 53.27 40.73 -42.64
CA LEU D 113 54.59 40.71 -42.00
C LEU D 113 54.83 39.50 -41.13
N VAL D 114 53.78 38.90 -40.56
CA VAL D 114 53.96 37.77 -39.65
C VAL D 114 54.53 36.59 -40.41
N SER D 115 55.52 35.93 -39.82
CA SER D 115 56.18 34.80 -40.46
C SER D 115 55.60 33.47 -39.97
N ILE D 116 55.61 33.26 -38.65
CA ILE D 116 55.10 32.01 -38.10
C ILE D 116 53.59 31.96 -38.25
N PRO D 117 53.03 30.87 -38.81
CA PRO D 117 51.57 30.82 -38.98
C PRO D 117 50.81 30.73 -37.67
N GLU D 118 51.45 30.25 -36.60
CA GLU D 118 50.78 30.10 -35.32
C GLU D 118 50.37 31.45 -34.74
N LEU D 119 50.97 32.55 -35.22
CA LEU D 119 50.51 33.88 -34.86
C LEU D 119 49.46 34.41 -35.84
N GLU D 120 49.52 33.96 -37.10
CA GLU D 120 48.49 34.33 -38.06
C GLU D 120 47.14 33.78 -37.63
N THR D 121 47.11 32.55 -37.14
CA THR D 121 45.86 32.01 -36.60
C THR D 121 45.36 32.88 -35.45
N TRP D 122 46.26 33.33 -34.59
CA TRP D 122 45.82 34.13 -33.44
C TRP D 122 45.26 35.47 -33.88
N VAL D 123 45.90 36.12 -34.85
CA VAL D 123 45.37 37.40 -35.30
C VAL D 123 44.05 37.20 -36.03
N GLU D 124 43.88 36.07 -36.71
CA GLU D 124 42.58 35.76 -37.32
C GLU D 124 41.50 35.63 -36.26
N THR D 125 41.79 34.87 -35.19
CA THR D 125 40.83 34.75 -34.11
C THR D 125 40.57 36.09 -33.43
N TRP D 126 41.58 36.94 -33.33
CA TRP D 126 41.40 38.27 -32.76
C TRP D 126 40.41 39.07 -33.60
N SER D 127 40.62 39.09 -34.92
CA SER D 127 39.70 39.79 -35.80
C SER D 127 38.28 39.23 -35.68
N PHE D 128 38.15 37.91 -35.61
CA PHE D 128 36.83 37.30 -35.49
C PHE D 128 36.17 37.70 -34.18
N SER D 129 36.94 37.73 -33.09
CA SER D 129 36.40 38.11 -31.80
C SER D 129 35.94 39.55 -31.80
N GLU D 130 36.72 40.41 -32.47
CA GLU D 130 36.37 41.85 -32.59
C GLU D 130 35.07 41.96 -33.38
N THR D 131 34.92 41.12 -34.41
CA THR D 131 33.70 41.11 -35.22
C THR D 131 32.50 40.71 -34.37
N ILE D 132 32.67 39.70 -33.53
CA ILE D 132 31.60 39.28 -32.62
C ILE D 132 31.27 40.41 -31.66
N HIS D 133 32.29 41.15 -31.22
CA HIS D 133 32.05 42.32 -30.37
C HIS D 133 31.17 43.33 -31.09
N SER D 134 31.48 43.61 -32.35
CA SER D 134 30.68 44.56 -33.12
C SER D 134 29.24 44.09 -33.26
N ARG D 135 29.07 42.79 -33.51
CA ARG D 135 27.71 42.24 -33.60
C ARG D 135 26.96 42.40 -32.28
N SER D 136 27.64 42.14 -31.16
CA SER D 136 26.99 42.28 -29.86
C SER D 136 26.63 43.73 -29.57
N TYR D 137 27.49 44.67 -29.99
CA TYR D 137 27.16 46.08 -29.83
C TYR D 137 25.94 46.45 -30.66
N THR D 138 25.90 46.00 -31.91
CA THR D 138 24.73 46.27 -32.74
C THR D 138 23.48 45.66 -32.14
N HIS D 139 23.62 44.51 -31.47
CA HIS D 139 22.47 43.90 -30.81
C HIS D 139 22.00 44.73 -29.62
N ILE D 140 22.94 45.18 -28.79
CA ILE D 140 22.56 45.93 -27.60
C ILE D 140 22.02 47.32 -27.96
N ILE D 141 22.40 47.86 -29.12
CA ILE D 141 21.85 49.15 -29.53
C ILE D 141 20.54 49.01 -30.27
N ARG D 142 20.20 47.81 -30.75
CA ARG D 142 18.97 47.59 -31.50
C ARG D 142 17.75 47.45 -30.62
N ASN D 143 17.88 47.64 -29.31
CA ASN D 143 16.74 47.54 -28.41
C ASN D 143 16.77 48.62 -27.35
N ILE D 144 17.33 49.80 -27.66
CA ILE D 144 17.40 50.89 -26.71
C ILE D 144 16.70 52.12 -27.29
N VAL D 145 17.22 52.61 -28.42
CA VAL D 145 16.68 53.79 -29.09
C VAL D 145 16.04 53.35 -30.38
N ASN D 146 14.80 53.81 -30.62
CA ASN D 146 14.06 53.42 -31.82
C ASN D 146 14.61 54.02 -33.09
N ASP D 147 15.71 54.76 -33.04
CA ASP D 147 16.31 55.38 -34.21
C ASP D 147 17.79 55.00 -34.27
N PRO D 148 18.09 53.77 -34.71
CA PRO D 148 19.50 53.37 -34.84
C PRO D 148 20.24 54.17 -35.91
N SER D 149 19.53 54.79 -36.84
CA SER D 149 20.16 55.63 -37.85
C SER D 149 20.43 57.04 -37.35
N VAL D 150 19.97 57.39 -36.15
CA VAL D 150 20.22 58.72 -35.60
C VAL D 150 21.44 58.76 -34.69
N VAL D 151 21.94 57.61 -34.26
CA VAL D 151 23.11 57.60 -33.38
C VAL D 151 24.39 57.72 -34.18
N PHE D 152 24.40 57.27 -35.44
CA PHE D 152 25.58 57.38 -36.28
C PHE D 152 25.61 58.70 -37.04
N ASP D 153 25.39 59.80 -36.32
CA ASP D 153 25.44 61.13 -36.89
C ASP D 153 26.50 62.00 -36.25
N ASP D 154 26.49 62.14 -34.93
CA ASP D 154 27.51 62.90 -34.23
C ASP D 154 28.72 62.04 -33.90
N ILE D 155 28.51 60.91 -33.21
CA ILE D 155 29.59 60.02 -32.83
C ILE D 155 30.35 59.50 -34.06
N VAL D 156 29.74 59.55 -35.23
CA VAL D 156 30.45 59.16 -36.45
C VAL D 156 31.60 60.12 -36.71
N GLU D 157 31.38 61.41 -36.51
CA GLU D 157 32.41 62.42 -36.78
C GLU D 157 32.43 63.47 -35.68
N ASN D 158 32.35 63.05 -34.42
CA ASN D 158 32.46 63.98 -33.31
C ASN D 158 33.93 64.23 -33.00
N GLU D 159 34.31 65.51 -32.96
CA GLU D 159 35.71 65.85 -32.70
C GLU D 159 36.22 65.26 -31.40
N TYR D 160 35.35 65.18 -30.38
CA TYR D 160 35.73 64.60 -29.10
C TYR D 160 36.36 63.22 -29.27
N ILE D 161 35.82 62.42 -30.18
CA ILE D 161 36.33 61.08 -30.42
C ILE D 161 37.20 61.07 -31.67
N THR D 162 36.91 61.98 -32.61
CA THR D 162 37.67 62.01 -33.85
C THR D 162 39.13 62.38 -33.62
N ALA D 163 39.41 63.20 -32.60
CA ALA D 163 40.80 63.54 -32.30
C ALA D 163 41.61 62.28 -32.01
N ARG D 164 41.17 61.49 -31.02
CA ARG D 164 41.89 60.27 -30.69
C ARG D 164 41.82 59.25 -31.82
N ALA D 165 40.73 59.24 -32.60
CA ALA D 165 40.66 58.34 -33.73
C ALA D 165 41.76 58.63 -34.74
N GLU D 166 41.92 59.90 -35.12
CA GLU D 166 42.98 60.27 -36.04
C GLU D 166 44.35 60.02 -35.43
N ASP D 167 44.49 60.30 -34.13
CA ASP D 167 45.78 60.08 -33.47
C ASP D 167 46.18 58.62 -33.49
N ILE D 168 45.21 57.72 -33.35
CA ILE D 168 45.51 56.29 -33.38
C ILE D 168 45.57 55.73 -34.79
N ALA D 169 45.01 56.43 -35.77
CA ALA D 169 44.99 55.91 -37.13
C ALA D 169 46.17 56.38 -37.98
N CYS D 170 46.63 57.61 -37.75
CA CYS D 170 47.68 58.20 -38.59
C CYS D 170 48.96 57.38 -38.52
N TYR D 171 49.59 57.33 -37.34
CA TYR D 171 50.78 56.52 -37.16
C TYR D 171 50.43 55.09 -36.78
N TYR D 172 49.48 54.55 -37.51
CA TYR D 172 49.17 53.13 -37.64
C TYR D 172 49.02 52.74 -39.09
N ASP D 173 48.42 53.60 -39.91
CA ASP D 173 48.45 53.43 -41.36
C ASP D 173 49.78 53.84 -41.95
N ASP D 174 50.55 54.67 -41.23
CA ASP D 174 51.91 54.95 -41.65
C ASP D 174 52.72 53.66 -41.77
N LEU D 175 52.54 52.75 -40.81
CA LEU D 175 53.24 51.47 -40.87
C LEU D 175 52.83 50.66 -42.10
N ILE D 176 51.54 50.66 -42.41
CA ILE D 176 51.05 49.89 -43.56
C ILE D 176 51.62 50.45 -44.85
N GLU D 177 51.59 51.78 -45.01
CA GLU D 177 52.09 52.37 -46.24
C GLU D 177 53.61 52.19 -46.35
N TYR D 178 54.32 52.26 -45.22
CA TYR D 178 55.76 52.03 -45.29
C TYR D 178 56.09 50.59 -45.62
N THR D 179 55.29 49.64 -45.13
CA THR D 179 55.49 48.24 -45.50
C THR D 179 55.22 48.03 -46.98
N GLN D 180 54.18 48.67 -47.51
CA GLN D 180 53.91 48.61 -48.94
C GLN D 180 55.10 49.16 -49.73
N TYR D 181 55.64 50.29 -49.30
CA TYR D 181 56.82 50.86 -49.95
C TYR D 181 57.99 49.90 -49.92
N TYR D 182 58.26 49.31 -48.76
CA TYR D 182 59.40 48.41 -48.62
C TYR D 182 59.24 47.18 -49.51
N ASN D 183 58.02 46.66 -49.62
CA ASN D 183 57.81 45.49 -50.46
C ASN D 183 57.86 45.82 -51.94
N LEU D 184 57.40 47.01 -52.33
CA LEU D 184 57.37 47.39 -53.74
C LEU D 184 58.69 47.96 -54.24
N LEU D 185 59.59 48.35 -53.34
CA LEU D 185 60.87 48.93 -53.74
C LEU D 185 62.07 48.12 -53.29
N GLY D 186 61.98 47.40 -52.17
CA GLY D 186 63.12 46.67 -51.68
C GLY D 186 64.17 47.58 -51.06
N GLU D 187 65.31 46.98 -50.75
CA GLU D 187 66.40 47.73 -50.15
C GLU D 187 67.02 48.68 -51.17
N GLY D 188 67.87 49.58 -50.67
CA GLY D 188 68.51 50.56 -51.52
C GLY D 188 67.57 51.71 -51.87
N VAL D 189 68.13 52.92 -51.98
CA VAL D 189 67.31 54.08 -52.31
C VAL D 189 66.80 53.97 -53.73
N HIS D 190 65.69 54.66 -53.99
CA HIS D 190 65.07 54.64 -55.30
C HIS D 190 64.45 56.00 -55.58
N ASN D 191 63.67 56.08 -56.66
CA ASN D 191 62.96 57.30 -57.02
C ASN D 191 61.60 56.89 -57.58
N VAL D 192 60.55 57.14 -56.81
CA VAL D 192 59.20 56.72 -57.19
C VAL D 192 58.63 57.81 -58.09
N GLY D 193 58.91 57.69 -59.39
CA GLY D 193 58.40 58.64 -60.36
C GLY D 193 58.83 60.06 -60.10
N GLY D 194 60.11 60.35 -60.27
CA GLY D 194 60.61 61.69 -60.02
C GLY D 194 61.36 61.82 -58.72
N LYS D 195 60.69 62.34 -57.69
CA LYS D 195 61.32 62.56 -56.40
C LYS D 195 61.96 61.26 -55.89
N PRO D 196 63.09 61.34 -55.19
CA PRO D 196 63.75 60.13 -54.72
C PRO D 196 62.98 59.45 -53.61
N VAL D 197 63.06 58.12 -53.58
CA VAL D 197 62.40 57.31 -52.58
C VAL D 197 63.42 56.87 -51.54
N THR D 198 63.12 57.11 -50.27
CA THR D 198 64.02 56.73 -49.20
C THR D 198 63.99 55.21 -48.99
N VAL D 199 64.85 54.74 -48.10
CA VAL D 199 64.94 53.32 -47.78
C VAL D 199 65.53 53.18 -46.40
N SER D 200 65.11 52.13 -45.69
CA SER D 200 65.64 51.84 -44.36
C SER D 200 65.19 50.44 -43.95
N LEU D 201 66.13 49.66 -43.42
CA LEU D 201 65.76 48.36 -42.86
C LEU D 201 65.20 48.51 -41.46
N ARG D 202 65.89 49.25 -40.60
CA ARG D 202 65.38 49.52 -39.26
C ARG D 202 64.18 50.44 -39.29
N GLY D 203 64.02 51.23 -40.35
CA GLY D 203 62.85 52.10 -40.45
C GLY D 203 61.55 51.33 -40.47
N LEU D 204 61.57 50.10 -40.97
CA LEU D 204 60.41 49.23 -40.94
C LEU D 204 60.23 48.52 -39.62
N LYS D 205 60.90 48.98 -38.56
CA LYS D 205 60.74 48.44 -37.22
C LYS D 205 60.10 49.46 -36.28
N LYS D 206 60.72 50.63 -36.12
CA LYS D 206 60.15 51.66 -35.25
C LYS D 206 58.76 52.05 -35.71
N LYS D 207 58.64 52.44 -36.98
CA LYS D 207 57.35 52.77 -37.57
C LYS D 207 56.32 51.67 -37.35
N LEU D 208 56.75 50.45 -37.08
CA LEU D 208 55.85 49.40 -36.65
C LEU D 208 55.76 49.32 -35.13
N TYR D 209 56.91 49.23 -34.46
CA TYR D 209 56.93 48.94 -33.03
C TYR D 209 56.14 49.99 -32.24
N LEU D 210 56.42 51.27 -32.49
CA LEU D 210 55.68 52.33 -31.81
C LEU D 210 54.18 52.17 -32.02
N CYS D 211 53.77 51.84 -33.25
CA CYS D 211 52.35 51.60 -33.51
C CYS D 211 51.82 50.49 -32.61
N LEU D 212 52.58 49.42 -32.47
CA LEU D 212 52.19 48.34 -31.57
C LEU D 212 51.96 48.86 -30.16
N MET D 213 52.81 49.79 -29.71
CA MET D 213 52.60 50.42 -28.41
C MET D 213 51.22 51.02 -28.32
N CYS D 214 50.84 51.79 -29.34
CA CYS D 214 49.48 52.32 -29.41
C CYS D 214 48.47 51.19 -29.29
N VAL D 215 48.68 50.11 -30.05
CA VAL D 215 47.82 48.93 -29.96
C VAL D 215 47.62 48.55 -28.51
N ASN D 216 48.72 48.47 -27.75
CA ASN D 216 48.60 48.14 -26.33
C ASN D 216 47.65 49.09 -25.62
N VAL D 217 47.92 50.39 -25.69
CA VAL D 217 47.05 51.33 -25.01
C VAL D 217 45.70 51.43 -25.70
N LEU D 218 45.59 50.94 -26.94
CA LEU D 218 44.29 50.85 -27.58
C LEU D 218 43.38 49.84 -26.91
N GLU D 219 43.94 48.93 -26.11
CA GLU D 219 43.15 47.94 -25.40
C GLU D 219 43.67 47.74 -23.98
N ALA D 220 44.23 48.79 -23.37
CA ALA D 220 44.73 48.68 -22.01
C ALA D 220 44.15 49.73 -21.09
N ILE D 221 43.95 50.95 -21.61
CA ILE D 221 43.48 52.04 -20.77
C ILE D 221 42.23 52.68 -21.34
N ARG D 222 42.31 53.18 -22.57
CA ARG D 222 41.24 54.02 -23.11
C ARG D 222 39.92 53.26 -23.16
N PHE D 223 39.94 52.00 -23.59
CA PHE D 223 38.74 51.18 -23.57
C PHE D 223 38.48 50.57 -22.20
N TYR D 224 39.46 50.60 -21.30
CA TYR D 224 39.33 49.98 -19.99
C TYR D 224 38.61 50.86 -18.98
N VAL D 225 38.65 52.18 -19.15
CA VAL D 225 37.90 53.07 -18.26
C VAL D 225 36.42 53.06 -18.63
N SER D 226 36.13 52.99 -19.93
CA SER D 226 34.74 52.96 -20.38
C SER D 226 33.99 51.79 -19.75
N PHE D 227 34.71 50.71 -19.45
CA PHE D 227 34.12 49.59 -18.71
C PHE D 227 33.46 50.09 -17.43
N ALA D 228 34.25 50.67 -16.53
CA ALA D 228 33.72 51.14 -15.26
C ALA D 228 32.68 52.24 -15.46
N CYS D 229 32.87 53.07 -16.47
CA CYS D 229 31.93 54.15 -16.74
C CYS D 229 30.55 53.59 -17.06
N SER D 230 30.49 52.54 -17.88
CA SER D 230 29.23 51.89 -18.19
C SER D 230 28.94 50.72 -17.25
N PHE D 231 29.68 50.58 -16.17
CA PHE D 231 29.54 49.44 -15.27
C PHE D 231 28.98 49.80 -13.91
N ALA D 232 29.05 51.07 -13.51
CA ALA D 232 28.52 51.47 -12.21
C ALA D 232 27.03 51.18 -12.08
N PHE D 233 26.33 51.05 -13.21
CA PHE D 233 24.91 50.72 -13.18
C PHE D 233 24.72 49.22 -13.04
N ALA D 234 25.40 48.61 -12.07
CA ALA D 234 25.31 47.17 -11.84
C ALA D 234 24.69 46.84 -10.50
N GLU D 235 25.24 47.37 -9.41
CA GLU D 235 24.70 47.07 -8.08
C GLU D 235 23.28 47.61 -7.94
N ARG D 236 23.06 48.86 -8.34
CA ARG D 236 21.70 49.36 -8.44
C ARG D 236 20.96 48.58 -9.52
N GLU D 237 19.79 48.05 -9.16
CA GLU D 237 19.09 47.13 -10.05
C GLU D 237 18.52 47.86 -11.26
N LEU D 238 19.29 47.90 -12.35
CA LEU D 238 18.87 48.50 -13.59
C LEU D 238 19.88 48.15 -14.67
N MET D 239 19.38 47.91 -15.88
CA MET D 239 20.23 47.60 -17.05
C MET D 239 21.15 46.41 -16.77
N GLU D 240 20.61 45.37 -16.14
CA GLU D 240 21.43 44.20 -15.82
C GLU D 240 21.85 43.46 -17.08
N GLY D 241 21.02 43.50 -18.13
CA GLY D 241 21.41 42.88 -19.38
C GLY D 241 22.66 43.50 -19.97
N ASN D 242 22.85 44.80 -19.78
CA ASN D 242 24.07 45.46 -20.25
C ASN D 242 25.30 44.86 -19.58
N ALA D 243 25.26 44.69 -18.26
CA ALA D 243 26.38 44.08 -17.57
C ALA D 243 26.57 42.63 -17.99
N LYS D 244 25.47 41.90 -18.17
CA LYS D 244 25.57 40.50 -18.58
C LYS D 244 26.24 40.37 -19.94
N ILE D 245 25.93 41.28 -20.86
CA ILE D 245 26.53 41.21 -22.19
C ILE D 245 27.93 41.82 -22.20
N ILE D 246 28.25 42.69 -21.25
CA ILE D 246 29.57 43.33 -21.26
C ILE D 246 30.61 42.53 -20.48
N LYS D 247 30.19 41.61 -19.62
CA LYS D 247 31.17 40.79 -18.90
C LYS D 247 32.02 39.96 -19.85
N ASP D 248 31.38 39.35 -20.85
CA ASP D 248 32.14 38.55 -21.81
C ASP D 248 33.06 39.42 -22.66
N ILE D 249 32.59 40.61 -23.04
CA ILE D 249 33.45 41.53 -23.78
C ILE D 249 34.66 41.92 -22.94
N ALA D 250 34.45 42.09 -21.63
CA ALA D 250 35.57 42.41 -20.75
C ALA D 250 36.56 41.25 -20.68
N ARG D 251 36.05 40.02 -20.57
CA ARG D 251 36.93 38.85 -20.59
C ARG D 251 37.74 38.81 -21.87
N ASP D 252 37.07 39.05 -23.00
CA ASP D 252 37.72 39.04 -24.34
C ASP D 252 38.80 40.13 -24.39
N GLU D 253 38.45 41.34 -23.94
CA GLU D 253 39.40 42.49 -23.94
C GLU D 253 40.61 42.14 -23.07
N ALA D 254 40.39 41.47 -21.94
CA ALA D 254 41.45 41.09 -21.03
C ALA D 254 42.37 40.08 -21.68
N LEU D 255 41.81 39.12 -22.42
CA LEU D 255 42.64 38.17 -23.16
C LEU D 255 43.47 38.88 -24.23
N HIS D 256 42.85 39.84 -24.92
CA HIS D 256 43.59 40.65 -25.89
C HIS D 256 44.78 41.35 -25.23
N LEU D 257 44.53 41.96 -24.07
CA LEU D 257 45.57 42.67 -23.34
C LEU D 257 46.70 41.72 -22.97
N THR D 258 46.35 40.56 -22.42
CA THR D 258 47.38 39.58 -22.05
C THR D 258 48.22 39.20 -23.26
N GLY D 259 47.55 38.89 -24.38
CA GLY D 259 48.28 38.47 -25.56
C GLY D 259 49.21 39.55 -26.09
N THR D 260 48.70 40.78 -26.24
CA THR D 260 49.51 41.84 -26.81
C THR D 260 50.64 42.25 -25.86
N GLN D 261 50.40 42.21 -24.56
CA GLN D 261 51.46 42.54 -23.61
C GLN D 261 52.54 41.48 -23.62
N HIS D 262 52.15 40.20 -23.71
CA HIS D 262 53.14 39.14 -23.83
C HIS D 262 53.94 39.29 -25.12
N MET D 263 53.27 39.63 -26.22
CA MET D 263 53.97 39.80 -27.48
C MET D 263 54.97 40.96 -27.41
N LEU D 264 54.57 42.07 -26.82
CA LEU D 264 55.48 43.20 -26.70
C LEU D 264 56.66 42.86 -25.79
N ASN D 265 56.40 42.22 -24.65
CA ASN D 265 57.48 41.87 -23.74
C ASN D 265 58.41 40.84 -24.34
N LEU D 266 57.93 40.03 -25.28
CA LEU D 266 58.79 39.03 -25.91
C LEU D 266 59.60 39.63 -27.05
N MET D 267 59.01 40.57 -27.80
CA MET D 267 59.69 41.15 -28.95
C MET D 267 60.44 42.44 -28.57
N ARG D 268 59.71 43.43 -28.06
CA ARG D 268 60.33 44.71 -27.74
C ARG D 268 61.37 44.57 -26.62
N SER D 269 61.16 43.64 -25.70
CA SER D 269 62.13 43.35 -24.65
C SER D 269 62.69 41.96 -24.86
N GLY D 270 63.93 41.76 -24.42
CA GLY D 270 64.61 40.51 -24.64
C GLY D 270 64.71 40.19 -26.12
N VAL D 271 65.50 40.98 -26.85
CA VAL D 271 65.56 40.86 -28.30
C VAL D 271 66.19 39.53 -28.69
N ASP D 272 65.44 38.73 -29.45
CA ASP D 272 66.02 37.49 -29.98
C ASP D 272 67.00 37.80 -31.11
N ASP D 273 66.53 38.49 -32.14
CA ASP D 273 67.43 38.98 -33.16
C ASP D 273 68.21 40.18 -32.64
N PRO D 274 69.49 40.31 -32.98
CA PRO D 274 70.32 41.40 -32.46
C PRO D 274 70.17 42.71 -33.22
N GLU D 275 68.93 43.11 -33.48
CA GLU D 275 68.67 44.35 -34.18
C GLU D 275 67.69 45.25 -33.44
N MET D 276 66.66 44.69 -32.82
CA MET D 276 65.63 45.49 -32.16
C MET D 276 66.08 46.07 -30.83
N ALA D 277 67.27 45.70 -30.35
CA ALA D 277 67.79 46.32 -29.13
C ALA D 277 68.04 47.81 -29.35
N GLU D 278 68.55 48.18 -30.52
CA GLU D 278 68.70 49.59 -30.84
C GLU D 278 67.36 50.31 -30.88
N ILE D 279 66.32 49.61 -31.34
CA ILE D 279 64.99 50.20 -31.35
C ILE D 279 64.47 50.40 -29.94
N ALA D 280 64.71 49.42 -29.05
CA ALA D 280 64.30 49.56 -27.67
C ALA D 280 65.08 50.66 -26.97
N ALA D 281 66.34 50.88 -27.35
CA ALA D 281 67.13 51.93 -26.73
C ALA D 281 66.71 53.30 -27.21
N GLU D 282 66.53 53.45 -28.52
CA GLU D 282 66.20 54.77 -29.08
C GLU D 282 64.74 55.13 -28.79
N LEU D 283 63.81 54.24 -29.14
CA LEU D 283 62.39 54.49 -28.95
C LEU D 283 61.96 54.18 -27.51
N GLN D 284 62.61 54.86 -26.56
CA GLN D 284 62.31 54.67 -25.15
C GLN D 284 61.73 55.93 -24.51
N ASP D 285 62.43 57.07 -24.62
CA ASP D 285 61.93 58.30 -24.02
C ASP D 285 60.71 58.82 -24.76
N GLU D 286 60.75 58.79 -26.10
CA GLU D 286 59.58 59.19 -26.87
C GLU D 286 58.41 58.26 -26.61
N CYS D 287 58.69 57.00 -26.26
CA CYS D 287 57.62 56.08 -25.89
C CYS D 287 56.88 56.57 -24.65
N PHE D 288 57.63 56.92 -23.60
CA PHE D 288 57.01 57.47 -22.41
C PHE D 288 56.32 58.80 -22.72
N GLN D 289 56.88 59.60 -23.62
CA GLN D 289 56.26 60.86 -24.00
C GLN D 289 54.88 60.63 -24.61
N LEU D 290 54.80 59.77 -25.63
CA LEU D 290 53.52 59.49 -26.26
C LEU D 290 52.57 58.78 -25.29
N PHE D 291 53.11 57.98 -24.37
CA PHE D 291 52.28 57.31 -23.39
C PHE D 291 51.60 58.32 -22.46
N LYS D 292 52.38 59.25 -21.91
CA LYS D 292 51.81 60.29 -21.08
C LYS D 292 50.88 61.19 -21.88
N LYS D 293 51.17 61.41 -23.15
CA LYS D 293 50.28 62.20 -23.99
C LYS D 293 48.92 61.51 -24.14
N ALA D 294 48.92 60.21 -24.40
CA ALA D 294 47.67 59.47 -24.49
C ALA D 294 46.93 59.45 -23.16
N ALA D 295 47.67 59.35 -22.06
CA ALA D 295 47.05 59.38 -20.75
C ALA D 295 46.35 60.72 -20.50
N GLU D 296 47.04 61.81 -20.80
CA GLU D 296 46.43 63.14 -20.65
C GLU D 296 45.25 63.32 -21.59
N GLN D 297 45.33 62.75 -22.80
CA GLN D 297 44.21 62.83 -23.73
C GLN D 297 42.98 62.11 -23.17
N GLU D 298 43.19 60.91 -22.61
CA GLU D 298 42.08 60.19 -21.99
C GLU D 298 41.52 60.95 -20.81
N LYS D 299 42.40 61.56 -20.01
CA LYS D 299 41.93 62.34 -18.86
C LYS D 299 41.08 63.52 -19.31
N GLU D 300 41.54 64.24 -20.34
CA GLU D 300 40.76 65.36 -20.87
C GLU D 300 39.45 64.88 -21.48
N TRP D 301 39.46 63.70 -22.10
CA TRP D 301 38.21 63.11 -22.58
C TRP D 301 37.25 62.85 -21.43
N ALA D 302 37.77 62.44 -20.28
CA ALA D 302 36.89 62.12 -19.16
C ALA D 302 36.47 63.41 -18.46
N ALA D 303 36.04 64.38 -19.23
CA ALA D 303 35.42 65.61 -18.75
C ALA D 303 34.14 65.94 -19.50
N TYR D 304 34.08 65.67 -20.80
CA TYR D 304 32.91 66.02 -21.59
C TYR D 304 31.70 65.20 -21.18
N LEU D 305 31.89 63.91 -20.92
CA LEU D 305 30.83 63.06 -20.43
C LEU D 305 30.55 63.26 -18.96
N PHE D 306 31.07 64.32 -18.36
CA PHE D 306 30.80 64.61 -16.97
C PHE D 306 30.48 66.07 -16.68
N LYS D 307 30.68 66.98 -17.62
CA LYS D 307 30.40 68.39 -17.39
C LYS D 307 28.94 68.74 -17.66
N ASP D 308 28.03 67.93 -17.11
CA ASP D 308 26.61 68.24 -17.15
C ASP D 308 25.89 67.99 -15.84
N GLY D 309 26.41 67.14 -14.95
CA GLY D 309 25.74 66.83 -13.71
C GLY D 309 26.44 65.73 -12.94
N SER D 310 26.16 65.62 -11.65
CA SER D 310 26.80 64.63 -10.81
C SER D 310 26.15 63.26 -11.00
N MET D 311 26.74 62.26 -10.35
CA MET D 311 26.24 60.89 -10.42
C MET D 311 26.82 60.09 -9.26
N ILE D 312 26.04 59.14 -8.76
CA ILE D 312 26.51 58.30 -7.66
C ILE D 312 27.68 57.45 -8.14
N GLY D 313 28.60 57.15 -7.22
CA GLY D 313 29.75 56.33 -7.54
C GLY D 313 31.00 57.11 -7.90
N LEU D 314 30.93 57.94 -8.94
CA LEU D 314 32.11 58.66 -9.39
C LEU D 314 31.69 59.76 -10.35
N ASN D 315 32.22 60.97 -10.15
CA ASN D 315 31.98 62.06 -11.08
C ASN D 315 33.24 62.54 -11.77
N LYS D 316 34.21 63.08 -11.04
CA LYS D 316 35.44 63.50 -11.71
C LYS D 316 36.70 63.04 -10.99
N GLU D 317 36.71 63.09 -9.65
CA GLU D 317 37.93 62.78 -8.92
C GLU D 317 38.15 61.28 -8.82
N ILE D 318 37.08 60.53 -8.55
CA ILE D 318 37.21 59.09 -8.42
C ILE D 318 37.67 58.47 -9.74
N LEU D 319 37.07 58.91 -10.85
CA LEU D 319 37.45 58.34 -12.14
C LEU D 319 38.87 58.77 -12.53
N SER D 320 39.25 59.99 -12.17
CA SER D 320 40.61 60.44 -12.45
C SER D 320 41.64 59.61 -11.69
N GLN D 321 41.41 59.41 -10.40
CA GLN D 321 42.29 58.53 -9.63
C GLN D 321 42.30 57.12 -10.21
N TYR D 322 41.14 56.63 -10.66
CA TYR D 322 41.08 55.29 -11.20
C TYR D 322 41.91 55.17 -12.46
N VAL D 323 41.78 56.12 -13.40
CA VAL D 323 42.52 56.02 -14.64
C VAL D 323 44.01 56.22 -14.40
N GLU D 324 44.38 57.09 -13.45
CA GLU D 324 45.78 57.24 -13.11
C GLU D 324 46.36 55.94 -12.57
N TYR D 325 45.63 55.28 -11.66
CA TYR D 325 46.10 54.02 -11.12
C TYR D 325 46.18 52.94 -12.19
N ILE D 326 45.20 52.91 -13.10
CA ILE D 326 45.22 51.94 -14.18
C ILE D 326 46.45 52.17 -15.06
N THR D 327 46.73 53.43 -15.38
CA THR D 327 47.92 53.75 -16.16
C THR D 327 49.19 53.28 -15.46
N ASN D 328 49.33 53.64 -14.18
CA ASN D 328 50.54 53.31 -13.46
C ASN D 328 50.72 51.80 -13.29
N LEU D 329 49.61 51.06 -13.19
CA LEU D 329 49.70 49.62 -12.99
C LEU D 329 49.94 48.89 -14.31
N ARG D 330 49.40 49.43 -15.41
CA ARG D 330 49.52 48.75 -16.69
C ARG D 330 50.87 49.03 -17.34
N MET D 331 51.37 50.26 -17.22
CA MET D 331 52.63 50.59 -17.86
C MET D 331 53.80 49.82 -17.23
N GLN D 332 53.69 49.48 -15.95
CA GLN D 332 54.74 48.71 -15.30
C GLN D 332 54.58 47.22 -15.61
N ALA D 333 54.39 46.90 -16.89
CA ALA D 333 54.37 45.52 -17.34
C ALA D 333 55.12 45.33 -18.65
N VAL D 334 55.63 46.39 -19.25
CA VAL D 334 56.40 46.30 -20.49
C VAL D 334 57.78 46.92 -20.35
N GLY D 335 58.03 47.69 -19.30
CA GLY D 335 59.32 48.32 -19.09
C GLY D 335 59.29 49.80 -19.41
N LEU D 336 59.14 50.63 -18.38
CA LEU D 336 59.09 52.08 -18.51
C LEU D 336 59.09 52.69 -17.11
N PRO D 337 59.73 53.84 -16.91
CA PRO D 337 59.68 54.47 -15.59
C PRO D 337 58.27 54.90 -15.24
N ALA D 338 57.95 54.83 -13.95
CA ALA D 338 56.61 55.17 -13.49
C ALA D 338 56.34 56.66 -13.71
N GLY D 339 55.34 56.95 -14.55
CA GLY D 339 55.00 58.33 -14.84
C GLY D 339 54.19 59.03 -13.77
N PHE D 340 53.56 58.26 -12.89
CA PHE D 340 52.72 58.81 -11.83
C PHE D 340 53.19 58.27 -10.49
N GLU D 341 53.30 59.15 -9.50
CA GLU D 341 53.72 58.76 -8.17
C GLU D 341 52.52 58.25 -7.36
N GLY D 342 52.78 57.86 -6.12
CA GLY D 342 51.74 57.35 -5.25
C GLY D 342 51.46 55.88 -5.47
N ALA D 343 50.77 55.55 -6.56
CA ALA D 343 50.41 54.17 -6.90
C ALA D 343 49.76 53.47 -5.71
N ASN D 344 48.82 54.16 -5.08
CA ASN D 344 48.19 53.66 -3.87
C ASN D 344 47.14 52.62 -4.22
N GLN D 345 46.31 52.26 -3.25
CA GLN D 345 45.30 51.24 -3.44
C GLN D 345 44.32 51.65 -4.54
N ASN D 346 43.59 50.66 -5.03
CA ASN D 346 42.62 50.87 -6.09
C ASN D 346 41.54 51.84 -5.63
N PRO D 347 41.36 52.99 -6.28
CA PRO D 347 40.35 53.95 -5.83
C PRO D 347 38.93 53.41 -5.88
N ILE D 348 38.72 52.23 -6.45
CA ILE D 348 37.39 51.62 -6.53
C ILE D 348 37.59 50.11 -6.61
N PRO D 349 37.48 49.40 -5.49
CA PRO D 349 37.91 47.99 -5.47
C PRO D 349 36.85 47.01 -5.93
N TRP D 350 35.56 47.36 -5.77
CA TRP D 350 34.51 46.41 -6.07
C TRP D 350 34.48 46.02 -7.55
N ILE D 351 35.10 46.82 -8.42
CA ILE D 351 35.17 46.46 -9.83
C ILE D 351 35.96 45.17 -10.03
N ASN D 352 36.86 44.86 -9.10
CA ASN D 352 37.60 43.60 -9.18
C ASN D 352 36.71 42.40 -8.88
N ALA D 353 35.50 42.61 -8.37
CA ALA D 353 34.62 41.49 -8.07
C ALA D 353 34.00 40.89 -9.32
N TRP D 354 33.82 41.67 -10.38
CA TRP D 354 33.20 41.19 -11.60
C TRP D 354 34.18 40.91 -12.72
N LEU D 355 35.29 41.64 -12.78
CA LEU D 355 36.15 41.59 -13.96
C LEU D 355 36.95 40.30 -14.01
N SER D 356 36.34 39.25 -14.56
CA SER D 356 37.03 38.01 -14.93
C SER D 356 37.84 37.45 -13.76
N SER D 357 37.11 37.05 -12.71
CA SER D 357 37.76 36.38 -11.60
C SER D 357 38.45 35.09 -12.05
N ASP D 358 37.86 34.38 -13.01
CA ASP D 358 38.48 33.21 -13.62
C ASP D 358 39.20 33.62 -14.91
N ASN D 359 40.15 34.54 -14.79
CA ASN D 359 40.84 35.08 -15.94
C ASN D 359 41.76 34.02 -16.55
N VAL D 360 42.43 34.41 -17.64
CA VAL D 360 43.36 33.52 -18.33
C VAL D 360 44.65 34.24 -18.65
N ASP D 388 42.90 13.38 44.93
CA ASP D 388 44.08 14.16 45.25
C ASP D 388 44.09 14.55 46.73
N PHE D 389 45.01 13.94 47.48
CA PHE D 389 45.08 14.22 48.92
C PHE D 389 45.80 15.54 49.20
N GLU D 390 46.40 16.16 48.18
CA GLU D 390 47.12 17.41 48.36
C GLU D 390 46.15 18.57 48.57
N THR E 19 -2.82 -17.18 64.79
CA THR E 19 -1.54 -16.75 65.38
C THR E 19 -1.77 -15.75 66.51
N ASP E 20 -0.91 -14.73 66.56
CA ASP E 20 -1.01 -13.69 67.57
C ASP E 20 -1.79 -12.51 67.00
N LEU E 21 -3.11 -12.70 66.93
CA LEU E 21 -4.01 -11.68 66.38
C LEU E 21 -4.17 -10.56 67.41
N LYS E 22 -3.15 -9.72 67.49
CA LYS E 22 -3.12 -8.59 68.40
C LYS E 22 -2.96 -7.30 67.59
N VAL E 23 -3.31 -6.19 68.21
CA VAL E 23 -3.25 -4.88 67.59
C VAL E 23 -2.57 -3.91 68.56
N THR E 24 -2.38 -2.68 68.10
CA THR E 24 -1.83 -1.60 68.93
C THR E 24 -3.01 -0.83 69.50
N LYS E 25 -3.32 -1.09 70.77
CA LYS E 25 -4.48 -0.47 71.40
C LYS E 25 -4.19 1.00 71.69
N ARG E 26 -5.14 1.64 72.39
CA ARG E 26 -5.02 3.05 72.73
C ARG E 26 -3.76 3.34 73.53
N ASP E 27 -3.33 2.39 74.37
CA ASP E 27 -2.13 2.57 75.17
C ASP E 27 -0.87 2.10 74.45
N GLY E 28 -0.97 1.04 73.65
CA GLY E 28 0.18 0.54 72.93
C GLY E 28 0.45 -0.94 73.18
N ARG E 29 -0.33 -1.54 74.08
CA ARG E 29 -0.17 -2.94 74.40
C ARG E 29 -0.85 -3.82 73.35
N LEU E 30 -0.50 -5.10 73.35
CA LEU E 30 -1.05 -6.05 72.39
C LEU E 30 -2.44 -6.47 72.86
N GLU E 31 -3.46 -6.09 72.12
CA GLU E 31 -4.85 -6.34 72.49
C GLU E 31 -5.31 -7.69 71.95
N ALA E 32 -6.61 -7.92 72.01
CA ALA E 32 -7.20 -9.17 71.55
C ALA E 32 -7.37 -9.14 70.03
N ILE E 33 -8.15 -10.09 69.50
CA ILE E 33 -8.33 -10.21 68.06
C ILE E 33 -9.43 -9.32 67.51
N ASP E 34 -10.06 -8.50 68.35
CA ASP E 34 -11.11 -7.57 67.92
C ASP E 34 -12.28 -8.29 67.27
N LEU E 35 -12.50 -9.56 67.64
CA LEU E 35 -13.65 -10.29 67.12
C LEU E 35 -14.95 -9.71 67.64
N ASP E 36 -15.13 -9.76 68.96
CA ASP E 36 -16.27 -9.10 69.59
C ASP E 36 -15.87 -7.69 69.98
N LYS E 37 -16.74 -6.99 70.71
CA LYS E 37 -16.54 -5.63 71.19
C LYS E 37 -16.36 -4.61 70.08
N ILE E 38 -16.49 -5.04 68.82
CA ILE E 38 -16.41 -4.11 67.70
C ILE E 38 -17.79 -3.57 67.35
N HIS E 39 -18.82 -4.40 67.44
CA HIS E 39 -20.19 -3.95 67.21
C HIS E 39 -20.70 -3.08 68.36
N ARG E 40 -20.01 -3.08 69.50
CA ARG E 40 -20.47 -2.28 70.63
C ARG E 40 -20.49 -0.79 70.28
N VAL E 41 -19.44 -0.30 69.62
CA VAL E 41 -19.36 1.13 69.34
C VAL E 41 -20.39 1.53 68.29
N VAL E 42 -20.63 0.69 67.29
CA VAL E 42 -21.59 1.04 66.25
C VAL E 42 -23.01 0.93 66.77
N THR E 43 -23.25 0.04 67.74
CA THR E 43 -24.55 0.01 68.39
C THR E 43 -24.75 1.22 69.28
N TRP E 44 -23.70 1.63 69.99
CA TRP E 44 -23.74 2.87 70.75
C TRP E 44 -24.07 4.05 69.84
N ALA E 45 -23.51 4.04 68.64
CA ALA E 45 -23.80 5.12 67.68
C ALA E 45 -25.26 5.07 67.23
N ALA E 46 -25.66 3.95 66.64
CA ALA E 46 -27.03 3.79 66.17
C ALA E 46 -27.95 3.25 67.25
N GLU E 47 -27.96 3.92 68.41
CA GLU E 47 -28.81 3.51 69.51
C GLU E 47 -30.22 4.07 69.43
N GLY E 48 -30.42 5.11 68.63
CA GLY E 48 -31.73 5.72 68.50
C GLY E 48 -32.06 6.17 67.10
N LEU E 49 -31.29 5.69 66.12
CA LEU E 49 -31.51 6.07 64.73
C LEU E 49 -32.48 5.08 64.08
N GLU E 50 -32.62 5.17 62.76
CA GLU E 50 -33.51 4.27 62.02
C GLU E 50 -32.94 4.06 60.63
N ASN E 51 -33.40 2.99 59.99
CA ASN E 51 -33.02 2.61 58.63
C ASN E 51 -31.50 2.62 58.40
N VAL E 52 -30.72 2.48 59.46
CA VAL E 52 -29.27 2.42 59.36
C VAL E 52 -28.85 0.97 59.28
N SER E 53 -27.99 0.66 58.32
CA SER E 53 -27.54 -0.71 58.06
C SER E 53 -26.25 -0.94 58.83
N VAL E 54 -26.37 -1.36 60.09
CA VAL E 54 -25.20 -1.61 60.92
C VAL E 54 -24.33 -2.70 60.30
N SER E 55 -24.95 -3.73 59.73
CA SER E 55 -24.18 -4.79 59.10
C SER E 55 -23.41 -4.28 57.88
N GLN E 56 -24.06 -3.44 57.06
CA GLN E 56 -23.39 -2.93 55.87
C GLN E 56 -22.19 -2.07 56.25
N VAL E 57 -22.39 -1.10 57.15
CA VAL E 57 -21.29 -0.22 57.52
C VAL E 57 -20.19 -0.99 58.24
N GLU E 58 -20.56 -2.03 59.01
CA GLU E 58 -19.55 -2.86 59.63
C GLU E 58 -18.83 -3.74 58.62
N LEU E 59 -19.43 -3.97 57.45
CA LEU E 59 -18.85 -4.82 56.43
C LEU E 59 -18.31 -4.06 55.24
N LYS E 60 -19.00 -3.00 54.80
CA LYS E 60 -18.52 -2.24 53.64
C LYS E 60 -17.31 -1.38 53.95
N SER E 61 -16.71 -1.54 55.14
CA SER E 61 -15.48 -0.82 55.44
C SER E 61 -14.34 -1.28 54.54
N HIS E 62 -14.30 -2.58 54.22
CA HIS E 62 -13.28 -3.14 53.34
C HIS E 62 -11.87 -2.87 53.88
N ILE E 63 -11.71 -3.12 55.16
CA ILE E 63 -10.45 -2.84 55.84
C ILE E 63 -9.55 -4.06 55.79
N GLN E 64 -8.25 -3.82 55.75
CA GLN E 64 -7.27 -4.89 55.86
C GLN E 64 -7.07 -5.26 57.33
N PHE E 65 -6.91 -6.55 57.58
CA PHE E 65 -6.81 -7.08 58.94
C PHE E 65 -5.43 -7.66 59.21
N TYR E 66 -4.39 -6.96 58.77
CA TYR E 66 -3.02 -7.41 59.00
C TYR E 66 -2.61 -7.12 60.43
N ASN E 67 -1.81 -8.02 61.01
CA ASN E 67 -1.32 -7.82 62.36
C ASN E 67 -0.34 -6.66 62.39
N GLY E 68 -0.59 -5.71 63.29
CA GLY E 68 0.25 -4.53 63.39
C GLY E 68 -0.49 -3.26 63.04
N ILE E 69 -1.80 -3.25 63.29
CA ILE E 69 -2.64 -2.08 63.06
C ILE E 69 -2.99 -1.47 64.40
N ARG E 70 -3.26 -0.16 64.39
CA ARG E 70 -3.64 0.58 65.59
C ARG E 70 -5.13 0.90 65.54
N THR E 71 -5.80 0.73 66.69
CA THR E 71 -7.24 0.89 66.73
C THR E 71 -7.67 2.30 66.35
N ASP E 72 -6.81 3.29 66.61
CA ASP E 72 -7.08 4.64 66.14
C ASP E 72 -7.17 4.68 64.62
N ASP E 73 -6.24 4.02 63.95
CA ASP E 73 -6.31 3.94 62.49
C ASP E 73 -7.54 3.18 62.04
N ILE E 74 -7.96 2.18 62.82
CA ILE E 74 -9.16 1.43 62.46
C ILE E 74 -10.39 2.32 62.53
N HIS E 75 -10.50 3.14 63.59
CA HIS E 75 -11.61 4.09 63.66
C HIS E 75 -11.53 5.11 62.52
N GLU E 76 -10.32 5.57 62.20
CA GLU E 76 -10.17 6.53 61.11
C GLU E 76 -10.68 5.95 59.79
N THR E 77 -10.27 4.71 59.47
CA THR E 77 -10.68 4.14 58.20
C THR E 77 -12.15 3.74 58.20
N ILE E 78 -12.68 3.31 59.34
CA ILE E 78 -14.10 2.94 59.37
C ILE E 78 -14.97 4.18 59.26
N ILE E 79 -14.50 5.32 59.74
CA ILE E 79 -15.29 6.54 59.56
C ILE E 79 -15.07 7.13 58.18
N LYS E 80 -13.91 6.89 57.58
CA LYS E 80 -13.71 7.28 56.18
C LYS E 80 -14.60 6.48 55.25
N ALA E 81 -14.86 5.22 55.59
CA ALA E 81 -15.76 4.38 54.81
C ALA E 81 -17.23 4.57 55.20
N ALA E 82 -17.49 5.10 56.39
CA ALA E 82 -18.87 5.26 56.83
C ALA E 82 -19.57 6.34 56.03
N ALA E 83 -19.04 7.57 56.06
CA ALA E 83 -19.66 8.68 55.33
C ALA E 83 -19.57 8.50 53.82
N ASP E 84 -18.74 7.58 53.33
CA ASP E 84 -18.63 7.38 51.88
C ASP E 84 -19.94 6.88 51.30
N LEU E 85 -20.54 5.87 51.93
CA LEU E 85 -21.79 5.28 51.44
C LEU E 85 -22.97 6.05 52.05
N ILE E 86 -23.29 7.17 51.42
CA ILE E 86 -24.43 7.99 51.83
C ILE E 86 -25.08 8.58 50.59
N SER E 87 -26.40 8.72 50.63
CA SER E 87 -27.16 9.26 49.51
C SER E 87 -28.57 9.56 49.99
N GLU E 88 -29.36 10.18 49.11
CA GLU E 88 -30.73 10.55 49.46
C GLU E 88 -31.60 9.33 49.71
N ASP E 89 -31.15 8.14 49.30
CA ASP E 89 -31.91 6.92 49.58
C ASP E 89 -31.95 6.65 51.08
N THR E 90 -30.79 6.65 51.73
CA THR E 90 -30.68 6.47 53.17
C THR E 90 -29.74 7.53 53.75
N PRO E 91 -30.16 8.80 53.77
CA PRO E 91 -29.35 9.87 54.34
C PRO E 91 -29.57 10.04 55.84
N ASP E 92 -29.48 8.95 56.58
CA ASP E 92 -29.82 8.95 58.00
C ASP E 92 -28.62 8.83 58.91
N TYR E 93 -27.66 7.94 58.60
CA TYR E 93 -26.56 7.67 59.51
C TYR E 93 -25.40 8.63 59.35
N GLN E 94 -25.64 9.82 58.79
CA GLN E 94 -24.64 10.88 58.91
C GLN E 94 -24.48 11.28 60.38
N TYR E 95 -25.57 11.23 61.15
CA TYR E 95 -25.47 11.41 62.59
C TYR E 95 -24.61 10.31 63.21
N LEU E 96 -24.68 9.09 62.68
CA LEU E 96 -23.80 8.03 63.17
C LEU E 96 -22.33 8.37 62.91
N ALA E 97 -22.03 8.90 61.72
CA ALA E 97 -20.67 9.31 61.43
C ALA E 97 -20.23 10.42 62.36
N ALA E 98 -21.12 11.37 62.66
CA ALA E 98 -20.77 12.45 63.57
C ALA E 98 -20.53 11.92 64.98
N ARG E 99 -21.34 10.95 65.42
CA ARG E 99 -21.16 10.37 66.74
C ARG E 99 -19.80 9.67 66.83
N LEU E 100 -19.46 8.88 65.81
CA LEU E 100 -18.16 8.23 65.78
C LEU E 100 -17.04 9.25 65.76
N ALA E 101 -17.24 10.37 65.05
CA ALA E 101 -16.22 11.41 64.97
C ALA E 101 -15.97 12.03 66.34
N ILE E 102 -17.03 12.45 67.02
CA ILE E 102 -16.86 13.07 68.32
C ILE E 102 -16.34 12.06 69.33
N PHE E 103 -16.66 10.78 69.16
CA PHE E 103 -16.11 9.75 70.05
C PHE E 103 -14.60 9.64 69.84
N HIS E 104 -14.15 9.54 68.60
CA HIS E 104 -12.72 9.48 68.33
C HIS E 104 -12.02 10.74 68.79
N LEU E 105 -12.70 11.89 68.71
CA LEU E 105 -12.08 13.13 69.16
C LEU E 105 -11.91 13.14 70.67
N ARG E 106 -12.96 12.75 71.41
CA ARG E 106 -12.84 12.66 72.86
C ARG E 106 -11.82 11.62 73.27
N LYS E 107 -11.62 10.59 72.44
CA LYS E 107 -10.59 9.59 72.73
C LYS E 107 -9.20 10.17 72.54
N ILE E 108 -8.95 10.80 71.39
CA ILE E 108 -7.64 11.41 71.14
C ILE E 108 -7.38 12.59 72.07
N ALA E 109 -8.41 13.11 72.73
CA ALA E 109 -8.22 14.19 73.70
C ALA E 109 -7.81 13.64 75.07
N TYR E 110 -8.55 12.66 75.58
CA TYR E 110 -8.27 12.13 76.91
C TYR E 110 -8.19 10.61 76.92
N GLY E 111 -8.95 9.97 76.04
CA GLY E 111 -9.00 8.52 76.01
C GLY E 111 -10.28 7.98 76.60
N GLU E 112 -10.73 8.59 77.68
CA GLU E 112 -11.95 8.19 78.35
C GLU E 112 -13.13 8.97 77.78
N TYR E 113 -14.28 8.89 78.44
CA TYR E 113 -15.49 9.59 78.03
C TYR E 113 -16.04 10.42 79.19
N GLU E 114 -15.15 11.15 79.85
CA GLU E 114 -15.53 11.99 80.97
C GLU E 114 -14.53 13.13 81.14
N PRO E 115 -14.79 14.29 80.53
CA PRO E 115 -13.84 15.41 80.64
C PRO E 115 -13.82 15.97 82.04
N PRO E 116 -12.77 16.71 82.41
CA PRO E 116 -12.70 17.27 83.77
C PRO E 116 -13.73 18.35 84.03
N HIS E 117 -13.75 18.87 85.25
CA HIS E 117 -14.74 19.88 85.64
C HIS E 117 -14.28 21.28 85.27
N LEU E 118 -13.88 21.46 84.01
CA LEU E 118 -13.55 22.76 83.43
C LEU E 118 -12.29 23.37 84.04
N TYR E 119 -11.75 22.77 85.09
CA TYR E 119 -10.58 23.31 85.77
C TYR E 119 -9.34 22.46 85.56
N ASN E 120 -9.40 21.15 85.85
CA ASN E 120 -8.26 20.29 85.60
C ASN E 120 -7.85 20.31 84.14
N HIS E 121 -8.76 20.69 83.24
CA HIS E 121 -8.39 20.88 81.84
C HIS E 121 -7.80 22.26 81.61
N VAL E 122 -8.42 23.29 82.18
CA VAL E 122 -7.96 24.66 81.95
C VAL E 122 -6.72 24.95 82.79
N LYS E 123 -6.77 24.64 84.08
CA LYS E 123 -5.63 24.93 84.95
C LYS E 123 -4.43 24.07 84.62
N LYS E 124 -4.65 22.88 84.07
CA LYS E 124 -3.56 21.98 83.72
C LYS E 124 -2.96 22.28 82.36
N LEU E 125 -3.71 22.90 81.46
CA LEU E 125 -3.24 23.19 80.11
C LEU E 125 -2.98 24.67 79.87
N THR E 126 -3.19 25.52 80.87
CA THR E 126 -2.92 26.94 80.69
C THR E 126 -1.44 27.19 80.47
N ASP E 127 -0.57 26.47 81.18
CA ASP E 127 0.87 26.62 81.00
C ASP E 127 1.36 26.02 79.70
N ALA E 128 0.52 25.33 78.95
CA ALA E 128 0.93 24.73 77.68
C ALA E 128 1.15 25.76 76.59
N GLY E 129 0.88 27.04 76.84
CA GLY E 129 1.09 28.08 75.87
C GLY E 129 0.03 28.21 74.80
N LYS E 130 -0.84 27.20 74.64
CA LYS E 130 -1.88 27.28 73.62
C LYS E 130 -2.90 28.37 73.94
N TYR E 131 -3.17 28.60 75.22
CA TYR E 131 -4.10 29.62 75.64
C TYR E 131 -3.34 30.91 75.96
N ASP E 132 -4.07 31.90 76.46
CA ASP E 132 -3.49 33.17 76.90
C ASP E 132 -3.38 33.16 78.42
N ARG E 133 -2.23 33.59 78.93
CA ARG E 133 -1.97 33.51 80.36
C ARG E 133 -2.59 34.67 81.11
N HIS E 134 -3.89 34.88 80.92
CA HIS E 134 -4.61 35.89 81.69
C HIS E 134 -6.00 35.45 82.14
N ILE E 135 -6.54 34.36 81.59
CA ILE E 135 -7.89 33.94 81.96
C ILE E 135 -7.95 33.53 83.43
N LEU E 136 -7.03 32.66 83.85
CA LEU E 136 -7.01 32.21 85.23
C LEU E 136 -6.79 33.38 86.19
N GLU E 137 -6.03 34.38 85.77
CA GLU E 137 -5.81 35.56 86.60
C GLU E 137 -6.93 36.58 86.49
N ASP E 138 -8.00 36.28 85.75
CA ASP E 138 -9.11 37.20 85.58
C ASP E 138 -10.41 36.72 86.20
N TYR E 139 -10.45 35.49 86.71
CA TYR E 139 -11.66 34.96 87.33
C TYR E 139 -11.28 34.23 88.62
N SER E 140 -12.30 33.84 89.37
CA SER E 140 -12.12 33.23 90.68
C SER E 140 -12.30 31.72 90.60
N ARG E 141 -11.59 31.01 91.47
CA ARG E 141 -11.69 29.56 91.52
C ARG E 141 -13.02 29.11 92.13
N GLU E 142 -13.57 29.90 93.04
CA GLU E 142 -14.82 29.52 93.71
C GLU E 142 -15.97 29.47 92.71
N GLU E 143 -16.24 30.60 92.05
CA GLU E 143 -17.31 30.65 91.06
C GLU E 143 -17.01 29.81 89.83
N PHE E 144 -15.75 29.39 89.65
CA PHE E 144 -15.41 28.54 88.51
C PHE E 144 -16.20 27.24 88.53
N ASP E 145 -16.14 26.53 89.67
CA ASP E 145 -16.89 25.28 89.77
C ASP E 145 -18.40 25.53 89.76
N GLU E 146 -18.84 26.68 90.27
CA GLU E 146 -20.26 27.01 90.24
C GLU E 146 -20.77 27.13 88.82
N LEU E 147 -20.01 27.83 87.97
CA LEU E 147 -20.35 27.91 86.56
C LEU E 147 -20.04 26.62 85.81
N ASN E 148 -19.26 25.72 86.40
CA ASN E 148 -18.92 24.48 85.69
C ASN E 148 -20.12 23.56 85.54
N ALA E 149 -21.03 23.57 86.52
CA ALA E 149 -22.17 22.67 86.49
C ALA E 149 -23.30 23.23 85.63
N TYR E 150 -22.95 23.65 84.42
CA TYR E 150 -23.91 24.16 83.46
C TYR E 150 -23.65 23.67 82.04
N ILE E 151 -22.67 22.79 81.84
CA ILE E 151 -22.24 22.41 80.51
C ILE E 151 -22.16 20.89 80.32
N ASP E 152 -23.17 20.17 80.81
CA ASP E 152 -23.28 18.76 80.52
C ASP E 152 -23.06 18.51 79.04
N HIS E 153 -22.10 17.63 78.73
CA HIS E 153 -21.69 17.40 77.35
C HIS E 153 -22.69 16.58 76.55
N GLU E 154 -23.87 16.28 77.11
CA GLU E 154 -24.86 15.50 76.39
C GLU E 154 -25.32 16.20 75.12
N ARG E 155 -25.21 17.53 75.05
CA ARG E 155 -25.57 18.26 73.85
C ARG E 155 -24.52 18.16 72.75
N ASP E 156 -23.34 17.63 73.06
CA ASP E 156 -22.29 17.49 72.05
C ASP E 156 -22.63 16.44 71.01
N MET E 157 -23.61 15.58 71.27
CA MET E 157 -24.03 14.56 70.31
C MET E 157 -25.16 15.06 69.42
N SER E 158 -24.95 16.21 68.79
CA SER E 158 -25.96 16.77 67.88
C SER E 158 -25.33 17.38 66.63
N PHE E 159 -24.09 17.02 66.32
CA PHE E 159 -23.40 17.57 65.17
C PHE E 159 -23.67 16.73 63.93
N SER E 160 -23.10 17.15 62.81
CA SER E 160 -23.10 16.37 61.57
C SER E 160 -21.66 16.06 61.19
N TYR E 161 -21.50 15.07 60.30
CA TYR E 161 -20.16 14.73 59.84
C TYR E 161 -19.51 15.91 59.13
N ALA E 162 -20.31 16.66 58.35
CA ALA E 162 -19.79 17.84 57.68
C ALA E 162 -19.33 18.91 58.66
N ALA E 163 -19.75 18.83 59.92
CA ALA E 163 -19.30 19.76 60.94
C ALA E 163 -18.00 19.29 61.58
N VAL E 164 -18.02 18.08 62.14
CA VAL E 164 -16.84 17.56 62.82
C VAL E 164 -15.66 17.43 61.88
N LYS E 165 -15.93 17.21 60.59
CA LYS E 165 -14.84 17.12 59.61
C LYS E 165 -14.03 18.41 59.59
N GLN E 166 -14.68 19.52 59.26
CA GLN E 166 -13.98 20.80 59.22
C GLN E 166 -13.48 21.21 60.60
N LEU E 167 -14.20 20.82 61.66
CA LEU E 167 -13.75 21.15 63.01
C LEU E 167 -12.39 20.53 63.29
N GLU E 168 -12.26 19.22 63.07
CA GLU E 168 -10.98 18.57 63.24
C GLU E 168 -9.97 19.04 62.21
N GLY E 169 -10.43 19.53 61.06
CA GLY E 169 -9.51 20.02 60.07
C GLY E 169 -8.83 21.30 60.49
N LYS E 170 -9.55 22.41 60.54
CA LYS E 170 -8.99 23.63 61.11
C LYS E 170 -10.14 24.48 61.67
N TYR E 171 -10.47 24.26 62.93
CA TYR E 171 -11.33 25.19 63.66
C TYR E 171 -10.92 25.42 65.10
N LEU E 172 -10.17 24.52 65.72
CA LEU E 172 -9.84 24.61 67.14
C LEU E 172 -8.34 24.49 67.33
N VAL E 173 -7.90 24.75 68.55
CA VAL E 173 -6.46 24.83 68.83
C VAL E 173 -5.83 23.45 68.69
N GLN E 174 -4.72 23.38 67.96
CA GLN E 174 -3.97 22.15 67.76
C GLN E 174 -2.69 22.50 67.01
N ASN E 175 -1.63 21.73 67.28
CA ASN E 175 -0.37 21.95 66.59
C ASN E 175 -0.49 21.53 65.13
N ARG E 176 -0.14 22.44 64.23
CA ARG E 176 -0.30 22.21 62.79
C ARG E 176 0.76 21.30 62.20
N VAL E 177 1.63 20.70 63.02
CA VAL E 177 2.64 19.79 62.52
C VAL E 177 2.44 18.41 63.14
N THR E 178 1.85 18.38 64.33
CA THR E 178 1.62 17.14 65.05
C THR E 178 0.16 16.69 64.98
N ARG E 179 -0.78 17.63 64.86
CA ARG E 179 -2.21 17.37 64.85
C ARG E 179 -2.71 16.76 66.15
N GLN E 180 -1.94 16.89 67.22
CA GLN E 180 -2.36 16.43 68.54
C GLN E 180 -3.35 17.44 69.10
N ILE E 181 -4.64 17.15 68.94
CA ILE E 181 -5.68 18.08 69.37
C ILE E 181 -5.66 18.18 70.89
N TYR E 182 -5.81 19.40 71.40
CA TYR E 182 -5.75 19.66 72.83
C TYR E 182 -7.02 20.33 73.36
N GLU E 183 -8.14 20.21 72.65
CA GLU E 183 -9.37 20.87 73.05
C GLU E 183 -10.54 19.91 72.82
N THR E 184 -11.75 20.44 72.97
CA THR E 184 -12.98 19.68 72.86
C THR E 184 -14.05 20.63 72.38
N PRO E 185 -14.90 20.23 71.42
CA PRO E 185 -15.87 21.16 70.85
C PRO E 185 -16.95 21.61 71.83
N GLN E 186 -16.91 21.11 73.06
CA GLN E 186 -17.83 21.54 74.09
C GLN E 186 -17.28 22.67 74.94
N PHE E 187 -16.01 22.59 75.34
CA PHE E 187 -15.39 23.67 76.08
C PHE E 187 -15.11 24.89 75.23
N LEU E 188 -15.19 24.75 73.90
CA LEU E 188 -14.90 25.86 72.99
C LEU E 188 -15.81 27.05 73.27
N TYR E 189 -17.13 26.81 73.28
CA TYR E 189 -18.09 27.90 73.38
C TYR E 189 -17.96 28.62 74.71
N VAL E 190 -17.92 27.87 75.81
CA VAL E 190 -17.83 28.51 77.11
C VAL E 190 -16.48 29.17 77.31
N LEU E 191 -15.42 28.62 76.72
CA LEU E 191 -14.12 29.25 76.84
C LEU E 191 -14.10 30.60 76.13
N VAL E 192 -14.64 30.66 74.91
CA VAL E 192 -14.64 31.93 74.20
C VAL E 192 -15.58 32.92 74.86
N ALA E 193 -16.71 32.45 75.39
CA ALA E 193 -17.64 33.35 76.05
C ALA E 193 -17.07 33.87 77.37
N MET E 194 -16.25 33.07 78.04
CA MET E 194 -15.61 33.55 79.27
C MET E 194 -14.47 34.51 78.95
N CYS E 195 -13.73 34.25 77.87
CA CYS E 195 -12.62 35.12 77.53
C CYS E 195 -13.11 36.47 77.00
N LEU E 196 -14.23 36.50 76.30
CA LEU E 196 -14.74 37.75 75.75
C LEU E 196 -15.31 38.67 76.83
N PHE E 197 -15.47 38.20 78.05
CA PHE E 197 -16.11 38.96 79.12
C PHE E 197 -15.16 39.16 80.29
N SER E 198 -13.91 39.51 80.00
CA SER E 198 -12.93 39.69 81.07
C SER E 198 -13.12 41.04 81.78
N LYS E 199 -12.98 42.14 81.04
CA LYS E 199 -13.09 43.47 81.63
C LYS E 199 -14.57 43.81 81.81
N TYR E 200 -15.11 43.36 82.94
CA TYR E 200 -16.51 43.60 83.27
C TYR E 200 -16.65 43.59 84.78
N PRO E 201 -17.69 44.23 85.31
CA PRO E 201 -17.90 44.20 86.77
C PRO E 201 -18.21 42.79 87.25
N LYS E 202 -17.59 42.41 88.37
CA LYS E 202 -17.75 41.07 88.92
C LYS E 202 -19.04 40.96 89.72
N GLU E 203 -20.16 41.34 89.11
CA GLU E 203 -21.47 41.23 89.75
C GLU E 203 -22.53 40.61 88.86
N ALA E 204 -22.37 40.62 87.55
CA ALA E 204 -23.35 40.03 86.65
C ALA E 204 -22.74 39.20 85.53
N ARG E 205 -21.42 39.17 85.38
CA ARG E 205 -20.81 38.43 84.27
C ARG E 205 -21.11 36.94 84.37
N LEU E 206 -21.15 36.40 85.59
CA LEU E 206 -21.42 34.97 85.75
C LEU E 206 -22.83 34.61 85.28
N ASP E 207 -23.81 35.46 85.57
CA ASP E 207 -25.16 35.25 85.09
C ASP E 207 -25.38 35.74 83.67
N TYR E 208 -24.39 36.42 83.10
CA TYR E 208 -24.50 36.95 81.75
C TYR E 208 -23.87 36.05 80.70
N VAL E 209 -22.82 35.31 81.06
CA VAL E 209 -22.17 34.40 80.12
C VAL E 209 -23.08 33.23 79.76
N LYS E 210 -24.01 32.88 80.65
CA LYS E 210 -24.88 31.74 80.39
C LYS E 210 -25.79 32.01 79.19
N ARG E 211 -26.25 33.25 79.04
CA ARG E 211 -27.10 33.58 77.89
C ARG E 211 -26.35 33.39 76.58
N PHE E 212 -25.11 33.90 76.52
CA PHE E 212 -24.32 33.75 75.30
C PHE E 212 -24.00 32.28 75.04
N TYR E 213 -23.72 31.51 76.09
CA TYR E 213 -23.44 30.09 75.89
C TYR E 213 -24.66 29.36 75.36
N ASP E 214 -25.84 29.64 75.92
CA ASP E 214 -27.06 29.00 75.43
C ASP E 214 -27.36 29.44 74.00
N ALA E 215 -26.96 30.66 73.63
CA ALA E 215 -27.17 31.12 72.27
C ALA E 215 -26.26 30.39 71.28
N VAL E 216 -24.97 30.24 71.64
CA VAL E 216 -24.03 29.65 70.70
C VAL E 216 -24.18 28.13 70.65
N SER E 217 -24.56 27.50 71.77
CA SER E 217 -24.66 26.05 71.79
C SER E 217 -25.87 25.55 71.02
N THR E 218 -26.99 26.26 71.11
CA THR E 218 -28.19 25.90 70.38
C THR E 218 -28.14 26.32 68.92
N PHE E 219 -26.98 26.71 68.42
CA PHE E 219 -26.76 27.10 67.02
C PHE E 219 -27.61 28.29 66.60
N LYS E 220 -28.08 29.09 67.56
CA LYS E 220 -28.86 30.27 67.23
C LYS E 220 -28.01 31.42 66.69
N VAL E 221 -26.74 31.48 67.10
CA VAL E 221 -25.82 32.51 66.64
C VAL E 221 -24.57 31.81 66.11
N SER E 222 -24.08 32.24 64.96
CA SER E 222 -22.94 31.62 64.31
C SER E 222 -21.71 32.53 64.40
N LEU E 223 -20.53 31.92 64.49
CA LEU E 223 -19.28 32.69 64.63
C LEU E 223 -18.25 32.21 63.59
N PRO E 224 -17.53 33.14 62.91
CA PRO E 224 -16.49 32.79 61.92
C PRO E 224 -15.20 32.12 62.45
N THR E 225 -14.28 31.82 61.53
CA THR E 225 -12.99 31.18 61.93
C THR E 225 -12.08 32.26 62.56
N PRO E 226 -12.02 33.48 62.00
CA PRO E 226 -11.19 34.55 62.56
C PRO E 226 -11.47 34.80 64.05
N ILE E 227 -12.68 34.45 64.51
CA ILE E 227 -13.05 34.66 65.90
C ILE E 227 -13.05 33.35 66.68
N MET E 228 -13.30 32.22 66.02
CA MET E 228 -13.21 30.93 66.67
C MET E 228 -11.89 30.23 66.40
N SER E 229 -11.18 30.60 65.34
CA SER E 229 -9.85 30.08 65.10
C SER E 229 -8.77 30.89 65.80
N GLY E 230 -9.13 32.02 66.42
CA GLY E 230 -8.12 32.90 66.99
C GLY E 230 -8.42 33.38 68.40
N VAL E 231 -9.55 32.98 68.97
CA VAL E 231 -9.87 33.40 70.33
C VAL E 231 -8.89 32.77 71.32
N ARG E 232 -8.90 33.31 72.54
CA ARG E 232 -8.07 32.87 73.71
C ARG E 232 -6.65 32.45 73.28
N THR E 233 -6.14 33.06 72.22
CA THR E 233 -4.86 32.73 71.63
C THR E 233 -3.87 33.87 71.86
N PRO E 234 -2.60 33.58 72.14
CA PRO E 234 -1.62 34.66 72.36
C PRO E 234 -1.59 35.71 71.26
N THR E 235 -1.61 35.29 70.00
CA THR E 235 -1.63 36.24 68.89
C THR E 235 -3.03 36.85 68.79
N ARG E 236 -3.20 38.02 69.39
CA ARG E 236 -4.51 38.67 69.47
C ARG E 236 -4.77 39.41 68.16
N GLN E 237 -5.36 38.70 67.20
CA GLN E 237 -5.79 39.28 65.94
C GLN E 237 -7.16 38.71 65.61
N PHE E 238 -8.12 39.60 65.35
CA PHE E 238 -9.49 39.15 65.15
C PHE E 238 -10.23 39.85 64.02
N SER E 239 -9.54 40.62 63.18
CA SER E 239 -10.21 41.24 62.05
C SER E 239 -10.56 40.18 61.00
N SER E 240 -11.29 40.61 59.98
CA SER E 240 -11.64 39.73 58.87
C SER E 240 -11.24 40.28 57.52
N CYS E 241 -11.26 41.59 57.32
CA CYS E 241 -10.86 42.20 56.07
C CYS E 241 -10.18 43.52 56.36
N VAL E 242 -9.25 43.91 55.48
CA VAL E 242 -8.59 45.21 55.56
C VAL E 242 -8.52 45.81 54.17
N LEU E 243 -8.42 47.13 54.12
CA LEU E 243 -8.34 47.88 52.87
C LEU E 243 -7.06 48.69 52.83
N ILE E 244 -6.58 48.96 51.63
CA ILE E 244 -5.37 49.76 51.43
C ILE E 244 -5.35 50.24 49.98
N GLU E 245 -4.95 51.49 49.79
CA GLU E 245 -4.82 52.08 48.47
C GLU E 245 -3.47 52.79 48.37
N CYS E 246 -2.86 52.70 47.20
CA CYS E 246 -1.53 53.25 46.96
C CYS E 246 -1.58 54.25 45.81
N ASP E 247 -1.03 55.43 46.04
CA ASP E 247 -0.95 56.47 45.02
C ASP E 247 0.42 56.44 44.35
N ASP E 248 0.67 57.43 43.49
CA ASP E 248 1.89 57.46 42.70
C ASP E 248 3.09 57.92 43.53
N SER E 249 3.78 56.96 44.17
CA SER E 249 4.98 57.26 44.91
C SER E 249 5.71 55.96 45.23
N LEU E 250 7.04 56.00 45.13
CA LEU E 250 7.84 54.81 45.41
C LEU E 250 7.79 54.45 46.89
N ASP E 251 7.91 55.45 47.77
CA ASP E 251 7.84 55.19 49.19
C ASP E 251 6.50 54.59 49.57
N SER E 252 5.41 55.08 48.96
CA SER E 252 4.10 54.52 49.24
C SER E 252 4.03 53.06 48.81
N ILE E 253 4.63 52.73 47.68
CA ILE E 253 4.62 51.34 47.21
C ILE E 253 5.40 50.45 48.15
N ASN E 254 6.58 50.89 48.58
CA ASN E 254 7.36 50.12 49.54
C ASN E 254 6.58 49.93 50.84
N ALA E 255 5.91 50.99 51.30
CA ALA E 255 5.16 50.91 52.54
C ALA E 255 4.00 49.93 52.43
N THR E 256 3.24 50.00 51.35
CA THR E 256 2.11 49.08 51.22
C THR E 256 2.58 47.65 51.00
N THR E 257 3.74 47.47 50.37
CA THR E 257 4.29 46.12 50.23
C THR E 257 4.67 45.54 51.59
N SER E 258 5.34 46.35 52.42
CA SER E 258 5.65 45.90 53.77
C SER E 258 4.37 45.61 54.56
N ALA E 259 3.34 46.44 54.36
CA ALA E 259 2.08 46.26 55.07
C ALA E 259 1.40 44.96 54.68
N ILE E 260 1.33 44.66 53.38
CA ILE E 260 0.69 43.43 52.96
C ILE E 260 1.53 42.22 53.38
N VAL E 261 2.85 42.35 53.39
CA VAL E 261 3.68 41.23 53.81
C VAL E 261 3.51 40.95 55.30
N LYS E 262 3.34 42.00 56.10
CA LYS E 262 3.29 41.82 57.55
C LYS E 262 1.89 41.48 58.03
N TYR E 263 0.84 41.99 57.38
CA TYR E 263 -0.50 41.87 57.93
C TYR E 263 -1.16 40.55 57.55
N VAL E 264 -0.89 40.05 56.34
CA VAL E 264 -1.55 38.83 55.87
C VAL E 264 -1.14 37.63 56.70
N SER E 265 -0.07 37.74 57.49
CA SER E 265 0.43 36.62 58.26
C SER E 265 -0.46 36.27 59.46
N GLN E 266 -1.49 37.08 59.75
CA GLN E 266 -2.43 36.78 60.83
C GLN E 266 -3.87 36.95 60.32
N ARG E 267 -4.40 35.90 59.68
CA ARG E 267 -5.82 35.77 59.37
C ARG E 267 -6.43 37.06 58.83
N ALA E 268 -5.94 37.47 57.66
CA ALA E 268 -6.29 38.76 57.10
C ALA E 268 -7.05 38.58 55.78
N GLY E 269 -7.71 39.67 55.38
CA GLY E 269 -8.37 39.76 54.09
C GLY E 269 -8.07 41.10 53.45
N ILE E 270 -7.59 41.09 52.20
CA ILE E 270 -6.95 42.24 51.60
C ILE E 270 -7.81 42.81 50.50
N GLY E 271 -7.95 44.13 50.48
CA GLY E 271 -8.66 44.85 49.44
C GLY E 271 -7.77 45.83 48.70
N ILE E 272 -6.56 45.40 48.34
CA ILE E 272 -5.56 46.28 47.77
C ILE E 272 -6.12 47.03 46.55
N ASN E 273 -5.74 48.29 46.43
CA ASN E 273 -6.15 49.13 45.31
C ASN E 273 -4.94 49.93 44.83
N ALA E 274 -4.66 49.85 43.53
CA ALA E 274 -3.50 50.52 42.94
C ALA E 274 -3.87 51.15 41.61
N GLY E 275 -5.02 51.83 41.56
CA GLY E 275 -5.45 52.47 40.34
C GLY E 275 -4.88 53.86 40.14
N ARG E 276 -3.81 54.18 40.86
CA ARG E 276 -3.23 55.51 40.81
C ARG E 276 -1.71 55.45 40.78
N ILE E 277 -1.14 54.56 39.97
CA ILE E 277 0.31 54.41 39.97
C ILE E 277 0.95 55.29 38.90
N ARG E 278 0.68 55.01 37.63
CA ARG E 278 1.28 55.72 36.51
C ARG E 278 0.71 55.13 35.22
N GLY E 279 0.80 55.89 34.15
CA GLY E 279 0.51 55.37 32.82
C GLY E 279 1.76 54.83 32.16
N LEU E 280 1.97 55.19 30.90
CA LEU E 280 3.20 54.86 30.18
C LEU E 280 3.66 56.04 29.35
N ASP E 281 3.48 57.25 29.88
CA ASP E 281 3.71 58.46 29.08
C ASP E 281 5.20 58.83 29.04
N SER E 282 5.76 59.20 30.19
CA SER E 282 7.13 59.69 30.24
C SER E 282 7.58 59.91 31.68
N GLU E 283 8.83 60.33 31.85
CA GLU E 283 9.37 60.75 33.13
C GLU E 283 9.93 62.15 33.00
N ILE E 284 9.56 63.03 33.94
CA ILE E 284 9.92 64.44 33.81
C ILE E 284 11.43 64.62 33.95
N ARG E 285 12.00 64.16 35.06
CA ARG E 285 13.40 64.42 35.35
C ARG E 285 14.36 63.52 34.57
N GLY E 286 13.88 62.82 33.55
CA GLY E 286 14.76 62.01 32.73
C GLY E 286 14.74 60.54 33.09
N GLY E 287 14.15 59.72 32.23
CA GLY E 287 14.03 58.30 32.49
C GLY E 287 12.80 57.70 31.83
N GLU E 288 12.60 56.40 32.01
CA GLU E 288 11.44 55.75 31.41
C GLU E 288 10.17 56.15 32.18
N ALA E 289 9.04 56.02 31.49
CA ALA E 289 7.75 56.39 32.06
C ALA E 289 7.41 55.57 33.29
N ARG E 290 7.16 54.27 33.11
CA ARG E 290 6.76 53.42 34.22
C ARG E 290 7.35 52.01 34.15
N HIS E 291 8.28 51.75 33.24
CA HIS E 291 8.84 50.42 33.04
C HIS E 291 7.71 49.43 32.72
N THR E 292 7.07 49.66 31.57
CA THR E 292 5.94 48.90 31.03
C THR E 292 4.67 49.06 31.86
N GLY E 293 4.63 49.97 32.82
CA GLY E 293 3.41 50.24 33.54
C GLY E 293 3.15 49.31 34.71
N CYS E 294 1.91 48.86 34.85
CA CYS E 294 1.51 48.08 36.01
C CYS E 294 1.89 46.61 35.92
N ILE E 295 2.27 46.14 34.73
CA ILE E 295 2.56 44.71 34.56
C ILE E 295 3.66 44.22 35.49
N PRO E 296 4.83 44.87 35.59
CA PRO E 296 5.85 44.37 36.52
C PRO E 296 5.55 44.72 37.97
N PHE E 297 4.84 45.84 38.18
CA PHE E 297 4.56 46.27 39.55
C PHE E 297 3.59 45.33 40.24
N PHE E 298 2.58 44.84 39.52
CA PHE E 298 1.61 43.94 40.13
C PHE E 298 2.22 42.59 40.49
N LYS E 299 3.32 42.20 39.84
CA LYS E 299 4.00 40.98 40.22
C LYS E 299 4.48 41.05 41.67
N MET E 300 4.89 42.23 42.12
CA MET E 300 5.31 42.38 43.50
C MET E 300 4.18 42.05 44.47
N PHE E 301 3.00 42.62 44.22
CA PHE E 301 1.85 42.34 45.09
C PHE E 301 1.44 40.87 44.99
N GLN E 302 1.50 40.30 43.79
CA GLN E 302 1.14 38.89 43.63
C GLN E 302 2.05 37.99 44.43
N ALA E 303 3.37 38.27 44.40
CA ALA E 303 4.29 37.49 45.21
C ALA E 303 4.11 37.77 46.70
N ALA E 304 3.73 39.00 47.05
CA ALA E 304 3.56 39.33 48.46
C ALA E 304 2.38 38.58 49.07
N VAL E 305 1.24 38.60 48.40
CA VAL E 305 0.08 37.89 48.92
C VAL E 305 0.30 36.39 48.92
N LYS E 306 1.17 35.88 48.04
CA LYS E 306 1.51 34.46 48.04
C LYS E 306 2.66 34.28 49.02
N SER E 307 2.30 34.05 50.28
CA SER E 307 3.27 33.98 51.37
C SER E 307 2.73 33.00 52.40
N CYS E 308 3.26 33.09 53.62
CA CYS E 308 2.86 32.22 54.71
C CYS E 308 1.35 32.19 54.88
N SER E 309 0.86 31.09 55.45
CA SER E 309 -0.57 30.91 55.64
C SER E 309 -1.13 32.01 56.54
N GLN E 310 -2.40 32.35 56.30
CA GLN E 310 -3.05 33.41 57.07
C GLN E 310 -3.36 32.92 58.48
N GLY E 311 -2.32 32.78 59.31
CA GLY E 311 -2.48 32.28 60.65
C GLY E 311 -2.24 30.80 60.81
N GLY E 312 -2.11 30.06 59.72
CA GLY E 312 -1.90 28.63 59.76
C GLY E 312 -3.12 27.79 59.49
N VAL E 313 -4.07 28.29 58.71
CA VAL E 313 -5.28 27.56 58.37
C VAL E 313 -5.45 27.38 56.87
N ARG E 314 -5.19 28.42 56.08
CA ARG E 314 -5.39 28.37 54.64
C ARG E 314 -4.46 29.40 54.00
N GLY E 315 -4.64 29.61 52.70
CA GLY E 315 -3.84 30.57 51.97
C GLY E 315 -4.64 31.78 51.51
N GLY E 316 -4.22 32.97 51.91
CA GLY E 316 -4.95 34.17 51.55
C GLY E 316 -4.80 34.51 50.08
N ALA E 317 -5.68 35.39 49.62
CA ALA E 317 -5.68 35.83 48.23
C ALA E 317 -6.28 37.23 48.17
N ALA E 318 -5.49 38.20 47.75
CA ALA E 318 -5.92 39.59 47.72
C ALA E 318 -6.77 39.85 46.47
N THR E 319 -7.12 41.11 46.25
CA THR E 319 -7.95 41.49 45.11
C THR E 319 -7.64 42.93 44.75
N LEU E 320 -7.10 43.14 43.56
CA LEU E 320 -6.70 44.47 43.12
C LEU E 320 -7.84 45.14 42.34
N PHE E 321 -7.69 46.45 42.13
CA PHE E 321 -8.68 47.23 41.41
C PHE E 321 -7.97 48.30 40.58
N TYR E 322 -8.65 48.73 39.53
CA TYR E 322 -8.14 49.81 38.68
C TYR E 322 -9.29 50.36 37.85
N PRO E 323 -9.26 51.65 37.52
CA PRO E 323 -10.37 52.24 36.75
C PRO E 323 -10.30 51.88 35.28
N LEU E 324 -11.47 51.95 34.64
CA LEU E 324 -11.58 51.59 33.23
C LEU E 324 -10.93 52.61 32.32
N TRP E 325 -10.94 53.89 32.71
CA TRP E 325 -10.39 54.95 31.89
C TRP E 325 -8.86 55.01 31.93
N HIS E 326 -8.22 54.01 32.54
CA HIS E 326 -6.76 54.01 32.60
C HIS E 326 -6.17 53.88 31.20
N ILE E 327 -5.14 54.67 30.92
CA ILE E 327 -4.50 54.63 29.61
C ILE E 327 -4.01 53.21 29.31
N GLU E 328 -3.52 52.51 30.33
CA GLU E 328 -3.30 51.08 30.20
C GLU E 328 -4.67 50.40 30.26
N ALA E 329 -5.24 50.12 29.10
CA ALA E 329 -6.63 49.67 29.00
C ALA E 329 -6.72 48.19 29.36
N GLU E 330 -7.85 47.57 29.03
CA GLU E 330 -8.09 46.17 29.33
C GLU E 330 -7.11 45.25 28.61
N SER E 331 -6.18 45.84 27.86
CA SER E 331 -5.06 45.07 27.31
C SER E 331 -4.31 44.35 28.42
N LEU E 332 -4.38 44.85 29.65
CA LEU E 332 -3.83 44.15 30.80
C LEU E 332 -4.84 43.24 31.48
N LEU E 333 -6.14 43.40 31.17
CA LEU E 333 -7.17 42.57 31.79
C LEU E 333 -7.03 41.11 31.40
N VAL E 334 -6.39 40.82 30.27
CA VAL E 334 -6.17 39.45 29.85
C VAL E 334 -5.25 38.69 30.80
N LEU E 335 -4.62 39.39 31.75
CA LEU E 335 -3.67 38.76 32.66
C LEU E 335 -4.28 37.61 33.46
N LYS E 336 -5.60 37.49 33.50
CA LYS E 336 -6.26 36.37 34.15
C LYS E 336 -6.61 35.25 33.19
N ASN E 337 -6.41 35.45 31.89
CA ASN E 337 -6.70 34.41 30.91
C ASN E 337 -5.69 33.27 31.02
N ASN E 338 -6.07 32.12 30.48
CA ASN E 338 -5.22 30.93 30.54
C ASN E 338 -4.30 30.83 29.33
N ARG E 339 -4.87 30.79 28.13
CA ARG E 339 -4.08 30.61 26.91
C ARG E 339 -3.36 31.92 26.58
N GLY E 340 -2.03 31.90 26.65
CA GLY E 340 -1.25 33.08 26.34
C GLY E 340 0.19 32.88 26.75
N VAL E 341 1.02 33.84 26.32
CA VAL E 341 2.44 33.83 26.64
C VAL E 341 2.63 34.15 28.11
N GLU E 342 3.84 33.93 28.62
CA GLU E 342 4.14 34.18 30.03
C GLU E 342 4.62 35.62 30.28
N ASP E 343 4.36 36.53 29.34
CA ASP E 343 4.72 37.92 29.56
C ASP E 343 3.95 38.51 30.73
N ASN E 344 2.61 38.43 30.67
CA ASN E 344 1.76 38.94 31.76
C ASN E 344 0.52 38.06 31.83
N ARG E 345 0.59 37.01 32.64
CA ARG E 345 -0.54 36.12 32.86
C ARG E 345 -0.62 35.70 34.33
N ILE E 346 -0.44 36.65 35.23
CA ILE E 346 -0.40 36.32 36.66
C ILE E 346 -1.81 35.99 37.15
N ARG E 347 -2.12 34.70 37.21
CA ARG E 347 -3.44 34.24 37.64
C ARG E 347 -3.38 33.78 39.09
N GLN E 348 -3.30 34.77 39.98
CA GLN E 348 -3.29 34.49 41.42
C GLN E 348 -4.13 35.47 42.23
N LEU E 349 -4.80 36.42 41.59
CA LEU E 349 -5.54 37.47 42.29
C LEU E 349 -7.01 37.44 41.86
N ASP E 350 -7.77 38.39 42.39
CA ASP E 350 -9.15 38.63 42.02
C ASP E 350 -9.23 40.06 41.51
N TYR E 351 -9.04 40.24 40.21
CA TYR E 351 -8.99 41.58 39.63
C TYR E 351 -10.32 42.29 39.81
N GLY E 352 -10.25 43.61 39.80
CA GLY E 352 -11.45 44.43 39.93
C GLY E 352 -11.36 45.65 39.06
N VAL E 353 -12.52 46.10 38.60
CA VAL E 353 -12.62 47.27 37.73
C VAL E 353 -13.77 48.15 38.22
N GLN E 354 -13.60 49.46 38.10
CA GLN E 354 -14.58 50.41 38.58
C GLN E 354 -15.55 50.78 37.47
N ILE E 355 -16.79 51.09 37.85
CA ILE E 355 -17.83 51.46 36.91
C ILE E 355 -18.74 52.49 37.57
N ASN E 356 -19.23 53.44 36.78
CA ASN E 356 -20.11 54.50 37.25
C ASN E 356 -21.40 54.51 36.42
N ARG E 357 -22.24 55.52 36.68
CA ARG E 357 -23.53 55.62 36.01
C ARG E 357 -23.42 56.11 34.58
N LEU E 358 -22.27 56.62 34.16
CA LEU E 358 -22.12 57.24 32.84
C LEU E 358 -21.48 56.33 31.80
N LEU E 359 -20.63 55.41 32.21
CA LEU E 359 -19.93 54.56 31.25
C LEU E 359 -20.91 53.67 30.49
N TYR E 360 -21.80 52.99 31.22
CA TYR E 360 -22.83 52.20 30.55
C TYR E 360 -23.70 53.07 29.66
N THR E 361 -23.95 54.31 30.07
CA THR E 361 -24.72 55.22 29.23
C THR E 361 -23.95 55.59 27.97
N ARG E 362 -22.64 55.80 28.09
CA ARG E 362 -21.84 56.08 26.91
C ARG E 362 -21.81 54.89 25.97
N LEU E 363 -21.87 53.66 26.50
CA LEU E 363 -21.95 52.50 25.63
C LEU E 363 -23.31 52.41 24.96
N ILE E 364 -24.38 52.64 25.72
CA ILE E 364 -25.73 52.58 25.15
C ILE E 364 -25.87 53.60 24.03
N LYS E 365 -25.37 54.82 24.24
CA LYS E 365 -25.38 55.82 23.18
C LYS E 365 -24.42 55.45 22.06
N GLY E 366 -23.40 54.65 22.35
CA GLY E 366 -22.42 54.25 21.37
C GLY E 366 -21.13 55.04 21.38
N GLY E 367 -20.88 55.84 22.41
CA GLY E 367 -19.67 56.64 22.44
C GLY E 367 -18.44 55.78 22.66
N ASN E 368 -17.43 55.98 21.82
CA ASN E 368 -16.17 55.25 21.94
C ASN E 368 -15.37 55.85 23.10
N ILE E 369 -15.29 55.11 24.21
CA ILE E 369 -14.61 55.63 25.39
C ILE E 369 -13.13 55.85 25.09
N THR E 370 -12.60 56.97 25.55
CA THR E 370 -11.20 57.34 25.35
C THR E 370 -10.50 57.30 26.71
N LEU E 371 -9.67 56.28 26.91
CA LEU E 371 -8.89 56.16 28.14
C LEU E 371 -7.69 57.09 28.11
N PHE E 372 -7.23 57.45 29.32
CA PHE E 372 -6.17 58.44 29.47
C PHE E 372 -5.35 58.10 30.71
N SER E 373 -4.32 58.90 30.94
CA SER E 373 -3.36 58.70 32.03
C SER E 373 -3.83 59.42 33.30
N PRO E 374 -3.76 58.73 34.45
CA PRO E 374 -4.24 59.34 35.70
C PRO E 374 -3.39 60.51 36.16
N ASN E 375 -2.08 60.31 36.23
CA ASN E 375 -1.19 61.35 36.75
C ASN E 375 -0.97 62.48 35.76
N GLU E 376 -1.10 62.22 34.46
CA GLU E 376 -0.90 63.28 33.47
C GLU E 376 -1.95 64.37 33.55
N VAL E 377 -3.13 64.06 34.09
CA VAL E 377 -4.20 65.03 34.24
C VAL E 377 -4.43 65.29 35.72
N SER E 378 -5.03 66.44 36.02
CA SER E 378 -5.27 66.86 37.39
C SER E 378 -6.76 67.00 37.64
N GLY E 379 -7.18 66.61 38.84
CA GLY E 379 -8.59 66.71 39.21
C GLY E 379 -9.50 65.76 38.47
N LEU E 380 -9.04 64.53 38.22
CA LEU E 380 -9.82 63.54 37.51
C LEU E 380 -10.12 62.30 38.34
N TYR E 381 -9.11 61.74 39.03
CA TYR E 381 -9.32 60.52 39.80
C TYR E 381 -10.30 60.75 40.95
N GLU E 382 -10.06 61.80 41.75
CA GLU E 382 -11.00 62.12 42.81
C GLU E 382 -12.34 62.56 42.23
N ALA E 383 -12.30 63.24 41.09
CA ALA E 383 -13.54 63.63 40.41
C ALA E 383 -14.33 62.42 39.93
N PHE E 384 -13.64 61.29 39.70
CA PHE E 384 -14.34 60.07 39.32
C PHE E 384 -15.27 59.58 40.42
N PHE E 385 -15.11 60.09 41.64
CA PHE E 385 -15.96 59.72 42.77
C PHE E 385 -16.74 60.89 43.36
N ALA E 386 -16.48 62.12 42.91
CA ALA E 386 -16.99 63.30 43.62
C ALA E 386 -18.25 63.88 42.98
N ASP E 387 -18.16 64.30 41.71
CA ASP E 387 -19.24 65.06 41.08
C ASP E 387 -19.39 64.60 39.63
N GLN E 388 -20.25 65.30 38.90
CA GLN E 388 -20.53 65.00 37.50
C GLN E 388 -20.31 66.18 36.57
N ASP E 389 -20.64 67.40 37.01
CA ASP E 389 -20.51 68.56 36.15
C ASP E 389 -19.05 68.81 35.77
N GLU E 390 -18.19 69.01 36.77
CA GLU E 390 -16.77 69.20 36.50
C GLU E 390 -16.17 67.96 35.87
N PHE E 391 -16.61 66.78 36.30
CA PHE E 391 -16.09 65.54 35.72
C PHE E 391 -16.39 65.45 34.23
N GLU E 392 -17.65 65.67 33.86
CA GLU E 392 -18.01 65.63 32.45
C GLU E 392 -17.33 66.75 31.66
N ARG E 393 -17.24 67.94 32.25
CA ARG E 393 -16.57 69.05 31.58
C ARG E 393 -15.13 68.70 31.26
N LEU E 394 -14.41 68.13 32.23
CA LEU E 394 -13.03 67.72 31.99
C LEU E 394 -12.96 66.58 30.98
N TYR E 395 -13.89 65.62 31.08
CA TYR E 395 -13.89 64.48 30.16
C TYR E 395 -14.08 64.92 28.71
N THR E 396 -14.86 65.97 28.49
CA THR E 396 -15.05 66.49 27.14
C THR E 396 -13.94 67.45 26.70
N LYS E 397 -13.45 68.24 27.66
CA LYS E 397 -12.39 69.25 27.41
C LYS E 397 -11.10 68.57 26.94
N TYR E 398 -10.85 67.32 27.39
CA TYR E 398 -9.65 66.58 26.94
C TYR E 398 -9.96 66.03 25.55
N GLU E 399 -11.19 65.52 25.37
CA GLU E 399 -11.63 65.04 24.03
C GLU E 399 -11.44 66.22 23.09
N GLN E 400 -11.30 67.42 23.67
CA GLN E 400 -11.06 68.64 22.91
C GLN E 400 -9.59 69.04 22.95
N ASP E 401 -8.92 68.79 24.06
CA ASP E 401 -7.51 69.16 24.21
C ASP E 401 -6.62 68.23 23.40
N PRO E 402 -5.96 68.71 22.34
CA PRO E 402 -5.19 67.80 21.48
C PRO E 402 -3.86 67.35 22.08
N ASN E 403 -3.12 68.26 22.70
CA ASN E 403 -1.73 67.98 23.05
C ASN E 403 -1.60 67.21 24.35
N ILE E 404 -2.37 66.14 24.51
CA ILE E 404 -2.21 65.18 25.60
C ILE E 404 -2.56 63.80 25.06
N ARG E 405 -1.70 62.77 25.31
CA ARG E 405 -1.73 61.38 24.73
C ARG E 405 -2.72 60.38 25.37
N LYS E 406 -3.75 59.92 24.63
CA LYS E 406 -4.89 59.13 25.06
C LYS E 406 -5.08 57.99 24.07
N ARG E 407 -6.05 57.13 24.36
CA ARG E 407 -6.34 55.99 23.48
C ARG E 407 -7.85 55.79 23.42
N ILE E 408 -8.41 55.95 22.22
CA ILE E 408 -9.85 55.81 22.02
C ILE E 408 -10.16 54.43 21.47
N ILE E 409 -11.33 53.91 21.82
CA ILE E 409 -11.78 52.59 21.37
C ILE E 409 -13.28 52.50 21.55
N PRO E 410 -13.99 51.83 20.65
CA PRO E 410 -15.44 51.66 20.84
C PRO E 410 -15.75 50.87 22.09
N ALA E 411 -16.81 51.28 22.79
CA ALA E 411 -17.15 50.63 24.05
C ALA E 411 -17.56 49.17 23.84
N ALA E 412 -18.07 48.85 22.65
CA ALA E 412 -18.55 47.49 22.40
C ALA E 412 -17.42 46.47 22.51
N ASP E 413 -16.30 46.74 21.84
CA ASP E 413 -15.18 45.81 21.86
C ASP E 413 -14.61 45.65 23.26
N LEU E 414 -14.46 46.75 23.98
CA LEU E 414 -13.92 46.68 25.34
C LEU E 414 -14.83 45.88 26.26
N PHE E 415 -16.14 46.16 26.20
CA PHE E 415 -17.07 45.44 27.05
C PHE E 415 -17.15 43.97 26.68
N SER E 416 -17.07 43.65 25.38
CA SER E 416 -17.10 42.26 24.96
C SER E 416 -15.87 41.52 25.46
N THR E 417 -14.69 42.14 25.35
CA THR E 417 -13.48 41.52 25.86
C THR E 417 -13.55 41.31 27.37
N LEU E 418 -14.05 42.32 28.10
CA LEU E 418 -14.17 42.19 29.55
C LEU E 418 -15.11 41.05 29.92
N MET E 419 -16.26 40.97 29.25
CA MET E 419 -17.22 39.93 29.58
C MET E 419 -16.71 38.54 29.18
N GLN E 420 -15.99 38.44 28.07
CA GLN E 420 -15.40 37.17 27.70
C GLN E 420 -14.36 36.72 28.72
N GLU E 421 -13.51 37.64 29.16
CA GLU E 421 -12.54 37.31 30.19
C GLU E 421 -13.22 36.88 31.47
N ARG E 422 -14.32 37.54 31.83
CA ARG E 422 -15.05 37.17 33.04
C ARG E 422 -15.63 35.77 32.92
N ALA E 423 -16.28 35.48 31.78
CA ALA E 423 -16.88 34.17 31.59
C ALA E 423 -15.82 33.07 31.50
N GLY E 424 -14.61 33.41 31.05
CA GLY E 424 -13.55 32.43 30.97
C GLY E 424 -12.91 32.15 32.31
N THR E 425 -12.34 33.17 32.94
CA THR E 425 -11.67 32.96 34.22
C THR E 425 -12.65 32.71 35.35
N GLY E 426 -13.81 33.37 35.30
CA GLY E 426 -14.80 33.18 36.35
C GLY E 426 -14.42 33.75 37.69
N ARG E 427 -13.57 34.78 37.71
CA ARG E 427 -13.17 35.39 38.98
C ARG E 427 -13.09 36.91 38.91
N ILE E 428 -13.46 37.54 37.81
CA ILE E 428 -13.33 38.99 37.67
C ILE E 428 -14.54 39.66 38.34
N TYR E 429 -14.26 40.50 39.32
CA TYR E 429 -15.30 41.22 40.05
C TYR E 429 -15.40 42.66 39.58
N ILE E 430 -16.57 43.25 39.75
CA ILE E 430 -16.84 44.62 39.37
C ILE E 430 -17.59 45.31 40.51
N GLN E 431 -17.17 46.54 40.83
CA GLN E 431 -17.77 47.33 41.90
C GLN E 431 -18.51 48.52 41.31
N ASN E 432 -19.71 48.79 41.84
CA ASN E 432 -20.56 49.88 41.39
C ASN E 432 -20.33 51.06 42.33
N VAL E 433 -19.41 51.94 41.96
CA VAL E 433 -19.02 53.04 42.84
C VAL E 433 -20.16 54.04 43.01
N ASP E 434 -21.05 54.13 42.02
CA ASP E 434 -22.15 55.08 42.12
C ASP E 434 -23.10 54.69 43.26
N HIS E 435 -23.47 53.41 43.31
CA HIS E 435 -24.28 52.91 44.41
C HIS E 435 -23.49 52.65 45.68
N CYS E 436 -22.16 52.76 45.62
CA CYS E 436 -21.32 52.55 46.78
C CYS E 436 -21.25 53.77 47.69
N ASN E 437 -21.89 54.87 47.33
CA ASN E 437 -21.87 56.08 48.15
C ASN E 437 -23.29 56.55 48.44
N THR E 438 -24.19 56.37 47.47
CA THR E 438 -25.57 56.81 47.62
C THR E 438 -26.35 56.00 48.63
N HIS E 439 -25.75 54.96 49.22
CA HIS E 439 -26.42 54.18 50.24
C HIS E 439 -25.55 53.87 51.45
N SER E 440 -24.30 54.33 51.47
CA SER E 440 -23.44 54.06 52.61
C SER E 440 -23.81 54.96 53.78
N PRO E 441 -23.71 54.46 55.02
CA PRO E 441 -23.97 55.31 56.18
C PRO E 441 -22.95 56.41 56.36
N PHE E 442 -21.82 56.36 55.67
CA PHE E 442 -20.81 57.40 55.76
C PHE E 442 -21.29 58.66 55.05
N ASP E 443 -20.48 59.71 55.13
CA ASP E 443 -20.78 60.96 54.46
C ASP E 443 -19.93 61.07 53.21
N PRO E 444 -20.51 60.90 52.02
CA PRO E 444 -19.73 60.96 50.77
C PRO E 444 -19.39 62.37 50.32
N ARG E 445 -18.83 63.16 51.24
CA ARG E 445 -18.44 64.53 50.92
C ARG E 445 -17.01 64.80 51.38
N VAL E 446 -16.56 64.13 52.42
CA VAL E 446 -15.22 64.34 52.96
C VAL E 446 -14.36 63.09 52.96
N ALA E 447 -14.94 61.89 52.84
CA ALA E 447 -14.17 60.65 52.82
C ALA E 447 -14.95 59.55 52.11
N PRO E 448 -14.93 59.52 50.79
CA PRO E 448 -15.66 58.49 50.05
C PRO E 448 -14.90 57.17 50.08
N VAL E 449 -15.56 56.12 49.56
CA VAL E 449 -14.96 54.81 49.48
C VAL E 449 -14.17 54.71 48.17
N HIS E 450 -13.20 53.81 48.14
CA HIS E 450 -12.36 53.65 46.97
C HIS E 450 -12.11 52.21 46.54
N GLN E 451 -12.39 51.21 47.38
CA GLN E 451 -12.11 49.83 47.04
C GLN E 451 -13.03 48.92 47.86
N SER E 452 -12.76 47.63 47.79
CA SER E 452 -13.54 46.64 48.52
C SER E 452 -12.65 45.43 48.81
N ASN E 453 -13.02 44.67 49.83
CA ASN E 453 -12.21 43.53 50.22
C ASN E 453 -12.37 42.39 49.23
N LEU E 454 -11.52 41.36 49.39
CA LEU E 454 -11.45 40.27 48.43
C LEU E 454 -12.78 39.56 48.26
N CYS E 455 -13.64 39.60 49.27
CA CYS E 455 -14.93 38.95 49.23
C CYS E 455 -16.04 39.88 48.74
N MET E 456 -15.77 41.18 48.67
CA MET E 456 -16.66 42.18 48.07
C MET E 456 -17.99 42.27 48.82
N GLU E 457 -17.89 42.65 50.09
CA GLU E 457 -19.07 42.85 50.92
C GLU E 457 -18.98 44.04 51.86
N ILE E 458 -17.89 44.81 51.81
CA ILE E 458 -17.67 45.88 52.77
C ILE E 458 -17.06 47.09 52.07
N ALA E 459 -17.13 48.24 52.74
CA ALA E 459 -16.58 49.47 52.22
C ALA E 459 -16.29 50.41 53.37
N LEU E 460 -15.23 51.20 53.23
CA LEU E 460 -14.81 52.16 54.24
C LEU E 460 -13.78 53.10 53.64
N PRO E 461 -13.68 54.33 54.13
CA PRO E 461 -12.67 55.25 53.59
C PRO E 461 -11.26 54.76 53.90
N THR E 462 -10.33 55.19 53.05
CA THR E 462 -8.94 54.79 53.18
C THR E 462 -8.04 55.95 52.76
N LYS E 463 -6.93 56.11 53.47
CA LYS E 463 -5.97 57.16 53.19
C LYS E 463 -4.61 56.53 52.94
N PRO E 464 -3.91 56.90 51.87
CA PRO E 464 -2.59 56.31 51.59
C PRO E 464 -1.55 56.73 52.61
N LEU E 465 -0.33 56.23 52.46
CA LEU E 465 0.73 56.52 53.42
C LEU E 465 2.07 56.48 52.71
N ASP E 466 3.04 57.20 53.29
CA ASP E 466 4.39 57.24 52.74
C ASP E 466 5.30 56.19 53.36
N ASN E 467 5.15 55.92 54.65
CA ASN E 467 5.89 54.87 55.32
C ASN E 467 5.09 54.40 56.51
N ILE E 468 5.28 53.13 56.87
CA ILE E 468 4.43 52.49 57.88
C ILE E 468 4.56 53.17 59.23
N ASN E 469 5.74 53.69 59.53
CA ASN E 469 5.97 54.30 60.87
C ASN E 469 5.24 55.65 61.00
N ASP E 470 4.66 56.20 59.92
CA ASP E 470 4.07 57.51 60.12
C ASP E 470 2.58 57.40 60.39
N PRO E 471 2.05 58.17 61.34
CA PRO E 471 0.61 58.13 61.63
C PRO E 471 -0.25 58.90 60.65
N ASP E 472 0.34 59.46 59.59
CA ASP E 472 -0.43 60.22 58.61
C ASP E 472 -1.46 59.33 57.93
N GLY E 473 -1.02 58.21 57.37
CA GLY E 473 -1.92 57.28 56.73
C GLY E 473 -2.85 56.60 57.71
N GLU E 474 -3.86 55.94 57.16
CA GLU E 474 -4.85 55.25 57.98
C GLU E 474 -5.54 54.19 57.15
N ILE E 475 -5.48 52.95 57.61
CA ILE E 475 -6.22 51.85 57.00
C ILE E 475 -7.24 51.36 58.00
N ALA E 476 -8.28 50.72 57.49
CA ALA E 476 -9.41 50.29 58.31
C ALA E 476 -9.61 48.78 58.18
N LEU E 477 -10.45 48.26 59.06
CA LEU E 477 -10.81 46.85 59.07
C LEU E 477 -12.24 46.72 59.59
N CYS E 478 -12.67 45.49 59.84
CA CYS E 478 -14.01 45.23 60.35
C CYS E 478 -14.00 43.91 61.11
N THR E 479 -15.18 43.48 61.55
CA THR E 479 -15.34 42.24 62.28
C THR E 479 -16.75 41.71 62.01
N LEU E 480 -16.85 40.40 61.78
CA LEU E 480 -18.10 39.78 61.38
C LEU E 480 -18.68 38.93 62.49
N SER E 481 -19.94 38.55 62.29
CA SER E 481 -20.64 37.55 63.10
C SER E 481 -21.94 37.23 62.38
N ALA E 482 -22.66 36.24 62.89
CA ALA E 482 -23.86 35.78 62.21
C ALA E 482 -24.86 35.21 63.20
N PHE E 483 -26.14 35.53 62.99
CA PHE E 483 -27.22 34.94 63.74
C PHE E 483 -28.12 34.14 62.79
N ASN E 484 -28.54 32.96 63.24
CA ASN E 484 -29.25 32.03 62.38
C ASN E 484 -30.65 32.54 62.06
N LEU E 485 -31.15 32.11 60.90
CA LEU E 485 -32.51 32.40 60.45
C LEU E 485 -33.19 31.08 60.11
N GLY E 486 -33.93 30.52 61.05
CA GLY E 486 -34.60 29.25 60.84
C GLY E 486 -34.53 28.36 62.06
N ALA E 487 -33.46 28.50 62.85
CA ALA E 487 -33.31 27.76 64.09
C ALA E 487 -34.12 28.37 65.23
N LEU E 488 -34.90 29.40 64.97
CA LEU E 488 -35.70 30.06 65.97
C LEU E 488 -37.16 29.61 65.86
N ASN E 489 -37.99 30.13 66.76
CA ASN E 489 -39.43 29.90 66.73
C ASN E 489 -40.21 31.19 66.58
N SER E 490 -39.76 32.28 67.21
CA SER E 490 -40.40 33.58 67.09
C SER E 490 -39.33 34.66 67.11
N LEU E 491 -39.46 35.63 66.22
CA LEU E 491 -38.48 36.70 66.08
C LEU E 491 -38.44 37.62 67.30
N ASP E 492 -39.46 37.57 68.18
CA ASP E 492 -39.57 38.54 69.26
C ASP E 492 -38.34 38.51 70.17
N GLU E 493 -37.80 37.32 70.43
CA GLU E 493 -36.66 37.21 71.33
C GLU E 493 -35.37 37.71 70.71
N LEU E 494 -35.34 37.92 69.39
CA LEU E 494 -34.11 38.28 68.69
C LEU E 494 -33.42 39.47 69.34
N GLU E 495 -34.20 40.49 69.72
CA GLU E 495 -33.66 41.65 70.42
C GLU E 495 -32.73 41.22 71.55
N GLY E 496 -33.26 40.43 72.48
CA GLY E 496 -32.42 39.91 73.55
C GLY E 496 -31.14 39.28 73.04
N LEU E 497 -31.27 38.41 72.04
CA LEU E 497 -30.09 37.82 71.42
C LEU E 497 -29.13 38.90 70.97
N ALA E 498 -29.61 39.85 70.16
CA ALA E 498 -28.79 40.98 69.77
C ALA E 498 -28.26 41.71 71.00
N ASP E 499 -29.16 41.94 71.98
CA ASP E 499 -28.79 42.65 73.20
C ASP E 499 -27.59 42.02 73.89
N LEU E 500 -27.25 40.78 73.54
CA LEU E 500 -26.02 40.19 74.03
C LEU E 500 -24.86 40.41 73.06
N THR E 501 -25.03 39.94 71.82
CA THR E 501 -23.88 39.70 70.96
C THR E 501 -23.10 40.99 70.69
N VAL E 502 -23.79 42.07 70.32
CA VAL E 502 -23.11 43.32 70.06
C VAL E 502 -22.34 43.77 71.28
N ARG E 503 -22.96 43.68 72.46
CA ARG E 503 -22.25 43.95 73.71
C ARG E 503 -20.96 43.16 73.76
N ALA E 504 -21.06 41.84 73.57
CA ALA E 504 -19.86 41.02 73.49
C ALA E 504 -18.90 41.54 72.44
N LEU E 505 -19.43 41.81 71.24
CA LEU E 505 -18.59 42.31 70.16
C LEU E 505 -17.88 43.59 70.56
N ASP E 506 -18.52 44.41 71.41
CA ASP E 506 -17.86 45.61 71.92
C ASP E 506 -16.52 45.24 72.57
N ALA E 507 -16.55 44.32 73.53
CA ALA E 507 -15.33 43.90 74.20
C ALA E 507 -14.30 43.32 73.24
N LEU E 508 -14.74 42.92 72.03
CA LEU E 508 -13.78 42.39 71.06
C LEU E 508 -12.87 43.48 70.52
N LEU E 509 -13.37 44.70 70.40
CA LEU E 509 -12.60 45.74 69.72
C LEU E 509 -11.44 46.22 70.59
N ASP E 510 -11.73 46.65 71.81
CA ASP E 510 -10.69 47.17 72.70
C ASP E 510 -9.79 46.09 73.28
N TYR E 511 -9.87 44.85 72.79
CA TYR E 511 -9.09 43.76 73.33
C TYR E 511 -7.99 43.27 72.40
N GLN E 512 -8.19 43.35 71.09
CA GLN E 512 -7.23 42.80 70.15
C GLN E 512 -6.06 43.77 69.94
N GLY E 513 -5.00 43.25 69.33
CA GLY E 513 -3.84 44.05 69.00
C GLY E 513 -3.84 44.46 67.53
N TYR E 514 -2.88 45.32 67.19
CA TYR E 514 -2.79 45.83 65.83
C TYR E 514 -1.32 45.94 65.40
N PRO E 515 -0.91 45.19 64.38
CA PRO E 515 0.49 45.25 63.95
C PRO E 515 0.88 46.59 63.36
N VAL E 516 0.11 47.06 62.37
CA VAL E 516 0.40 48.34 61.74
C VAL E 516 0.09 49.46 62.72
N GLU E 517 1.08 50.32 62.98
CA GLU E 517 0.90 51.39 63.95
C GLU E 517 -0.19 52.36 63.50
N ALA E 518 -0.37 52.55 62.19
CA ALA E 518 -1.39 53.46 61.69
C ALA E 518 -2.77 52.82 61.68
N ALA E 519 -2.87 51.50 61.68
CA ALA E 519 -4.17 50.84 61.62
C ALA E 519 -4.94 50.95 62.93
N ARG E 520 -4.27 51.30 64.02
CA ARG E 520 -4.92 51.30 65.33
C ARG E 520 -5.91 52.46 65.46
N THR E 521 -5.50 53.65 65.02
CA THR E 521 -6.29 54.86 65.28
C THR E 521 -7.64 54.80 64.58
N SER E 522 -7.65 54.46 63.29
CA SER E 522 -8.89 54.47 62.53
C SER E 522 -9.88 53.45 63.08
N THR E 523 -9.40 52.25 63.40
CA THR E 523 -10.30 51.21 63.90
C THR E 523 -10.73 51.46 65.34
N MET E 524 -9.93 52.19 66.12
CA MET E 524 -10.38 52.57 67.46
C MET E 524 -11.36 53.72 67.41
N ASP E 525 -11.30 54.54 66.35
CA ASP E 525 -12.21 55.66 66.23
C ASP E 525 -13.56 55.22 65.67
N ARG E 526 -13.56 54.65 64.46
CA ARG E 526 -14.83 54.30 63.81
C ARG E 526 -15.51 53.13 64.50
N ARG E 527 -14.73 52.15 64.97
CA ARG E 527 -15.25 50.92 65.57
C ARG E 527 -16.22 50.21 64.63
N SER E 528 -15.94 50.26 63.33
CA SER E 528 -16.85 49.68 62.34
C SER E 528 -17.08 48.20 62.62
N LEU E 529 -18.31 47.74 62.38
CA LEU E 529 -18.68 46.37 62.68
C LEU E 529 -19.93 46.01 61.88
N GLY E 530 -19.87 44.87 61.21
CA GLY E 530 -21.01 44.37 60.45
C GLY E 530 -21.22 42.88 60.63
N ILE E 531 -22.48 42.46 60.72
CA ILE E 531 -22.81 41.06 60.96
C ILE E 531 -23.89 40.63 59.97
N GLY E 532 -24.04 39.32 59.82
CA GLY E 532 -24.97 38.79 58.83
C GLY E 532 -25.74 37.55 59.25
N VAL E 533 -26.02 36.68 58.27
CA VAL E 533 -26.84 35.48 58.48
C VAL E 533 -26.23 34.35 57.67
N ILE E 534 -26.51 33.11 58.10
CA ILE E 534 -25.94 31.91 57.49
C ILE E 534 -26.97 31.17 56.65
N ASN E 535 -28.09 30.77 57.25
CA ASN E 535 -29.06 29.92 56.58
C ASN E 535 -30.17 30.75 55.96
N TYR E 536 -30.53 30.41 54.74
CA TYR E 536 -31.58 31.13 54.02
C TYR E 536 -32.66 30.22 53.46
N ALA E 537 -32.29 29.02 53.00
CA ALA E 537 -33.26 28.15 52.34
C ALA E 537 -34.19 27.48 53.34
N TYR E 538 -33.68 27.11 54.51
CA TYR E 538 -34.51 26.42 55.49
C TYR E 538 -35.63 27.32 55.98
N TYR E 539 -35.32 28.59 56.27
CA TYR E 539 -36.35 29.52 56.70
C TYR E 539 -37.39 29.75 55.61
N LEU E 540 -36.94 29.82 54.35
CA LEU E 540 -37.87 30.03 53.25
C LEU E 540 -38.78 28.83 53.07
N ALA E 541 -38.24 27.61 53.22
CA ALA E 541 -39.07 26.42 53.10
C ALA E 541 -40.06 26.33 54.26
N LYS E 542 -39.61 26.64 55.48
CA LYS E 542 -40.52 26.67 56.62
C LYS E 542 -41.60 27.72 56.42
N ASN E 543 -41.29 28.81 55.72
CA ASN E 543 -42.31 29.81 55.40
C ASN E 543 -43.34 29.23 54.45
N GLY E 544 -42.90 28.72 53.30
CA GLY E 544 -43.80 28.08 52.36
C GLY E 544 -43.87 28.74 51.00
N VAL E 545 -42.80 29.41 50.59
CA VAL E 545 -42.71 30.04 49.28
C VAL E 545 -41.40 29.62 48.62
N ARG E 546 -41.40 29.64 47.29
CA ARG E 546 -40.25 29.24 46.51
C ARG E 546 -39.53 30.48 45.96
N TYR E 547 -38.55 30.25 45.08
CA TYR E 547 -37.77 31.32 44.49
C TYR E 547 -38.16 31.64 43.05
N SER E 548 -38.72 30.66 42.33
CA SER E 548 -38.95 30.83 40.90
C SER E 548 -40.12 31.76 40.62
N ASP E 549 -41.28 31.47 41.19
CA ASP E 549 -42.50 32.23 40.87
C ASP E 549 -42.36 33.69 41.28
N GLY E 550 -41.72 33.94 42.41
CA GLY E 550 -41.64 35.27 42.97
C GLY E 550 -42.44 35.49 44.23
N SER E 551 -42.99 34.42 44.82
CA SER E 551 -43.76 34.55 46.06
C SER E 551 -42.90 35.03 47.22
N ALA E 552 -41.57 34.99 47.09
CA ALA E 552 -40.67 35.49 48.11
C ALA E 552 -40.21 36.91 47.86
N LEU E 553 -40.70 37.56 46.80
CA LEU E 553 -40.29 38.92 46.49
C LEU E 553 -40.67 39.90 47.59
N GLY E 554 -41.71 39.59 48.37
CA GLY E 554 -42.10 40.44 49.47
C GLY E 554 -42.43 39.63 50.71
N LEU E 555 -42.31 38.31 50.62
CA LEU E 555 -42.60 37.46 51.77
C LEU E 555 -41.58 37.67 52.89
N THR E 556 -40.34 38.01 52.55
CA THR E 556 -39.30 38.23 53.53
C THR E 556 -39.36 39.62 54.16
N HIS E 557 -40.27 40.49 53.71
CA HIS E 557 -40.40 41.82 54.26
C HIS E 557 -41.28 41.87 55.50
N ARG E 558 -41.74 40.73 56.00
CA ARG E 558 -42.59 40.69 57.18
C ARG E 558 -41.77 40.66 58.46
N THR E 559 -40.71 39.84 58.50
CA THR E 559 -39.86 39.70 59.67
C THR E 559 -38.42 40.10 59.39
N PHE E 560 -37.84 39.63 58.27
CA PHE E 560 -36.46 39.96 57.95
C PHE E 560 -36.27 41.46 57.77
N GLU E 561 -37.32 42.18 57.39
CA GLU E 561 -37.26 43.62 57.27
C GLU E 561 -37.35 44.33 58.62
N ALA E 562 -37.34 43.58 59.72
CA ALA E 562 -37.41 44.17 61.06
C ALA E 562 -36.12 44.08 61.84
N ILE E 563 -35.28 43.07 61.56
CA ILE E 563 -34.05 42.91 62.32
C ILE E 563 -33.07 44.03 62.00
N GLN E 564 -33.04 44.48 60.74
CA GLN E 564 -32.11 45.54 60.36
C GLN E 564 -32.45 46.84 61.06
N TYR E 565 -33.72 47.05 61.40
CA TYR E 565 -34.13 48.25 62.09
C TYR E 565 -34.12 48.10 63.61
N TYR E 566 -34.23 46.87 64.11
CA TYR E 566 -34.24 46.63 65.56
C TYR E 566 -32.87 46.31 66.12
N LEU E 567 -31.88 46.08 65.27
CA LEU E 567 -30.50 45.96 65.74
C LEU E 567 -29.95 47.29 66.20
N LEU E 568 -30.31 48.39 65.51
CA LEU E 568 -29.93 49.71 65.97
C LEU E 568 -30.52 50.01 67.34
N LYS E 569 -31.73 49.51 67.61
CA LYS E 569 -32.32 49.68 68.94
C LYS E 569 -31.46 49.02 70.01
N ALA E 570 -31.02 47.79 69.76
CA ALA E 570 -30.15 47.11 70.71
C ALA E 570 -28.82 47.85 70.88
N SER E 571 -28.25 48.32 69.77
CA SER E 571 -26.99 49.05 69.86
C SER E 571 -27.15 50.32 70.69
N ALA E 572 -28.26 51.04 70.50
CA ALA E 572 -28.49 52.25 71.27
C ALA E 572 -28.70 51.95 72.75
N ASN E 573 -29.53 50.94 73.04
CA ASN E 573 -29.79 50.59 74.44
C ASN E 573 -28.54 50.06 75.13
N LEU E 574 -27.59 49.49 74.39
CA LEU E 574 -26.37 48.94 74.97
C LEU E 574 -25.20 49.92 74.93
N ALA E 575 -25.32 51.03 74.21
CA ALA E 575 -24.24 52.00 74.12
C ALA E 575 -24.68 53.41 74.47
N LYS E 576 -25.87 53.58 75.07
CA LYS E 576 -26.32 54.91 75.46
C LYS E 576 -25.49 55.50 76.60
N GLU E 577 -24.67 54.69 77.27
CA GLU E 577 -23.84 55.17 78.36
C GLU E 577 -22.36 54.83 78.16
N TYR E 578 -22.00 54.24 77.03
CA TYR E 578 -20.62 53.85 76.76
C TYR E 578 -19.88 54.89 75.94
N GLY E 579 -20.20 56.17 76.12
CA GLY E 579 -19.51 57.21 75.39
C GLY E 579 -20.06 57.40 73.98
N ALA E 580 -19.15 57.76 73.07
CA ALA E 580 -19.51 58.05 71.69
C ALA E 580 -18.40 57.59 70.77
N CYS E 581 -18.72 57.54 69.48
CA CYS E 581 -17.72 57.23 68.46
C CYS E 581 -16.93 58.48 68.13
N THR E 582 -15.60 58.38 68.21
CA THR E 582 -14.74 59.53 67.99
C THR E 582 -14.88 60.12 66.60
N LEU E 583 -15.40 59.35 65.63
CA LEU E 583 -15.62 59.83 64.28
C LEU E 583 -17.07 59.68 63.86
N PHE E 584 -17.98 59.68 64.85
CA PHE E 584 -19.40 59.52 64.54
C PHE E 584 -19.93 60.66 63.68
N ASN E 585 -19.33 61.85 63.81
CA ASN E 585 -19.78 63.00 63.02
C ASN E 585 -19.62 62.74 61.53
N GLN E 586 -18.65 61.91 61.14
CA GLN E 586 -18.44 61.56 59.74
C GLN E 586 -19.31 60.36 59.38
N THR E 587 -20.61 60.59 59.37
CA THR E 587 -21.58 59.56 59.05
C THR E 587 -22.91 60.22 58.70
N VAL E 588 -23.54 59.73 57.64
CA VAL E 588 -24.83 60.28 57.22
C VAL E 588 -25.88 60.07 58.29
N TYR E 589 -25.86 58.88 58.93
CA TYR E 589 -26.81 58.60 60.00
C TYR E 589 -26.68 59.57 61.16
N SER E 590 -25.54 60.23 61.30
CA SER E 590 -25.35 61.22 62.34
C SER E 590 -26.09 62.52 62.06
N GLN E 591 -26.77 62.62 60.92
CA GLN E 591 -27.52 63.84 60.60
C GLN E 591 -28.93 63.84 61.17
N GLY E 592 -29.50 62.66 61.43
CA GLY E 592 -30.83 62.56 61.98
C GLY E 592 -31.81 61.78 61.12
N LYS E 593 -31.37 61.18 60.03
CA LYS E 593 -32.22 60.39 59.14
C LYS E 593 -31.82 58.93 59.22
N LEU E 594 -32.77 58.07 59.57
CA LEU E 594 -32.50 56.65 59.71
C LEU E 594 -32.52 55.98 58.33
N PRO E 595 -31.76 54.90 58.16
CA PRO E 595 -31.78 54.18 56.88
C PRO E 595 -33.07 53.40 56.66
N ILE E 596 -34.21 54.09 56.72
CA ILE E 596 -35.50 53.46 56.50
C ILE E 596 -36.08 53.79 55.13
N ASP E 597 -35.67 54.91 54.52
CA ASP E 597 -36.17 55.27 53.20
C ASP E 597 -35.10 55.86 52.27
N THR E 598 -33.84 55.90 52.70
CA THR E 598 -32.76 56.51 51.91
C THR E 598 -32.21 55.50 50.91
N TYR E 599 -33.10 54.99 50.06
CA TYR E 599 -32.74 54.01 49.05
C TYR E 599 -33.14 54.53 47.67
N LYS E 600 -32.26 54.33 46.69
CA LYS E 600 -32.52 54.73 45.31
C LYS E 600 -33.04 53.55 44.50
N LYS E 601 -34.23 53.08 44.88
CA LYS E 601 -34.83 51.95 44.19
C LYS E 601 -35.29 52.35 42.79
N ASP E 602 -35.57 51.34 41.97
CA ASP E 602 -36.06 51.59 40.62
C ASP E 602 -37.42 52.25 40.66
N LEU E 603 -38.38 51.62 41.35
CA LEU E 603 -39.72 52.16 41.48
C LEU E 603 -40.18 52.31 42.93
N ASP E 604 -39.42 51.78 43.90
CA ASP E 604 -39.75 51.80 45.32
C ASP E 604 -41.06 51.07 45.62
N ALA E 605 -41.64 50.39 44.64
CA ALA E 605 -42.86 49.61 44.86
C ALA E 605 -42.85 48.29 44.11
N VAL E 606 -41.70 47.87 43.58
CA VAL E 606 -41.61 46.58 42.90
C VAL E 606 -42.02 45.45 43.83
N CYS E 607 -41.67 45.56 45.11
CA CYS E 607 -42.07 44.62 46.14
C CYS E 607 -42.77 45.37 47.27
N GLY E 608 -43.70 46.24 46.90
CA GLY E 608 -44.39 47.11 47.82
C GLY E 608 -45.00 46.44 49.03
N GLU E 609 -44.74 47.00 50.21
CA GLU E 609 -45.27 46.50 51.46
C GLU E 609 -45.28 47.64 52.46
N PRO E 610 -46.20 47.64 53.43
CA PRO E 610 -46.23 48.74 54.40
C PRO E 610 -45.00 48.73 55.28
N LEU E 611 -44.49 49.94 55.56
CA LEU E 611 -43.36 50.08 56.47
C LEU E 611 -43.76 49.56 57.84
N HIS E 612 -43.18 48.44 58.25
CA HIS E 612 -43.68 47.73 59.42
C HIS E 612 -43.26 48.42 60.72
N TYR E 613 -42.00 48.84 60.81
CA TYR E 613 -41.46 49.39 62.06
C TYR E 613 -40.75 50.71 61.75
N ASP E 614 -41.50 51.81 61.84
CA ASP E 614 -40.93 53.15 61.69
C ASP E 614 -40.66 53.73 63.08
N TRP E 615 -39.66 53.17 63.75
CA TRP E 615 -39.32 53.58 65.10
C TRP E 615 -38.57 54.91 65.10
N GLU E 616 -39.32 56.02 65.03
CA GLU E 616 -38.70 57.33 65.07
C GLU E 616 -38.12 57.64 66.45
N SER E 617 -38.62 57.00 67.50
CA SER E 617 -38.00 57.15 68.81
C SER E 617 -36.55 56.66 68.81
N LEU E 618 -36.25 55.67 67.97
CA LEU E 618 -34.88 55.18 67.87
C LEU E 618 -33.95 56.27 67.39
N ARG E 619 -34.26 56.90 66.26
CA ARG E 619 -33.41 57.98 65.75
C ARG E 619 -33.44 59.19 66.67
N ALA E 620 -34.56 59.43 67.34
CA ALA E 620 -34.62 60.51 68.32
C ALA E 620 -33.59 60.31 69.43
N ASP E 621 -33.62 59.14 70.07
CA ASP E 621 -32.65 58.85 71.12
C ASP E 621 -31.23 58.75 70.57
N ILE E 622 -31.08 58.37 69.30
CA ILE E 622 -29.76 58.31 68.69
C ILE E 622 -29.16 59.71 68.60
N VAL E 623 -29.92 60.65 68.04
CA VAL E 623 -29.44 62.03 67.98
C VAL E 623 -29.27 62.60 69.38
N LYS E 624 -30.08 62.14 70.33
CA LYS E 624 -29.96 62.59 71.71
C LYS E 624 -28.62 62.20 72.30
N TYR E 625 -28.38 60.90 72.47
CA TYR E 625 -27.11 60.42 73.00
C TYR E 625 -26.59 59.17 72.30
N GLY E 626 -27.33 58.60 71.35
CA GLY E 626 -26.91 57.37 70.72
C GLY E 626 -25.77 57.54 69.74
N LEU E 627 -24.57 57.07 70.12
CA LEU E 627 -23.40 57.12 69.24
C LEU E 627 -22.71 55.76 69.36
N ARG E 628 -23.08 54.85 68.46
CA ARG E 628 -22.61 53.48 68.48
C ARG E 628 -21.52 53.30 67.42
N ASN E 629 -21.16 52.04 67.18
CA ASN E 629 -20.22 51.71 66.13
C ASN E 629 -20.67 52.29 64.79
N SER E 630 -19.70 52.64 63.95
CA SER E 630 -20.01 53.28 62.67
C SER E 630 -20.89 52.37 61.82
N THR E 631 -20.37 51.20 61.44
CA THR E 631 -21.17 50.25 60.68
C THR E 631 -22.14 49.52 61.60
N LEU E 632 -23.18 48.95 60.99
CA LEU E 632 -24.21 48.25 61.72
C LEU E 632 -24.25 46.75 61.40
N THR E 633 -24.37 46.39 60.13
CA THR E 633 -24.47 44.99 59.75
C THR E 633 -23.93 44.84 58.33
N ALA E 634 -23.95 43.60 57.85
CA ALA E 634 -23.48 43.27 56.50
C ALA E 634 -24.12 41.96 56.08
N LEU E 635 -23.60 41.37 55.01
CA LEU E 635 -24.08 40.05 54.58
C LEU E 635 -22.90 39.33 53.92
N MET E 636 -22.23 38.51 54.72
CA MET E 636 -21.10 37.70 54.29
C MET E 636 -21.57 36.30 53.92
N PRO E 637 -20.88 35.63 52.99
CA PRO E 637 -21.32 34.28 52.61
C PRO E 637 -21.09 33.24 53.68
N SER E 638 -20.04 33.39 54.50
CA SER E 638 -19.69 32.43 55.55
C SER E 638 -19.60 31.02 54.98
N GLU E 639 -18.69 30.84 54.02
CA GLU E 639 -18.60 29.57 53.32
C GLU E 639 -17.94 28.51 54.18
N THR E 640 -16.78 28.82 54.76
CA THR E 640 -16.13 27.86 55.64
C THR E 640 -16.94 27.62 56.90
N SER E 641 -17.61 28.65 57.40
CA SER E 641 -18.51 28.50 58.53
C SER E 641 -19.87 28.01 58.04
N SER E 642 -20.88 28.08 58.91
CA SER E 642 -22.26 27.67 58.67
C SER E 642 -22.40 26.16 58.52
N GLN E 643 -21.30 25.42 58.54
CA GLN E 643 -21.36 23.97 58.54
C GLN E 643 -21.30 23.37 59.94
N ILE E 644 -20.92 24.16 60.95
CA ILE E 644 -20.95 23.69 62.32
C ILE E 644 -22.38 23.39 62.74
N ALA E 645 -23.33 24.19 62.27
CA ALA E 645 -24.74 23.99 62.57
C ALA E 645 -25.49 23.27 61.44
N ASN E 646 -24.79 22.91 60.37
CA ASN E 646 -25.38 22.24 59.21
C ASN E 646 -26.52 23.09 58.62
N ALA E 647 -26.15 24.26 58.13
CA ALA E 647 -27.08 25.18 57.50
C ALA E 647 -26.74 25.31 56.02
N THR E 648 -27.48 26.18 55.34
CA THR E 648 -27.24 26.42 53.92
C THR E 648 -26.12 27.43 53.73
N ASN E 649 -25.24 27.14 52.78
CA ASN E 649 -24.06 27.99 52.54
C ASN E 649 -24.50 29.33 51.99
N GLY E 650 -24.45 30.37 52.82
CA GLY E 650 -24.80 31.70 52.39
C GLY E 650 -26.27 31.81 51.99
N ILE E 651 -26.57 32.93 51.33
CA ILE E 651 -27.93 33.18 50.84
C ILE E 651 -28.24 32.39 49.59
N GLU E 652 -27.25 31.83 48.92
CA GLU E 652 -27.49 31.09 47.70
C GLU E 652 -28.11 29.73 48.02
N PRO E 653 -29.07 29.26 47.23
CA PRO E 653 -29.65 27.95 47.47
C PRO E 653 -28.64 26.85 47.22
N PRO E 654 -28.84 25.67 47.78
CA PRO E 654 -27.88 24.58 47.59
C PRO E 654 -27.90 24.06 46.16
N ARG E 655 -26.76 23.48 45.76
CA ARG E 655 -26.67 22.88 44.44
C ARG E 655 -27.66 21.75 44.26
N GLY E 656 -27.98 21.04 45.34
CA GLY E 656 -28.95 19.97 45.29
C GLY E 656 -29.44 19.64 46.67
N LEU E 657 -30.18 18.53 46.76
CA LEU E 657 -30.68 18.08 48.05
C LEU E 657 -29.52 17.66 48.95
N VAL E 658 -28.62 16.82 48.43
CA VAL E 658 -27.39 16.46 49.11
C VAL E 658 -26.24 17.15 48.38
N THR E 659 -25.36 17.78 49.14
CA THR E 659 -24.26 18.56 48.58
C THR E 659 -22.97 17.75 48.70
N VAL E 660 -22.44 17.34 47.55
CA VAL E 660 -21.17 16.64 47.50
C VAL E 660 -20.07 17.68 47.30
N LYS E 661 -19.23 17.86 48.31
CA LYS E 661 -18.18 18.85 48.29
C LYS E 661 -16.82 18.18 48.31
N ALA E 662 -15.82 18.88 47.75
CA ALA E 662 -14.46 18.38 47.67
C ALA E 662 -13.49 19.44 48.16
N SER E 663 -12.40 18.99 48.77
CA SER E 663 -11.37 19.87 49.29
C SER E 663 -10.09 19.06 49.44
N LYS E 664 -9.09 19.65 50.09
CA LYS E 664 -7.82 18.96 50.30
C LYS E 664 -7.97 17.75 51.21
N ASP E 665 -8.99 17.74 52.07
CA ASP E 665 -9.20 16.60 52.96
C ASP E 665 -9.68 15.37 52.20
N GLY E 666 -10.82 15.50 51.51
CA GLY E 666 -11.37 14.39 50.77
C GLY E 666 -12.65 14.75 50.03
N ILE E 667 -13.66 13.90 50.13
CA ILE E 667 -14.95 14.12 49.50
C ILE E 667 -16.03 14.00 50.57
N LEU E 668 -16.62 15.12 50.95
CA LEU E 668 -17.68 15.14 51.96
C LEU E 668 -19.05 15.20 51.30
N LYS E 669 -20.06 14.79 52.05
CA LYS E 669 -21.44 14.81 51.56
C LYS E 669 -22.34 15.37 52.67
N GLN E 670 -22.65 16.64 52.57
CA GLN E 670 -23.51 17.30 53.55
C GLN E 670 -24.96 17.20 53.12
N VAL E 671 -25.86 17.36 54.09
CA VAL E 671 -27.30 17.27 53.85
C VAL E 671 -27.97 18.53 54.39
N VAL E 672 -29.07 18.91 53.75
CA VAL E 672 -29.86 20.05 54.18
C VAL E 672 -30.72 19.63 55.37
N PRO E 673 -31.08 20.54 56.26
CA PRO E 673 -31.89 20.15 57.43
C PRO E 673 -33.31 19.80 57.03
N GLU E 674 -33.97 19.04 57.92
CA GLU E 674 -35.36 18.63 57.74
C GLU E 674 -35.56 17.88 56.43
N PHE E 675 -34.59 17.03 56.08
CA PHE E 675 -34.68 16.28 54.83
C PHE E 675 -35.81 15.27 54.86
N GLU E 676 -36.14 14.74 56.04
CA GLU E 676 -37.16 13.70 56.13
C GLU E 676 -38.55 14.28 55.92
N THR E 677 -38.88 15.35 56.64
CA THR E 677 -40.23 15.92 56.57
C THR E 677 -40.42 16.84 55.39
N LEU E 678 -39.34 17.28 54.74
CA LEU E 678 -39.40 18.23 53.63
C LEU E 678 -38.55 17.71 52.47
N LYS E 679 -38.77 16.45 52.11
CA LYS E 679 -38.00 15.83 51.04
C LYS E 679 -38.02 16.67 49.77
N ASN E 680 -39.20 17.02 49.29
CA ASN E 680 -39.36 17.90 48.13
C ASN E 680 -40.04 19.18 48.61
N ALA E 681 -39.25 20.10 49.15
CA ALA E 681 -39.73 21.42 49.52
C ALA E 681 -38.83 22.55 49.08
N TYR E 682 -37.54 22.30 48.85
CA TYR E 682 -36.60 23.31 48.40
C TYR E 682 -36.63 23.35 46.87
N GLU E 683 -35.66 24.05 46.29
CA GLU E 683 -35.47 24.07 44.84
C GLU E 683 -33.98 24.08 44.55
N THR E 684 -33.55 23.24 43.62
CA THR E 684 -32.16 23.19 43.23
C THR E 684 -31.85 24.31 42.24
N LEU E 685 -30.68 24.94 42.41
CA LEU E 685 -30.27 25.99 41.49
C LEU E 685 -30.19 25.48 40.06
N TRP E 686 -30.09 24.17 39.85
CA TRP E 686 -30.19 23.60 38.53
C TRP E 686 -31.61 23.74 37.96
N GLN E 687 -32.61 23.97 38.81
CA GLN E 687 -33.99 24.06 38.38
C GLN E 687 -34.52 25.49 38.37
N LEU E 688 -33.64 26.48 38.56
CA LEU E 688 -34.03 27.90 38.55
C LEU E 688 -33.25 28.60 37.44
N PRO E 689 -33.74 28.58 36.21
CA PRO E 689 -33.00 29.23 35.11
C PRO E 689 -33.10 30.74 35.11
N GLY E 690 -34.13 31.32 35.72
CA GLY E 690 -34.28 32.76 35.72
C GLY E 690 -33.57 33.44 36.86
N ASN E 691 -32.41 34.03 36.58
CA ASN E 691 -31.67 34.78 37.60
C ASN E 691 -32.40 36.05 38.03
N GLU E 692 -33.46 36.44 37.31
CA GLU E 692 -34.24 37.59 37.72
C GLU E 692 -34.86 37.40 39.10
N GLY E 693 -35.20 36.17 39.45
CA GLY E 693 -35.70 35.91 40.79
C GLY E 693 -34.67 36.18 41.86
N TYR E 694 -33.44 35.70 41.63
CA TYR E 694 -32.35 35.97 42.57
C TYR E 694 -32.06 37.46 42.65
N LEU E 695 -32.11 38.14 41.51
CA LEU E 695 -31.89 39.59 41.52
C LEU E 695 -32.97 40.31 42.31
N LYS E 696 -34.23 39.92 42.13
CA LYS E 696 -35.31 40.53 42.88
C LYS E 696 -35.18 40.24 44.36
N LEU E 697 -34.69 39.04 44.71
CA LEU E 697 -34.51 38.70 46.11
C LEU E 697 -33.43 39.56 46.76
N VAL E 698 -32.28 39.70 46.09
CA VAL E 698 -31.22 40.51 46.67
C VAL E 698 -31.60 41.98 46.66
N GLY E 699 -32.47 42.40 45.73
CA GLY E 699 -32.97 43.76 45.77
C GLY E 699 -33.95 44.00 46.89
N VAL E 700 -34.78 43.01 47.20
CA VAL E 700 -35.63 43.09 48.39
C VAL E 700 -34.77 43.17 49.64
N MET E 701 -33.66 42.43 49.65
CA MET E 701 -32.71 42.56 50.75
C MET E 701 -32.06 43.93 50.76
N GLN E 702 -31.96 44.57 49.59
CA GLN E 702 -31.38 45.90 49.51
C GLN E 702 -32.20 46.93 50.27
N LYS E 703 -33.49 46.65 50.49
CA LYS E 703 -34.34 47.57 51.24
C LYS E 703 -33.85 47.77 52.67
N PHE E 704 -33.09 46.82 53.22
CA PHE E 704 -32.64 46.94 54.60
C PHE E 704 -31.19 46.56 54.81
N VAL E 705 -30.43 46.25 53.75
CA VAL E 705 -29.02 45.91 53.92
C VAL E 705 -28.25 47.14 54.40
N ASP E 706 -27.26 46.91 55.26
CA ASP E 706 -26.47 48.00 55.81
C ASP E 706 -25.19 48.24 55.02
N GLN E 707 -24.33 47.24 54.92
CA GLN E 707 -23.03 47.40 54.26
C GLN E 707 -23.07 46.97 52.80
N ALA E 708 -23.32 45.69 52.54
CA ALA E 708 -23.31 45.13 51.19
C ALA E 708 -23.70 43.67 51.26
N ILE E 709 -23.85 43.06 50.09
CA ILE E 709 -24.17 41.64 49.96
C ILE E 709 -23.19 41.02 48.96
N SER E 710 -22.76 39.80 49.27
CA SER E 710 -21.86 39.06 48.38
C SER E 710 -22.71 38.15 47.49
N ALA E 711 -23.27 38.75 46.43
CA ALA E 711 -24.16 38.04 45.53
C ALA E 711 -23.37 37.09 44.63
N ASN E 712 -24.09 36.40 43.76
CA ASN E 712 -23.52 35.48 42.79
C ASN E 712 -24.58 35.08 41.78
N THR E 713 -24.16 34.85 40.55
CA THR E 713 -25.05 34.38 39.49
C THR E 713 -24.51 33.06 38.93
N ALA E 714 -25.42 32.32 38.29
CA ALA E 714 -25.07 31.01 37.73
C ALA E 714 -26.03 30.69 36.59
N TYR E 715 -25.50 30.11 35.52
CA TYR E 715 -26.27 29.71 34.36
C TYR E 715 -26.14 28.20 34.14
N ASP E 716 -26.68 27.72 33.04
CA ASP E 716 -26.58 26.32 32.65
C ASP E 716 -26.57 26.22 31.12
N PRO E 717 -25.46 25.76 30.52
CA PRO E 717 -25.40 25.68 29.06
C PRO E 717 -26.45 24.75 28.45
N GLY E 718 -27.14 23.96 29.25
CA GLY E 718 -28.20 23.11 28.75
C GLY E 718 -29.51 23.81 28.46
N LYS E 719 -29.51 25.14 28.44
CA LYS E 719 -30.72 25.89 28.16
C LYS E 719 -30.45 27.04 27.19
N PHE E 720 -29.47 26.88 26.31
CA PHE E 720 -29.13 27.86 25.30
C PHE E 720 -29.35 27.28 23.91
N GLU E 721 -29.07 28.09 22.89
CA GLU E 721 -29.33 27.67 21.52
C GLU E 721 -28.46 26.47 21.14
N GLY E 722 -27.14 26.65 21.12
CA GLY E 722 -26.24 25.59 20.74
C GLY E 722 -25.31 25.19 21.86
N ASN E 723 -25.82 25.15 23.09
CA ASN E 723 -25.06 24.81 24.29
C ASN E 723 -23.88 25.76 24.51
N LYS E 724 -23.89 26.92 23.86
CA LYS E 724 -22.84 27.92 24.01
C LYS E 724 -23.41 29.16 24.69
N VAL E 725 -22.56 29.84 25.45
CA VAL E 725 -23.00 31.01 26.20
C VAL E 725 -23.37 32.13 25.23
N SER E 726 -24.33 32.95 25.65
CA SER E 726 -24.79 34.07 24.85
C SER E 726 -23.92 35.29 25.14
N MET E 727 -24.33 36.45 24.62
CA MET E 727 -23.63 37.70 24.87
C MET E 727 -24.54 38.85 25.28
N LYS E 728 -25.84 38.77 25.00
CA LYS E 728 -26.78 39.81 25.35
C LYS E 728 -27.77 39.40 26.44
N GLN E 729 -28.12 38.12 26.51
CA GLN E 729 -29.02 37.66 27.56
C GLN E 729 -28.39 37.86 28.94
N MET E 730 -27.16 37.38 29.12
CA MET E 730 -26.46 37.63 30.37
C MET E 730 -26.13 39.11 30.53
N LEU E 731 -25.90 39.81 29.42
CA LEU E 731 -25.74 41.27 29.50
C LEU E 731 -27.04 41.92 29.94
N LYS E 732 -28.18 41.42 29.47
CA LYS E 732 -29.46 41.92 29.93
C LYS E 732 -29.64 41.66 31.43
N ASP E 733 -29.20 40.49 31.90
CA ASP E 733 -29.27 40.21 33.34
C ASP E 733 -28.40 41.17 34.13
N LEU E 734 -27.19 41.44 33.64
CA LEU E 734 -26.32 42.41 34.28
C LEU E 734 -26.98 43.79 34.32
N LEU E 735 -27.65 44.17 33.23
CA LEU E 735 -28.27 45.49 33.18
C LEU E 735 -29.46 45.59 34.14
N THR E 736 -30.29 44.55 34.20
CA THR E 736 -31.42 44.60 35.13
C THR E 736 -30.97 44.45 36.57
N ALA E 737 -29.79 43.88 36.81
CA ALA E 737 -29.21 43.96 38.15
C ALA E 737 -28.65 45.34 38.43
N TYR E 738 -28.19 46.05 37.39
CA TYR E 738 -27.77 47.43 37.51
C TYR E 738 -28.95 48.38 37.68
N LYS E 739 -30.16 47.93 37.35
CA LYS E 739 -31.34 48.76 37.54
C LYS E 739 -31.72 48.86 39.03
N TYR E 740 -32.04 47.72 39.64
CA TYR E 740 -32.46 47.67 41.03
C TYR E 740 -31.70 46.56 41.75
N GLY E 741 -31.34 46.82 43.00
CA GLY E 741 -30.52 45.90 43.76
C GLY E 741 -29.11 45.82 43.21
N VAL E 742 -28.36 46.91 43.34
CA VAL E 742 -27.07 47.05 42.66
C VAL E 742 -25.92 46.89 43.64
N LYS E 743 -25.39 45.67 43.76
CA LYS E 743 -24.24 45.44 44.62
C LYS E 743 -23.12 44.76 43.82
N THR E 744 -22.09 44.30 44.53
CA THR E 744 -20.90 43.77 43.87
C THR E 744 -21.23 42.50 43.07
N LEU E 745 -20.27 42.09 42.25
CA LEU E 745 -20.37 40.90 41.43
C LEU E 745 -19.42 39.83 41.94
N TYR E 746 -19.52 38.65 41.35
CA TYR E 746 -18.78 37.49 41.85
C TYR E 746 -18.67 36.46 40.72
N TYR E 747 -18.34 35.22 41.09
CA TYR E 747 -18.13 34.12 40.15
C TYR E 747 -19.22 34.07 39.09
N HIS E 748 -18.81 33.79 37.85
CA HIS E 748 -19.77 33.52 36.79
C HIS E 748 -20.55 32.24 37.09
N ASN E 749 -19.87 31.25 37.66
CA ASN E 749 -20.50 30.02 38.15
C ASN E 749 -21.25 29.29 37.03
N THR E 750 -20.48 28.84 36.03
CA THR E 750 -21.05 28.02 34.99
C THR E 750 -21.30 26.59 35.52
N ARG E 751 -21.72 25.71 34.63
CA ARG E 751 -22.01 24.33 35.01
C ARG E 751 -21.58 23.41 33.86
N ASP E 752 -20.53 22.63 34.09
CA ASP E 752 -20.02 21.71 33.09
C ASP E 752 -20.95 20.52 32.92
N LEU F 11 52.39 65.24 -39.94
CA LEU F 11 52.18 63.92 -40.51
C LEU F 11 52.64 63.88 -41.97
N TYR F 12 51.70 64.13 -42.88
CA TYR F 12 51.95 64.07 -44.31
C TYR F 12 50.82 64.78 -45.03
N PHE F 13 50.78 64.65 -46.36
CA PHE F 13 49.79 65.31 -47.19
C PHE F 13 48.89 64.31 -47.92
N GLN F 14 48.46 63.26 -47.21
CA GLN F 14 47.55 62.24 -47.75
C GLN F 14 48.13 61.64 -49.03
N MET F 15 49.27 60.95 -48.86
CA MET F 15 50.00 60.40 -49.99
C MET F 15 49.17 59.40 -50.79
N SER F 16 48.42 58.54 -50.10
CA SER F 16 47.70 57.49 -50.79
C SER F 16 46.54 57.03 -49.91
N TYR F 17 45.96 55.87 -50.25
CA TYR F 17 44.83 55.31 -49.52
C TYR F 17 45.14 55.19 -48.03
N SER F 18 44.15 55.52 -47.21
CA SER F 18 44.28 55.53 -45.75
C SER F 18 43.50 54.39 -45.13
N THR F 19 43.61 54.27 -43.80
CA THR F 19 42.96 53.17 -43.11
C THR F 19 41.46 53.35 -43.04
N PHE F 20 40.99 54.58 -42.77
CA PHE F 20 39.56 54.87 -42.74
C PHE F 20 39.39 56.37 -42.75
N PRO F 21 38.33 56.89 -43.37
CA PRO F 21 38.18 58.34 -43.53
C PRO F 21 37.77 59.01 -42.23
N LYS F 22 37.89 60.33 -42.23
CA LYS F 22 37.54 61.11 -41.05
C LYS F 22 36.04 61.37 -40.95
N THR F 23 35.31 61.31 -42.05
CA THR F 23 33.87 61.55 -42.05
C THR F 23 33.22 60.55 -42.99
N LYS F 24 31.90 60.72 -43.20
CA LYS F 24 31.16 59.84 -44.08
C LYS F 24 31.41 60.19 -45.54
N ASN F 25 31.27 59.18 -46.41
CA ASN F 25 31.34 59.40 -47.85
C ASN F 25 30.01 59.13 -48.53
N ASP F 26 29.50 57.91 -48.44
CA ASP F 26 28.13 57.62 -48.85
C ASP F 26 27.35 56.85 -47.80
N ALA F 27 28.00 55.88 -47.15
CA ALA F 27 27.48 55.16 -45.98
C ALA F 27 26.31 54.24 -46.32
N LEU F 28 25.78 54.33 -47.54
CA LEU F 28 24.70 53.42 -47.92
C LEU F 28 24.78 52.87 -49.34
N LYS F 29 25.46 53.53 -50.27
CA LYS F 29 25.35 53.16 -51.69
C LYS F 29 26.72 53.16 -52.35
N GLU F 30 27.72 52.61 -51.68
CA GLU F 30 29.03 52.46 -52.28
C GLU F 30 29.08 51.22 -53.16
N PRO F 31 30.04 51.13 -54.08
CA PRO F 31 30.18 49.92 -54.88
C PRO F 31 30.53 48.72 -54.02
N MET F 32 30.54 47.55 -54.65
CA MET F 32 30.76 46.30 -53.94
C MET F 32 32.12 46.26 -53.26
N PHE F 33 33.20 46.27 -54.06
CA PHE F 33 34.55 46.22 -53.51
C PHE F 33 35.44 47.23 -54.21
N PHE F 34 34.94 48.46 -54.36
CA PHE F 34 35.72 49.55 -54.93
C PHE F 34 35.21 50.87 -54.37
N GLY F 35 36.14 51.76 -54.02
CA GLY F 35 35.80 53.08 -53.53
C GLY F 35 36.40 53.35 -52.16
N GLN F 36 35.68 54.11 -51.36
CA GLN F 36 36.17 54.51 -50.05
C GLN F 36 36.23 53.32 -49.11
N PRO F 37 37.13 53.35 -48.12
CA PRO F 37 37.21 52.25 -47.15
C PRO F 37 36.07 52.28 -46.15
N VAL F 38 36.12 51.40 -45.16
CA VAL F 38 35.10 51.32 -44.12
C VAL F 38 35.50 52.21 -42.96
N ASN F 39 34.52 52.91 -42.40
CA ASN F 39 34.75 53.80 -41.26
C ASN F 39 33.88 53.49 -40.05
N VAL F 40 32.75 52.82 -40.22
CA VAL F 40 31.87 52.47 -39.09
C VAL F 40 31.02 51.28 -39.50
N ALA F 41 30.91 50.30 -38.59
CA ALA F 41 30.17 49.07 -38.86
C ALA F 41 28.77 49.22 -38.26
N ARG F 42 27.81 49.67 -39.09
CA ARG F 42 26.43 49.77 -38.62
C ARG F 42 25.85 48.41 -38.32
N TYR F 43 26.11 47.42 -39.19
CA TYR F 43 25.80 46.01 -38.98
C TYR F 43 24.30 45.73 -38.88
N ASP F 44 23.46 46.74 -39.04
CA ASP F 44 22.01 46.56 -39.01
C ASP F 44 21.34 46.81 -40.34
N GLN F 45 21.80 47.80 -41.10
CA GLN F 45 21.26 48.11 -42.42
C GLN F 45 22.36 47.85 -43.45
N GLN F 46 22.17 46.81 -44.26
CA GLN F 46 23.13 46.43 -45.28
C GLN F 46 22.53 46.60 -46.67
N LYS F 47 23.38 46.45 -47.68
CA LYS F 47 22.97 46.65 -49.07
C LYS F 47 22.37 45.40 -49.69
N TYR F 48 22.66 44.22 -49.15
CA TYR F 48 22.19 42.96 -49.74
C TYR F 48 21.78 42.02 -48.62
N GLU F 49 20.49 41.67 -48.60
CA GLU F 49 19.97 40.82 -47.52
C GLU F 49 20.48 39.40 -47.65
N VAL F 50 20.55 38.87 -48.87
CA VAL F 50 21.04 37.50 -49.08
C VAL F 50 22.55 37.62 -49.16
N PHE F 51 23.18 37.68 -48.00
CA PHE F 51 24.61 37.91 -47.85
C PHE F 51 24.97 37.59 -46.40
N GLU F 52 26.16 38.02 -45.99
CA GLU F 52 26.64 37.84 -44.63
C GLU F 52 25.59 38.18 -43.58
N LYS F 53 24.70 39.13 -43.91
CA LYS F 53 23.56 39.41 -43.05
C LYS F 53 22.75 38.15 -42.74
N LEU F 54 22.81 37.14 -43.61
CA LEU F 54 22.18 35.86 -43.37
C LEU F 54 23.18 34.72 -43.34
N ILE F 55 24.10 34.65 -44.31
CA ILE F 55 24.97 33.49 -44.41
C ILE F 55 26.04 33.52 -43.32
N GLU F 56 26.58 34.70 -43.02
CA GLU F 56 27.46 34.79 -41.86
C GLU F 56 26.68 34.64 -40.57
N LYS F 57 25.41 35.06 -40.57
CA LYS F 57 24.50 34.76 -39.48
C LYS F 57 24.07 33.30 -39.47
N GLN F 58 24.27 32.59 -40.58
CA GLN F 58 23.97 31.16 -40.62
C GLN F 58 25.08 30.32 -40.01
N LEU F 59 26.26 30.88 -39.81
CA LEU F 59 27.35 30.12 -39.23
C LEU F 59 27.12 29.92 -37.74
N SER F 60 26.06 29.20 -37.39
CA SER F 60 25.79 28.83 -36.02
C SER F 60 26.04 27.35 -35.76
N PHE F 61 26.53 26.62 -36.76
CA PHE F 61 26.89 25.22 -36.60
C PHE F 61 28.22 25.03 -35.87
N PHE F 62 28.73 26.08 -35.24
CA PHE F 62 30.03 26.04 -34.58
C PHE F 62 30.15 24.83 -33.67
N TRP F 63 31.35 24.25 -33.65
CA TRP F 63 31.57 22.99 -32.95
C TRP F 63 33.04 22.89 -32.57
N ARG F 64 33.29 22.43 -31.35
CA ARG F 64 34.66 22.19 -30.92
C ARG F 64 35.15 20.86 -31.50
N PRO F 65 36.35 20.83 -32.10
CA PRO F 65 36.81 19.57 -32.70
C PRO F 65 37.12 18.49 -31.67
N GLU F 66 37.59 18.88 -30.49
CA GLU F 66 37.84 17.91 -29.43
C GLU F 66 36.56 17.45 -28.76
N GLU F 67 35.41 18.07 -29.06
CA GLU F 67 34.17 17.71 -28.40
C GLU F 67 33.61 16.38 -28.88
N ILE F 68 34.06 15.88 -30.02
CA ILE F 68 33.58 14.61 -30.55
C ILE F 68 34.53 13.51 -30.11
N ASP F 69 34.08 12.27 -30.27
CA ASP F 69 34.87 11.09 -29.93
C ASP F 69 35.29 10.40 -31.22
N VAL F 70 36.59 10.39 -31.49
CA VAL F 70 37.17 9.71 -32.64
C VAL F 70 38.29 8.83 -32.11
N SER F 71 37.97 7.59 -31.78
CA SER F 71 38.95 6.68 -31.17
C SER F 71 39.06 5.38 -31.96
N ARG F 72 37.98 5.01 -32.66
CA ARG F 72 37.97 3.76 -33.42
C ARG F 72 38.91 3.77 -34.61
N ASP F 73 39.54 4.91 -34.91
CA ASP F 73 40.41 5.01 -36.08
C ASP F 73 41.59 4.05 -35.97
N ARG F 74 42.39 4.19 -34.92
CA ARG F 74 43.56 3.34 -34.75
C ARG F 74 43.17 1.87 -34.64
N ILE F 75 42.00 1.58 -34.06
CA ILE F 75 41.54 0.20 -33.98
C ILE F 75 41.06 -0.31 -35.32
N ASP F 76 40.73 0.58 -36.26
CA ASP F 76 40.27 0.20 -37.58
C ASP F 76 41.17 0.78 -38.66
N TYR F 77 42.48 0.78 -38.43
CA TYR F 77 43.42 1.27 -39.43
C TYR F 77 44.52 0.24 -39.71
N ALA F 78 44.85 -0.57 -38.71
CA ALA F 78 45.93 -1.53 -38.86
C ALA F 78 45.63 -2.55 -39.96
N ASN F 79 44.57 -3.35 -39.77
CA ASN F 79 44.22 -4.42 -40.70
C ASN F 79 43.52 -3.80 -41.91
N LEU F 80 44.32 -3.26 -42.82
CA LEU F 80 43.84 -2.68 -44.05
C LEU F 80 44.93 -2.81 -45.11
N PRO F 81 44.58 -2.84 -46.39
CA PRO F 81 45.60 -2.94 -47.43
C PRO F 81 46.50 -1.71 -47.44
N GLU F 82 47.71 -1.91 -47.96
CA GLU F 82 48.69 -0.81 -48.00
C GLU F 82 48.23 0.31 -48.91
N HIS F 83 47.73 -0.03 -50.10
CA HIS F 83 47.31 0.99 -51.05
C HIS F 83 46.13 1.80 -50.52
N GLU F 84 45.24 1.17 -49.75
CA GLU F 84 44.13 1.90 -49.15
C GLU F 84 44.63 2.99 -48.21
N LYS F 85 45.56 2.64 -47.32
CA LYS F 85 46.14 3.64 -46.43
C LYS F 85 46.90 4.70 -47.22
N HIS F 86 47.57 4.28 -48.31
CA HIS F 86 48.31 5.24 -49.12
C HIS F 86 47.38 6.29 -49.72
N ILE F 87 46.28 5.85 -50.34
CA ILE F 87 45.36 6.80 -50.95
C ILE F 87 44.64 7.62 -49.88
N PHE F 88 44.39 7.03 -48.70
CA PHE F 88 43.76 7.79 -47.63
C PHE F 88 44.65 8.93 -47.16
N ILE F 89 45.94 8.63 -46.93
CA ILE F 89 46.87 9.68 -46.52
C ILE F 89 47.07 10.69 -47.64
N SER F 90 47.05 10.24 -48.90
CA SER F 90 47.17 11.17 -50.01
C SER F 90 46.00 12.14 -50.04
N ASN F 91 44.78 11.62 -49.85
CA ASN F 91 43.61 12.50 -49.81
C ASN F 91 43.68 13.47 -48.65
N LEU F 92 44.11 12.99 -47.47
CA LEU F 92 44.22 13.87 -46.32
C LEU F 92 45.23 14.98 -46.56
N LYS F 93 46.37 14.63 -47.16
CA LYS F 93 47.39 15.64 -47.45
C LYS F 93 46.88 16.64 -48.48
N TYR F 94 46.20 16.16 -49.52
CA TYR F 94 45.63 17.08 -50.51
C TYR F 94 44.64 18.04 -49.85
N GLN F 95 43.77 17.52 -48.99
CA GLN F 95 42.78 18.37 -48.33
C GLN F 95 43.46 19.42 -47.47
N THR F 96 44.42 19.01 -46.63
CA THR F 96 45.05 19.96 -45.73
C THR F 96 45.87 20.99 -46.49
N LEU F 97 46.53 20.59 -47.58
CA LEU F 97 47.32 21.54 -48.35
C LEU F 97 46.43 22.54 -49.07
N LEU F 98 45.35 22.06 -49.70
CA LEU F 98 44.44 22.96 -50.38
C LEU F 98 43.83 23.95 -49.41
N ASP F 99 43.47 23.49 -48.21
CA ASP F 99 42.78 24.38 -47.28
C ASP F 99 43.74 25.33 -46.59
N SER F 100 45.02 24.94 -46.47
CA SER F 100 46.02 25.87 -45.97
C SER F 100 46.45 26.87 -47.02
N ILE F 101 46.34 26.53 -48.31
CA ILE F 101 46.72 27.45 -49.36
C ILE F 101 45.77 28.63 -49.49
N GLN F 102 44.59 28.51 -48.85
CA GLN F 102 43.55 29.58 -48.91
C GLN F 102 43.16 30.01 -47.50
N GLY F 103 44.00 29.75 -46.50
CA GLY F 103 43.66 30.15 -45.15
C GLY F 103 43.84 31.65 -44.93
N ARG F 104 45.03 32.16 -45.25
CA ARG F 104 45.31 33.57 -45.09
C ARG F 104 45.22 34.36 -46.38
N SER F 105 45.12 33.68 -47.53
CA SER F 105 45.09 34.37 -48.81
C SER F 105 43.88 35.29 -48.98
N PRO F 106 42.64 34.87 -48.73
CA PRO F 106 41.50 35.74 -49.07
C PRO F 106 41.50 37.05 -48.29
N ASN F 107 41.85 37.03 -47.01
CA ASN F 107 41.86 38.26 -46.23
C ASN F 107 42.91 39.23 -46.75
N VAL F 108 44.16 38.75 -46.85
CA VAL F 108 45.24 39.63 -47.29
C VAL F 108 45.10 40.04 -48.74
N ALA F 109 44.24 39.37 -49.51
CA ALA F 109 44.08 39.69 -50.92
C ALA F 109 42.82 40.48 -51.22
N LEU F 110 41.83 40.48 -50.34
CA LEU F 110 40.54 41.11 -50.61
C LEU F 110 40.21 42.24 -49.64
N LEU F 111 40.66 42.15 -48.39
CA LEU F 111 40.37 43.19 -47.41
C LEU F 111 40.79 44.59 -47.86
N PRO F 112 41.97 44.81 -48.45
CA PRO F 112 42.32 46.17 -48.88
C PRO F 112 41.43 46.72 -49.99
N LEU F 113 40.59 45.90 -50.61
CA LEU F 113 39.74 46.35 -51.71
C LEU F 113 38.27 46.42 -51.35
N VAL F 114 37.79 45.61 -50.40
CA VAL F 114 36.37 45.60 -50.08
C VAL F 114 35.98 46.94 -49.47
N SER F 115 34.84 47.47 -49.92
CA SER F 115 34.36 48.76 -49.45
C SER F 115 33.32 48.59 -48.34
N ILE F 116 32.27 47.83 -48.61
CA ILE F 116 31.21 47.65 -47.61
C ILE F 116 31.74 46.78 -46.48
N PRO F 117 31.59 47.21 -45.21
CA PRO F 117 32.11 46.39 -44.10
C PRO F 117 31.36 45.09 -43.92
N GLU F 118 30.10 45.01 -44.37
CA GLU F 118 29.31 43.81 -44.20
C GLU F 118 29.89 42.63 -44.97
N LEU F 119 30.76 42.88 -45.94
CA LEU F 119 31.51 41.82 -46.59
C LEU F 119 32.85 41.56 -45.91
N GLU F 120 33.43 42.59 -45.28
CA GLU F 120 34.65 42.38 -44.51
C GLU F 120 34.40 41.45 -43.34
N THR F 121 33.26 41.61 -42.66
CA THR F 121 32.90 40.66 -41.61
C THR F 121 32.81 39.25 -42.17
N TRP F 122 32.23 39.09 -43.35
CA TRP F 122 32.06 37.75 -43.91
C TRP F 122 33.41 37.14 -44.26
N VAL F 123 34.33 37.92 -44.83
CA VAL F 123 35.63 37.35 -45.16
C VAL F 123 36.41 37.04 -43.88
N GLU F 124 36.19 37.82 -42.81
CA GLU F 124 36.81 37.49 -41.53
C GLU F 124 36.30 36.15 -41.02
N THR F 125 34.98 35.96 -41.05
CA THR F 125 34.42 34.67 -40.62
C THR F 125 34.89 33.54 -41.51
N TRP F 126 35.07 33.80 -42.81
CA TRP F 126 35.59 32.78 -43.71
C TRP F 126 36.99 32.35 -43.29
N SER F 127 37.86 33.33 -43.05
CA SER F 127 39.21 33.02 -42.59
C SER F 127 39.18 32.24 -41.28
N PHE F 128 38.32 32.64 -40.34
CA PHE F 128 38.23 31.94 -39.07
C PHE F 128 37.76 30.51 -39.26
N SER F 129 36.79 30.30 -40.15
CA SER F 129 36.29 28.96 -40.41
C SER F 129 37.36 28.08 -41.03
N GLU F 130 38.15 28.68 -41.92
CA GLU F 130 39.28 27.96 -42.59
C GLU F 130 40.28 27.57 -41.50
N THR F 131 40.52 28.48 -40.54
CA THR F 131 41.44 28.21 -39.43
C THR F 131 40.94 27.04 -38.60
N ILE F 132 39.63 27.02 -38.31
CA ILE F 132 39.05 25.91 -37.57
C ILE F 132 39.21 24.61 -38.36
N HIS F 133 39.08 24.69 -39.69
CA HIS F 133 39.31 23.53 -40.53
C HIS F 133 40.73 23.01 -40.37
N SER F 134 41.70 23.91 -40.38
CA SER F 134 43.09 23.51 -40.20
C SER F 134 43.31 22.85 -38.85
N ARG F 135 42.70 23.41 -37.81
CA ARG F 135 42.81 22.81 -36.48
C ARG F 135 42.21 21.41 -36.46
N SER F 136 41.06 21.23 -37.10
CA SER F 136 40.43 19.91 -37.14
C SER F 136 41.27 18.91 -37.91
N TYR F 137 41.91 19.37 -39.00
CA TYR F 137 42.81 18.50 -39.73
C TYR F 137 43.99 18.07 -38.87
N THR F 138 44.59 19.04 -38.16
CA THR F 138 45.70 18.71 -37.27
C THR F 138 45.25 17.74 -36.18
N HIS F 139 44.00 17.86 -35.74
CA HIS F 139 43.48 16.94 -34.74
C HIS F 139 43.32 15.53 -35.31
N ILE F 140 42.75 15.43 -36.51
CA ILE F 140 42.52 14.11 -37.09
C ILE F 140 43.82 13.44 -37.50
N ILE F 141 44.88 14.21 -37.78
CA ILE F 141 46.16 13.60 -38.10
C ILE F 141 46.99 13.28 -36.86
N ARG F 142 46.64 13.85 -35.71
CA ARG F 142 47.39 13.64 -34.48
C ARG F 142 47.06 12.31 -33.80
N ASN F 143 46.22 11.48 -34.42
CA ASN F 143 45.85 10.20 -33.83
C ASN F 143 45.80 9.10 -34.88
N ILE F 144 46.61 9.20 -35.92
CA ILE F 144 46.64 8.19 -36.98
C ILE F 144 48.05 7.62 -37.11
N VAL F 145 49.01 8.49 -37.44
CA VAL F 145 50.39 8.10 -37.63
C VAL F 145 51.21 8.69 -36.50
N ASN F 146 52.04 7.86 -35.87
CA ASN F 146 52.84 8.29 -34.73
C ASN F 146 53.97 9.24 -35.11
N ASP F 147 54.09 9.62 -36.39
CA ASP F 147 55.13 10.52 -36.85
C ASP F 147 54.49 11.68 -37.61
N PRO F 148 53.90 12.65 -36.90
CA PRO F 148 53.33 13.80 -37.59
C PRO F 148 54.37 14.66 -38.29
N SER F 149 55.64 14.55 -37.91
CA SER F 149 56.70 15.27 -38.60
C SER F 149 57.19 14.57 -39.85
N VAL F 150 56.71 13.36 -40.11
CA VAL F 150 57.11 12.63 -41.31
C VAL F 150 56.14 12.82 -42.47
N VAL F 151 54.94 13.33 -42.21
CA VAL F 151 53.97 13.53 -43.28
C VAL F 151 54.22 14.84 -44.02
N PHE F 152 54.82 15.82 -43.35
CA PHE F 152 55.12 17.10 -43.99
C PHE F 152 56.51 17.07 -44.63
N ASP F 153 56.78 16.03 -45.41
CA ASP F 153 58.03 15.89 -46.14
C ASP F 153 57.84 15.83 -47.63
N ASP F 154 57.00 14.91 -48.12
CA ASP F 154 56.69 14.81 -49.54
C ASP F 154 55.54 15.74 -49.92
N ILE F 155 54.39 15.61 -49.25
CA ILE F 155 53.23 16.44 -49.54
C ILE F 155 53.52 17.92 -49.37
N VAL F 156 54.57 18.27 -48.62
CA VAL F 156 54.96 19.67 -48.49
C VAL F 156 55.42 20.21 -49.84
N GLU F 157 56.19 19.42 -50.59
CA GLU F 157 56.72 19.85 -51.87
C GLU F 157 56.62 18.73 -52.91
N ASN F 158 55.48 18.03 -52.95
CA ASN F 158 55.28 17.02 -53.97
C ASN F 158 54.78 17.68 -55.25
N GLU F 159 55.47 17.39 -56.36
CA GLU F 159 55.11 18.01 -57.64
C GLU F 159 53.66 17.73 -58.01
N TYR F 160 53.15 16.54 -57.65
CA TYR F 160 51.76 16.19 -57.94
C TYR F 160 50.80 17.26 -57.43
N ILE F 161 51.08 17.82 -56.26
CA ILE F 161 50.22 18.85 -55.67
C ILE F 161 50.84 20.21 -55.90
N THR F 162 52.17 20.27 -56.00
CA THR F 162 52.85 21.55 -56.17
C THR F 162 52.49 22.21 -57.50
N ALA F 163 52.21 21.41 -58.53
CA ALA F 163 51.81 21.98 -59.82
C ALA F 163 50.55 22.82 -59.66
N ARG F 164 49.48 22.22 -59.14
CA ARG F 164 48.24 22.96 -58.95
C ARG F 164 48.39 24.05 -57.90
N ALA F 165 49.25 23.84 -56.90
CA ALA F 165 49.49 24.89 -55.91
C ALA F 165 50.06 26.14 -56.56
N GLU F 166 51.10 25.98 -57.38
CA GLU F 166 51.67 27.11 -58.09
C GLU F 166 50.67 27.71 -59.07
N ASP F 167 49.89 26.86 -59.74
CA ASP F 167 48.92 27.35 -60.70
C ASP F 167 47.86 28.22 -60.03
N ILE F 168 47.47 27.86 -58.81
CA ILE F 168 46.48 28.64 -58.08
C ILE F 168 47.09 29.81 -57.33
N ALA F 169 48.39 29.81 -57.09
CA ALA F 169 49.02 30.88 -56.33
C ALA F 169 49.57 32.00 -57.20
N CYS F 170 50.07 31.67 -58.39
CA CYS F 170 50.71 32.65 -59.25
C CYS F 170 49.76 33.78 -59.64
N TYR F 171 48.73 33.44 -60.40
CA TYR F 171 47.71 34.43 -60.77
C TYR F 171 46.63 34.51 -59.71
N TYR F 172 47.07 34.59 -58.48
CA TYR F 172 46.33 35.04 -57.30
C TYR F 172 47.15 36.03 -56.50
N ASP F 173 48.46 35.83 -56.39
CA ASP F 173 49.35 36.84 -55.86
C ASP F 173 49.64 37.93 -56.88
N ASP F 174 49.44 37.64 -58.17
CA ASP F 174 49.51 38.69 -59.18
C ASP F 174 48.51 39.80 -58.87
N LEU F 175 47.31 39.43 -58.44
CA LEU F 175 46.31 40.44 -58.09
C LEU F 175 46.78 41.28 -56.90
N ILE F 176 47.38 40.65 -55.90
CA ILE F 176 47.83 41.37 -54.72
C ILE F 176 48.93 42.36 -55.08
N GLU F 177 49.91 41.90 -55.87
CA GLU F 177 51.01 42.79 -56.23
C GLU F 177 50.52 43.92 -57.14
N TYR F 178 49.56 43.64 -58.03
CA TYR F 178 49.04 44.70 -58.87
C TYR F 178 48.23 45.71 -58.06
N THR F 179 47.51 45.25 -57.04
CA THR F 179 46.80 46.18 -56.16
C THR F 179 47.79 47.05 -55.38
N GLN F 180 48.88 46.44 -54.91
CA GLN F 180 49.93 47.22 -54.26
C GLN F 180 50.48 48.28 -55.19
N TYR F 181 50.75 47.91 -56.44
CA TYR F 181 51.24 48.87 -57.43
C TYR F 181 50.24 49.99 -57.64
N TYR F 182 48.96 49.65 -57.79
CA TYR F 182 47.95 50.66 -58.05
C TYR F 182 47.82 51.62 -56.87
N ASN F 183 47.93 51.11 -55.65
CA ASN F 183 47.81 51.99 -54.49
C ASN F 183 49.05 52.84 -54.28
N LEU F 184 50.24 52.31 -54.61
CA LEU F 184 51.48 53.04 -54.42
C LEU F 184 51.81 54.00 -55.55
N LEU F 185 51.16 53.86 -56.71
CA LEU F 185 51.44 54.72 -57.85
C LEU F 185 50.24 55.53 -58.32
N GLY F 186 49.02 55.05 -58.12
CA GLY F 186 47.86 55.76 -58.59
C GLY F 186 47.71 55.68 -60.11
N GLU F 187 46.76 56.46 -60.60
CA GLU F 187 46.50 56.49 -62.04
C GLU F 187 47.65 57.17 -62.78
N GLY F 188 47.63 57.05 -64.10
CA GLY F 188 48.67 57.60 -64.92
C GLY F 188 49.94 56.77 -64.91
N VAL F 189 50.64 56.72 -66.05
CA VAL F 189 51.86 55.93 -66.14
C VAL F 189 52.94 56.56 -65.27
N HIS F 190 53.90 55.74 -64.87
CA HIS F 190 54.99 56.18 -64.01
C HIS F 190 56.25 55.41 -64.39
N ASN F 191 57.29 55.56 -63.57
CA ASN F 191 58.55 54.85 -63.75
C ASN F 191 59.08 54.49 -62.36
N VAL F 192 59.02 53.20 -62.02
CA VAL F 192 59.41 52.74 -60.69
C VAL F 192 60.91 52.52 -60.72
N GLY F 193 61.66 53.58 -60.46
CA GLY F 193 63.11 53.50 -60.42
C GLY F 193 63.72 53.03 -61.72
N GLY F 194 63.65 53.86 -62.75
CA GLY F 194 64.19 53.49 -64.04
C GLY F 194 63.13 53.10 -65.05
N LYS F 195 62.95 51.79 -65.23
CA LYS F 195 62.00 51.27 -66.20
C LYS F 195 60.61 51.88 -65.97
N PRO F 196 59.84 52.13 -67.01
CA PRO F 196 58.53 52.75 -66.83
C PRO F 196 57.53 51.80 -66.19
N VAL F 197 56.64 52.37 -65.39
CA VAL F 197 55.59 51.61 -64.70
C VAL F 197 54.29 51.79 -65.46
N THR F 198 53.64 50.68 -65.79
CA THR F 198 52.36 50.72 -66.49
C THR F 198 51.25 51.18 -65.55
N VAL F 199 50.06 51.35 -66.11
CA VAL F 199 48.90 51.77 -65.34
C VAL F 199 47.66 51.32 -66.10
N SER F 200 46.61 51.01 -65.34
CA SER F 200 45.33 50.62 -65.92
C SER F 200 44.27 50.62 -64.83
N LEU F 201 43.11 51.20 -65.13
CA LEU F 201 41.99 51.12 -64.20
C LEU F 201 41.26 49.79 -64.33
N ARG F 202 40.93 49.39 -65.57
CA ARG F 202 40.32 48.09 -65.79
C ARG F 202 41.29 46.95 -65.53
N GLY F 203 42.60 47.22 -65.61
CA GLY F 203 43.58 46.18 -65.33
C GLY F 203 43.48 45.64 -63.92
N LEU F 204 43.03 46.47 -62.98
CA LEU F 204 42.79 46.05 -61.61
C LEU F 204 41.45 45.36 -61.43
N LYS F 205 40.82 44.94 -62.52
CA LYS F 205 39.57 44.18 -62.46
C LYS F 205 39.76 42.75 -62.95
N LYS F 206 40.22 42.58 -64.19
CA LYS F 206 40.44 41.25 -64.74
C LYS F 206 41.44 40.47 -63.88
N LYS F 207 42.62 41.06 -63.66
CA LYS F 207 43.63 40.46 -62.80
C LYS F 207 43.07 40.09 -61.44
N LEU F 208 41.95 40.68 -61.03
CA LEU F 208 41.24 40.24 -59.85
C LEU F 208 40.15 39.23 -60.20
N TYR F 209 39.28 39.60 -61.14
CA TYR F 209 38.08 38.80 -61.40
C TYR F 209 38.43 37.36 -61.76
N LEU F 210 39.37 37.19 -62.71
CA LEU F 210 39.79 35.84 -63.09
C LEU F 210 40.28 35.07 -61.88
N CYS F 211 41.06 35.72 -61.01
CA CYS F 211 41.50 35.06 -59.78
C CYS F 211 40.31 34.57 -58.97
N LEU F 212 39.28 35.42 -58.85
CA LEU F 212 38.08 35.01 -58.14
C LEU F 212 37.49 33.74 -58.75
N MET F 213 37.53 33.63 -60.08
CA MET F 213 37.08 32.41 -60.74
C MET F 213 37.83 31.21 -60.18
N CYS F 214 39.16 31.31 -60.11
CA CYS F 214 39.94 30.26 -59.48
C CYS F 214 39.43 29.97 -58.08
N VAL F 215 39.20 31.04 -57.30
CA VAL F 215 38.63 30.89 -55.96
C VAL F 215 37.42 29.97 -56.01
N ASN F 216 36.51 30.23 -56.96
CA ASN F 216 35.34 29.38 -57.10
C ASN F 216 35.73 27.92 -57.26
N VAL F 217 36.55 27.62 -58.28
CA VAL F 217 36.94 26.22 -58.48
C VAL F 217 37.89 25.76 -57.40
N LEU F 218 38.47 26.69 -56.62
CA LEU F 218 39.26 26.29 -55.47
C LEU F 218 38.39 25.67 -54.38
N GLU F 219 37.07 25.89 -54.42
CA GLU F 219 36.17 25.29 -53.44
C GLU F 219 34.88 24.81 -54.10
N ALA F 220 34.97 24.36 -55.36
CA ALA F 220 33.79 23.85 -56.05
C ALA F 220 34.02 22.46 -56.61
N ILE F 221 35.22 22.18 -57.10
CA ILE F 221 35.47 20.89 -57.74
C ILE F 221 36.66 20.18 -57.11
N ARG F 222 37.83 20.84 -57.11
CA ARG F 222 39.06 20.14 -56.74
C ARG F 222 39.00 19.61 -55.31
N PHE F 223 38.48 20.42 -54.38
CA PHE F 223 38.29 19.95 -53.03
C PHE F 223 37.01 19.15 -52.85
N TYR F 224 36.11 19.19 -53.84
CA TYR F 224 34.83 18.51 -53.74
C TYR F 224 34.90 17.04 -54.12
N VAL F 225 35.86 16.64 -54.95
CA VAL F 225 36.03 15.23 -55.27
C VAL F 225 36.73 14.51 -54.12
N SER F 226 37.69 15.18 -53.47
CA SER F 226 38.39 14.58 -52.35
C SER F 226 37.41 14.16 -51.25
N PHE F 227 36.29 14.86 -51.15
CA PHE F 227 35.22 14.44 -50.24
C PHE F 227 34.84 12.99 -50.48
N ALA F 228 34.35 12.69 -51.69
CA ALA F 228 33.92 11.34 -52.00
C ALA F 228 35.08 10.35 -51.93
N CYS F 229 36.28 10.80 -52.30
CA CYS F 229 37.44 9.92 -52.26
C CYS F 229 37.71 9.45 -50.83
N SER F 230 37.63 10.36 -49.87
CA SER F 230 37.79 10.01 -48.46
C SER F 230 36.47 9.68 -47.79
N PHE F 231 35.39 9.52 -48.55
CA PHE F 231 34.07 9.31 -47.98
C PHE F 231 33.51 7.92 -48.23
N ALA F 232 34.03 7.21 -49.24
CA ALA F 232 33.54 5.86 -49.52
C ALA F 232 33.70 4.93 -48.33
N PHE F 233 34.62 5.23 -47.41
CA PHE F 233 34.81 4.43 -46.22
C PHE F 233 33.79 4.82 -45.15
N ALA F 234 32.51 4.87 -45.52
CA ALA F 234 31.45 5.24 -44.61
C ALA F 234 30.47 4.11 -44.35
N GLU F 235 29.88 3.55 -45.41
CA GLU F 235 28.92 2.47 -45.24
C GLU F 235 29.59 1.23 -44.65
N ARG F 236 30.75 0.85 -45.18
CA ARG F 236 31.55 -0.17 -44.53
C ARG F 236 32.02 0.35 -43.18
N GLU F 237 31.78 -0.43 -42.13
CA GLU F 237 32.01 0.05 -40.78
C GLU F 237 33.50 0.18 -40.47
N LEU F 238 34.06 1.36 -40.72
CA LEU F 238 35.45 1.64 -40.43
C LEU F 238 35.69 3.15 -40.59
N MET F 239 36.51 3.70 -39.71
CA MET F 239 36.88 5.12 -39.74
C MET F 239 35.64 6.01 -39.71
N GLU F 240 34.68 5.67 -38.85
CA GLU F 240 33.47 6.47 -38.76
C GLU F 240 33.74 7.86 -38.18
N GLY F 241 34.75 7.98 -37.31
CA GLY F 241 35.12 9.29 -36.81
C GLY F 241 35.56 10.23 -37.91
N ASN F 242 36.21 9.71 -38.94
CA ASN F 242 36.61 10.54 -40.07
C ASN F 242 35.39 11.16 -40.75
N ALA F 243 34.36 10.34 -41.00
CA ALA F 243 33.14 10.87 -41.60
C ALA F 243 32.45 11.85 -40.66
N LYS F 244 32.42 11.53 -39.37
CA LYS F 244 31.78 12.42 -38.41
C LYS F 244 32.44 13.79 -38.38
N ILE F 245 33.78 13.82 -38.47
CA ILE F 245 34.49 15.10 -38.46
C ILE F 245 34.48 15.77 -39.81
N ILE F 246 34.27 15.03 -40.91
CA ILE F 246 34.30 15.63 -42.22
C ILE F 246 32.93 16.14 -42.67
N LYS F 247 31.85 15.67 -42.04
CA LYS F 247 30.52 16.16 -42.41
C LYS F 247 30.41 17.67 -42.18
N ASP F 248 30.90 18.14 -41.03
CA ASP F 248 30.83 19.57 -40.75
C ASP F 248 31.71 20.36 -41.70
N ILE F 249 32.89 19.84 -42.04
CA ILE F 249 33.75 20.50 -43.00
C ILE F 249 33.05 20.59 -44.35
N ALA F 250 32.31 19.54 -44.72
CA ALA F 250 31.57 19.58 -45.97
C ALA F 250 30.47 20.64 -45.93
N ARG F 251 29.75 20.73 -44.81
CA ARG F 251 28.75 21.78 -44.66
C ARG F 251 29.38 23.16 -44.82
N ASP F 252 30.53 23.35 -44.15
CA ASP F 252 31.26 24.64 -44.20
C ASP F 252 31.69 24.94 -45.65
N GLU F 253 32.27 23.94 -46.32
CA GLU F 253 32.73 24.11 -47.73
C GLU F 253 31.53 24.46 -48.62
N ALA F 254 30.37 23.86 -48.37
CA ALA F 254 29.17 24.11 -49.14
C ALA F 254 28.69 25.55 -48.93
N LEU F 255 28.76 26.04 -47.70
CA LEU F 255 28.42 27.43 -47.44
C LEU F 255 29.38 28.38 -48.16
N HIS F 256 30.68 28.04 -48.13
CA HIS F 256 31.66 28.82 -48.88
C HIS F 256 31.30 28.88 -50.35
N LEU F 257 30.95 27.74 -50.93
CA LEU F 257 30.60 27.67 -52.34
C LEU F 257 29.38 28.54 -52.64
N THR F 258 28.34 28.42 -51.80
CA THR F 258 27.15 29.24 -51.99
C THR F 258 27.50 30.72 -51.96
N GLY F 259 28.29 31.12 -50.96
CA GLY F 259 28.63 32.54 -50.84
C GLY F 259 29.42 33.05 -52.03
N THR F 260 30.47 32.32 -52.41
CA THR F 260 31.32 32.79 -53.50
C THR F 260 30.59 32.76 -54.84
N GLN F 261 29.71 31.77 -55.04
CA GLN F 261 28.95 31.72 -56.29
C GLN F 261 27.95 32.86 -56.35
N HIS F 262 27.30 33.17 -55.22
CA HIS F 262 26.41 34.32 -55.19
C HIS F 262 27.16 35.61 -55.46
N MET F 263 28.36 35.75 -54.87
CA MET F 263 29.15 36.95 -55.10
C MET F 263 29.54 37.10 -56.56
N LEU F 264 29.97 36.00 -57.18
CA LEU F 264 30.35 36.06 -58.59
C LEU F 264 29.15 36.39 -59.46
N ASN F 265 28.01 35.74 -59.21
CA ASN F 265 26.82 35.99 -60.02
C ASN F 265 26.30 37.40 -59.83
N LEU F 266 26.57 38.02 -58.66
CA LEU F 266 26.12 39.37 -58.44
C LEU F 266 27.08 40.40 -59.05
N MET F 267 28.37 40.13 -59.01
CA MET F 267 29.36 41.07 -59.51
C MET F 267 29.70 40.81 -60.97
N ARG F 268 30.20 39.61 -61.27
CA ARG F 268 30.62 39.30 -62.64
C ARG F 268 29.45 39.31 -63.61
N SER F 269 28.25 38.94 -63.15
CA SER F 269 27.04 39.01 -63.94
C SER F 269 26.12 40.07 -63.38
N GLY F 270 25.31 40.67 -64.24
CA GLY F 270 24.45 41.77 -63.84
C GLY F 270 25.25 42.92 -63.26
N VAL F 271 26.04 43.58 -64.09
CA VAL F 271 26.97 44.59 -63.62
C VAL F 271 26.19 45.79 -63.08
N ASP F 272 26.43 46.13 -61.81
CA ASP F 272 25.83 47.33 -61.24
C ASP F 272 26.52 48.57 -61.79
N ASP F 273 27.84 48.66 -61.60
CA ASP F 273 28.60 49.72 -62.23
C ASP F 273 28.79 49.39 -63.71
N PRO F 274 28.74 50.40 -64.59
CA PRO F 274 28.82 50.17 -66.04
C PRO F 274 30.26 50.03 -66.55
N GLU F 275 31.05 49.23 -65.86
CA GLU F 275 32.44 49.02 -66.27
C GLU F 275 32.80 47.55 -66.39
N MET F 276 32.30 46.69 -65.50
CA MET F 276 32.66 45.29 -65.50
C MET F 276 31.96 44.49 -66.59
N ALA F 277 31.03 45.10 -67.33
CA ALA F 277 30.43 44.41 -68.46
C ALA F 277 31.46 44.11 -69.55
N GLU F 278 32.38 45.06 -69.77
CA GLU F 278 33.47 44.80 -70.71
C GLU F 278 34.36 43.66 -70.21
N ILE F 279 34.54 43.55 -68.90
CA ILE F 279 35.34 42.46 -68.35
C ILE F 279 34.62 41.13 -68.55
N ALA F 280 33.30 41.11 -68.34
CA ALA F 280 32.53 39.90 -68.57
C ALA F 280 32.53 39.50 -70.05
N ALA F 281 32.56 40.48 -70.94
CA ALA F 281 32.56 40.18 -72.37
C ALA F 281 33.93 39.68 -72.82
N GLU F 282 35.00 40.35 -72.39
CA GLU F 282 36.34 39.96 -72.85
C GLU F 282 36.80 38.68 -72.15
N LEU F 283 36.74 38.65 -70.83
CA LEU F 283 37.20 37.49 -70.05
C LEU F 283 36.12 36.42 -69.98
N GLN F 284 35.69 35.96 -71.15
CA GLN F 284 34.67 34.93 -71.26
C GLN F 284 35.21 33.65 -71.88
N ASP F 285 35.81 33.71 -73.06
CA ASP F 285 36.34 32.50 -73.69
C ASP F 285 37.56 31.98 -72.95
N GLU F 286 38.48 32.87 -72.56
CA GLU F 286 39.62 32.46 -71.76
C GLU F 286 39.18 31.89 -70.42
N CYS F 287 38.04 32.35 -69.91
CA CYS F 287 37.50 31.78 -68.67
C CYS F 287 37.16 30.31 -68.85
N PHE F 288 36.43 29.98 -69.92
CA PHE F 288 36.14 28.58 -70.21
C PHE F 288 37.42 27.80 -70.50
N GLN F 289 38.41 28.44 -71.13
CA GLN F 289 39.67 27.77 -71.40
C GLN F 289 40.35 27.35 -70.10
N LEU F 290 40.53 28.30 -69.19
CA LEU F 290 41.17 27.99 -67.91
C LEU F 290 40.33 27.03 -67.09
N PHE F 291 39.00 27.11 -67.22
CA PHE F 291 38.12 26.20 -66.50
C PHE F 291 38.33 24.76 -66.96
N LYS F 292 38.30 24.54 -68.28
CA LYS F 292 38.57 23.21 -68.80
C LYS F 292 39.99 22.76 -68.49
N LYS F 293 40.93 23.69 -68.45
CA LYS F 293 42.31 23.33 -68.08
C LYS F 293 42.37 22.81 -66.65
N ALA F 294 41.69 23.51 -65.73
CA ALA F 294 41.67 23.04 -64.35
C ALA F 294 40.93 21.72 -64.22
N ALA F 295 39.88 21.53 -65.02
CA ALA F 295 39.15 20.25 -65.00
C ALA F 295 40.06 19.11 -65.45
N GLU F 296 40.78 19.32 -66.55
CA GLU F 296 41.70 18.29 -67.03
C GLU F 296 42.84 18.06 -66.03
N GLN F 297 43.29 19.12 -65.35
CA GLN F 297 44.32 18.95 -64.34
C GLN F 297 43.83 18.09 -63.19
N GLU F 298 42.60 18.33 -62.73
CA GLU F 298 42.04 17.51 -61.67
C GLU F 298 41.85 16.07 -62.13
N LYS F 299 41.43 15.88 -63.38
CA LYS F 299 41.27 14.53 -63.92
C LYS F 299 42.60 13.79 -63.94
N GLU F 300 43.65 14.46 -64.42
CA GLU F 300 44.98 13.84 -64.44
C GLU F 300 45.48 13.58 -63.02
N TRP F 301 45.15 14.46 -62.08
CA TRP F 301 45.48 14.20 -60.68
C TRP F 301 44.80 12.94 -60.19
N ALA F 302 43.56 12.70 -60.63
CA ALA F 302 42.84 11.53 -60.16
C ALA F 302 43.30 10.29 -60.91
N ALA F 303 44.60 10.11 -61.01
CA ALA F 303 45.25 8.91 -61.51
C ALA F 303 46.36 8.42 -60.60
N TYR F 304 47.11 9.34 -60.00
CA TYR F 304 48.25 8.94 -59.17
C TYR F 304 47.78 8.21 -57.91
N LEU F 305 46.71 8.69 -57.29
CA LEU F 305 46.14 8.02 -56.13
C LEU F 305 45.30 6.81 -56.52
N PHE F 306 45.42 6.34 -57.77
CA PHE F 306 44.71 5.15 -58.19
C PHE F 306 45.56 4.17 -58.99
N LYS F 307 46.75 4.55 -59.43
CA LYS F 307 47.57 3.65 -60.24
C LYS F 307 48.43 2.74 -59.35
N ASP F 308 47.79 2.11 -58.36
CA ASP F 308 48.44 1.09 -57.55
C ASP F 308 47.57 -0.12 -57.28
N GLY F 309 46.25 -0.02 -57.38
CA GLY F 309 45.36 -1.13 -57.08
C GLY F 309 43.91 -0.73 -57.08
N SER F 310 43.02 -1.71 -57.21
CA SER F 310 41.60 -1.44 -57.27
C SER F 310 41.03 -1.18 -55.87
N MET F 311 39.75 -0.82 -55.82
CA MET F 311 39.07 -0.56 -54.58
C MET F 311 37.57 -0.60 -54.82
N ILE F 312 36.82 -1.06 -53.81
CA ILE F 312 35.37 -1.12 -53.93
C ILE F 312 34.80 0.29 -54.04
N GLY F 313 33.70 0.41 -54.77
CA GLY F 313 33.05 1.70 -54.94
C GLY F 313 33.43 2.43 -56.21
N LEU F 314 34.71 2.73 -56.38
CA LEU F 314 35.16 3.50 -57.54
C LEU F 314 36.67 3.41 -57.67
N ASN F 315 37.15 3.14 -58.89
CA ASN F 315 38.58 3.15 -59.13
C ASN F 315 39.00 4.22 -60.12
N LYS F 316 38.55 4.16 -61.36
CA LYS F 316 38.92 5.23 -62.29
C LYS F 316 37.76 5.76 -63.10
N GLU F 317 36.84 4.89 -63.54
CA GLU F 317 35.77 5.34 -64.42
C GLU F 317 34.66 6.02 -63.63
N ILE F 318 34.30 5.45 -62.48
CA ILE F 318 33.24 6.03 -61.66
C ILE F 318 33.63 7.42 -61.20
N LEU F 319 34.86 7.58 -60.71
CA LEU F 319 35.29 8.88 -60.23
C LEU F 319 35.43 9.88 -61.37
N SER F 320 35.84 9.41 -62.55
CA SER F 320 35.94 10.30 -63.70
C SER F 320 34.56 10.81 -64.11
N GLN F 321 33.58 9.91 -64.21
CA GLN F 321 32.22 10.33 -64.49
C GLN F 321 31.71 11.28 -63.41
N TYR F 322 32.05 11.01 -62.15
CA TYR F 322 31.58 11.86 -61.07
C TYR F 322 32.14 13.27 -61.19
N VAL F 323 33.46 13.40 -61.43
CA VAL F 323 34.04 14.73 -61.50
C VAL F 323 33.56 15.45 -62.75
N GLU F 324 33.34 14.72 -63.85
CA GLU F 324 32.79 15.37 -65.04
C GLU F 324 31.40 15.91 -64.76
N TYR F 325 30.55 15.11 -64.09
CA TYR F 325 29.21 15.58 -63.77
C TYR F 325 29.24 16.76 -62.81
N ILE F 326 30.15 16.71 -61.83
CA ILE F 326 30.27 17.82 -60.88
C ILE F 326 30.67 19.09 -61.62
N THR F 327 31.63 18.98 -62.54
CA THR F 327 32.04 20.13 -63.33
C THR F 327 30.87 20.69 -64.13
N ASN F 328 30.16 19.82 -64.85
CA ASN F 328 29.07 20.28 -65.71
C ASN F 328 27.93 20.88 -64.90
N LEU F 329 27.70 20.38 -63.68
CA LEU F 329 26.61 20.90 -62.87
C LEU F 329 27.00 22.19 -62.17
N ARG F 330 28.27 22.33 -61.79
CA ARG F 330 28.69 23.51 -61.05
C ARG F 330 28.93 24.70 -61.98
N MET F 331 29.50 24.46 -63.16
CA MET F 331 29.78 25.56 -64.07
C MET F 331 28.50 26.21 -64.57
N GLN F 332 27.41 25.46 -64.66
CA GLN F 332 26.14 26.03 -65.09
C GLN F 332 25.45 26.71 -63.92
N ALA F 333 26.19 27.55 -63.20
CA ALA F 333 25.61 28.38 -62.16
C ALA F 333 26.19 29.79 -62.15
N VAL F 334 27.15 30.09 -63.01
CA VAL F 334 27.73 31.42 -63.12
C VAL F 334 27.63 31.99 -64.53
N GLY F 335 27.32 31.16 -65.52
CA GLY F 335 27.19 31.61 -66.89
C GLY F 335 28.39 31.21 -67.74
N LEU F 336 28.24 30.12 -68.48
CA LEU F 336 29.29 29.58 -69.34
C LEU F 336 28.70 28.44 -70.17
N PRO F 337 29.11 28.27 -71.42
CA PRO F 337 28.62 27.13 -72.21
C PRO F 337 29.07 25.81 -71.59
N ALA F 338 28.21 24.81 -71.71
CA ALA F 338 28.51 23.50 -71.15
C ALA F 338 29.70 22.87 -71.85
N GLY F 339 30.78 22.65 -71.09
CA GLY F 339 31.98 22.06 -71.65
C GLY F 339 31.92 20.56 -71.86
N PHE F 340 30.99 19.89 -71.19
CA PHE F 340 30.85 18.44 -71.29
C PHE F 340 29.42 18.10 -71.67
N GLU F 341 29.27 17.18 -72.62
CA GLU F 341 27.95 16.76 -73.06
C GLU F 341 27.41 15.66 -72.14
N GLY F 342 26.21 15.18 -72.45
CA GLY F 342 25.57 14.15 -71.65
C GLY F 342 24.86 14.69 -70.44
N ALA F 343 25.62 15.07 -69.41
CA ALA F 343 25.06 15.61 -68.17
C ALA F 343 23.98 14.70 -67.61
N ASN F 344 24.26 13.41 -67.59
CA ASN F 344 23.28 12.41 -67.20
C ASN F 344 23.15 12.38 -65.68
N GLN F 345 22.48 11.35 -65.17
CA GLN F 345 22.25 11.22 -63.75
C GLN F 345 23.58 11.12 -62.99
N ASN F 346 23.50 11.37 -61.69
CA ASN F 346 24.68 11.34 -60.83
C ASN F 346 25.29 9.94 -60.84
N PRO F 347 26.56 9.80 -61.26
CA PRO F 347 27.16 8.45 -61.31
C PRO F 347 27.27 7.78 -59.96
N ILE F 348 26.97 8.48 -58.88
CA ILE F 348 27.02 7.91 -57.53
C ILE F 348 26.03 8.69 -56.66
N PRO F 349 24.81 8.19 -56.47
CA PRO F 349 23.77 9.01 -55.86
C PRO F 349 23.77 9.01 -54.34
N TRP F 350 24.27 7.94 -53.73
CA TRP F 350 24.18 7.83 -52.28
C TRP F 350 24.97 8.91 -51.56
N ILE F 351 25.92 9.56 -52.25
CA ILE F 351 26.65 10.65 -51.63
C ILE F 351 25.72 11.81 -51.29
N ASN F 352 24.60 11.92 -52.00
CA ASN F 352 23.62 12.96 -51.67
C ASN F 352 22.89 12.68 -50.37
N ALA F 353 23.04 11.47 -49.81
CA ALA F 353 22.36 11.14 -48.56
C ALA F 353 23.03 11.80 -47.36
N TRP F 354 24.33 12.05 -47.42
CA TRP F 354 25.07 12.63 -46.30
C TRP F 354 25.38 14.10 -46.47
N LEU F 355 25.56 14.57 -47.70
CA LEU F 355 26.10 15.90 -47.91
C LEU F 355 25.07 16.98 -47.61
N SER F 356 24.95 17.36 -46.34
CA SER F 356 24.21 18.54 -45.91
C SER F 356 22.78 18.54 -46.46
N SER F 357 22.01 17.55 -46.01
CA SER F 357 20.59 17.52 -46.36
C SER F 357 19.88 18.77 -45.88
N ASP F 358 20.26 19.28 -44.72
CA ASP F 358 19.75 20.56 -44.21
C ASP F 358 20.71 21.69 -44.57
N ASN F 359 20.92 21.87 -45.88
CA ASN F 359 21.88 22.84 -46.36
C ASN F 359 21.35 24.26 -46.14
N VAL F 360 22.16 25.24 -46.53
CA VAL F 360 21.81 26.64 -46.38
C VAL F 360 22.11 27.41 -47.66
N ASP F 388 -35.50 -6.38 -52.19
CA ASP F 388 -35.56 -6.13 -53.62
C ASP F 388 -36.35 -7.23 -54.34
N PHE F 389 -37.55 -6.87 -54.82
CA PHE F 389 -38.39 -7.86 -55.48
C PHE F 389 -37.95 -8.10 -56.93
N GLU F 390 -37.01 -7.31 -57.43
CA GLU F 390 -36.54 -7.46 -58.80
C GLU F 390 -35.64 -8.68 -58.94
N THR G 19 11.43 65.10 -11.62
CA THR G 19 10.37 65.82 -10.92
C THR G 19 10.95 66.77 -9.88
N ASP G 20 10.29 66.85 -8.72
CA ASP G 20 10.74 67.71 -7.63
C ASP G 20 11.59 66.87 -6.68
N LEU G 21 12.83 66.62 -7.09
CA LEU G 21 13.77 65.81 -6.30
C LEU G 21 14.28 66.66 -5.14
N LYS G 22 13.44 66.80 -4.13
CA LYS G 22 13.76 67.56 -2.94
C LYS G 22 13.66 66.65 -1.73
N VAL G 23 14.31 67.07 -0.64
CA VAL G 23 14.34 66.31 0.61
C VAL G 23 14.02 67.26 1.76
N THR G 24 13.94 66.69 2.96
CA THR G 24 13.73 67.45 4.19
C THR G 24 15.10 67.74 4.78
N LYS G 25 15.59 68.96 4.59
CA LYS G 25 16.92 69.32 5.05
C LYS G 25 16.95 69.48 6.56
N ARG G 26 18.09 69.93 7.07
CA ARG G 26 18.26 70.12 8.51
C ARG G 26 17.22 71.07 9.09
N ASP G 27 16.80 72.07 8.31
CA ASP G 27 15.81 73.03 8.78
C ASP G 27 14.38 72.58 8.48
N GLY G 28 14.17 71.91 7.36
CA GLY G 28 12.85 71.45 7.00
C GLY G 28 12.40 71.91 5.63
N ARG G 29 13.21 72.74 4.98
CA ARG G 29 12.88 73.25 3.66
C ARG G 29 13.21 72.21 2.59
N LEU G 30 12.67 72.43 1.40
CA LEU G 30 12.88 71.51 0.28
C LEU G 30 14.24 71.80 -0.34
N GLU G 31 15.17 70.85 -0.21
CA GLU G 31 16.53 71.04 -0.67
C GLU G 31 16.67 70.58 -2.12
N ALA G 32 17.91 70.46 -2.59
CA ALA G 32 18.19 70.07 -3.96
C ALA G 32 18.10 68.55 -4.10
N ILE G 33 18.59 68.01 -5.21
CA ILE G 33 18.50 66.58 -5.50
C ILE G 33 19.61 65.76 -4.87
N ASP G 34 20.50 66.39 -4.10
CA ASP G 34 21.59 65.68 -3.41
C ASP G 34 22.50 64.95 -4.39
N LEU G 35 22.58 65.43 -5.63
CA LEU G 35 23.48 64.82 -6.60
C LEU G 35 24.92 65.06 -6.23
N ASP G 36 25.34 66.32 -6.18
CA ASP G 36 26.65 66.69 -5.69
C ASP G 36 26.57 66.97 -4.20
N LYS G 37 27.65 67.44 -3.61
CA LYS G 37 27.76 67.79 -2.20
C LYS G 37 27.55 66.61 -1.27
N ILE G 38 27.39 65.40 -1.82
CA ILE G 38 27.26 64.21 -0.99
C ILE G 38 28.63 63.57 -0.74
N HIS G 39 29.50 63.61 -1.75
CA HIS G 39 30.86 63.11 -1.56
C HIS G 39 31.70 64.04 -0.70
N ARG G 40 31.24 65.28 -0.47
CA ARG G 40 32.02 66.21 0.33
C ARG G 40 32.21 65.70 1.74
N VAL G 41 31.16 65.16 2.36
CA VAL G 41 31.26 64.72 3.75
C VAL G 41 32.15 63.48 3.86
N VAL G 42 32.05 62.56 2.91
CA VAL G 42 32.85 61.35 3.00
C VAL G 42 34.31 61.65 2.68
N THR G 43 34.57 62.66 1.84
CA THR G 43 35.95 63.08 1.63
C THR G 43 36.50 63.79 2.87
N TRP G 44 35.67 64.60 3.52
CA TRP G 44 36.05 65.19 4.80
C TRP G 44 36.39 64.12 5.80
N ALA G 45 35.64 63.02 5.81
CA ALA G 45 35.92 61.92 6.71
C ALA G 45 37.24 61.24 6.37
N ALA G 46 37.36 60.73 5.14
CA ALA G 46 38.57 60.07 4.70
C ALA G 46 39.57 61.05 4.11
N GLU G 47 39.90 62.10 4.86
CA GLU G 47 40.84 63.09 4.39
C GLU G 47 42.28 62.71 4.69
N GLY G 48 42.51 61.77 5.60
CA GLY G 48 43.86 61.37 5.95
C GLY G 48 44.00 59.88 6.20
N LEU G 49 43.00 59.11 5.79
CA LEU G 49 43.02 57.67 6.00
C LEU G 49 43.69 57.00 4.80
N GLU G 50 43.60 55.66 4.74
CA GLU G 50 44.18 54.91 3.64
C GLU G 50 43.36 53.65 3.41
N ASN G 51 43.52 53.09 2.22
CA ASN G 51 42.84 51.85 1.79
C ASN G 51 41.33 51.87 2.06
N VAL G 52 40.74 53.06 2.16
CA VAL G 52 39.31 53.20 2.35
C VAL G 52 38.65 53.35 0.99
N SER G 53 37.59 52.59 0.76
CA SER G 53 36.89 52.58 -0.53
C SER G 53 35.73 53.56 -0.45
N VAL G 54 36.01 54.83 -0.78
CA VAL G 54 34.98 55.86 -0.73
C VAL G 54 33.85 55.52 -1.69
N SER G 55 34.18 54.99 -2.87
CA SER G 55 33.15 54.61 -3.83
C SER G 55 32.28 53.48 -3.30
N GLN G 56 32.88 52.48 -2.67
CA GLN G 56 32.11 51.36 -2.15
C GLN G 56 31.15 51.82 -1.06
N VAL G 57 31.66 52.55 -0.07
CA VAL G 57 30.81 52.99 1.03
C VAL G 57 29.75 53.96 0.53
N GLU G 58 30.07 54.77 -0.48
CA GLU G 58 29.06 55.65 -1.06
C GLU G 58 28.04 54.88 -1.88
N LEU G 59 28.37 53.68 -2.32
CA LEU G 59 27.49 52.86 -3.15
C LEU G 59 26.89 51.69 -2.40
N LYS G 60 27.64 51.02 -1.53
CA LYS G 60 27.10 49.88 -0.80
C LYS G 60 26.11 50.27 0.28
N SER G 61 25.73 51.55 0.35
CA SER G 61 24.70 51.96 1.29
C SER G 61 23.36 51.32 0.97
N HIS G 62 23.05 51.15 -0.32
CA HIS G 62 21.81 50.53 -0.77
C HIS G 62 20.59 51.26 -0.21
N ILE G 63 20.61 52.57 -0.30
CA ILE G 63 19.56 53.41 0.26
C ILE G 63 18.48 53.64 -0.78
N GLN G 64 17.25 53.78 -0.31
CA GLN G 64 16.15 54.17 -1.19
C GLN G 64 16.15 55.69 -1.37
N PHE G 65 15.83 56.11 -2.59
CA PHE G 65 15.90 57.52 -2.97
C PHE G 65 14.51 58.07 -3.26
N TYR G 66 13.53 57.73 -2.44
CA TYR G 66 12.18 58.23 -2.61
C TYR G 66 12.08 59.66 -2.12
N ASN G 67 11.27 60.46 -2.80
CA ASN G 67 11.06 61.85 -2.40
C ASN G 67 10.31 61.89 -1.08
N GLY G 68 10.86 62.63 -0.11
CA GLY G 68 10.26 62.71 1.20
C GLY G 68 11.12 62.10 2.28
N ILE G 69 12.43 62.14 2.07
CA ILE G 69 13.38 61.64 3.06
C ILE G 69 14.08 62.82 3.70
N ARG G 70 14.54 62.61 4.93
CA ARG G 70 15.24 63.64 5.69
C ARG G 70 16.73 63.32 5.74
N THR G 71 17.56 64.35 5.56
CA THR G 71 19.00 64.13 5.46
C THR G 71 19.57 63.53 6.74
N ASP G 72 18.93 63.81 7.89
CA ASP G 72 19.34 63.14 9.12
C ASP G 72 19.17 61.63 9.00
N ASP G 73 18.02 61.19 8.46
CA ASP G 73 17.83 59.77 8.24
C ASP G 73 18.82 59.22 7.23
N ILE G 74 19.20 60.03 6.23
CA ILE G 74 20.18 59.58 5.26
C ILE G 74 21.53 59.35 5.92
N HIS G 75 21.96 60.27 6.80
CA HIS G 75 23.19 60.05 7.54
C HIS G 75 23.08 58.83 8.44
N GLU G 76 21.93 58.65 9.09
CA GLU G 76 21.74 57.49 9.95
C GLU G 76 21.91 56.19 9.17
N THR G 77 21.26 56.09 8.02
CA THR G 77 21.33 54.83 7.26
C THR G 77 22.69 54.65 6.60
N ILE G 78 23.35 55.74 6.18
CA ILE G 78 24.66 55.58 5.58
C ILE G 78 25.69 55.19 6.63
N ILE G 79 25.50 55.60 7.88
CA ILE G 79 26.44 55.16 8.91
C ILE G 79 26.08 53.77 9.40
N LYS G 80 24.80 53.38 9.31
CA LYS G 80 24.43 52.00 9.62
C LYS G 80 25.00 51.05 8.59
N ALA G 81 25.08 51.48 7.33
CA ALA G 81 25.69 50.66 6.29
C ALA G 81 27.21 50.79 6.24
N ALA G 82 27.77 51.86 6.81
CA ALA G 82 29.22 52.05 6.77
C ALA G 82 29.93 51.01 7.64
N ALA G 83 29.62 50.99 8.93
CA ALA G 83 30.26 50.04 9.84
C ALA G 83 29.88 48.60 9.56
N ASP G 84 28.84 48.37 8.75
CA ASP G 84 28.45 47.00 8.44
C ASP G 84 29.53 46.27 7.66
N LEU G 85 30.06 46.90 6.62
CA LEU G 85 31.09 46.30 5.78
C LEU G 85 32.46 46.62 6.38
N ILE G 86 32.86 45.82 7.36
CA ILE G 86 34.16 45.94 8.00
C ILE G 86 34.66 44.54 8.35
N SER G 87 35.98 44.35 8.25
CA SER G 87 36.60 43.07 8.56
C SER G 87 38.11 43.29 8.63
N GLU G 88 38.82 42.22 9.02
CA GLU G 88 40.26 42.30 9.16
C GLU G 88 40.95 42.55 7.83
N ASP G 89 40.26 42.35 6.70
CA ASP G 89 40.85 42.66 5.41
C ASP G 89 41.11 44.15 5.27
N THR G 90 40.09 44.98 5.54
CA THR G 90 40.22 46.43 5.51
C THR G 90 39.58 47.01 6.76
N PRO G 91 40.20 46.82 7.93
CA PRO G 91 39.68 47.38 9.18
C PRO G 91 40.19 48.79 9.44
N ASP G 92 40.07 49.66 8.45
CA ASP G 92 40.65 51.00 8.53
C ASP G 92 39.62 52.10 8.69
N TYR G 93 38.50 52.05 7.97
CA TYR G 93 37.56 53.16 7.98
C TYR G 93 36.55 53.07 9.13
N GLN G 94 36.87 52.35 10.20
CA GLN G 94 36.10 52.50 11.42
C GLN G 94 36.27 53.91 11.98
N TYR G 95 37.46 54.49 11.80
CA TYR G 95 37.64 55.90 12.12
C TYR G 95 36.75 56.78 11.26
N LEU G 96 36.52 56.40 10.00
CA LEU G 96 35.57 57.14 9.17
C LEU G 96 34.17 57.08 9.74
N ALA G 97 33.74 55.90 10.19
CA ALA G 97 32.44 55.78 10.82
C ALA G 97 32.36 56.65 12.07
N ALA G 98 33.42 56.67 12.87
CA ALA G 98 33.43 57.50 14.07
C ALA G 98 33.37 58.98 13.73
N ARG G 99 34.07 59.39 12.67
CA ARG G 99 34.03 60.79 12.25
C ARG G 99 32.62 61.17 11.82
N LEU G 100 31.98 60.32 11.00
CA LEU G 100 30.61 60.58 10.60
C LEU G 100 29.68 60.62 11.81
N ALA G 101 29.93 59.76 12.79
CA ALA G 101 29.10 59.73 13.99
C ALA G 101 29.19 61.03 14.77
N ILE G 102 30.42 61.48 15.04
CA ILE G 102 30.57 62.71 15.81
C ILE G 102 30.08 63.90 15.00
N PHE G 103 30.17 63.83 13.67
CA PHE G 103 29.63 64.91 12.85
C PHE G 103 28.10 64.97 12.99
N HIS G 104 27.43 63.83 12.87
CA HIS G 104 25.99 63.80 13.03
C HIS G 104 25.59 64.22 14.44
N LEU G 105 26.41 63.90 15.43
CA LEU G 105 26.11 64.29 16.81
C LEU G 105 26.21 65.80 16.97
N ARG G 106 27.30 66.40 16.47
CA ARG G 106 27.42 67.85 16.53
C ARG G 106 26.33 68.53 15.73
N LYS G 107 25.83 67.88 14.68
CA LYS G 107 24.73 68.45 13.92
C LYS G 107 23.43 68.42 14.72
N ILE G 108 23.08 67.26 15.28
CA ILE G 108 21.87 67.15 16.10
C ILE G 108 21.96 67.96 17.38
N ALA G 109 23.17 68.38 17.76
CA ALA G 109 23.34 69.23 18.93
C ALA G 109 23.09 70.70 18.60
N TYR G 110 23.75 71.20 17.55
CA TYR G 110 23.63 72.62 17.21
C TYR G 110 23.31 72.82 15.72
N GLY G 111 23.78 71.91 14.88
CA GLY G 111 23.59 72.04 13.45
C GLY G 111 24.86 72.48 12.74
N GLU G 112 25.58 73.40 13.37
CA GLU G 112 26.83 73.91 12.81
C GLU G 112 27.99 73.05 13.30
N TYR G 113 29.21 73.53 13.08
CA TYR G 113 30.42 72.85 13.51
C TYR G 113 31.30 73.80 14.32
N GLU G 114 30.68 74.51 15.27
CA GLU G 114 31.38 75.44 16.13
C GLU G 114 30.62 75.62 17.43
N PRO G 115 30.95 74.86 18.46
CA PRO G 115 30.24 74.98 19.74
C PRO G 115 30.56 76.30 20.42
N PRO G 116 29.72 76.75 21.36
CA PRO G 116 29.97 78.01 22.05
C PRO G 116 31.21 77.97 22.94
N HIS G 117 31.54 79.11 23.56
CA HIS G 117 32.73 79.21 24.41
C HIS G 117 32.43 78.77 25.83
N LEU G 118 31.84 77.57 25.98
CA LEU G 118 31.64 76.89 27.24
C LEU G 118 30.62 77.61 28.13
N TYR G 119 30.18 78.80 27.72
CA TYR G 119 29.26 79.59 28.53
C TYR G 119 27.87 79.69 27.90
N ASN G 120 27.79 80.12 26.64
CA ASN G 120 26.49 80.16 25.97
C ASN G 120 25.83 78.79 25.94
N HIS G 121 26.61 77.72 26.06
CA HIS G 121 26.03 76.38 26.19
C HIS G 121 25.65 76.09 27.63
N VAL G 122 26.52 76.43 28.58
CA VAL G 122 26.25 76.12 29.98
C VAL G 122 25.24 77.10 30.56
N LYS G 123 25.47 78.40 30.36
CA LYS G 123 24.57 79.39 30.94
C LYS G 123 23.20 79.37 30.27
N LYS G 124 23.13 78.93 29.02
CA LYS G 124 21.87 78.87 28.31
C LYS G 124 21.08 77.59 28.58
N LEU G 125 21.76 76.52 28.98
CA LEU G 125 21.10 75.24 29.22
C LEU G 125 21.05 74.88 30.69
N THR G 126 21.57 75.72 31.58
CA THR G 126 21.50 75.42 33.00
C THR G 126 20.06 75.40 33.50
N ASP G 127 19.23 76.32 33.00
CA ASP G 127 17.83 76.37 33.39
C ASP G 127 17.01 75.24 32.80
N ALA G 128 17.59 74.46 31.89
CA ALA G 128 16.87 73.35 31.27
C ALA G 128 16.63 72.19 32.22
N GLY G 129 17.15 72.24 33.44
CA GLY G 129 16.94 71.20 34.41
C GLY G 129 17.79 69.96 34.24
N LYS G 130 18.44 69.79 33.09
CA LYS G 130 19.28 68.61 32.89
C LYS G 130 20.51 68.63 33.81
N TYR G 131 21.03 69.82 34.10
CA TYR G 131 22.18 69.95 34.97
C TYR G 131 21.70 70.24 36.40
N ASP G 132 22.66 70.50 37.28
CA ASP G 132 22.39 70.88 38.66
C ASP G 132 22.55 72.38 38.81
N ARG G 133 21.59 73.01 39.49
CA ARG G 133 21.58 74.46 39.58
C ARG G 133 22.51 74.97 40.68
N HIS G 134 23.77 74.54 40.64
CA HIS G 134 24.77 75.06 41.57
C HIS G 134 26.12 75.32 40.92
N ILE G 135 26.38 74.83 39.70
CA ILE G 135 27.69 75.03 39.08
C ILE G 135 27.94 76.50 38.80
N LEU G 136 26.98 77.17 38.15
CA LEU G 136 27.14 78.58 37.84
C LEU G 136 27.28 79.42 39.10
N GLU G 137 26.64 79.02 40.20
CA GLU G 137 26.75 79.71 41.46
C GLU G 137 28.00 79.32 42.25
N ASP G 138 28.85 78.45 41.69
CA ASP G 138 30.04 77.98 42.38
C ASP G 138 31.33 78.45 41.73
N TYR G 139 31.27 79.09 40.57
CA TYR G 139 32.47 79.56 39.89
C TYR G 139 32.21 80.97 39.36
N SER G 140 33.27 81.59 38.86
CA SER G 140 33.23 82.98 38.40
C SER G 140 33.16 83.05 36.89
N ARG G 141 32.50 84.10 36.40
CA ARG G 141 32.38 84.30 34.96
C ARG G 141 33.70 84.74 34.34
N GLU G 142 34.52 85.46 35.09
CA GLU G 142 35.79 85.96 34.56
C GLU G 142 36.72 84.80 34.22
N GLU G 143 37.06 83.98 35.22
CA GLU G 143 37.92 82.83 34.98
C GLU G 143 37.27 81.77 34.11
N PHE G 144 35.96 81.84 33.91
CA PHE G 144 35.29 80.88 33.04
C PHE G 144 35.85 80.94 31.62
N ASP G 145 35.87 82.13 31.03
CA ASP G 145 36.43 82.28 29.68
C ASP G 145 37.91 81.99 29.66
N GLU G 146 38.63 82.27 30.74
CA GLU G 146 40.05 81.99 30.81
C GLU G 146 40.30 80.48 30.71
N LEU G 147 39.53 79.70 31.46
CA LEU G 147 39.62 78.25 31.36
C LEU G 147 38.98 77.71 30.09
N ASN G 148 38.19 78.53 29.38
CA ASN G 148 37.52 78.04 28.18
C ASN G 148 38.52 77.82 27.04
N ALA G 149 39.58 78.63 26.97
CA ALA G 149 40.54 78.52 25.88
C ALA G 149 41.56 77.43 26.15
N TYR G 150 41.08 76.24 26.52
CA TYR G 150 41.92 75.09 26.76
C TYR G 150 41.34 73.80 26.20
N ILE G 151 40.20 73.86 25.50
CA ILE G 151 39.49 72.67 25.08
C ILE G 151 39.13 72.69 23.59
N ASP G 152 40.08 73.09 22.75
CA ASP G 152 39.91 72.95 21.32
C ASP G 152 39.39 71.57 20.98
N HIS G 153 38.26 71.53 20.27
CA HIS G 153 37.58 70.26 19.99
C HIS G 153 38.28 69.41 18.94
N GLU G 154 39.47 69.82 18.48
CA GLU G 154 40.18 69.03 17.48
C GLU G 154 40.51 67.63 17.97
N ARG G 155 40.60 67.43 19.28
CA ARG G 155 40.86 66.10 19.83
C ARG G 155 39.63 65.21 19.82
N ASP G 156 38.44 65.77 19.53
CA ASP G 156 37.23 64.97 19.49
C ASP G 156 37.20 64.01 18.31
N MET G 157 38.06 64.21 17.32
CA MET G 157 38.14 63.32 16.16
C MET G 157 39.15 62.21 16.36
N SER G 158 39.03 61.49 17.48
CA SER G 158 39.92 60.38 17.77
C SER G 158 39.19 59.19 18.37
N PHE G 159 37.87 59.11 18.21
CA PHE G 159 37.09 58.04 18.76
C PHE G 159 37.00 56.87 17.77
N SER G 160 36.31 55.81 18.19
CA SER G 160 35.97 54.70 17.31
C SER G 160 34.46 54.59 17.24
N TYR G 161 33.97 53.87 16.22
CA TYR G 161 32.54 53.68 16.09
C TYR G 161 31.98 52.93 17.29
N ALA G 162 32.72 51.96 17.82
CA ALA G 162 32.30 51.24 19.01
C ALA G 162 32.19 52.15 20.22
N ALA G 163 32.82 53.32 20.18
CA ALA G 163 32.72 54.28 21.27
C ALA G 163 31.49 55.18 21.10
N VAL G 164 31.40 55.86 19.96
CA VAL G 164 30.30 56.79 19.71
C VAL G 164 28.97 56.06 19.73
N LYS G 165 28.96 54.79 19.33
CA LYS G 165 27.72 54.01 19.36
C LYS G 165 27.14 53.97 20.76
N GLN G 166 27.89 53.41 21.71
CA GLN G 166 27.40 53.33 23.08
C GLN G 166 27.24 54.72 23.71
N LEU G 167 28.06 55.69 23.29
CA LEU G 167 27.92 57.04 23.81
C LEU G 167 26.56 57.61 23.47
N GLU G 168 26.18 57.57 22.18
CA GLU G 168 24.85 58.02 21.79
C GLU G 168 23.76 57.11 22.34
N GLY G 169 24.09 55.87 22.64
CA GLY G 169 23.10 54.97 23.20
C GLY G 169 22.71 55.35 24.62
N LYS G 170 23.62 55.14 25.58
CA LYS G 170 23.36 55.65 26.92
C LYS G 170 24.71 55.90 27.60
N TYR G 171 25.23 57.12 27.43
CA TYR G 171 26.33 57.59 28.25
C TYR G 171 26.23 59.04 28.68
N LEU G 172 25.47 59.88 27.99
CA LEU G 172 25.43 61.30 28.26
C LEU G 172 23.98 61.74 28.43
N VAL G 173 23.81 62.99 28.88
CA VAL G 173 22.48 63.48 29.23
C VAL G 173 21.62 63.62 27.99
N GLN G 174 20.41 63.08 28.05
CA GLN G 174 19.44 63.15 26.97
C GLN G 174 18.12 62.57 27.47
N ASN G 175 17.02 63.10 26.93
CA ASN G 175 15.70 62.60 27.31
C ASN G 175 15.50 61.20 26.74
N ARG G 176 15.14 60.27 27.61
CA ARG G 176 15.01 58.86 27.24
C ARG G 176 13.72 58.56 26.48
N VAL G 177 12.93 59.57 26.12
CA VAL G 177 11.69 59.36 25.38
C VAL G 177 11.78 60.09 24.04
N THR G 178 12.56 61.17 24.01
CA THR G 178 12.73 61.98 22.81
C THR G 178 14.06 61.73 22.11
N ARG G 179 15.09 61.36 22.86
CA ARG G 179 16.45 61.14 22.34
C ARG G 179 17.06 62.41 21.77
N GLN G 180 16.52 63.58 22.13
CA GLN G 180 17.09 64.86 21.71
C GLN G 180 18.32 65.11 22.58
N ILE G 181 19.49 64.78 22.06
CA ILE G 181 20.73 64.93 22.82
C ILE G 181 21.00 66.41 23.06
N TYR G 182 21.42 66.75 24.27
CA TYR G 182 21.67 68.13 24.65
C TYR G 182 23.11 68.36 25.13
N GLU G 183 24.04 67.50 24.75
CA GLU G 183 25.42 67.63 25.22
C GLU G 183 26.36 67.32 24.05
N THR G 184 27.65 67.20 24.36
CA THR G 184 28.69 66.99 23.38
C THR G 184 29.80 66.22 24.09
N PRO G 185 30.39 65.20 23.45
CA PRO G 185 31.38 64.37 24.14
C PRO G 185 32.67 65.11 24.48
N GLN G 186 32.77 66.38 24.09
CA GLN G 186 33.93 67.19 24.45
C GLN G 186 33.73 67.98 25.74
N PHE G 187 32.55 68.59 25.91
CA PHE G 187 32.25 69.29 27.15
C PHE G 187 32.03 68.34 28.32
N LEU G 188 31.84 67.05 28.05
CA LEU G 188 31.59 66.08 29.11
C LEU G 188 32.71 66.06 30.14
N TYR G 189 33.95 65.88 29.66
CA TYR G 189 35.07 65.70 30.57
C TYR G 189 35.30 66.95 31.42
N VAL G 190 35.33 68.11 30.78
CA VAL G 190 35.59 69.33 31.54
C VAL G 190 34.41 69.65 32.45
N LEU G 191 33.20 69.31 32.05
CA LEU G 191 32.06 69.57 32.92
C LEU G 191 32.13 68.72 34.17
N VAL G 192 32.45 67.43 34.03
CA VAL G 192 32.52 66.58 35.20
C VAL G 192 33.72 66.96 36.07
N ALA G 193 34.83 67.35 35.45
CA ALA G 193 36.00 67.74 36.22
C ALA G 193 35.76 69.06 36.96
N MET G 194 34.95 69.95 36.39
CA MET G 194 34.63 71.19 37.07
C MET G 194 33.62 70.96 38.19
N CYS G 195 32.67 70.06 37.97
CA CYS G 195 31.67 69.78 39.00
C CYS G 195 32.27 69.04 40.19
N LEU G 196 33.24 68.15 39.94
CA LEU G 196 33.84 67.40 41.04
C LEU G 196 34.73 68.25 41.93
N PHE G 197 35.04 69.48 41.54
CA PHE G 197 35.96 70.33 42.27
C PHE G 197 35.29 71.61 42.74
N SER G 198 34.07 71.48 43.28
CA SER G 198 33.35 72.67 43.74
C SER G 198 33.88 73.17 45.07
N LYS G 199 33.79 72.34 46.11
CA LYS G 199 34.21 72.73 47.46
C LYS G 199 35.73 72.64 47.54
N TYR G 200 36.39 73.71 47.11
CA TYR G 200 37.84 73.78 47.12
C TYR G 200 38.25 75.24 47.21
N PRO G 201 39.46 75.52 47.70
CA PRO G 201 39.92 76.91 47.76
C PRO G 201 40.07 77.50 46.37
N LYS G 202 39.61 78.75 46.22
CA LYS G 202 39.65 79.41 44.92
C LYS G 202 41.02 80.00 44.65
N GLU G 203 42.06 79.19 44.77
CA GLU G 203 43.43 79.62 44.48
C GLU G 203 44.21 78.65 43.60
N ALA G 204 43.82 77.37 43.53
CA ALA G 204 44.51 76.42 42.68
C ALA G 204 43.59 75.52 41.88
N ARG G 205 42.27 75.58 42.09
CA ARG G 205 41.36 74.69 41.37
C ARG G 205 41.44 74.91 39.87
N LEU G 206 41.61 76.16 39.44
CA LEU G 206 41.67 76.45 38.01
C LEU G 206 42.88 75.80 37.37
N ASP G 207 44.03 75.83 38.04
CA ASP G 207 45.22 75.17 37.55
C ASP G 207 45.26 73.68 37.86
N TYR G 208 44.30 73.19 38.65
CA TYR G 208 44.25 71.79 39.03
C TYR G 208 43.31 70.97 38.17
N VAL G 209 42.24 71.59 37.67
CA VAL G 209 41.30 70.87 36.81
C VAL G 209 41.92 70.52 35.47
N LYS G 210 42.92 71.29 35.04
CA LYS G 210 43.55 71.02 33.74
C LYS G 210 44.25 69.68 33.73
N ARG G 211 44.88 69.30 34.85
CA ARG G 211 45.54 68.00 34.91
C ARG G 211 44.54 66.86 34.75
N PHE G 212 43.42 66.93 35.47
CA PHE G 212 42.41 65.89 35.34
C PHE G 212 41.81 65.86 33.95
N TYR G 213 41.61 67.03 33.34
CA TYR G 213 41.07 67.04 31.98
C TYR G 213 42.05 66.42 31.00
N ASP G 214 43.34 66.75 31.11
CA ASP G 214 44.32 66.13 30.23
C ASP G 214 44.43 64.64 30.47
N ALA G 215 44.17 64.20 31.70
CA ALA G 215 44.21 62.77 31.99
C ALA G 215 43.03 62.05 31.35
N VAL G 216 41.82 62.62 31.47
CA VAL G 216 40.65 61.92 30.98
C VAL G 216 40.54 62.02 29.45
N SER G 217 40.99 63.13 28.87
CA SER G 217 40.87 63.32 27.42
C SER G 217 41.83 62.42 26.66
N THR G 218 43.04 62.25 27.16
CA THR G 218 44.03 61.38 26.53
C THR G 218 43.78 59.90 26.81
N PHE G 219 42.62 59.55 27.37
CA PHE G 219 42.22 58.17 27.66
C PHE G 219 43.17 57.49 28.64
N LYS G 220 43.93 58.26 29.43
CA LYS G 220 44.82 57.66 30.40
C LYS G 220 44.08 57.14 31.63
N VAL G 221 42.93 57.74 31.96
CA VAL G 221 42.12 57.31 33.09
C VAL G 221 40.69 57.08 32.58
N SER G 222 40.09 55.97 33.00
CA SER G 222 38.75 55.59 32.54
C SER G 222 37.74 55.78 33.66
N LEU G 223 36.51 56.13 33.27
CA LEU G 223 35.43 56.37 34.27
C LEU G 223 34.17 55.57 33.89
N PRO G 224 33.50 54.91 34.86
CA PRO G 224 32.26 54.15 34.62
C PRO G 224 31.00 54.95 34.24
N THR G 225 29.89 54.24 34.04
CA THR G 225 28.61 54.91 33.68
C THR G 225 28.02 55.55 34.94
N PRO G 226 28.05 54.86 36.11
CA PRO G 226 27.51 55.42 37.35
C PRO G 226 28.10 56.80 37.68
N ILE G 227 29.29 57.10 37.16
CA ILE G 227 29.93 58.38 37.42
C ILE G 227 29.86 59.30 36.21
N MET G 228 29.81 58.74 35.00
CA MET G 228 29.63 59.55 33.81
C MET G 228 28.19 59.59 33.34
N SER G 229 27.37 58.61 33.74
CA SER G 229 25.95 58.66 33.45
C SER G 229 25.16 59.43 34.50
N GLY G 230 25.80 59.83 35.59
CA GLY G 230 25.07 60.45 36.69
C GLY G 230 25.68 61.72 37.23
N VAL G 231 26.82 62.15 36.69
CA VAL G 231 27.44 63.38 37.16
C VAL G 231 26.57 64.58 36.80
N ARG G 232 26.87 65.71 37.44
CA ARG G 232 26.21 67.04 37.27
C ARG G 232 24.69 66.91 37.06
N THR G 233 24.10 65.87 37.65
CA THR G 233 22.70 65.53 37.52
C THR G 233 21.98 65.80 38.84
N PRO G 234 20.74 66.30 38.80
CA PRO G 234 20.01 66.55 40.06
C PRO G 234 19.95 65.35 40.99
N THR G 235 19.66 64.16 40.47
CA THR G 235 19.64 62.95 41.30
C THR G 235 21.08 62.57 41.64
N ARG G 236 21.55 62.99 42.80
CA ARG G 236 22.94 62.77 43.20
C ARG G 236 23.08 61.36 43.77
N GLN G 237 23.36 60.41 42.88
CA GLN G 237 23.64 59.04 43.26
C GLN G 237 24.82 58.56 42.43
N PHE G 238 25.85 58.04 43.10
CA PHE G 238 27.08 57.68 42.39
C PHE G 238 27.70 56.37 42.85
N SER G 239 27.01 55.57 43.65
CA SER G 239 27.56 54.28 44.04
C SER G 239 27.53 53.33 42.85
N SER G 240 28.13 52.16 43.04
CA SER G 240 28.14 51.12 42.02
C SER G 240 27.59 49.79 42.51
N CYS G 241 27.79 49.45 43.77
CA CYS G 241 27.27 48.21 44.32
C CYS G 241 26.88 48.44 45.77
N VAL G 242 25.89 47.68 46.24
CA VAL G 242 25.47 47.71 47.64
C VAL G 242 25.25 46.29 48.12
N LEU G 243 25.35 46.09 49.43
CA LEU G 243 25.18 44.80 50.06
C LEU G 243 24.06 44.88 51.08
N ILE G 244 23.42 43.73 51.33
CA ILE G 244 22.35 43.65 52.31
C ILE G 244 22.14 42.18 52.65
N GLU G 245 21.92 41.90 53.94
CA GLU G 245 21.65 40.56 54.42
C GLU G 245 20.44 40.59 55.33
N CYS G 246 19.61 39.54 55.26
CA CYS G 246 18.37 39.47 56.01
C CYS G 246 18.38 38.21 56.88
N ASP G 247 18.08 38.38 58.16
CA ASP G 247 17.99 37.28 59.10
C ASP G 247 16.53 36.84 59.26
N ASP G 248 16.30 35.92 60.19
CA ASP G 248 14.98 35.34 60.37
C ASP G 248 14.03 36.29 61.10
N SER G 249 13.32 37.13 60.35
CA SER G 249 12.34 38.04 60.93
C SER G 249 11.48 38.61 59.82
N LEU G 250 10.17 38.72 60.08
CA LEU G 250 9.26 39.26 59.09
C LEU G 250 9.52 40.74 58.86
N ASP G 251 9.71 41.51 59.94
CA ASP G 251 9.99 42.93 59.79
C ASP G 251 11.27 43.17 59.00
N SER G 252 12.29 42.33 59.23
CA SER G 252 13.53 42.45 58.48
C SER G 252 13.28 42.20 57.00
N ILE G 253 12.44 41.22 56.68
CA ILE G 253 12.14 40.92 55.27
C ILE G 253 11.40 42.08 54.62
N ASN G 254 10.41 42.63 55.31
CA ASN G 254 9.70 43.79 54.77
C ASN G 254 10.66 44.96 54.57
N ALA G 255 11.57 45.17 55.53
CA ALA G 255 12.50 46.29 55.43
C ALA G 255 13.45 46.12 54.24
N THR G 256 14.01 44.91 54.08
CA THR G 256 14.94 44.72 52.96
C THR G 256 14.21 44.74 51.63
N THR G 257 12.94 44.34 51.60
CA THR G 257 12.17 44.46 50.36
C THR G 257 11.94 45.92 50.00
N SER G 258 11.57 46.74 50.97
CA SER G 258 11.44 48.17 50.71
C SER G 258 12.77 48.75 50.28
N ALA G 259 13.87 48.30 50.88
CA ALA G 259 15.19 48.83 50.54
C ALA G 259 15.57 48.48 49.11
N ILE G 260 15.36 47.24 48.69
CA ILE G 260 15.70 46.87 47.33
C ILE G 260 14.78 47.55 46.34
N VAL G 261 13.51 47.77 46.70
CA VAL G 261 12.60 48.44 45.78
C VAL G 261 13.00 49.90 45.62
N LYS G 262 13.46 50.53 46.69
CA LYS G 262 13.75 51.97 46.63
C LYS G 262 15.14 52.26 46.08
N TYR G 263 16.12 51.39 46.34
CA TYR G 263 17.49 51.73 46.02
C TYR G 263 17.85 51.40 44.58
N VAL G 264 17.30 50.32 44.03
CA VAL G 264 17.65 49.90 42.68
C VAL G 264 17.21 50.93 41.64
N SER G 265 16.34 51.86 42.03
CA SER G 265 15.82 52.82 41.08
C SER G 265 16.82 53.90 40.70
N GLN G 266 18.01 53.92 41.32
CA GLN G 266 19.07 54.87 40.96
C GLN G 266 20.40 54.12 40.82
N ARG G 267 20.63 53.53 39.65
CA ARG G 267 21.93 53.02 39.23
C ARG G 267 22.63 52.23 40.34
N ALA G 268 22.01 51.12 40.72
CA ALA G 268 22.47 50.35 41.87
C ALA G 268 22.94 48.97 41.44
N GLY G 269 23.69 48.33 42.35
CA GLY G 269 24.12 46.96 42.21
C GLY G 269 23.91 46.22 43.52
N ILE G 270 23.24 45.08 43.48
CA ILE G 270 22.68 44.45 44.68
C ILE G 270 23.41 43.15 44.98
N GLY G 271 23.77 42.97 46.25
CA GLY G 271 24.38 41.74 46.72
C GLY G 271 23.55 41.05 47.78
N ILE G 272 22.24 40.94 47.54
CA ILE G 272 21.30 40.43 48.53
C ILE G 272 21.76 39.07 49.06
N ASN G 273 21.57 38.86 50.36
CA ASN G 273 21.90 37.60 51.01
C ASN G 273 20.76 37.22 51.96
N ALA G 274 20.25 36.00 51.82
CA ALA G 274 19.13 35.54 52.63
C ALA G 274 19.36 34.09 53.06
N GLY G 275 20.57 33.79 53.51
CA GLY G 275 20.88 32.44 53.96
C GLY G 275 20.51 32.16 55.39
N ARG G 276 19.65 33.00 55.97
CA ARG G 276 19.29 32.90 57.38
C ARG G 276 17.80 33.13 57.59
N ILE G 277 16.97 32.53 56.75
CA ILE G 277 15.53 32.77 56.86
C ILE G 277 14.85 31.72 57.74
N ARG G 278 14.85 30.46 57.30
CA ARG G 278 14.18 29.38 58.01
C ARG G 278 14.41 28.10 57.21
N GLY G 279 14.26 26.96 57.88
CA GLY G 279 14.21 25.69 57.19
C GLY G 279 12.79 25.30 56.83
N LEU G 280 12.42 24.06 57.11
CA LEU G 280 11.04 23.60 56.94
C LEU G 280 10.64 22.71 58.11
N ASP G 281 11.11 23.06 59.31
CA ASP G 281 10.94 22.17 60.46
C ASP G 281 9.54 22.32 61.08
N SER G 282 9.27 23.49 61.66
CA SER G 282 8.03 23.71 62.39
C SER G 282 7.87 25.17 62.81
N GLU G 283 6.77 25.48 63.47
CA GLU G 283 6.54 26.78 64.08
C GLU G 283 6.19 26.57 65.54
N ILE G 284 6.86 27.32 66.42
CA ILE G 284 6.72 27.09 67.85
C ILE G 284 5.31 27.45 68.32
N ARG G 285 4.89 28.69 68.06
CA ARG G 285 3.61 29.16 68.60
C ARG G 285 2.41 28.66 67.82
N GLY G 286 2.57 27.66 66.96
CA GLY G 286 1.45 27.10 66.25
C GLY G 286 1.29 27.63 64.84
N GLY G 287 1.58 26.79 63.86
CA GLY G 287 1.51 27.18 62.47
C GLY G 287 2.48 26.42 61.60
N GLU G 288 2.50 26.71 60.30
CA GLU G 288 3.42 26.02 59.40
C GLU G 288 4.85 26.51 59.63
N ALA G 289 5.80 25.67 59.24
CA ALA G 289 7.22 25.98 59.42
C ALA G 289 7.63 27.23 58.66
N ARG G 290 7.63 27.16 57.33
CA ARG G 290 8.08 28.29 56.52
C ARG G 290 7.27 28.49 55.25
N HIS G 291 6.16 27.78 55.08
CA HIS G 291 5.37 27.82 53.86
C HIS G 291 6.24 27.45 52.65
N THR G 292 6.70 26.20 52.67
CA THR G 292 7.57 25.58 51.67
C THR G 292 8.98 26.15 51.67
N GLY G 293 9.34 26.99 52.65
CA GLY G 293 10.70 27.47 52.75
C GLY G 293 11.01 28.68 51.91
N CYS G 294 12.17 28.68 51.25
CA CYS G 294 12.64 29.84 50.52
C CYS G 294 12.02 29.98 49.14
N ILE G 295 11.34 28.95 48.64
CA ILE G 295 10.81 28.98 47.27
C ILE G 295 9.83 30.13 47.08
N PRO G 296 8.82 30.34 47.93
CA PRO G 296 7.92 31.48 47.71
C PRO G 296 8.53 32.80 48.13
N PHE G 297 9.42 32.76 49.11
CA PHE G 297 10.01 34.00 49.61
C PHE G 297 10.93 34.65 48.58
N PHE G 298 11.70 33.83 47.84
CA PHE G 298 12.60 34.38 46.84
C PHE G 298 11.86 34.99 45.66
N LYS G 299 10.61 34.59 45.42
CA LYS G 299 9.82 35.21 44.38
C LYS G 299 9.63 36.70 44.66
N MET G 300 9.50 37.06 45.94
CA MET G 300 9.35 38.48 46.29
C MET G 300 10.58 39.27 45.85
N PHE G 301 11.78 38.77 46.17
CA PHE G 301 12.99 39.46 45.76
C PHE G 301 13.14 39.48 44.25
N GLN G 302 12.78 38.38 43.59
CA GLN G 302 12.87 38.34 42.14
C GLN G 302 11.98 39.37 41.49
N ALA G 303 10.75 39.52 41.99
CA ALA G 303 9.87 40.55 41.46
C ALA G 303 10.36 41.95 41.84
N ALA G 304 10.98 42.09 43.01
CA ALA G 304 11.46 43.40 43.44
C ALA G 304 12.58 43.90 42.53
N VAL G 305 13.59 43.06 42.29
CA VAL G 305 14.68 43.47 41.43
C VAL G 305 14.22 43.68 40.00
N LYS G 306 13.15 43.02 39.58
CA LYS G 306 12.57 43.24 38.25
C LYS G 306 11.62 44.42 38.37
N SER G 307 12.16 45.61 38.18
CA SER G 307 11.40 46.83 38.39
C SER G 307 11.94 47.88 37.43
N CYS G 308 11.66 49.16 37.72
CA CYS G 308 12.10 50.26 36.89
C CYS G 308 13.59 50.19 36.60
N SER G 309 14.00 50.79 35.49
CA SER G 309 15.39 50.77 35.08
C SER G 309 16.27 51.43 36.13
N GLN G 310 17.52 50.97 36.21
CA GLN G 310 18.46 51.49 37.19
C GLN G 310 18.93 52.87 36.80
N GLY G 311 18.05 53.86 36.93
CA GLY G 311 18.36 55.22 36.52
C GLY G 311 17.91 55.59 35.13
N GLY G 312 17.47 54.62 34.33
CA GLY G 312 17.05 54.88 32.98
C GLY G 312 18.05 54.50 31.91
N VAL G 313 18.92 53.52 32.16
CA VAL G 313 19.92 53.09 31.19
C VAL G 313 19.78 51.61 30.85
N ARG G 314 19.55 50.77 31.85
CA ARG G 314 19.47 49.33 31.64
C ARG G 314 18.63 48.73 32.75
N GLY G 315 18.61 47.39 32.81
CA GLY G 315 17.86 46.70 33.83
C GLY G 315 18.75 45.97 34.83
N GLY G 316 18.59 46.30 36.11
CA GLY G 316 19.43 45.68 37.12
C GLY G 316 19.08 44.22 37.35
N ALA G 317 20.01 43.53 38.01
CA ALA G 317 19.82 42.10 38.32
C ALA G 317 20.62 41.78 39.57
N ALA G 318 19.92 41.38 40.63
CA ALA G 318 20.57 41.12 41.91
C ALA G 318 21.21 39.74 41.90
N THR G 319 21.71 39.31 43.05
CA THR G 319 22.38 38.01 43.17
C THR G 319 22.24 37.54 44.61
N LEU G 320 21.54 36.44 44.81
CA LEU G 320 21.30 35.91 46.15
C LEU G 320 22.36 34.89 46.52
N PHE G 321 22.39 34.55 47.81
CA PHE G 321 23.35 33.59 48.34
C PHE G 321 22.69 32.77 49.44
N TYR G 322 23.23 31.57 49.65
CA TYR G 322 22.76 30.69 50.72
C TYR G 322 23.81 29.63 50.97
N PRO G 323 23.94 29.16 52.21
CA PRO G 323 24.97 28.17 52.53
C PRO G 323 24.58 26.78 52.06
N LEU G 324 25.61 25.94 51.86
CA LEU G 324 25.40 24.60 51.35
C LEU G 324 24.79 23.69 52.40
N TRP G 325 25.07 23.92 53.68
CA TRP G 325 24.55 23.07 54.74
C TRP G 325 23.09 23.35 55.07
N HIS G 326 22.41 24.16 54.28
CA HIS G 326 21.00 24.47 54.54
C HIS G 326 20.16 23.21 54.38
N ILE G 327 19.24 23.00 55.33
CA ILE G 327 18.37 21.84 55.28
C ILE G 327 17.63 21.78 53.96
N GLU G 328 17.22 22.94 53.45
CA GLU G 328 16.75 23.01 52.06
C GLU G 328 17.98 22.94 51.16
N ALA G 329 18.28 21.74 50.68
CA ALA G 329 19.53 21.47 49.99
C ALA G 329 19.45 21.99 48.55
N GLU G 330 20.39 21.56 47.71
CA GLU G 330 20.45 21.98 46.32
C GLU G 330 19.22 21.54 45.54
N SER G 331 18.27 20.87 46.22
CA SER G 331 16.97 20.62 45.61
C SER G 331 16.32 21.91 45.13
N LEU G 332 16.69 23.05 45.73
CA LEU G 332 16.25 24.35 45.24
C LEU G 332 17.21 24.95 44.22
N LEU G 333 18.44 24.43 44.13
CA LEU G 333 19.42 24.97 43.18
C LEU G 333 18.98 24.78 41.74
N VAL G 334 18.10 23.81 41.47
CA VAL G 334 17.59 23.60 40.12
C VAL G 334 16.75 24.76 39.64
N LEU G 335 16.43 25.72 40.52
CA LEU G 335 15.56 26.83 40.15
C LEU G 335 16.10 27.65 38.99
N LYS G 336 17.37 27.49 38.64
CA LYS G 336 17.95 28.16 37.48
C LYS G 336 17.94 27.29 36.23
N ASN G 337 17.54 26.03 36.35
CA ASN G 337 17.48 25.15 35.19
C ASN G 337 16.34 25.55 34.27
N ASN G 338 16.42 25.09 33.03
CA ASN G 338 15.42 25.43 32.02
C ASN G 338 14.29 24.40 31.98
N ARG G 339 14.63 23.14 31.73
CA ARG G 339 13.61 22.09 31.59
C ARG G 339 13.06 21.74 32.97
N GLY G 340 11.78 22.02 33.20
CA GLY G 340 11.16 21.70 34.46
C GLY G 340 9.81 22.35 34.57
N VAL G 341 9.08 21.96 35.61
CA VAL G 341 7.75 22.49 35.89
C VAL G 341 7.88 23.93 36.37
N GLU G 342 6.77 24.66 36.42
CA GLU G 342 6.77 26.05 36.84
C GLU G 342 6.59 26.21 38.35
N ASP G 343 6.81 25.13 39.11
CA ASP G 343 6.73 25.24 40.58
C ASP G 343 7.78 26.19 41.11
N ASN G 344 9.05 25.94 40.78
CA ASN G 344 10.15 26.80 41.22
C ASN G 344 11.24 26.77 40.15
N ARG G 345 11.14 27.70 39.21
CA ARG G 345 12.13 27.84 38.15
C ARG G 345 12.39 29.31 37.85
N ILE G 346 12.54 30.12 38.90
CA ILE G 346 12.70 31.56 38.70
C ILE G 346 14.10 31.85 38.17
N ARG G 347 14.21 32.02 36.86
CA ARG G 347 15.50 32.28 36.21
C ARG G 347 15.62 33.77 35.91
N GLN G 348 15.87 34.54 36.97
CA GLN G 348 16.06 35.97 36.84
C GLN G 348 17.17 36.52 37.71
N LEU G 349 17.88 35.68 38.46
CA LEU G 349 18.88 36.12 39.41
C LEU G 349 20.22 35.46 39.09
N ASP G 350 21.21 35.76 39.93
CA ASP G 350 22.53 35.13 39.88
C ASP G 350 22.75 34.45 41.23
N TYR G 351 22.35 33.19 41.32
CA TYR G 351 22.41 32.47 42.58
C TYR G 351 23.85 32.34 43.06
N GLY G 352 24.00 32.19 44.37
CA GLY G 352 25.32 32.03 44.96
C GLY G 352 25.28 31.04 46.10
N VAL G 353 26.39 30.35 46.30
CA VAL G 353 26.53 29.35 47.34
C VAL G 353 27.87 29.54 48.03
N GLN G 354 27.90 29.30 49.34
CA GLN G 354 29.09 29.50 50.14
C GLN G 354 29.89 28.20 50.24
N ILE G 355 31.21 28.35 50.35
CA ILE G 355 32.11 27.21 50.44
C ILE G 355 33.28 27.59 51.34
N ASN G 356 33.76 26.62 52.12
CA ASN G 356 34.87 26.82 53.03
C ASN G 356 35.97 25.80 52.74
N ARG G 357 37.00 25.79 53.59
CA ARG G 357 38.16 24.92 53.41
C ARG G 357 37.87 23.46 53.78
N LEU G 358 36.75 23.19 54.44
CA LEU G 358 36.48 21.85 54.97
C LEU G 358 35.53 21.04 54.10
N LEU G 359 34.62 21.69 53.38
CA LEU G 359 33.63 20.95 52.59
C LEU G 359 34.31 20.16 51.48
N TYR G 360 35.20 20.81 50.72
CA TYR G 360 35.94 20.10 49.70
C TYR G 360 36.77 18.97 50.31
N THR G 361 37.29 19.19 51.52
CA THR G 361 38.03 18.14 52.20
C THR G 361 37.12 16.98 52.58
N ARG G 362 35.90 17.29 53.03
CA ARG G 362 34.95 16.22 53.34
C ARG G 362 34.57 15.43 52.10
N LEU G 363 34.52 16.09 50.94
CA LEU G 363 34.26 15.37 49.70
C LEU G 363 35.45 14.51 49.30
N ILE G 364 36.66 15.05 49.41
CA ILE G 364 37.86 14.29 49.06
C ILE G 364 37.96 13.04 49.94
N LYS G 365 37.70 13.19 51.24
CA LYS G 365 37.69 12.03 52.12
C LYS G 365 36.50 11.12 51.83
N GLY G 366 35.43 11.67 51.26
CA GLY G 366 34.24 10.92 50.96
C GLY G 366 33.12 11.03 51.96
N GLY G 367 33.19 11.99 52.88
CA GLY G 367 32.15 12.12 53.89
C GLY G 367 30.85 12.63 53.28
N ASN G 368 29.75 11.96 53.59
CA ASN G 368 28.43 12.36 53.12
C ASN G 368 27.96 13.55 53.95
N ILE G 369 27.97 14.74 53.34
CA ILE G 369 27.60 15.95 54.08
C ILE G 369 26.15 15.85 54.52
N THR G 370 25.89 16.27 55.76
CA THR G 370 24.56 16.26 56.34
C THR G 370 24.11 17.69 56.56
N LEU G 371 23.18 18.15 55.73
CA LEU G 371 22.63 19.49 55.86
C LEU G 371 21.61 19.55 56.99
N PHE G 372 21.43 20.75 57.53
CA PHE G 372 20.59 20.96 58.70
C PHE G 372 19.96 22.35 58.63
N SER G 373 19.13 22.66 59.61
CA SER G 373 18.37 23.90 59.70
C SER G 373 19.17 24.98 60.42
N PRO G 374 19.19 26.19 59.87
CA PRO G 374 19.98 27.27 60.49
C PRO G 374 19.43 27.72 61.83
N ASN G 375 18.13 28.03 61.88
CA ASN G 375 17.53 28.55 63.09
C ASN G 375 17.32 27.48 64.17
N GLU G 376 17.18 26.22 63.77
CA GLU G 376 16.97 25.16 64.74
C GLU G 376 18.18 24.93 65.64
N VAL G 377 19.37 25.31 65.17
CA VAL G 377 20.60 25.16 65.94
C VAL G 377 21.12 26.55 66.28
N SER G 378 21.94 26.62 67.33
CA SER G 378 22.50 27.87 67.82
C SER G 378 24.02 27.86 67.71
N GLY G 379 24.58 29.01 67.36
CA GLY G 379 26.01 29.14 67.24
C GLY G 379 26.61 28.37 66.08
N LEU G 380 25.92 28.36 64.94
CA LEU G 380 26.39 27.65 63.75
C LEU G 380 26.63 28.57 62.57
N TYR G 381 25.69 29.46 62.27
CA TYR G 381 25.83 30.33 61.11
C TYR G 381 27.02 31.27 61.25
N GLU G 382 27.10 31.98 62.38
CA GLU G 382 28.27 32.82 62.62
C GLU G 382 29.52 31.98 62.77
N ALA G 383 29.39 30.78 63.34
CA ALA G 383 30.54 29.88 63.44
C ALA G 383 31.02 29.44 62.07
N PHE G 384 30.13 29.45 61.07
CA PHE G 384 30.54 29.12 59.71
C PHE G 384 31.56 30.10 59.16
N PHE G 385 31.72 31.26 59.80
CA PHE G 385 32.68 32.26 59.39
C PHE G 385 33.73 32.58 60.45
N ALA G 386 33.60 32.05 61.67
CA ALA G 386 34.41 32.51 62.78
C ALA G 386 35.60 31.60 63.08
N ASP G 387 35.37 30.33 63.39
CA ASP G 387 36.43 29.45 63.87
C ASP G 387 36.23 28.07 63.28
N GLN G 388 37.05 27.12 63.73
CA GLN G 388 37.03 25.75 63.27
C GLN G 388 36.84 24.73 64.38
N ASP G 389 37.43 24.97 65.56
CA ASP G 389 37.33 24.00 66.65
C ASP G 389 35.89 23.84 67.11
N GLU G 390 35.27 24.93 67.56
CA GLU G 390 33.88 24.87 67.97
C GLU G 390 32.97 24.50 66.81
N PHE G 391 33.29 24.98 65.61
CA PHE G 391 32.48 24.66 64.44
C PHE G 391 32.50 23.16 64.17
N GLU G 392 33.69 22.56 64.12
CA GLU G 392 33.78 21.12 63.89
C GLU G 392 33.15 20.34 65.03
N ARG G 393 33.37 20.79 66.27
CA ARG G 393 32.78 20.10 67.41
C ARG G 393 31.27 20.06 67.31
N LEU G 394 30.64 21.19 66.96
CA LEU G 394 29.20 21.22 66.79
C LEU G 394 28.77 20.39 65.59
N TYR G 395 29.53 20.44 64.49
CA TYR G 395 29.18 19.68 63.30
C TYR G 395 29.18 18.18 63.57
N THR G 396 30.07 17.71 64.43
CA THR G 396 30.09 16.29 64.79
C THR G 396 29.10 15.94 65.88
N LYS G 397 28.93 16.85 66.85
CA LYS G 397 28.00 16.66 68.00
C LYS G 397 26.56 16.49 67.51
N TYR G 398 26.20 17.11 66.38
CA TYR G 398 24.83 16.96 65.83
C TYR G 398 24.79 15.61 65.11
N GLU G 399 25.87 15.29 64.38
CA GLU G 399 25.98 13.97 63.70
C GLU G 399 25.82 12.94 64.81
N GLN G 400 25.98 13.39 66.06
CA GLN G 400 25.82 12.55 67.23
C GLN G 400 24.46 12.77 67.88
N ASP G 401 23.96 14.00 67.86
CA ASP G 401 22.69 14.32 68.50
C ASP G 401 21.52 13.78 67.67
N PRO G 402 20.78 12.79 68.17
CA PRO G 402 19.73 12.18 67.34
C PRO G 402 18.47 13.03 67.19
N ASN G 403 18.01 13.65 68.26
CA ASN G 403 16.68 14.25 68.27
C ASN G 403 16.66 15.65 67.66
N ILE G 404 17.26 15.80 66.48
CA ILE G 404 17.15 17.01 65.67
C ILE G 404 17.17 16.58 64.21
N ARG G 405 16.21 17.09 63.38
CA ARG G 405 15.91 16.68 61.95
C ARG G 405 16.82 17.27 60.86
N LYS G 406 17.62 16.43 60.15
CA LYS G 406 18.68 16.77 59.21
C LYS G 406 18.49 15.90 57.98
N ARG G 407 19.35 16.13 56.98
CA ARG G 407 19.30 15.36 55.74
C ARG G 407 20.71 15.08 55.26
N ILE G 408 21.08 13.80 55.21
CA ILE G 408 22.41 13.38 54.80
C ILE G 408 22.38 12.95 53.35
N ILE G 409 23.50 13.18 52.66
CA ILE G 409 23.64 12.82 51.25
C ILE G 409 25.12 12.77 50.89
N PRO G 410 25.54 11.85 50.02
CA PRO G 410 26.95 11.82 49.63
C PRO G 410 27.34 13.09 48.90
N ALA G 411 28.56 13.56 49.18
CA ALA G 411 29.02 14.81 48.60
C ALA G 411 29.15 14.72 47.08
N ALA G 412 29.37 13.51 46.55
CA ALA G 412 29.58 13.35 45.12
C ALA G 412 28.33 13.75 44.34
N ASP G 413 27.16 13.25 44.75
CA ASP G 413 25.94 13.55 44.02
C ASP G 413 25.61 15.05 44.09
N LEU G 414 25.76 15.65 45.27
CA LEU G 414 25.47 17.07 45.42
C LEU G 414 26.40 17.91 44.56
N PHE G 415 27.70 17.61 44.59
CA PHE G 415 28.65 18.39 43.79
C PHE G 415 28.40 18.18 42.30
N SER G 416 28.06 16.96 41.89
CA SER G 416 27.77 16.72 40.48
C SER G 416 26.54 17.48 40.02
N THR G 417 25.49 17.50 40.84
CA THR G 417 24.30 18.27 40.49
C THR G 417 24.61 19.75 40.40
N LEU G 418 25.38 20.27 41.37
CA LEU G 418 25.75 21.68 41.35
C LEU G 418 26.54 22.03 40.10
N MET G 419 27.52 21.20 39.76
CA MET G 419 28.35 21.50 38.59
C MET G 419 27.56 21.36 37.29
N GLN G 420 26.64 20.39 37.23
CA GLN G 420 25.80 20.27 36.05
C GLN G 420 24.90 21.49 35.88
N GLU G 421 24.31 21.95 36.99
CA GLU G 421 23.49 23.16 36.92
C GLU G 421 24.31 24.36 36.49
N ARG G 422 25.55 24.45 36.98
CA ARG G 422 26.41 25.56 36.59
C ARG G 422 26.74 25.51 35.10
N ALA G 423 27.10 24.33 34.60
CA ALA G 423 27.44 24.21 33.19
C ALA G 423 26.22 24.42 32.30
N GLY G 424 25.03 24.12 32.81
CA GLY G 424 23.82 24.34 32.04
C GLY G 424 23.40 25.79 31.99
N THR G 425 23.12 26.38 33.15
CA THR G 425 22.66 27.77 33.18
C THR G 425 23.78 28.74 32.86
N GLY G 426 25.00 28.43 33.29
CA GLY G 426 26.12 29.32 33.02
C GLY G 426 26.08 30.63 33.77
N ARG G 427 25.43 30.66 34.93
CA ARG G 427 25.36 31.89 35.72
C ARG G 427 25.51 31.67 37.21
N ILE G 428 25.78 30.45 37.67
CA ILE G 428 25.88 30.16 39.09
C ILE G 428 27.26 30.54 39.59
N TYR G 429 27.31 31.44 40.57
CA TYR G 429 28.56 31.91 41.13
C TYR G 429 28.80 31.26 42.49
N ILE G 430 30.08 31.18 42.87
CA ILE G 430 30.49 30.60 44.14
C ILE G 430 31.52 31.51 44.78
N GLN G 431 31.38 31.74 46.09
CA GLN G 431 32.27 32.60 46.84
C GLN G 431 33.09 31.76 47.83
N ASN G 432 34.38 32.05 47.92
CA ASN G 432 35.31 31.35 48.80
C ASN G 432 35.45 32.17 50.07
N VAL G 433 34.62 31.84 51.08
CA VAL G 433 34.59 32.65 52.29
C VAL G 433 35.88 32.50 53.09
N ASP G 434 36.58 31.38 52.94
CA ASP G 434 37.83 31.19 53.66
C ASP G 434 38.87 32.20 53.21
N HIS G 435 39.03 32.35 51.90
CA HIS G 435 39.95 33.34 51.37
C HIS G 435 39.35 34.75 51.38
N CYS G 436 38.08 34.88 51.71
CA CYS G 436 37.43 36.20 51.76
C CYS G 436 37.73 36.96 53.05
N ASN G 437 38.47 36.36 53.98
CA ASN G 437 38.79 37.03 55.23
C ASN G 437 40.30 37.03 55.47
N THR G 438 40.96 35.95 55.06
CA THR G 438 42.40 35.82 55.25
C THR G 438 43.21 36.78 54.40
N HIS G 439 42.57 37.58 53.54
CA HIS G 439 43.27 38.57 52.75
C HIS G 439 42.58 39.93 52.72
N SER G 440 41.46 40.09 53.39
CA SER G 440 40.78 41.38 53.38
C SER G 440 41.50 42.36 54.30
N PRO G 441 41.53 43.65 53.93
CA PRO G 441 42.13 44.65 54.83
C PRO G 441 41.35 44.86 56.11
N PHE G 442 40.12 44.37 56.19
CA PHE G 442 39.33 44.50 57.40
C PHE G 442 39.87 43.57 58.49
N ASP G 443 39.27 43.66 59.68
CA ASP G 443 39.64 42.80 60.78
C ASP G 443 38.62 41.69 60.93
N PRO G 444 38.94 40.46 60.56
CA PRO G 444 37.97 39.36 60.63
C PRO G 444 37.78 38.80 62.04
N ARG G 445 37.54 39.71 63.00
CA ARG G 445 37.32 39.29 64.38
C ARG G 445 36.05 39.93 64.95
N VAL G 446 35.70 41.11 64.46
CA VAL G 446 34.53 41.83 64.95
C VAL G 446 33.49 42.11 63.88
N ALA G 447 33.84 42.04 62.60
CA ALA G 447 32.89 42.30 61.52
C ALA G 447 33.34 41.60 60.25
N PRO G 448 33.08 40.31 60.09
CA PRO G 448 33.49 39.59 58.89
C PRO G 448 32.55 39.90 57.74
N VAL G 449 32.93 39.42 56.55
CA VAL G 449 32.11 39.59 55.36
C VAL G 449 31.10 38.44 55.29
N HIS G 450 30.00 38.68 54.57
CA HIS G 450 28.95 37.68 54.46
C HIS G 450 28.40 37.49 53.06
N GLN G 451 28.67 38.37 52.11
CA GLN G 451 28.11 38.25 50.77
C GLN G 451 29.00 39.01 49.79
N SER G 452 28.51 39.13 48.56
CA SER G 452 29.24 39.85 47.51
C SER G 452 28.24 40.41 46.52
N ASN G 453 28.66 41.45 45.80
CA ASN G 453 27.75 42.10 44.87
C ASN G 453 27.55 41.24 43.63
N LEU G 454 26.59 41.65 42.80
CA LEU G 454 26.17 40.85 41.65
C LEU G 454 27.32 40.56 40.69
N CYS G 455 28.33 41.40 40.67
CA CYS G 455 29.48 41.23 39.80
C CYS G 455 30.62 40.47 40.47
N MET G 456 30.55 40.28 41.79
CA MET G 456 31.46 39.43 42.55
C MET G 456 32.91 39.94 42.48
N GLU G 457 33.11 41.17 42.97
CA GLU G 457 34.44 41.76 43.03
C GLU G 457 34.69 42.56 44.29
N ILE G 458 33.76 42.58 45.24
CA ILE G 458 33.89 43.44 46.42
C ILE G 458 33.36 42.70 47.65
N ALA G 459 33.74 43.21 48.82
CA ALA G 459 33.31 42.64 50.08
C ALA G 459 33.39 43.72 51.16
N LEU G 460 32.46 43.64 52.11
CA LEU G 460 32.39 44.59 53.21
C LEU G 460 31.43 44.05 54.27
N PRO G 461 31.62 44.40 55.54
CA PRO G 461 30.70 43.94 56.57
C PRO G 461 29.30 44.51 56.37
N THR G 462 28.32 43.79 56.88
CA THR G 462 26.93 44.18 56.75
C THR G 462 26.17 43.79 58.01
N LYS G 463 25.25 44.64 58.43
CA LYS G 463 24.43 44.39 59.60
C LYS G 463 22.96 44.44 59.21
N PRO G 464 22.15 43.45 59.61
CA PRO G 464 20.73 43.47 59.24
C PRO G 464 19.97 44.59 59.94
N LEU G 465 18.67 44.69 59.65
CA LEU G 465 17.86 45.77 60.21
C LEU G 465 16.42 45.30 60.34
N ASP G 466 15.70 45.93 61.26
CA ASP G 466 14.30 45.60 61.50
C ASP G 466 13.36 46.48 60.69
N ASN G 467 13.70 47.75 60.52
CA ASN G 467 12.92 48.65 59.69
C ASN G 467 13.85 49.75 59.18
N ILE G 468 13.52 50.28 58.00
CA ILE G 468 14.41 51.21 57.32
C ILE G 468 14.64 52.47 58.13
N ASN G 469 13.63 52.90 58.88
CA ASN G 469 13.76 54.17 59.63
C ASN G 469 14.71 54.02 60.83
N ASP G 470 15.16 52.81 61.18
CA ASP G 470 15.98 52.75 62.37
C ASP G 470 17.46 52.79 62.01
N PRO G 471 18.28 53.55 62.77
CA PRO G 471 19.71 53.61 62.49
C PRO G 471 20.49 52.41 63.00
N ASP G 472 19.82 51.40 63.56
CA ASP G 472 20.52 50.24 64.07
C ASP G 472 21.25 49.49 62.97
N GLY G 473 20.54 49.16 61.89
CA GLY G 473 21.16 48.49 60.77
C GLY G 473 22.12 49.39 60.03
N GLU G 474 22.90 48.77 59.14
CA GLU G 474 23.89 49.50 58.37
C GLU G 474 24.24 48.69 57.13
N ILE G 475 24.06 49.29 55.96
CA ILE G 475 24.49 48.72 54.70
C ILE G 475 25.59 49.60 54.12
N ALA G 476 26.40 48.99 53.26
CA ALA G 476 27.58 49.67 52.71
C ALA G 476 27.50 49.69 51.19
N LEU G 477 28.40 50.48 50.60
CA LEU G 477 28.51 50.59 49.15
C LEU G 477 29.97 50.89 48.82
N CYS G 478 30.23 51.23 47.56
CA CYS G 478 31.59 51.53 47.11
C CYS G 478 31.50 52.44 45.89
N THR G 479 32.66 52.73 45.30
CA THR G 479 32.74 53.56 44.12
C THR G 479 33.97 53.14 43.32
N LEU G 480 33.82 53.06 42.00
CA LEU G 480 34.86 52.53 41.14
C LEU G 480 35.49 53.63 40.29
N SER G 481 36.61 53.28 39.68
CA SER G 481 37.28 54.08 38.65
C SER G 481 38.36 53.19 38.04
N ALA G 482 38.98 53.70 36.98
CA ALA G 482 39.95 52.89 36.26
C ALA G 482 41.00 53.77 35.60
N PHE G 483 42.26 53.32 35.67
CA PHE G 483 43.36 53.95 34.95
C PHE G 483 43.92 52.98 33.94
N ASN G 484 44.22 53.49 32.75
CA ASN G 484 44.60 52.64 31.63
C ASN G 484 45.99 52.04 31.84
N LEU G 485 46.20 50.87 31.23
CA LEU G 485 47.50 50.18 31.23
C LEU G 485 47.87 49.88 29.78
N GLY G 486 48.67 50.77 29.19
CA GLY G 486 49.08 50.61 27.81
C GLY G 486 49.08 51.92 27.06
N ALA G 487 48.21 52.84 27.46
CA ALA G 487 48.17 54.16 26.87
C ALA G 487 49.26 55.09 27.42
N LEU G 488 50.13 54.57 28.28
CA LEU G 488 51.20 55.36 28.86
C LEU G 488 52.52 55.07 28.14
N ASN G 489 53.56 55.76 28.58
CA ASN G 489 54.92 55.52 28.11
C ASN G 489 55.87 55.09 29.21
N SER G 490 55.71 55.65 30.41
CA SER G 490 56.52 55.28 31.56
C SER G 490 55.66 55.34 32.81
N LEU G 491 55.79 54.32 33.67
CA LEU G 491 54.98 54.23 34.87
C LEU G 491 55.31 55.32 35.89
N ASP G 492 56.44 56.02 35.74
CA ASP G 492 56.90 56.95 36.77
C ASP G 492 55.87 58.04 37.04
N GLU G 493 55.20 58.52 35.99
CA GLU G 493 54.23 59.60 36.17
C GLU G 493 52.95 59.14 36.84
N LEU G 494 52.72 57.83 36.93
CA LEU G 494 51.46 57.30 37.45
C LEU G 494 51.11 57.90 38.80
N GLU G 495 52.10 58.03 39.68
CA GLU G 495 51.88 58.66 40.98
C GLU G 495 51.11 59.97 40.82
N GLY G 496 51.66 60.89 40.03
CA GLY G 496 50.96 62.14 39.78
C GLY G 496 49.53 61.92 39.35
N LEU G 497 49.32 61.03 38.38
CA LEU G 497 47.98 60.67 37.95
C LEU G 497 47.13 60.26 39.15
N ALA G 498 47.61 59.28 39.91
CA ALA G 498 46.92 58.90 41.14
C ALA G 498 46.75 60.10 42.05
N ASP G 499 47.83 60.88 42.21
CA ASP G 499 47.81 62.05 43.08
C ASP G 499 46.67 63.00 42.74
N LEU G 500 46.07 62.86 41.55
CA LEU G 500 44.87 63.62 41.23
C LEU G 500 43.62 62.82 41.57
N THR G 501 43.48 61.63 40.97
CA THR G 501 42.17 60.99 40.88
C THR G 501 41.57 60.71 42.25
N VAL G 502 42.35 60.11 43.15
CA VAL G 502 41.84 59.80 44.48
C VAL G 502 41.39 61.08 45.17
N ARG G 503 42.18 62.15 45.05
CA ARG G 503 41.77 63.44 45.58
C ARG G 503 40.39 63.81 45.04
N ALA G 504 40.24 63.76 43.71
CA ALA G 504 38.93 63.97 43.10
C ALA G 504 37.91 63.02 43.70
N LEU G 505 38.24 61.74 43.76
CA LEU G 505 37.32 60.75 44.31
C LEU G 505 36.90 61.11 45.72
N ASP G 506 37.80 61.75 46.49
CA ASP G 506 37.45 62.21 47.82
C ASP G 506 36.21 63.10 47.77
N ALA G 507 36.26 64.15 46.95
CA ALA G 507 35.12 65.05 46.81
C ALA G 507 33.87 64.34 46.34
N LEU G 508 34.00 63.14 45.76
CA LEU G 508 32.83 62.40 45.33
C LEU G 508 32.01 61.89 46.51
N LEU G 509 32.68 61.55 47.61
CA LEU G 509 31.97 60.88 48.71
C LEU G 509 31.08 61.86 49.47
N ASP G 510 31.65 62.96 49.93
CA ASP G 510 30.88 63.93 50.72
C ASP G 510 29.94 64.77 49.87
N TYR G 511 29.74 64.44 48.60
CA TYR G 511 28.89 65.23 47.72
C TYR G 511 27.58 64.55 47.35
N GLN G 512 27.55 63.22 47.27
CA GLN G 512 26.36 62.51 46.83
C GLN G 512 25.36 62.38 47.97
N GLY G 513 24.13 62.01 47.59
CA GLY G 513 23.07 61.78 48.56
C GLY G 513 22.87 60.29 48.83
N TYR G 514 22.02 60.00 49.81
CA TYR G 514 21.77 58.63 50.21
C TYR G 514 20.29 58.43 50.53
N PRO G 515 19.58 57.59 49.78
CA PRO G 515 18.16 57.38 50.06
C PRO G 515 17.89 56.70 51.39
N VAL G 516 18.54 55.56 51.63
CA VAL G 516 18.35 54.83 52.88
C VAL G 516 19.01 55.62 54.00
N GLU G 517 18.22 55.93 55.04
CA GLU G 517 18.76 56.71 56.16
C GLU G 517 19.89 55.99 56.86
N ALA G 518 19.85 54.65 56.89
CA ALA G 518 20.91 53.90 57.56
C ALA G 518 22.15 53.73 56.69
N ALA G 519 22.02 53.88 55.37
CA ALA G 519 23.17 53.70 54.49
C ALA G 519 24.17 54.84 54.57
N ARG G 520 23.77 55.97 55.14
CA ARG G 520 24.64 57.15 55.13
C ARG G 520 25.80 56.99 56.11
N THR G 521 25.52 56.47 57.31
CA THR G 521 26.53 56.46 58.36
C THR G 521 27.71 55.57 58.01
N SER G 522 27.43 54.33 57.57
CA SER G 522 28.50 53.40 57.28
C SER G 522 29.40 53.89 56.15
N THR G 523 28.80 54.43 55.09
CA THR G 523 29.59 54.89 53.96
C THR G 523 30.30 56.20 54.26
N MET G 524 29.78 57.02 55.18
CA MET G 524 30.51 58.21 55.59
C MET G 524 31.65 57.86 56.54
N ASP G 525 31.52 56.74 57.26
CA ASP G 525 32.58 56.33 58.18
C ASP G 525 33.71 55.63 57.45
N ARG G 526 33.41 54.51 56.78
CA ARG G 526 34.47 53.71 56.17
C ARG G 526 35.06 54.42 54.95
N ARG G 527 34.22 55.12 54.18
CA ARG G 527 34.65 55.76 52.94
C ARG G 527 35.31 54.78 51.98
N SER G 528 34.81 53.54 51.95
CA SER G 528 35.42 52.50 51.14
C SER G 528 35.45 52.90 49.67
N LEU G 529 36.52 52.53 48.99
CA LEU G 529 36.72 52.93 47.60
C LEU G 529 37.73 51.99 46.95
N GLY G 530 37.37 51.47 45.78
CA GLY G 530 38.26 50.61 45.02
C GLY G 530 38.25 50.93 43.54
N ILE G 531 39.42 50.86 42.91
CA ILE G 531 39.56 51.21 41.50
C ILE G 531 40.36 50.12 40.80
N GLY G 532 40.27 50.10 39.47
CA GLY G 532 40.90 49.05 38.70
C GLY G 532 41.53 49.47 37.39
N VAL G 533 41.49 48.58 36.40
CA VAL G 533 42.12 48.80 35.09
C VAL G 533 41.20 48.23 34.02
N ILE G 534 41.35 48.76 32.80
CA ILE G 534 40.50 48.39 31.67
C ILE G 534 41.22 47.49 30.68
N ASN G 535 42.36 47.95 30.14
CA ASN G 535 43.04 47.24 29.07
C ASN G 535 44.14 46.35 29.64
N TYR G 536 44.23 45.14 29.13
CA TYR G 536 45.22 44.18 29.58
C TYR G 536 46.03 43.57 28.45
N ALA G 537 45.40 43.32 27.30
CA ALA G 537 46.07 42.62 26.21
C ALA G 537 47.05 43.53 25.48
N TYR G 538 46.70 44.81 25.31
CA TYR G 538 47.58 45.71 24.57
C TYR G 538 48.90 45.90 25.30
N TYR G 539 48.85 46.08 26.62
CA TYR G 539 50.08 46.23 27.39
C TYR G 539 50.93 44.97 27.32
N LEU G 540 50.28 43.81 27.37
CA LEU G 540 51.02 42.55 27.30
C LEU G 540 51.67 42.36 25.94
N ALA G 541 50.99 42.74 24.87
CA ALA G 541 51.58 42.64 23.54
C ALA G 541 52.73 43.63 23.38
N LYS G 542 52.55 44.85 23.87
CA LYS G 542 53.65 45.82 23.85
C LYS G 542 54.84 45.33 24.66
N ASN G 543 54.58 44.56 25.72
CA ASN G 543 55.68 43.97 26.48
C ASN G 543 56.42 42.94 25.64
N GLY G 544 55.71 41.95 25.12
CA GLY G 544 56.31 40.96 24.25
C GLY G 544 56.23 39.54 24.76
N VAL G 545 55.22 39.23 25.57
CA VAL G 545 55.00 37.88 26.09
C VAL G 545 53.55 37.50 25.86
N ARG G 546 53.31 36.19 25.76
CA ARG G 546 51.99 35.65 25.50
C ARG G 546 51.40 35.09 26.80
N TYR G 547 50.26 34.41 26.67
CA TYR G 547 49.57 33.82 27.82
C TYR G 547 49.73 32.31 27.91
N SER G 548 50.00 31.64 26.80
CA SER G 548 49.98 30.18 26.80
C SER G 548 51.23 29.61 27.47
N ASP G 549 52.41 30.01 27.02
CA ASP G 549 53.65 29.41 27.52
C ASP G 549 53.84 29.66 29.01
N GLY G 550 53.45 30.84 29.48
CA GLY G 550 53.68 31.25 30.85
C GLY G 550 54.73 32.32 31.02
N SER G 551 55.19 32.94 29.94
CA SER G 551 56.17 34.01 30.04
C SER G 551 55.63 35.24 30.75
N ALA G 552 54.32 35.33 30.95
CA ALA G 552 53.70 36.42 31.68
C ALA G 552 53.44 36.07 33.15
N LEU G 553 53.84 34.87 33.59
CA LEU G 553 53.59 34.48 34.98
C LEU G 553 54.32 35.39 35.96
N GLY G 554 55.41 36.02 35.54
CA GLY G 554 56.13 36.93 36.40
C GLY G 554 56.54 38.19 35.68
N LEU G 555 56.19 38.27 34.39
CA LEU G 555 56.54 39.46 33.60
C LEU G 555 55.79 40.69 34.09
N THR G 556 54.58 40.50 34.61
CA THR G 556 53.79 41.62 35.11
C THR G 556 54.19 42.06 36.51
N HIS G 557 55.12 41.38 37.15
CA HIS G 557 55.55 41.73 38.49
C HIS G 557 56.64 42.80 38.49
N ARG G 558 56.99 43.35 37.33
CA ARG G 558 58.02 44.38 37.26
C ARG G 558 57.45 45.77 37.48
N THR G 559 56.30 46.06 36.88
CA THR G 559 55.66 47.37 37.00
C THR G 559 54.27 47.28 37.62
N PHE G 560 53.45 46.33 37.16
CA PHE G 560 52.09 46.21 37.71
C PHE G 560 52.12 45.88 39.19
N GLU G 561 53.19 45.26 39.67
CA GLU G 561 53.34 44.98 41.09
C GLU G 561 53.78 46.20 41.89
N ALA G 562 53.85 47.36 41.26
CA ALA G 562 54.25 48.59 41.94
C ALA G 562 53.13 49.57 42.16
N ILE G 563 52.10 49.56 41.30
CA ILE G 563 51.02 50.52 41.42
C ILE G 563 50.19 50.22 42.67
N GLN G 564 50.00 48.95 42.99
CA GLN G 564 49.21 48.60 44.17
C GLN G 564 49.87 49.07 45.45
N TYR G 565 51.19 49.18 45.44
CA TYR G 565 51.92 49.65 46.62
C TYR G 565 52.15 51.15 46.60
N TYR G 566 52.15 51.78 45.43
CA TYR G 566 52.38 53.21 45.32
C TYR G 566 51.09 54.03 45.30
N LEU G 567 49.94 53.38 45.18
CA LEU G 567 48.67 54.07 45.35
C LEU G 567 48.43 54.46 46.80
N LEU G 568 48.84 53.60 47.74
CA LEU G 568 48.77 53.95 49.14
C LEU G 568 49.63 55.16 49.45
N LYS G 569 50.78 55.29 48.77
CA LYS G 569 51.61 56.48 48.95
C LYS G 569 50.86 57.74 48.56
N ALA G 570 50.19 57.71 47.41
CA ALA G 570 49.41 58.87 46.99
C ALA G 570 48.27 59.16 47.96
N SER G 571 47.59 58.12 48.43
CA SER G 571 46.50 58.31 49.38
C SER G 571 47.00 58.95 50.66
N ALA G 572 48.16 58.50 51.15
CA ALA G 572 48.72 59.07 52.38
C ALA G 572 49.14 60.52 52.17
N ASN G 573 49.84 60.80 51.06
CA ASN G 573 50.28 62.16 50.79
C ASN G 573 49.11 63.11 50.55
N LEU G 574 47.96 62.60 50.11
CA LEU G 574 46.80 63.42 49.84
C LEU G 574 45.81 63.46 51.00
N ALA G 575 45.98 62.60 52.00
CA ALA G 575 45.07 62.59 53.14
C ALA G 575 45.80 62.67 54.47
N LYS G 576 47.07 63.06 54.49
CA LYS G 576 47.79 63.20 55.74
C LYS G 576 47.29 64.38 56.56
N GLU G 577 46.49 65.27 55.98
CA GLU G 577 45.95 66.42 56.68
C GLU G 577 44.43 66.50 56.62
N TYR G 578 43.77 65.52 56.00
CA TYR G 578 42.33 65.53 55.84
C TYR G 578 41.63 64.71 56.92
N GLY G 579 42.19 64.68 58.13
CA GLY G 579 41.55 63.95 59.21
C GLY G 579 41.85 62.47 59.17
N ALA G 580 40.88 61.69 59.60
CA ALA G 580 41.03 60.24 59.70
C ALA G 580 39.71 59.57 59.37
N CYS G 581 39.78 58.26 59.14
CA CYS G 581 38.58 57.46 58.93
C CYS G 581 37.95 57.11 60.27
N THR G 582 36.65 57.41 60.41
CA THR G 582 35.96 57.20 61.68
C THR G 582 35.96 55.74 62.10
N LEU G 583 36.16 54.81 61.17
CA LEU G 583 36.20 53.39 61.48
C LEU G 583 37.52 52.77 61.03
N PHE G 584 38.58 53.57 60.96
CA PHE G 584 39.87 53.07 60.52
C PHE G 584 40.41 52.01 61.47
N ASN G 585 40.06 52.09 62.75
CA ASN G 585 40.53 51.11 63.72
C ASN G 585 40.07 49.71 63.36
N GLN G 586 38.92 49.59 62.69
CA GLN G 586 38.41 48.29 62.26
C GLN G 586 38.99 47.94 60.89
N THR G 587 40.30 47.69 60.90
CA THR G 587 41.02 47.34 59.67
C THR G 587 42.36 46.70 60.05
N VAL G 588 42.70 45.62 59.37
CA VAL G 588 43.95 44.94 59.64
C VAL G 588 45.14 45.85 59.32
N TYR G 589 45.04 46.61 58.24
CA TYR G 589 46.11 47.54 57.88
C TYR G 589 46.34 48.59 58.96
N SER G 590 45.36 48.83 59.82
CA SER G 590 45.53 49.76 60.92
C SER G 590 46.40 49.21 62.03
N GLN G 591 46.89 47.97 61.92
CA GLN G 591 47.75 47.40 62.94
C GLN G 591 49.22 47.73 62.73
N GLY G 592 49.62 48.03 61.50
CA GLY G 592 51.00 48.37 61.21
C GLY G 592 51.67 47.47 60.20
N LYS G 593 50.95 46.52 59.59
CA LYS G 593 51.50 45.62 58.59
C LYS G 593 50.87 45.93 57.24
N LEU G 594 51.73 46.23 56.26
CA LEU G 594 51.26 46.56 54.93
C LEU G 594 50.93 45.30 54.14
N PRO G 595 49.99 45.39 53.20
CA PRO G 595 49.66 44.21 52.37
C PRO G 595 50.75 43.89 51.37
N ILE G 596 51.97 43.68 51.85
CA ILE G 596 53.08 43.33 50.98
C ILE G 596 53.47 41.85 51.08
N ASP G 597 53.13 41.18 52.18
CA ASP G 597 53.44 39.77 52.34
C ASP G 597 52.33 38.98 53.01
N THR G 598 51.18 39.59 53.33
CA THR G 598 50.11 38.90 54.04
C THR G 598 49.21 38.13 53.06
N TYR G 599 49.84 37.23 52.32
CA TYR G 599 49.16 36.40 51.34
C TYR G 599 49.39 34.93 51.66
N LYS G 600 48.33 34.14 51.52
CA LYS G 600 48.39 32.70 51.76
C LYS G 600 48.57 31.95 50.44
N LYS G 601 49.70 32.19 49.79
CA LYS G 601 49.99 31.55 48.52
C LYS G 601 50.24 30.06 48.70
N ASP G 602 50.21 29.33 47.58
CA ASP G 602 50.49 27.90 47.62
C ASP G 602 51.92 27.64 48.02
N LEU G 603 52.87 28.24 47.30
CA LEU G 603 54.29 28.10 47.60
C LEU G 603 55.01 29.42 47.79
N ASP G 604 54.36 30.54 47.51
CA ASP G 604 54.94 31.88 47.59
C ASP G 604 56.15 32.07 46.67
N ALA G 605 56.43 31.08 45.80
CA ALA G 605 57.52 31.20 44.85
C ALA G 605 57.16 30.63 43.49
N VAL G 606 55.88 30.34 43.22
CA VAL G 606 55.47 29.84 41.91
C VAL G 606 55.85 30.82 40.82
N CYS G 607 55.76 32.11 41.11
CA CYS G 607 56.19 33.18 40.21
C CYS G 607 57.18 34.08 40.92
N GLY G 608 58.16 33.46 41.56
CA GLY G 608 59.13 34.15 42.39
C GLY G 608 59.84 35.32 41.72
N GLU G 609 59.88 36.45 42.44
CA GLU G 609 60.54 37.65 41.95
C GLU G 609 60.92 38.50 43.16
N PRO G 610 61.97 39.30 43.08
CA PRO G 610 62.37 40.11 44.23
C PRO G 610 61.32 41.17 44.54
N LEU G 611 61.07 41.38 45.82
CA LEU G 611 60.16 42.43 46.25
C LEU G 611 60.71 43.78 45.80
N HIS G 612 60.03 44.40 44.84
CA HIS G 612 60.62 45.56 44.16
C HIS G 612 60.56 46.81 45.02
N TYR G 613 59.41 47.07 45.66
CA TYR G 613 59.21 48.30 46.41
C TYR G 613 58.67 47.95 47.81
N ASP G 614 59.59 47.80 48.76
CA ASP G 614 59.24 47.58 50.16
C ASP G 614 59.32 48.91 50.91
N TRP G 615 58.37 49.79 50.59
CA TRP G 615 58.35 51.13 51.17
C TRP G 615 57.84 51.09 52.61
N GLU G 616 58.73 50.77 53.55
CA GLU G 616 58.35 50.75 54.96
C GLU G 616 58.07 52.16 55.49
N SER G 617 58.64 53.19 54.86
CA SER G 617 58.31 54.56 55.24
C SER G 617 56.82 54.83 55.03
N LEU G 618 56.22 54.19 54.02
CA LEU G 618 54.79 54.36 53.78
C LEU G 618 53.97 53.92 54.98
N ARG G 619 54.18 52.68 55.44
CA ARG G 619 53.43 52.20 56.60
C ARG G 619 53.83 52.94 57.87
N ALA G 620 55.07 53.40 57.96
CA ALA G 620 55.48 54.21 59.10
C ALA G 620 54.65 55.48 59.18
N ASP G 621 54.60 56.25 58.09
CA ASP G 621 53.80 57.47 58.07
C ASP G 621 52.31 57.18 58.19
N ILE G 622 51.88 55.99 57.72
CA ILE G 622 50.48 55.62 57.84
C ILE G 622 50.10 55.46 59.32
N VAL G 623 50.88 54.67 60.05
CA VAL G 623 50.64 54.53 61.49
C VAL G 623 50.82 55.86 62.19
N LYS G 624 51.70 56.72 61.68
CA LYS G 624 51.90 58.04 62.27
C LYS G 624 50.63 58.88 62.18
N TYR G 625 50.22 59.23 60.97
CA TYR G 625 49.01 60.01 60.78
C TYR G 625 48.19 59.57 59.58
N GLY G 626 48.63 58.58 58.81
CA GLY G 626 47.91 58.18 57.62
C GLY G 626 46.66 57.38 57.91
N LEU G 627 45.50 57.99 57.69
CA LEU G 627 44.21 57.33 57.87
C LEU G 627 43.34 57.71 56.67
N ARG G 628 43.39 56.89 55.64
CA ARG G 628 42.72 57.14 54.38
C ARG G 628 41.44 56.30 54.30
N ASN G 629 40.84 56.27 53.11
CA ASN G 629 39.68 55.42 52.87
C ASN G 629 39.98 53.98 53.22
N SER G 630 38.95 53.26 53.67
CA SER G 630 39.11 51.88 54.12
C SER G 630 39.68 51.02 53.00
N THR G 631 38.92 50.87 51.91
CA THR G 631 39.40 50.10 50.77
C THR G 631 40.39 50.94 49.97
N LEU G 632 41.20 50.24 49.17
CA LEU G 632 42.23 50.89 48.36
C LEU G 632 41.96 50.74 46.87
N THR G 633 41.79 49.51 46.37
CA THR G 633 41.60 49.29 44.94
C THR G 633 40.80 48.00 44.76
N ALA G 634 40.52 47.67 43.51
CA ALA G 634 39.78 46.48 43.16
C ALA G 634 40.11 46.11 41.72
N LEU G 635 39.32 45.22 41.13
CA LEU G 635 39.49 44.88 39.71
C LEU G 635 38.12 44.52 39.17
N MET G 636 37.47 45.49 38.55
CA MET G 636 36.17 45.34 37.92
C MET G 636 36.33 45.08 36.43
N PRO G 637 35.39 44.37 35.81
CA PRO G 637 35.54 44.07 34.38
C PRO G 637 35.32 45.29 33.50
N SER G 638 34.48 46.23 33.91
CA SER G 638 34.18 47.43 33.13
C SER G 638 33.75 47.06 31.71
N GLU G 639 32.67 46.29 31.62
CA GLU G 639 32.25 45.76 30.32
C GLU G 639 31.60 46.84 29.47
N THR G 640 30.63 47.56 30.05
CA THR G 640 29.99 48.65 29.29
C THR G 640 30.97 49.77 29.03
N SER G 641 31.88 50.03 29.96
CA SER G 641 32.93 51.01 29.75
C SER G 641 34.08 50.38 28.98
N SER G 642 35.22 51.06 28.95
CA SER G 642 36.45 50.65 28.28
C SER G 642 36.32 50.66 26.77
N GLN G 643 35.13 50.94 26.23
CA GLN G 643 34.96 51.11 24.80
C GLN G 643 35.06 52.56 24.35
N ILE G 644 35.00 53.51 25.29
CA ILE G 644 35.20 54.91 24.94
C ILE G 644 36.61 55.12 24.42
N ALA G 645 37.58 54.42 25.00
CA ALA G 645 38.97 54.51 24.58
C ALA G 645 39.37 53.37 23.65
N ASN G 646 38.44 52.47 23.32
CA ASN G 646 38.71 51.32 22.45
C ASN G 646 39.84 50.46 23.01
N ALA G 647 39.59 49.90 24.20
CA ALA G 647 40.52 49.02 24.87
C ALA G 647 39.95 47.60 24.93
N THR G 648 40.68 46.72 25.59
CA THR G 648 40.24 45.35 25.73
C THR G 648 39.27 45.23 26.91
N ASN G 649 38.20 44.46 26.70
CA ASN G 649 37.16 44.32 27.72
C ASN G 649 37.71 43.54 28.91
N GLY G 650 37.96 44.24 30.01
CA GLY G 650 38.46 43.61 31.21
C GLY G 650 39.82 42.97 31.02
N ILE G 651 40.17 42.14 32.01
CA ILE G 651 41.44 41.42 31.96
C ILE G 651 41.40 40.23 31.02
N GLU G 652 40.23 39.80 30.59
CA GLU G 652 40.13 38.65 29.71
C GLU G 652 40.56 39.03 28.30
N PRO G 653 41.27 38.16 27.59
CA PRO G 653 41.67 38.45 26.22
C PRO G 653 40.47 38.50 25.31
N PRO G 654 40.57 39.16 24.16
CA PRO G 654 39.43 39.26 23.25
C PRO G 654 39.11 37.91 22.62
N ARG G 655 37.85 37.77 22.22
CA ARG G 655 37.42 36.56 21.52
C ARG G 655 38.17 36.37 20.22
N GLY G 656 38.56 37.46 19.57
CA GLY G 656 39.31 37.37 18.34
C GLY G 656 39.98 38.69 18.04
N LEU G 657 40.54 38.79 16.84
CA LEU G 657 41.18 40.03 16.43
C LEU G 657 40.15 41.15 16.29
N VAL G 658 39.05 40.88 15.60
CA VAL G 658 37.91 41.78 15.52
C VAL G 658 36.78 41.18 16.34
N THR G 659 36.16 41.98 17.19
CA THR G 659 35.11 41.52 18.10
C THR G 659 33.76 41.93 17.54
N VAL G 660 32.97 40.95 17.13
CA VAL G 660 31.61 41.19 16.67
C VAL G 660 30.69 41.05 17.87
N LYS G 661 30.08 42.16 18.29
CA LYS G 661 29.21 42.18 19.45
C LYS G 661 27.79 42.50 19.04
N ALA G 662 26.84 42.02 19.85
CA ALA G 662 25.41 42.23 19.59
C ALA G 662 24.74 42.73 20.86
N SER G 663 23.72 43.56 20.66
CA SER G 663 22.95 44.13 21.76
C SER G 663 21.60 44.57 21.21
N LYS G 664 20.85 45.31 22.02
CA LYS G 664 19.54 45.80 21.59
C LYS G 664 19.65 46.81 20.46
N ASP G 665 20.79 47.50 20.34
CA ASP G 665 20.97 48.48 19.27
C ASP G 665 21.10 47.79 17.92
N GLY G 666 22.10 46.92 17.78
CA GLY G 666 22.34 46.24 16.52
C GLY G 666 23.50 45.26 16.58
N ILE G 667 24.36 45.30 15.57
CA ILE G 667 25.54 44.45 15.50
C ILE G 667 26.75 45.34 15.27
N LEU G 668 27.58 45.48 16.30
CA LEU G 668 28.78 46.30 16.23
C LEU G 668 30.00 45.42 15.98
N LYS G 669 31.06 46.04 15.47
CA LYS G 669 32.32 45.34 15.19
C LYS G 669 33.46 46.22 15.68
N GLN G 670 33.96 45.92 16.87
CA GLN G 670 35.08 46.67 17.43
C GLN G 670 36.40 46.01 17.05
N VAL G 671 37.46 46.81 17.11
CA VAL G 671 38.80 46.35 16.76
C VAL G 671 39.75 46.62 17.92
N VAL G 672 40.78 45.78 18.03
CA VAL G 672 41.80 45.93 19.05
C VAL G 672 42.77 47.01 18.59
N PRO G 673 43.44 47.72 19.49
CA PRO G 673 44.36 48.77 19.07
C PRO G 673 45.62 48.20 18.43
N GLU G 674 46.29 49.06 17.65
CA GLU G 674 47.55 48.71 16.99
C GLU G 674 47.38 47.47 16.10
N PHE G 675 46.24 47.39 15.41
CA PHE G 675 45.99 46.24 14.55
C PHE G 675 46.92 46.21 13.35
N GLU G 676 47.37 47.38 12.89
CA GLU G 676 48.21 47.42 11.69
C GLU G 676 49.62 46.93 11.99
N THR G 677 50.23 47.45 13.04
CA THR G 677 51.62 47.10 13.35
C THR G 677 51.75 45.80 14.12
N LEU G 678 50.65 45.30 14.69
CA LEU G 678 50.66 44.08 15.50
C LEU G 678 49.55 43.14 15.04
N LYS G 679 49.49 42.90 13.74
CA LYS G 679 48.45 42.05 13.17
C LYS G 679 48.38 40.70 13.88
N ASN G 680 49.51 40.00 13.97
CA ASN G 680 49.59 38.73 14.70
C ASN G 680 50.55 38.95 15.87
N ALA G 681 50.02 39.48 16.97
CA ALA G 681 50.77 39.62 18.21
C ALA G 681 49.99 39.20 19.43
N TYR G 682 48.66 39.21 19.40
CA TYR G 682 47.84 38.79 20.52
C TYR G 682 47.60 37.29 20.42
N GLU G 683 46.66 36.79 21.22
CA GLU G 683 46.22 35.41 21.14
C GLU G 683 44.73 35.36 21.39
N THR G 684 44.01 34.61 20.57
CA THR G 684 42.58 34.46 20.73
C THR G 684 42.29 33.41 21.79
N LEU G 685 41.29 33.68 22.63
CA LEU G 685 40.89 32.72 23.66
C LEU G 685 40.47 31.39 23.05
N TRP G 686 40.12 31.37 21.77
CA TRP G 686 39.90 30.11 21.07
C TRP G 686 41.19 29.32 20.91
N GLN G 687 42.35 29.97 21.01
CA GLN G 687 43.63 29.32 20.82
C GLN G 687 44.37 29.05 22.13
N LEU G 688 43.72 29.26 23.27
CA LEU G 688 44.31 29.01 24.59
C LEU G 688 43.47 27.97 25.32
N PRO G 689 43.74 26.68 25.11
CA PRO G 689 42.92 25.65 25.77
C PRO G 689 43.26 25.46 27.24
N GLY G 690 44.46 25.83 27.67
CA GLY G 690 44.85 25.63 29.06
C GLY G 690 44.47 26.78 29.97
N ASN G 691 43.38 26.61 30.72
CA ASN G 691 42.97 27.64 31.68
C ASN G 691 43.95 27.79 32.83
N GLU G 692 44.92 26.87 32.95
CA GLU G 692 45.94 27.01 33.98
C GLU G 692 46.75 28.28 33.81
N GLY G 693 46.96 28.72 32.56
CA GLY G 693 47.65 29.99 32.34
C GLY G 693 46.86 31.17 32.89
N TYR G 694 45.55 31.21 32.61
CA TYR G 694 44.71 32.27 33.16
C TYR G 694 44.68 32.21 34.68
N LEU G 695 44.64 31.00 35.24
CA LEU G 695 44.66 30.87 36.70
C LEU G 695 45.97 31.39 37.28
N LYS G 696 47.10 31.05 36.65
CA LYS G 696 48.38 31.55 37.13
C LYS G 696 48.47 33.06 36.99
N LEU G 697 47.86 33.61 35.94
CA LEU G 697 47.89 35.07 35.77
C LEU G 697 47.09 35.76 36.86
N VAL G 698 45.87 35.28 37.14
CA VAL G 698 45.08 35.93 38.18
C VAL G 698 45.69 35.68 39.55
N GLY G 699 46.44 34.57 39.72
CA GLY G 699 47.15 34.37 40.97
C GLY G 699 48.33 35.30 41.12
N VAL G 700 49.04 35.58 40.03
CA VAL G 700 50.08 36.59 40.07
C VAL G 700 49.49 37.94 40.41
N MET G 701 48.29 38.22 39.88
CA MET G 701 47.59 39.43 40.28
C MET G 701 47.18 39.39 41.74
N GLN G 702 46.98 38.18 42.28
CA GLN G 702 46.61 38.04 43.68
C GLN G 702 47.72 38.53 44.61
N LYS G 703 48.96 38.57 44.12
CA LYS G 703 50.07 39.06 44.94
C LYS G 703 49.88 40.51 45.35
N PHE G 704 49.09 41.29 44.61
CA PHE G 704 48.92 42.69 44.93
C PHE G 704 47.48 43.19 44.83
N VAL G 705 46.51 42.31 44.58
CA VAL G 705 45.12 42.74 44.52
C VAL G 705 44.66 43.18 45.90
N ASP G 706 43.81 44.21 45.93
CA ASP G 706 43.32 44.75 47.19
C ASP G 706 41.97 44.15 47.58
N GLN G 707 40.95 44.31 46.74
CA GLN G 707 39.61 43.86 47.07
C GLN G 707 39.31 42.47 46.52
N ALA G 708 39.30 42.33 45.19
CA ALA G 708 38.96 41.08 44.53
C ALA G 708 39.12 41.26 43.03
N ILE G 709 38.95 40.16 42.30
CA ILE G 709 39.01 40.15 40.85
C ILE G 709 37.79 39.39 40.32
N SER G 710 37.22 39.91 39.24
CA SER G 710 36.07 39.27 38.59
C SER G 710 36.58 38.37 37.46
N ALA G 711 37.04 37.17 37.86
CA ALA G 711 37.63 36.24 36.93
C ALA G 711 36.55 35.59 36.06
N ASN G 712 36.98 34.71 35.17
CA ASN G 712 36.09 33.96 34.28
C ASN G 712 36.88 32.85 33.61
N THR G 713 36.22 31.73 33.35
CA THR G 713 36.81 30.61 32.63
C THR G 713 36.00 30.30 31.39
N ALA G 714 36.63 29.62 30.44
CA ALA G 714 35.98 29.27 29.18
C ALA G 714 36.66 28.04 28.59
N TYR G 715 35.85 27.15 28.02
CA TYR G 715 36.33 25.93 27.38
C TYR G 715 35.93 25.93 25.91
N ASP G 716 36.18 24.81 25.24
CA ASP G 716 35.77 24.61 23.85
C ASP G 716 35.47 23.13 23.62
N PRO G 717 34.23 22.78 23.32
CA PRO G 717 33.89 21.37 23.11
C PRO G 717 34.64 20.71 21.97
N GLY G 718 35.34 21.48 21.13
CA GLY G 718 36.14 20.92 20.07
C GLY G 718 37.46 20.34 20.50
N LYS G 719 37.69 20.16 21.80
CA LYS G 719 38.93 19.60 22.30
C LYS G 719 38.68 18.56 23.38
N PHE G 720 37.55 17.87 23.32
CA PHE G 720 37.19 16.82 24.26
C PHE G 720 37.06 15.49 23.51
N GLU G 721 36.75 14.44 24.28
CA GLU G 721 36.67 13.10 23.69
C GLU G 721 35.57 13.01 22.64
N GLY G 722 34.32 13.19 23.05
CA GLY G 722 33.20 13.09 22.14
C GLY G 722 32.43 14.39 22.01
N ASN G 723 33.15 15.51 22.00
CA ASN G 723 32.58 16.84 21.91
C ASN G 723 31.61 17.14 23.06
N LYS G 724 31.69 16.37 24.14
CA LYS G 724 30.87 16.56 25.32
C LYS G 724 31.74 16.99 26.49
N VAL G 725 31.16 17.80 27.38
CA VAL G 725 31.90 18.31 28.52
C VAL G 725 32.28 17.18 29.46
N SER G 726 33.42 17.34 30.13
CA SER G 726 33.91 16.35 31.07
C SER G 726 33.30 16.63 32.45
N MET G 727 33.80 15.91 33.47
CA MET G 727 33.37 16.12 34.84
C MET G 727 34.51 16.24 35.83
N LYS G 728 35.70 15.76 35.50
CA LYS G 728 36.86 15.83 36.39
C LYS G 728 37.94 16.79 35.91
N GLN G 729 38.09 16.95 34.60
CA GLN G 729 39.07 17.90 34.07
C GLN G 729 38.74 19.32 34.50
N MET G 730 37.50 19.75 34.27
CA MET G 730 37.08 21.06 34.76
C MET G 730 37.03 21.09 36.28
N LEU G 731 36.72 19.96 36.92
CA LEU G 731 36.82 19.88 38.36
C LEU G 731 38.26 20.03 38.82
N LYS G 732 39.20 19.45 38.07
CA LYS G 732 40.62 19.64 38.38
C LYS G 732 41.02 21.10 38.23
N ASP G 733 40.48 21.77 37.21
CA ASP G 733 40.76 23.20 37.05
C ASP G 733 40.21 24.01 38.21
N LEU G 734 38.98 23.68 38.64
CA LEU G 734 38.42 24.34 39.82
C LEU G 734 39.29 24.12 41.05
N LEU G 735 39.80 22.89 41.21
CA LEU G 735 40.61 22.59 42.38
C LEU G 735 41.95 23.33 42.35
N THR G 736 42.60 23.38 41.19
CA THR G 736 43.87 24.09 41.11
C THR G 736 43.68 25.60 41.17
N ALA G 737 42.48 26.09 40.85
CA ALA G 737 42.16 27.49 41.16
C ALA G 737 41.90 27.69 42.65
N TYR G 738 41.37 26.66 43.32
CA TYR G 738 41.21 26.68 44.76
C TYR G 738 42.55 26.55 45.49
N LYS G 739 43.59 26.08 44.80
CA LYS G 739 44.90 25.99 45.43
C LYS G 739 45.54 27.36 45.58
N TYR G 740 45.79 28.04 44.46
CA TYR G 740 46.42 29.34 44.46
C TYR G 740 45.64 30.30 43.58
N GLY G 741 45.56 31.56 44.02
CA GLY G 741 44.75 32.55 43.32
C GLY G 741 43.27 32.24 43.45
N VAL G 742 42.74 32.35 44.67
CA VAL G 742 41.40 31.88 44.96
C VAL G 742 40.43 33.05 45.11
N LYS G 743 39.74 33.40 44.02
CA LYS G 743 38.73 34.45 44.07
C LYS G 743 37.40 33.94 43.54
N THR G 744 36.44 34.84 43.34
CA THR G 744 35.09 34.45 42.97
C THR G 744 35.07 33.76 41.61
N LEU G 745 33.91 33.17 41.30
CA LEU G 745 33.68 32.49 40.04
C LEU G 745 32.66 33.27 39.21
N TYR G 746 32.48 32.82 37.98
CA TYR G 746 31.66 33.56 37.02
C TYR G 746 31.19 32.60 35.94
N TYR G 747 30.72 33.15 34.81
CA TYR G 747 30.18 32.39 33.69
C TYR G 747 31.04 31.18 33.36
N HIS G 748 30.37 30.07 33.04
CA HIS G 748 31.08 28.91 32.51
C HIS G 748 31.67 29.23 31.13
N ASN G 749 30.96 30.02 30.34
CA ASN G 749 31.45 30.54 29.06
C ASN G 749 31.87 29.42 28.11
N THR G 750 30.88 28.62 27.73
CA THR G 750 31.09 27.60 26.71
C THR G 750 31.21 28.25 25.33
N ARG G 751 31.31 27.41 24.31
CA ARG G 751 31.44 27.89 22.93
C ARG G 751 30.68 26.95 22.02
N ASP G 752 29.58 27.45 21.46
CA ASP G 752 28.75 26.65 20.56
C ASP G 752 29.42 26.47 19.21
N LEU H 11 -47.55 -38.44 69.67
CA LEU H 11 -47.67 -38.88 68.29
C LEU H 11 -48.37 -40.24 68.20
N TYR H 12 -47.58 -41.31 68.20
CA TYR H 12 -48.10 -42.66 68.06
C TYR H 12 -47.00 -43.63 68.49
N PHE H 13 -47.23 -44.91 68.23
CA PHE H 13 -46.30 -45.98 68.63
C PHE H 13 -45.73 -46.71 67.42
N GLN H 14 -45.35 -45.97 66.38
CA GLN H 14 -44.75 -46.52 65.17
C GLN H 14 -45.62 -47.61 64.56
N MET H 15 -46.80 -47.17 64.11
CA MET H 15 -47.81 -48.11 63.61
C MET H 15 -47.30 -48.90 62.41
N SER H 16 -46.60 -48.24 61.50
CA SER H 16 -46.19 -48.91 60.27
C SER H 16 -44.98 -48.18 59.69
N TYR H 17 -44.66 -48.46 58.42
CA TYR H 17 -43.53 -47.86 57.74
C TYR H 17 -43.58 -46.35 57.81
N SER H 18 -42.42 -45.73 58.02
CA SER H 18 -42.29 -44.29 58.20
C SER H 18 -41.60 -43.67 56.98
N THR H 19 -41.49 -42.34 57.02
CA THR H 19 -40.92 -41.63 55.88
C THR H 19 -39.41 -41.83 55.79
N PHE H 20 -38.71 -41.78 56.92
CA PHE H 20 -37.28 -42.02 56.96
C PHE H 20 -36.87 -42.24 58.41
N PRO H 21 -35.86 -43.07 58.66
CA PRO H 21 -35.51 -43.43 60.04
C PRO H 21 -34.78 -42.30 60.74
N LYS H 22 -34.68 -42.43 62.05
CA LYS H 22 -34.01 -41.43 62.88
C LYS H 22 -32.49 -41.60 62.87
N THR H 23 -31.99 -42.80 62.56
CA THR H 23 -30.55 -43.06 62.55
C THR H 23 -30.25 -43.97 61.36
N LYS H 24 -28.99 -44.39 61.28
CA LYS H 24 -28.55 -45.27 60.20
C LYS H 24 -29.01 -46.70 60.46
N ASN H 25 -29.19 -47.46 59.37
CA ASN H 25 -29.49 -48.88 59.47
C ASN H 25 -28.35 -49.73 58.90
N ASP H 26 -28.03 -49.58 57.62
CA ASP H 26 -26.82 -50.17 57.05
C ASP H 26 -26.01 -49.17 56.25
N ALA H 27 -26.68 -48.31 55.48
CA ALA H 27 -26.08 -47.18 54.80
C ALA H 27 -25.17 -47.58 53.65
N LEU H 28 -24.85 -48.87 53.52
CA LEU H 28 -24.01 -49.32 52.41
C LEU H 28 -24.43 -50.62 51.76
N LYS H 29 -25.15 -51.51 52.44
CA LYS H 29 -25.36 -52.87 51.94
C LYS H 29 -26.81 -53.29 52.12
N GLU H 30 -27.75 -52.41 51.82
CA GLU H 30 -29.15 -52.77 51.86
C GLU H 30 -29.55 -53.48 50.58
N PRO H 31 -30.66 -54.22 50.59
CA PRO H 31 -31.15 -54.83 49.35
C PRO H 31 -31.51 -53.79 48.30
N MET H 32 -31.83 -54.28 47.10
CA MET H 32 -32.12 -53.38 45.98
C MET H 32 -33.32 -52.50 46.25
N PHE H 33 -34.51 -53.10 46.38
CA PHE H 33 -35.73 -52.35 46.63
C PHE H 33 -36.56 -53.02 47.72
N PHE H 34 -35.90 -53.39 48.82
CA PHE H 34 -36.58 -53.94 49.97
C PHE H 34 -35.78 -53.65 51.23
N GLY H 35 -36.47 -53.26 52.29
CA GLY H 35 -35.84 -52.98 53.57
C GLY H 35 -36.14 -51.57 54.06
N GLN H 36 -35.17 -50.99 54.74
CA GLN H 36 -35.35 -49.69 55.35
C GLN H 36 -35.43 -48.60 54.27
N PRO H 37 -36.13 -47.50 54.55
CA PRO H 37 -36.20 -46.40 53.58
C PRO H 37 -34.91 -45.61 53.49
N VAL H 38 -34.93 -44.53 52.73
CA VAL H 38 -33.77 -43.66 52.56
C VAL H 38 -33.80 -42.56 53.60
N ASN H 39 -32.63 -42.26 54.17
CA ASN H 39 -32.51 -41.21 55.18
C ASN H 39 -31.50 -40.13 54.83
N VAL H 40 -30.54 -40.40 53.95
CA VAL H 40 -29.55 -39.40 53.55
C VAL H 40 -28.98 -39.78 52.19
N ALA H 41 -28.87 -38.81 51.30
CA ALA H 41 -28.40 -39.04 49.93
C ALA H 41 -26.91 -38.70 49.88
N ARG H 42 -26.06 -39.71 50.07
CA ARG H 42 -24.62 -39.48 49.98
C ARG H 42 -24.22 -39.12 48.56
N TYR H 43 -24.79 -39.81 47.57
CA TYR H 43 -24.67 -39.49 46.15
C TYR H 43 -23.25 -39.61 45.61
N ASP H 44 -22.30 -40.02 46.44
CA ASP H 44 -20.92 -40.19 46.00
C ASP H 44 -20.47 -41.64 46.01
N GLN H 45 -20.89 -42.43 46.99
CA GLN H 45 -20.55 -43.85 47.08
C GLN H 45 -21.84 -44.65 46.93
N GLN H 46 -21.96 -45.36 45.81
CA GLN H 46 -23.15 -46.14 45.51
C GLN H 46 -22.78 -47.62 45.45
N LYS H 47 -23.82 -48.45 45.37
CA LYS H 47 -23.63 -49.90 45.37
C LYS H 47 -23.36 -50.47 43.97
N TYR H 48 -23.74 -49.75 42.92
CA TYR H 48 -23.59 -50.25 41.55
C TYR H 48 -23.14 -49.11 40.66
N GLU H 49 -21.94 -49.25 40.08
CA GLU H 49 -21.38 -48.19 39.25
C GLU H 49 -22.12 -48.05 37.94
N VAL H 50 -22.50 -49.17 37.33
CA VAL H 50 -23.24 -49.14 36.05
C VAL H 50 -24.70 -48.99 36.43
N PHE H 51 -25.09 -47.76 36.71
CA PHE H 51 -26.42 -47.42 37.20
C PHE H 51 -26.55 -45.90 37.09
N GLU H 52 -27.57 -45.35 37.75
CA GLU H 52 -27.82 -43.91 37.79
C GLU H 52 -26.56 -43.10 38.03
N LYS H 53 -25.60 -43.69 38.76
CA LYS H 53 -24.30 -43.05 38.91
C LYS H 53 -23.67 -42.74 37.56
N LEU H 54 -24.04 -43.46 36.52
CA LEU H 54 -23.60 -43.17 35.16
C LEU H 54 -24.75 -42.83 34.22
N ILE H 55 -25.82 -43.64 34.23
CA ILE H 55 -26.87 -43.45 33.25
C ILE H 55 -27.70 -42.22 33.56
N GLU H 56 -28.00 -41.98 34.85
CA GLU H 56 -28.63 -40.72 35.20
C GLU H 56 -27.65 -39.56 35.01
N LYS H 57 -26.36 -39.82 35.21
CA LYS H 57 -25.33 -38.86 34.85
C LYS H 57 -25.15 -38.75 33.34
N GLN H 58 -25.65 -39.71 32.57
CA GLN H 58 -25.59 -39.63 31.12
C GLN H 58 -26.69 -38.75 30.55
N LEU H 59 -27.72 -38.44 31.34
CA LEU H 59 -28.80 -37.60 30.84
C LEU H 59 -28.34 -36.15 30.74
N SER H 60 -27.37 -35.90 29.87
CA SER H 60 -26.91 -34.55 29.57
C SER H 60 -27.35 -34.08 28.19
N PHE H 61 -28.13 -34.89 27.48
CA PHE H 61 -28.67 -34.51 26.18
C PHE H 61 -29.86 -33.57 26.31
N PHE H 62 -30.07 -32.99 27.48
CA PHE H 62 -31.22 -32.14 27.73
C PHE H 62 -31.38 -31.07 26.65
N TRP H 63 -32.63 -30.79 26.30
CA TRP H 63 -32.92 -29.92 25.17
C TRP H 63 -34.30 -29.30 25.36
N ARG H 64 -34.39 -28.01 25.07
CA ARG H 64 -35.68 -27.34 25.12
C ARG H 64 -36.48 -27.67 23.86
N PRO H 65 -37.75 -28.06 23.98
CA PRO H 65 -38.51 -28.43 22.78
C PRO H 65 -38.81 -27.24 21.88
N GLU H 66 -38.99 -26.06 22.44
CA GLU H 66 -39.19 -24.87 21.64
C GLU H 66 -37.90 -24.35 21.00
N GLU H 67 -36.75 -24.91 21.39
CA GLU H 67 -35.48 -24.42 20.86
C GLU H 67 -35.25 -24.82 19.42
N ILE H 68 -35.97 -25.81 18.91
CA ILE H 68 -35.80 -26.25 17.54
C ILE H 68 -36.82 -25.54 16.66
N ASP H 69 -36.61 -25.62 15.35
CA ASP H 69 -37.49 -25.02 14.37
C ASP H 69 -38.25 -26.13 13.66
N VAL H 70 -39.57 -26.19 13.86
CA VAL H 70 -40.44 -27.14 13.18
C VAL H 70 -41.58 -26.33 12.58
N SER H 71 -41.41 -25.91 11.33
CA SER H 71 -42.40 -25.06 10.67
C SER H 71 -42.85 -25.66 9.35
N ARG H 72 -42.00 -26.47 8.73
CA ARG H 72 -42.33 -27.07 7.44
C ARG H 72 -43.45 -28.09 7.52
N ASP H 73 -43.93 -28.42 8.71
CA ASP H 73 -44.96 -29.44 8.86
C ASP H 73 -46.25 -29.02 8.14
N ARG H 74 -46.81 -27.87 8.52
CA ARG H 74 -48.05 -27.42 7.91
C ARG H 74 -47.89 -27.21 6.41
N ILE H 75 -46.70 -26.78 5.97
CA ILE H 75 -46.47 -26.61 4.54
C ILE H 75 -46.33 -27.95 3.83
N ASP H 76 -46.03 -29.02 4.56
CA ASP H 76 -45.87 -30.36 3.99
C ASP H 76 -46.85 -31.34 4.63
N TYR H 77 -48.08 -30.90 4.88
CA TYR H 77 -49.09 -31.78 5.44
C TYR H 77 -50.37 -31.76 4.60
N ALA H 78 -50.64 -30.62 3.95
CA ALA H 78 -51.87 -30.49 3.19
C ALA H 78 -51.93 -31.49 2.04
N ASN H 79 -51.02 -31.38 1.09
CA ASN H 79 -51.02 -32.23 -0.10
C ASN H 79 -50.45 -33.60 0.26
N LEU H 80 -51.30 -34.42 0.86
CA LEU H 80 -50.96 -35.79 1.23
C LEU H 80 -52.22 -36.62 1.20
N PRO H 81 -52.11 -37.93 0.99
CA PRO H 81 -53.32 -38.78 0.99
C PRO H 81 -53.99 -38.78 2.35
N GLU H 82 -55.30 -39.08 2.34
CA GLU H 82 -56.07 -39.08 3.57
C GLU H 82 -55.60 -40.19 4.52
N HIS H 83 -55.38 -41.39 3.98
CA HIS H 83 -54.98 -42.51 4.83
C HIS H 83 -53.61 -42.28 5.45
N GLU H 84 -52.71 -41.59 4.74
CA GLU H 84 -51.41 -41.27 5.31
C GLU H 84 -51.56 -40.41 6.56
N LYS H 85 -52.36 -39.34 6.46
CA LYS H 85 -52.60 -38.50 7.62
C LYS H 85 -53.31 -39.28 8.73
N HIS H 86 -54.22 -40.17 8.34
CA HIS H 86 -54.93 -40.97 9.34
C HIS H 86 -53.96 -41.83 10.14
N ILE H 87 -53.08 -42.55 9.47
CA ILE H 87 -52.13 -43.42 10.17
C ILE H 87 -51.11 -42.58 10.94
N PHE H 88 -50.76 -41.40 10.43
CA PHE H 88 -49.84 -40.53 11.15
C PHE H 88 -50.43 -40.07 12.48
N ILE H 89 -51.68 -39.60 12.44
CA ILE H 89 -52.35 -39.18 13.67
C ILE H 89 -52.58 -40.37 14.59
N SER H 90 -52.85 -41.54 14.04
CA SER H 90 -53.02 -42.73 14.86
C SER H 90 -51.73 -43.06 15.61
N ASN H 91 -50.60 -43.00 14.90
CA ASN H 91 -49.32 -43.26 15.54
C ASN H 91 -49.02 -42.22 16.61
N LEU H 92 -49.29 -40.94 16.32
CA LEU H 92 -49.06 -39.90 17.31
C LEU H 92 -49.91 -40.11 18.56
N LYS H 93 -51.17 -40.47 18.36
CA LYS H 93 -52.05 -40.72 19.50
C LYS H 93 -51.59 -41.92 20.31
N TYR H 94 -51.18 -42.99 19.63
CA TYR H 94 -50.66 -44.16 20.34
C TYR H 94 -49.43 -43.80 21.16
N GLN H 95 -48.51 -43.03 20.56
CA GLN H 95 -47.30 -42.64 21.27
C GLN H 95 -47.63 -41.81 22.51
N THR H 96 -48.48 -40.79 22.35
CA THR H 96 -48.77 -39.91 23.48
C THR H 96 -49.54 -40.66 24.58
N LEU H 97 -50.44 -41.56 24.20
CA LEU H 97 -51.20 -42.31 25.21
C LEU H 97 -50.29 -43.27 25.95
N LEU H 98 -49.44 -44.00 25.23
CA LEU H 98 -48.53 -44.92 25.90
C LEU H 98 -47.60 -44.19 26.85
N ASP H 99 -47.11 -43.01 26.44
CA ASP H 99 -46.13 -42.33 27.27
C ASP H 99 -46.79 -41.61 28.43
N SER H 100 -48.07 -41.24 28.29
CA SER H 100 -48.80 -40.69 29.42
C SER H 100 -49.26 -41.78 30.39
N ILE H 101 -49.41 -43.02 29.92
CA ILE H 101 -49.84 -44.10 30.81
C ILE H 101 -48.74 -44.52 31.76
N GLN H 102 -47.51 -44.07 31.50
CA GLN H 102 -46.34 -44.42 32.36
C GLN H 102 -45.63 -43.14 32.83
N GLY H 103 -46.31 -42.00 32.81
CA GLY H 103 -45.67 -40.78 33.27
C GLY H 103 -45.57 -40.72 34.78
N ARG H 104 -46.69 -40.90 35.46
CA ARG H 104 -46.71 -40.86 36.92
C ARG H 104 -46.74 -42.24 37.56
N SER H 105 -46.94 -43.29 36.77
CA SER H 105 -47.04 -44.64 37.33
C SER H 105 -45.75 -45.11 38.00
N PRO H 106 -44.57 -45.01 37.38
CA PRO H 106 -43.39 -45.62 38.01
C PRO H 106 -43.03 -45.03 39.35
N ASN H 107 -43.14 -43.71 39.51
CA ASN H 107 -42.81 -43.10 40.79
C ASN H 107 -43.77 -43.54 41.88
N VAL H 108 -45.08 -43.41 41.63
CA VAL H 108 -46.06 -43.75 42.64
C VAL H 108 -46.12 -45.25 42.89
N ALA H 109 -45.53 -46.05 42.01
CA ALA H 109 -45.57 -47.50 42.17
C ALA H 109 -44.27 -48.10 42.70
N LEU H 110 -43.16 -47.39 42.59
CA LEU H 110 -41.86 -47.93 42.96
C LEU H 110 -41.19 -47.18 44.08
N LEU H 111 -41.41 -45.87 44.19
CA LEU H 111 -40.78 -45.08 45.25
C LEU H 111 -41.04 -45.62 46.65
N PRO H 112 -42.26 -46.04 47.03
CA PRO H 112 -42.46 -46.56 48.39
C PRO H 112 -41.70 -47.85 48.66
N LEU H 113 -41.13 -48.50 47.66
CA LEU H 113 -40.43 -49.76 47.85
C LEU H 113 -38.92 -49.66 47.69
N VAL H 114 -38.42 -48.71 46.89
CA VAL H 114 -37.00 -48.62 46.65
C VAL H 114 -36.28 -48.24 47.94
N SER H 115 -35.17 -48.93 48.21
CA SER H 115 -34.41 -48.70 49.44
C SER H 115 -33.23 -47.77 49.19
N ILE H 116 -32.38 -48.09 48.23
CA ILE H 116 -31.20 -47.27 47.95
C ILE H 116 -31.65 -45.97 47.30
N PRO H 117 -31.22 -44.81 47.80
CA PRO H 117 -31.65 -43.54 47.19
C PRO H 117 -31.10 -43.33 45.80
N GLU H 118 -29.97 -43.96 45.46
CA GLU H 118 -29.37 -43.78 44.15
C GLU H 118 -30.27 -44.30 43.03
N LEU H 119 -31.24 -45.15 43.35
CA LEU H 119 -32.26 -45.54 42.39
C LEU H 119 -33.48 -44.62 42.44
N GLU H 120 -33.76 -44.03 43.60
CA GLU H 120 -34.84 -43.06 43.69
C GLU H 120 -34.53 -41.84 42.83
N THR H 121 -33.28 -41.38 42.85
CA THR H 121 -32.91 -40.29 41.95
C THR H 121 -33.13 -40.68 40.49
N TRP H 122 -32.81 -41.92 40.13
CA TRP H 122 -32.97 -42.34 38.74
C TRP H 122 -34.44 -42.39 38.35
N VAL H 123 -35.31 -42.89 39.23
CA VAL H 123 -36.73 -42.94 38.87
C VAL H 123 -37.30 -41.53 38.82
N GLU H 124 -36.78 -40.61 39.64
CA GLU H 124 -37.20 -39.22 39.54
C GLU H 124 -36.83 -38.63 38.19
N THR H 125 -35.58 -38.86 37.76
CA THR H 125 -35.17 -38.37 36.44
C THR H 125 -35.96 -39.03 35.33
N TRP H 126 -36.33 -40.30 35.50
CA TRP H 126 -37.16 -40.99 34.52
C TRP H 126 -38.51 -40.30 34.39
N SER H 127 -39.16 -40.03 35.53
CA SER H 127 -40.44 -39.33 35.51
C SER H 127 -40.30 -37.96 34.85
N PHE H 128 -39.24 -37.23 35.18
CA PHE H 128 -39.03 -35.92 34.59
C PHE H 128 -38.84 -36.00 33.08
N SER H 129 -38.09 -37.01 32.63
CA SER H 129 -37.87 -37.18 31.20
C SER H 129 -39.16 -37.51 30.48
N GLU H 130 -40.00 -38.33 31.13
CA GLU H 130 -41.32 -38.72 30.56
C GLU H 130 -42.17 -37.44 30.46
N THR H 131 -42.07 -36.57 31.47
CA THR H 131 -42.81 -35.31 31.47
C THR H 131 -42.37 -34.42 30.32
N ILE H 132 -41.06 -34.36 30.08
CA ILE H 132 -40.53 -33.59 28.95
C ILE H 132 -41.03 -34.18 27.65
N HIS H 133 -41.13 -35.51 27.58
CA HIS H 133 -41.70 -36.17 26.41
C HIS H 133 -43.13 -35.72 26.16
N SER H 134 -43.93 -35.68 27.23
CA SER H 134 -45.32 -35.24 27.10
C SER H 134 -45.39 -33.80 26.61
N ARG H 135 -44.52 -32.94 27.14
CA ARG H 135 -44.49 -31.56 26.69
C ARG H 135 -44.12 -31.46 25.22
N SER H 136 -43.15 -32.26 24.77
CA SER H 136 -42.76 -32.23 23.37
C SER H 136 -43.88 -32.75 22.47
N TYR H 137 -44.62 -33.75 22.93
CA TYR H 137 -45.77 -34.22 22.18
C TYR H 137 -46.83 -33.14 22.06
N THR H 138 -47.13 -32.46 23.16
CA THR H 138 -48.09 -31.37 23.12
C THR H 138 -47.62 -30.26 22.20
N HIS H 139 -46.31 -30.05 22.13
CA HIS H 139 -45.77 -29.04 21.21
C HIS H 139 -45.95 -29.46 19.76
N ILE H 140 -45.63 -30.71 19.45
CA ILE H 140 -45.73 -31.16 18.06
C ILE H 140 -47.17 -31.28 17.61
N ILE H 141 -48.12 -31.47 18.53
CA ILE H 141 -49.51 -31.51 18.14
C ILE H 141 -50.15 -30.12 18.08
N ARG H 142 -49.52 -29.11 18.68
CA ARG H 142 -50.06 -27.77 18.71
C ARG H 142 -49.83 -26.99 17.42
N ASN H 143 -49.26 -27.64 16.40
CA ASN H 143 -49.00 -26.96 15.13
C ASN H 143 -49.32 -27.88 13.94
N ILE H 144 -50.28 -28.77 14.09
CA ILE H 144 -50.65 -29.68 13.02
C ILE H 144 -52.14 -29.52 12.70
N VAL H 145 -52.99 -29.80 13.69
CA VAL H 145 -54.44 -29.71 13.54
C VAL H 145 -54.93 -28.54 14.36
N ASN H 146 -55.76 -27.69 13.76
CA ASN H 146 -56.25 -26.50 14.43
C ASN H 146 -57.27 -26.81 15.53
N ASP H 147 -57.54 -28.08 15.81
CA ASP H 147 -58.50 -28.48 16.84
C ASP H 147 -57.82 -29.47 17.78
N PRO H 148 -56.97 -28.97 18.68
CA PRO H 148 -56.35 -29.88 19.66
C PRO H 148 -57.34 -30.50 20.63
N SER H 149 -58.53 -29.92 20.78
CA SER H 149 -59.57 -30.50 21.62
C SER H 149 -60.38 -31.57 20.90
N VAL H 150 -60.15 -31.76 19.60
CA VAL H 150 -60.88 -32.78 18.85
C VAL H 150 -60.10 -34.10 18.77
N VAL H 151 -58.81 -34.09 19.08
CA VAL H 151 -58.04 -35.32 18.99
C VAL H 151 -58.20 -36.15 20.26
N PHE H 152 -58.49 -35.53 21.40
CA PHE H 152 -58.71 -36.25 22.64
C PHE H 152 -60.17 -36.65 22.80
N ASP H 153 -60.73 -37.25 21.76
CA ASP H 153 -62.11 -37.74 21.79
C ASP H 153 -62.19 -39.24 21.55
N ASP H 154 -61.61 -39.73 20.46
CA ASP H 154 -61.58 -41.16 20.19
C ASP H 154 -60.39 -41.84 20.86
N ILE H 155 -59.17 -41.35 20.58
CA ILE H 155 -57.97 -41.92 21.16
C ILE H 155 -57.98 -41.89 22.67
N VAL H 156 -58.81 -41.01 23.27
CA VAL H 156 -58.93 -41.00 24.73
C VAL H 156 -59.53 -42.31 25.21
N GLU H 157 -60.54 -42.83 24.51
CA GLU H 157 -61.22 -44.05 24.92
C GLU H 157 -61.50 -44.94 23.71
N ASN H 158 -60.51 -45.09 22.82
CA ASN H 158 -60.65 -46.01 21.69
C ASN H 158 -60.29 -47.42 22.13
N GLU H 159 -61.20 -48.37 21.88
CA GLU H 159 -60.99 -49.74 22.30
C GLU H 159 -59.68 -50.30 21.74
N TYR H 160 -59.32 -49.90 20.52
CA TYR H 160 -58.08 -50.35 19.89
C TYR H 160 -56.89 -50.14 20.82
N ILE H 161 -56.86 -49.02 21.53
CA ILE H 161 -55.76 -48.70 22.42
C ILE H 161 -56.17 -48.98 23.86
N THR H 162 -57.47 -48.88 24.14
CA THR H 162 -57.95 -49.08 25.50
C THR H 162 -57.73 -50.52 25.96
N ALA H 163 -57.79 -51.48 25.03
CA ALA H 163 -57.53 -52.88 25.41
C ALA H 163 -56.14 -53.02 26.02
N ARG H 164 -55.11 -52.62 25.29
CA ARG H 164 -53.75 -52.71 25.81
C ARG H 164 -53.53 -51.79 26.99
N ALA H 165 -54.22 -50.65 27.04
CA ALA H 165 -54.11 -49.76 28.19
C ALA H 165 -54.57 -50.47 29.47
N GLU H 166 -55.76 -51.08 29.42
CA GLU H 166 -56.25 -51.81 30.58
C GLU H 166 -55.36 -53.00 30.89
N ASP H 167 -54.87 -53.69 29.85
CA ASP H 167 -54.01 -54.85 30.08
C ASP H 167 -52.73 -54.46 30.80
N ILE H 168 -52.18 -53.29 30.49
CA ILE H 168 -50.96 -52.83 31.14
C ILE H 168 -51.24 -52.13 32.46
N ALA H 169 -52.46 -51.69 32.71
CA ALA H 169 -52.76 -50.97 33.94
C ALA H 169 -53.26 -51.86 35.06
N CYS H 170 -54.01 -52.91 34.72
CA CYS H 170 -54.64 -53.76 35.72
C CYS H 170 -53.61 -54.44 36.62
N TYR H 171 -52.79 -55.30 36.03
CA TYR H 171 -51.71 -55.95 36.78
C TYR H 171 -50.45 -55.09 36.78
N TYR H 172 -50.65 -53.81 37.03
CA TYR H 172 -49.65 -52.84 37.44
C TYR H 172 -50.14 -52.04 38.65
N ASP H 173 -51.42 -51.70 38.69
CA ASP H 173 -52.03 -51.16 39.89
C ASP H 173 -52.32 -52.24 40.91
N ASP H 174 -52.40 -53.50 40.47
CA ASP H 174 -52.48 -54.60 41.43
C ASP H 174 -51.28 -54.59 42.37
N LEU H 175 -50.09 -54.32 41.83
CA LEU H 175 -48.90 -54.25 42.67
C LEU H 175 -49.01 -53.13 43.68
N ILE H 176 -49.52 -51.97 43.25
CA ILE H 176 -49.62 -50.82 44.15
C ILE H 176 -50.59 -51.12 45.28
N GLU H 177 -51.76 -51.68 44.95
CA GLU H 177 -52.74 -51.97 45.98
C GLU H 177 -52.26 -53.07 46.91
N TYR H 178 -51.53 -54.05 46.39
CA TYR H 178 -51.00 -55.09 47.26
C TYR H 178 -49.91 -54.55 48.17
N THR H 179 -49.09 -53.61 47.69
CA THR H 179 -48.11 -52.97 48.55
C THR H 179 -48.79 -52.16 49.64
N GLN H 180 -49.86 -51.44 49.29
CA GLN H 180 -50.62 -50.73 50.31
C GLN H 180 -51.16 -51.68 51.36
N TYR H 181 -51.71 -52.82 50.92
CA TYR H 181 -52.20 -53.82 51.86
C TYR H 181 -51.09 -54.32 52.78
N TYR H 182 -49.93 -54.64 52.19
CA TYR H 182 -48.82 -55.17 52.98
C TYR H 182 -48.34 -54.15 54.00
N ASN H 183 -48.30 -52.88 53.63
CA ASN H 183 -47.85 -51.86 54.57
C ASN H 183 -48.88 -51.56 55.65
N LEU H 184 -50.17 -51.64 55.31
CA LEU H 184 -51.22 -51.33 56.27
C LEU H 184 -51.59 -52.51 57.16
N LEU H 185 -51.19 -53.72 56.81
CA LEU H 185 -51.53 -54.90 57.60
C LEU H 185 -50.32 -55.65 58.14
N GLY H 186 -49.17 -55.59 57.46
CA GLY H 186 -48.01 -56.32 57.90
C GLY H 186 -48.16 -57.81 57.66
N GLU H 187 -47.20 -58.55 58.22
CA GLU H 187 -47.19 -60.00 58.07
C GLU H 187 -48.33 -60.62 58.87
N GLY H 188 -48.58 -61.91 58.62
CA GLY H 188 -49.64 -62.61 59.30
C GLY H 188 -51.00 -62.31 58.71
N VAL H 189 -51.90 -63.30 58.68
CA VAL H 189 -53.23 -63.09 58.12
C VAL H 189 -54.02 -62.15 59.01
N HIS H 190 -55.01 -61.50 58.40
CA HIS H 190 -55.84 -60.54 59.11
C HIS H 190 -57.26 -60.61 58.55
N ASN H 191 -58.10 -59.66 58.96
CA ASN H 191 -59.46 -59.55 58.47
C ASN H 191 -59.78 -58.07 58.33
N VAL H 192 -59.87 -57.59 57.10
CA VAL H 192 -60.08 -56.17 56.83
C VAL H 192 -61.59 -55.93 56.88
N GLY H 193 -62.09 -55.67 58.08
CA GLY H 193 -63.51 -55.39 58.26
C GLY H 193 -64.42 -56.52 57.81
N GLY H 194 -64.40 -57.64 58.51
CA GLY H 194 -65.20 -58.77 58.13
C GLY H 194 -64.43 -59.88 57.46
N LYS H 195 -64.49 -59.93 56.13
CA LYS H 195 -63.82 -60.98 55.37
C LYS H 195 -62.34 -61.03 55.74
N PRO H 196 -61.74 -62.22 55.75
CA PRO H 196 -60.33 -62.32 56.14
C PRO H 196 -59.41 -61.74 55.08
N VAL H 197 -58.30 -61.18 55.55
CA VAL H 197 -57.29 -60.58 54.68
C VAL H 197 -56.13 -61.55 54.56
N THR H 198 -55.74 -61.85 53.32
CA THR H 198 -54.62 -62.73 53.08
C THR H 198 -53.30 -62.05 53.41
N VAL H 199 -52.21 -62.81 53.31
CA VAL H 199 -50.88 -62.30 53.59
C VAL H 199 -49.88 -63.18 52.84
N SER H 200 -48.77 -62.57 52.42
CA SER H 200 -47.70 -63.29 51.76
C SER H 200 -46.48 -62.39 51.67
N LEU H 201 -45.32 -62.95 52.00
CA LEU H 201 -44.07 -62.21 51.80
C LEU H 201 -43.61 -62.30 50.36
N ARG H 202 -43.57 -63.51 49.80
CA ARG H 202 -43.23 -63.67 48.40
C ARG H 202 -44.32 -63.14 47.48
N GLY H 203 -45.55 -63.03 47.96
CA GLY H 203 -46.62 -62.47 47.14
C GLY H 203 -46.36 -61.03 46.73
N LEU H 204 -45.61 -60.29 47.54
CA LEU H 204 -45.21 -58.93 47.21
C LEU H 204 -43.98 -58.90 46.30
N LYS H 205 -43.63 -60.02 45.68
CA LYS H 205 -42.54 -60.07 44.72
C LYS H 205 -43.03 -60.35 43.32
N LYS H 206 -43.73 -61.47 43.12
CA LYS H 206 -44.26 -61.81 41.80
C LYS H 206 -45.20 -60.71 41.31
N LYS H 207 -46.21 -60.38 42.11
CA LYS H 207 -47.13 -59.30 41.78
C LYS H 207 -46.41 -58.01 41.44
N LEU H 208 -45.16 -57.87 41.86
CA LEU H 208 -44.32 -56.76 41.40
C LEU H 208 -43.49 -57.17 40.19
N TYR H 209 -42.75 -58.28 40.30
CA TYR H 209 -41.77 -58.64 39.28
C TYR H 209 -42.42 -58.76 37.91
N LEU H 210 -43.51 -59.52 37.82
CA LEU H 210 -44.21 -59.65 36.55
C LEU H 210 -44.59 -58.30 35.98
N CYS H 211 -45.09 -57.40 36.84
CA CYS H 211 -45.41 -56.05 36.38
C CYS H 211 -44.19 -55.39 35.77
N LEU H 212 -43.02 -55.53 36.41
CA LEU H 212 -41.79 -54.99 35.85
C LEU H 212 -41.55 -55.52 34.45
N MET H 213 -41.83 -56.81 34.24
CA MET H 213 -41.71 -57.38 32.90
C MET H 213 -42.53 -56.58 31.90
N CYS H 214 -43.79 -56.30 32.25
CA CYS H 214 -44.62 -55.43 31.42
C CYS H 214 -43.91 -54.11 31.18
N VAL H 215 -43.37 -53.51 32.24
CA VAL H 215 -42.61 -52.28 32.12
C VAL H 215 -41.59 -52.41 30.99
N ASN H 216 -40.84 -53.51 31.00
CA ASN H 216 -39.86 -53.74 29.94
C ASN H 216 -40.51 -53.66 28.58
N VAL H 217 -41.54 -54.48 28.34
CA VAL H 217 -42.17 -54.45 27.02
C VAL H 217 -42.97 -53.19 26.83
N LEU H 218 -43.25 -52.45 27.92
CA LEU H 218 -43.87 -51.14 27.76
C LEU H 218 -42.94 -50.13 27.10
N GLU H 219 -41.63 -50.41 27.07
CA GLU H 219 -40.67 -49.54 26.43
C GLU H 219 -39.63 -50.33 25.65
N ALA H 220 -40.00 -51.49 25.12
CA ALA H 220 -39.06 -52.30 24.35
C ALA H 220 -39.60 -52.65 22.97
N ILE H 221 -40.91 -52.90 22.87
CA ILE H 221 -41.48 -53.33 21.59
C ILE H 221 -42.63 -52.44 21.17
N ARG H 222 -43.66 -52.32 22.02
CA ARG H 222 -44.90 -51.69 21.60
C ARG H 222 -44.67 -50.23 21.20
N PHE H 223 -43.87 -49.51 21.98
CA PHE H 223 -43.51 -48.15 21.60
C PHE H 223 -42.38 -48.10 20.60
N TYR H 224 -41.68 -49.21 20.40
CA TYR H 224 -40.53 -49.24 19.51
C TYR H 224 -40.90 -49.42 18.05
N VAL H 225 -42.05 -50.03 17.76
CA VAL H 225 -42.49 -50.14 16.37
C VAL H 225 -43.08 -48.82 15.89
N SER H 226 -43.79 -48.12 16.78
CA SER H 226 -44.36 -46.83 16.42
C SER H 226 -43.29 -45.86 15.93
N PHE H 227 -42.06 -46.03 16.42
CA PHE H 227 -40.94 -45.26 15.91
C PHE H 227 -40.84 -45.39 14.40
N ALA H 228 -40.64 -46.61 13.91
CA ALA H 228 -40.49 -46.83 12.48
C ALA H 228 -41.76 -46.45 11.72
N CYS H 229 -42.91 -46.68 12.34
CA CYS H 229 -44.18 -46.34 11.70
C CYS H 229 -44.26 -44.85 11.40
N SER H 230 -43.86 -44.02 12.37
CA SER H 230 -43.83 -42.58 12.19
C SER H 230 -42.48 -42.09 11.69
N PHE H 231 -41.59 -42.99 11.27
CA PHE H 231 -40.25 -42.62 10.87
C PHE H 231 -39.97 -42.79 9.39
N ALA H 232 -40.76 -43.61 8.68
CA ALA H 232 -40.56 -43.80 7.25
C ALA H 232 -40.66 -42.50 6.48
N PHE H 233 -41.33 -41.49 7.03
CA PHE H 233 -41.42 -40.19 6.38
C PHE H 233 -40.19 -39.36 6.68
N ALA H 234 -39.01 -39.94 6.47
CA ALA H 234 -37.75 -39.25 6.72
C ALA H 234 -36.94 -39.03 5.45
N GLU H 235 -36.66 -40.09 4.71
CA GLU H 235 -35.86 -39.95 3.48
C GLU H 235 -36.60 -39.12 2.45
N ARG H 236 -37.88 -39.41 2.24
CA ARG H 236 -38.71 -38.51 1.44
C ARG H 236 -38.85 -37.18 2.15
N GLU H 237 -38.55 -36.10 1.44
CA GLU H 237 -38.45 -34.79 2.08
C GLU H 237 -39.82 -34.28 2.49
N LEU H 238 -40.22 -34.56 3.73
CA LEU H 238 -41.48 -34.09 4.29
C LEU H 238 -41.49 -34.39 5.78
N MET H 239 -42.05 -33.45 6.56
CA MET H 239 -42.17 -33.60 8.01
C MET H 239 -40.82 -33.87 8.67
N GLU H 240 -39.79 -33.14 8.24
CA GLU H 240 -38.47 -33.34 8.81
C GLU H 240 -38.40 -32.90 10.26
N GLY H 241 -39.22 -31.91 10.64
CA GLY H 241 -39.27 -31.50 12.03
C GLY H 241 -39.74 -32.61 12.95
N ASN H 242 -40.64 -33.47 12.45
CA ASN H 242 -41.09 -34.61 13.24
C ASN H 242 -39.93 -35.54 13.56
N ALA H 243 -39.11 -35.86 12.57
CA ALA H 243 -37.95 -36.70 12.80
C ALA H 243 -36.95 -36.02 13.73
N LYS H 244 -36.74 -34.71 13.52
CA LYS H 244 -35.80 -33.99 14.37
C LYS H 244 -36.23 -34.01 15.83
N ILE H 245 -37.53 -33.89 16.09
CA ILE H 245 -38.01 -33.91 17.47
C ILE H 245 -38.13 -35.32 18.01
N ILE H 246 -38.25 -36.33 17.15
CA ILE H 246 -38.42 -37.69 17.62
C ILE H 246 -37.09 -38.41 17.83
N LYS H 247 -36.00 -37.91 17.24
CA LYS H 247 -34.70 -38.55 17.45
C LYS H 247 -34.30 -38.52 18.91
N ASP H 248 -34.50 -37.37 19.58
CA ASP H 248 -34.15 -37.27 20.99
C ASP H 248 -35.05 -38.16 21.84
N ILE H 249 -36.34 -38.23 21.50
CA ILE H 249 -37.24 -39.12 22.22
C ILE H 249 -36.78 -40.56 22.07
N ALA H 250 -36.30 -40.93 20.88
CA ALA H 250 -35.79 -42.28 20.66
C ALA H 250 -34.56 -42.53 21.51
N ARG H 251 -33.64 -41.57 21.57
CA ARG H 251 -32.47 -41.71 22.43
C ARG H 251 -32.89 -41.92 23.88
N ASP H 252 -33.86 -41.11 24.33
CA ASP H 252 -34.37 -41.19 25.73
C ASP H 252 -34.98 -42.57 25.97
N GLU H 253 -35.83 -43.03 25.03
CA GLU H 253 -36.50 -44.35 25.14
C GLU H 253 -35.45 -45.46 25.21
N ALA H 254 -34.37 -45.32 24.43
CA ALA H 254 -33.30 -46.31 24.40
C ALA H 254 -32.57 -46.34 25.73
N LEU H 255 -32.33 -45.18 26.33
CA LEU H 255 -31.73 -45.16 27.66
C LEU H 255 -32.65 -45.81 28.69
N HIS H 256 -33.95 -45.54 28.60
CA HIS H 256 -34.91 -46.21 29.48
C HIS H 256 -34.82 -47.72 29.34
N LEU H 257 -34.77 -48.20 28.10
CA LEU H 257 -34.68 -49.63 27.84
C LEU H 257 -33.41 -50.21 28.46
N THR H 258 -32.28 -49.56 28.22
CA THR H 258 -31.02 -50.03 28.79
C THR H 258 -31.11 -50.11 30.32
N GLY H 259 -31.64 -49.06 30.94
CA GLY H 259 -31.72 -49.06 32.40
C GLY H 259 -32.62 -50.16 32.94
N THR H 260 -33.82 -50.28 32.37
CA THR H 260 -34.76 -51.26 32.89
C THR H 260 -34.30 -52.69 32.61
N GLN H 261 -33.65 -52.91 31.46
CA GLN H 261 -33.14 -54.24 31.17
C GLN H 261 -31.99 -54.60 32.09
N HIS H 262 -31.12 -53.64 32.39
CA HIS H 262 -30.05 -53.88 33.35
C HIS H 262 -30.63 -54.18 34.73
N MET H 263 -31.66 -53.43 35.13
CA MET H 263 -32.27 -53.66 36.44
C MET H 263 -32.90 -55.06 36.52
N LEU H 264 -33.60 -55.47 35.46
CA LEU H 264 -34.21 -56.79 35.47
C LEU H 264 -33.14 -57.89 35.49
N ASN H 265 -32.10 -57.74 34.67
CA ASN H 265 -31.05 -58.76 34.64
C ASN H 265 -30.28 -58.81 35.94
N LEU H 266 -30.23 -57.71 36.69
CA LEU H 266 -29.53 -57.72 37.97
C LEU H 266 -30.40 -58.28 39.09
N MET H 267 -31.71 -58.01 39.06
CA MET H 267 -32.60 -58.46 40.12
C MET H 267 -33.24 -59.80 39.78
N ARG H 268 -33.97 -59.87 38.67
CA ARG H 268 -34.67 -61.10 38.32
C ARG H 268 -33.70 -62.24 38.03
N SER H 269 -32.52 -61.93 37.50
CA SER H 269 -31.47 -62.92 37.28
C SER H 269 -30.30 -62.63 38.21
N GLY H 270 -29.59 -63.69 38.58
CA GLY H 270 -28.50 -63.56 39.52
C GLY H 270 -28.98 -63.00 40.85
N VAL H 271 -29.80 -63.77 41.57
CA VAL H 271 -30.45 -63.28 42.78
C VAL H 271 -29.40 -63.02 43.85
N ASP H 272 -29.36 -61.78 44.33
CA ASP H 272 -28.48 -61.46 45.46
C ASP H 272 -29.05 -62.03 46.75
N ASP H 273 -30.27 -61.64 47.08
CA ASP H 273 -30.96 -62.26 48.20
C ASP H 273 -31.45 -63.65 47.79
N PRO H 274 -31.39 -64.64 48.68
CA PRO H 274 -31.78 -66.02 48.35
C PRO H 274 -33.28 -66.26 48.42
N GLU H 275 -34.06 -65.37 47.85
CA GLU H 275 -35.51 -65.52 47.84
C GLU H 275 -36.12 -65.42 46.46
N MET H 276 -35.62 -64.51 45.62
CA MET H 276 -36.19 -64.29 44.29
C MET H 276 -35.84 -65.38 43.29
N ALA H 277 -34.98 -66.33 43.66
CA ALA H 277 -34.70 -67.45 42.78
C ALA H 277 -35.95 -68.30 42.58
N GLU H 278 -36.72 -68.50 43.64
CA GLU H 278 -38.00 -69.20 43.50
C GLU H 278 -38.95 -68.45 42.60
N ILE H 279 -38.91 -67.11 42.63
CA ILE H 279 -39.77 -66.32 41.75
C ILE H 279 -39.31 -66.47 40.31
N ALA H 280 -38.00 -66.48 40.07
CA ALA H 280 -37.49 -66.68 38.72
C ALA H 280 -37.82 -68.07 38.20
N ALA H 281 -37.85 -69.07 39.10
CA ALA H 281 -38.15 -70.43 38.66
C ALA H 281 -39.63 -70.59 38.38
N GLU H 282 -40.50 -70.08 39.27
CA GLU H 282 -41.94 -70.26 39.08
C GLU H 282 -42.47 -69.35 37.98
N LEU H 283 -42.18 -68.06 38.05
CA LEU H 283 -42.67 -67.09 37.07
C LEU H 283 -41.78 -67.06 35.83
N GLN H 284 -41.66 -68.23 35.21
CA GLN H 284 -40.85 -68.38 34.00
C GLN H 284 -41.69 -68.74 32.78
N ASP H 285 -42.48 -69.81 32.85
CA ASP H 285 -43.29 -70.20 31.71
C ASP H 285 -44.43 -69.22 31.47
N GLU H 286 -45.10 -68.80 32.55
CA GLU H 286 -46.14 -67.78 32.41
C GLU H 286 -45.56 -66.47 31.91
N CYS H 287 -44.29 -66.21 32.19
CA CYS H 287 -43.64 -65.01 31.66
C CYS H 287 -43.58 -65.07 30.14
N PHE H 288 -43.11 -66.20 29.60
CA PHE H 288 -43.11 -66.36 28.14
C PHE H 288 -44.52 -66.34 27.57
N GLN H 289 -45.49 -66.88 28.32
CA GLN H 289 -46.87 -66.86 27.87
C GLN H 289 -47.37 -65.43 27.70
N LEU H 290 -47.24 -64.62 28.75
CA LEU H 290 -47.68 -63.22 28.66
C LEU H 290 -46.87 -62.44 27.65
N PHE H 291 -45.59 -62.80 27.48
CA PHE H 291 -44.75 -62.12 26.50
C PHE H 291 -45.27 -62.37 25.09
N LYS H 292 -45.52 -63.63 24.75
CA LYS H 292 -46.08 -63.96 23.44
C LYS H 292 -47.48 -63.37 23.28
N LYS H 293 -48.25 -63.29 24.37
CA LYS H 293 -49.56 -62.67 24.29
C LYS H 293 -49.45 -61.19 23.93
N ALA H 294 -48.52 -60.47 24.57
CA ALA H 294 -48.32 -59.07 24.23
C ALA H 294 -47.80 -58.90 22.81
N ALA H 295 -46.94 -59.83 22.36
CA ALA H 295 -46.46 -59.78 20.99
C ALA H 295 -47.59 -59.94 19.99
N GLU H 296 -48.46 -60.92 20.22
CA GLU H 296 -49.61 -61.12 19.34
C GLU H 296 -50.56 -59.94 19.41
N GLN H 297 -50.71 -59.33 20.59
CA GLN H 297 -51.57 -58.15 20.70
C GLN H 297 -51.01 -57.00 19.87
N GLU H 298 -49.70 -56.77 19.93
CA GLU H 298 -49.10 -55.73 19.11
C GLU H 298 -49.24 -56.04 17.63
N LYS H 299 -49.08 -57.30 17.26
CA LYS H 299 -49.23 -57.69 15.86
C LYS H 299 -50.65 -57.43 15.37
N GLU H 300 -51.65 -57.80 16.18
CA GLU H 300 -53.03 -57.54 15.81
C GLU H 300 -53.32 -56.03 15.76
N TRP H 301 -52.69 -55.27 16.65
CA TRP H 301 -52.80 -53.82 16.58
C TRP H 301 -52.25 -53.29 15.26
N ALA H 302 -51.17 -53.90 14.77
CA ALA H 302 -50.57 -53.41 13.53
C ALA H 302 -51.35 -53.92 12.33
N ALA H 303 -52.65 -53.79 12.38
CA ALA H 303 -53.57 -54.04 11.28
C ALA H 303 -54.57 -52.91 11.08
N TYR H 304 -55.05 -52.31 12.17
CA TYR H 304 -56.07 -51.26 12.06
C TYR H 304 -55.50 -50.02 11.37
N LEU H 305 -54.28 -49.64 11.70
CA LEU H 305 -53.62 -48.52 11.05
C LEU H 305 -53.07 -48.89 9.67
N PHE H 306 -53.49 -50.03 9.13
CA PHE H 306 -53.07 -50.41 7.79
C PHE H 306 -54.18 -50.95 6.92
N LYS H 307 -55.37 -51.24 7.46
CA LYS H 307 -56.46 -51.78 6.66
C LYS H 307 -57.27 -50.67 6.00
N ASP H 308 -56.57 -49.74 5.35
CA ASP H 308 -57.23 -48.71 4.54
C ASP H 308 -56.53 -48.45 3.22
N GLY H 309 -55.25 -48.76 3.08
CA GLY H 309 -54.52 -48.48 1.85
C GLY H 309 -53.04 -48.77 1.99
N SER H 310 -52.36 -48.92 0.86
CA SER H 310 -50.93 -49.24 0.86
C SER H 310 -50.10 -47.98 1.13
N MET H 311 -48.80 -48.19 1.27
CA MET H 311 -47.86 -47.11 1.51
C MET H 311 -46.45 -47.58 1.17
N ILE H 312 -45.63 -46.66 0.69
CA ILE H 312 -44.25 -47.00 0.36
C ILE H 312 -43.50 -47.36 1.63
N GLY H 313 -42.53 -48.27 1.49
CA GLY H 313 -41.72 -48.69 2.61
C GLY H 313 -42.20 -49.97 3.28
N LEU H 314 -43.44 -49.96 3.79
CA LEU H 314 -43.94 -51.12 4.52
C LEU H 314 -45.45 -50.99 4.68
N ASN H 315 -46.17 -52.08 4.41
CA ASN H 315 -47.61 -52.09 4.65
C ASN H 315 -48.02 -53.12 5.70
N LYS H 316 -47.82 -54.40 5.44
CA LYS H 316 -48.17 -55.38 6.46
C LYS H 316 -47.09 -56.42 6.71
N GLU H 317 -46.43 -56.90 5.66
CA GLU H 317 -45.47 -57.98 5.82
C GLU H 317 -44.15 -57.46 6.36
N ILE H 318 -43.68 -56.33 5.83
CA ILE H 318 -42.41 -55.77 6.29
C ILE H 318 -42.48 -55.42 7.77
N LEU H 319 -43.57 -54.76 8.18
CA LEU H 319 -43.68 -54.38 9.58
C LEU H 319 -43.86 -55.59 10.48
N SER H 320 -44.55 -56.62 9.99
CA SER H 320 -44.71 -57.85 10.78
C SER H 320 -43.37 -58.53 10.99
N GLN H 321 -42.58 -58.67 9.92
CA GLN H 321 -41.23 -59.21 10.06
C GLN H 321 -40.40 -58.36 11.00
N TYR H 322 -40.54 -57.03 10.92
CA TYR H 322 -39.76 -56.14 11.76
C TYR H 322 -40.09 -56.34 13.23
N VAL H 323 -41.39 -56.38 13.56
CA VAL H 323 -41.75 -56.52 14.97
C VAL H 323 -41.40 -57.91 15.48
N GLU H 324 -41.50 -58.93 14.63
CA GLU H 324 -41.07 -60.26 15.05
C GLU H 324 -39.58 -60.28 15.36
N TYR H 325 -38.77 -59.66 14.49
CA TYR H 325 -37.33 -59.63 14.74
C TYR H 325 -37.00 -58.81 15.97
N ILE H 326 -37.72 -57.70 16.18
CA ILE H 326 -37.49 -56.89 17.37
C ILE H 326 -37.80 -57.69 18.63
N THR H 327 -38.91 -58.43 18.61
CA THR H 327 -39.27 -59.28 19.73
C THR H 327 -38.18 -60.31 20.00
N ASN H 328 -37.77 -61.03 18.96
CA ASN H 328 -36.79 -62.10 19.14
C ASN H 328 -35.44 -61.56 19.59
N LEU H 329 -35.09 -60.34 19.17
CA LEU H 329 -33.79 -59.79 19.55
C LEU H 329 -33.83 -59.18 20.95
N ARG H 330 -34.98 -58.64 21.36
CA ARG H 330 -35.07 -57.98 22.65
C ARG H 330 -35.27 -58.99 23.77
N MET H 331 -36.08 -60.03 23.54
CA MET H 331 -36.33 -61.01 24.58
C MET H 331 -35.07 -61.78 24.96
N GLN H 332 -34.15 -61.96 24.01
CA GLN H 332 -32.91 -62.66 24.30
C GLN H 332 -31.91 -61.70 24.95
N ALA H 333 -32.36 -60.98 25.97
CA ALA H 333 -31.49 -60.13 26.77
C ALA H 333 -31.82 -60.20 28.26
N VAL H 334 -32.86 -60.93 28.64
CA VAL H 334 -33.22 -61.10 30.04
C VAL H 334 -33.29 -62.56 30.45
N GLY H 335 -33.29 -63.49 29.50
CA GLY H 335 -33.36 -64.91 29.79
C GLY H 335 -34.72 -65.50 29.54
N LEU H 336 -34.89 -66.11 28.38
CA LEU H 336 -36.14 -66.74 27.97
C LEU H 336 -35.91 -67.50 26.67
N PRO H 337 -36.56 -68.64 26.47
CA PRO H 337 -36.40 -69.35 25.19
C PRO H 337 -36.94 -68.53 24.03
N ALA H 338 -36.29 -68.66 22.87
CA ALA H 338 -36.69 -67.90 21.71
C ALA H 338 -38.07 -68.32 21.24
N GLY H 339 -39.02 -67.38 21.28
CA GLY H 339 -40.38 -67.67 20.88
C GLY H 339 -40.60 -67.70 19.38
N PHE H 340 -39.68 -67.11 18.61
CA PHE H 340 -39.80 -67.06 17.15
C PHE H 340 -38.54 -67.62 16.53
N GLU H 341 -38.71 -68.47 15.52
CA GLU H 341 -37.58 -69.07 14.83
C GLU H 341 -37.07 -68.12 13.74
N GLY H 342 -36.04 -68.55 13.03
CA GLY H 342 -35.45 -67.76 11.97
C GLY H 342 -34.45 -66.75 12.48
N ALA H 343 -34.94 -65.66 13.08
CA ALA H 343 -34.10 -64.59 13.63
C ALA H 343 -33.08 -64.12 12.59
N ASN H 344 -33.57 -63.90 11.37
CA ASN H 344 -32.70 -63.56 10.26
C ASN H 344 -32.31 -62.09 10.34
N GLN H 345 -31.74 -61.57 9.25
CA GLN H 345 -31.28 -60.19 9.22
C GLN H 345 -32.45 -59.23 9.43
N ASN H 346 -32.11 -58.00 9.77
CA ASN H 346 -33.10 -56.96 10.03
C ASN H 346 -33.92 -56.71 8.77
N PRO H 347 -35.24 -56.90 8.81
CA PRO H 347 -36.06 -56.70 7.60
C PRO H 347 -36.02 -55.27 7.07
N ILE H 348 -35.44 -54.34 7.81
CA ILE H 348 -35.32 -52.95 7.37
C ILE H 348 -34.10 -52.34 8.05
N PRO H 349 -32.96 -52.29 7.36
CA PRO H 349 -31.71 -51.96 8.03
C PRO H 349 -31.43 -50.47 8.16
N TRP H 350 -31.98 -49.67 7.26
CA TRP H 350 -31.65 -48.24 7.26
C TRP H 350 -32.12 -47.54 8.53
N ILE H 351 -33.05 -48.14 9.27
CA ILE H 351 -33.48 -47.55 10.54
C ILE H 351 -32.32 -47.50 11.53
N ASN H 352 -31.34 -48.38 11.38
CA ASN H 352 -30.18 -48.35 12.24
C ASN H 352 -29.28 -47.15 11.95
N ALA H 353 -29.51 -46.44 10.85
CA ALA H 353 -28.69 -45.28 10.52
C ALA H 353 -29.01 -44.08 11.39
N TRP H 354 -30.25 -43.97 11.86
CA TRP H 354 -30.67 -42.82 12.65
C TRP H 354 -30.77 -43.11 14.14
N LEU H 355 -31.08 -44.34 14.52
CA LEU H 355 -31.43 -44.62 15.91
C LEU H 355 -30.20 -44.62 16.80
N SER H 356 -29.80 -43.44 17.27
CA SER H 356 -28.81 -43.27 18.33
C SER H 356 -27.52 -44.04 18.02
N SER H 357 -26.85 -43.61 16.95
CA SER H 357 -25.54 -44.18 16.64
C SER H 357 -24.56 -43.97 17.78
N ASP H 358 -24.64 -42.83 18.46
CA ASP H 358 -23.85 -42.56 19.66
C ASP H 358 -24.66 -42.90 20.91
N ASN H 359 -25.08 -44.16 21.00
CA ASN H 359 -25.93 -44.60 22.09
C ASN H 359 -25.16 -44.63 23.40
N VAL H 360 -25.85 -45.00 24.47
CA VAL H 360 -25.25 -45.08 25.80
C VAL H 360 -25.65 -46.38 26.49
N ASP H 388 23.99 -56.06 -17.37
CA ASP H 388 23.84 -57.51 -17.25
C ASP H 388 24.29 -58.20 -18.54
N PHE H 389 25.43 -58.90 -18.46
CA PHE H 389 25.97 -59.58 -19.63
C PHE H 389 25.25 -60.88 -19.91
N GLU H 390 24.38 -61.33 -19.00
CA GLU H 390 23.65 -62.57 -19.20
C GLU H 390 22.56 -62.42 -20.25
O3B CDP I . 1.35 -22.57 -63.54
PB CDP I . 0.12 -21.79 -63.93
O1B CDP I . -0.32 -22.12 -65.35
O2B CDP I . 0.28 -20.30 -63.75
O3A CDP I . -1.09 -22.22 -62.98
PA CDP I . -2.40 -21.29 -62.92
O1A CDP I . -3.07 -21.35 -64.28
O2A CDP I . -2.02 -19.97 -62.32
O5' CDP I . -3.36 -22.03 -61.87
C5' CDP I . -4.76 -22.12 -62.11
C4' CDP I . -5.03 -23.51 -62.65
O4' CDP I . -4.00 -24.40 -62.21
C3' CDP I . -6.34 -24.06 -62.11
O3' CDP I . -6.96 -24.89 -63.09
C2' CDP I . -5.92 -24.90 -60.92
O2' CDP I . -6.74 -26.06 -60.82
C1' CDP I . -4.49 -25.31 -61.22
N1 CDP I . -3.71 -25.21 -59.99
C2 CDP I . -3.08 -26.35 -59.45
O2 CDP I . -3.19 -27.45 -60.03
N3 CDP I . -2.35 -26.25 -58.31
C4 CDP I . -2.23 -25.07 -57.70
N4 CDP I . -1.49 -24.98 -56.55
C5 CDP I . -2.83 -23.93 -58.21
C6 CDP I . -3.58 -24.03 -59.38
PG DTP J . 37.54 -15.99 -66.79
O1G DTP J . 36.16 -16.21 -67.37
O2G DTP J . 38.14 -14.74 -67.40
O3G DTP J . 38.41 -17.19 -67.07
PB DTP J . 36.67 -14.51 -64.60
O1B DTP J . 37.66 -13.61 -63.92
O2B DTP J . 35.95 -13.77 -65.70
O3B DTP J . 37.44 -15.80 -65.20
PA DTP J . 34.58 -16.23 -63.93
O1A DTP J . 35.33 -17.55 -63.89
O2A DTP J . 34.02 -16.04 -65.31
O3A DTP J . 35.59 -15.05 -63.53
O5' DTP J . 33.43 -16.27 -62.80
C5' DTP J . 33.82 -16.20 -61.43
C4' DTP J . 32.77 -15.44 -60.63
O4' DTP J . 33.35 -15.02 -59.40
C3' DTP J . 32.30 -14.20 -61.39
O3' DTP J . 31.07 -14.48 -62.06
C2' DTP J . 32.08 -13.18 -60.28
C1' DTP J . 33.11 -13.61 -59.25
N9 DTP J . 34.35 -12.85 -59.50
C8 DTP J . 34.48 -11.78 -60.31
N7 DTP J . 35.75 -11.33 -60.28
C5 DTP J . 36.43 -12.11 -59.42
C6 DTP J . 37.76 -12.13 -58.98
N6 DTP J . 38.65 -11.22 -59.43
N1 DTP J . 38.13 -13.07 -58.09
C2 DTP J . 37.26 -13.97 -57.63
N3 DTP J . 35.99 -13.97 -58.03
C4 DTP J . 35.54 -13.06 -58.92
MG MG K . 34.64 -14.84 -66.95
PG DTP L . -27.93 -49.17 -47.71
O1G DTP L . -27.44 -48.58 -49.01
O2G DTP L . -28.95 -50.25 -47.98
O3G DTP L . -28.50 -48.07 -46.86
PB DTP L . -25.75 -50.92 -47.68
O1B DTP L . -26.43 -51.36 -48.96
O2B DTP L . -25.56 -52.11 -46.78
O3B DTP L . -26.67 -49.82 -46.94
PA DTP L . -24.19 -48.95 -48.93
O1A DTP L . -24.83 -49.22 -50.27
O2A DTP L . -22.72 -48.67 -49.08
O3A DTP L . -24.32 -50.26 -48.01
O5' DTP L . -24.91 -47.72 -48.20
C5' DTP L . -24.62 -47.41 -46.84
C4' DTP L . -24.06 -45.99 -46.70
O4' DTP L . -23.87 -45.73 -45.31
C3' DTP L . -22.72 -45.88 -47.41
O3' DTP L . -22.89 -45.21 -48.66
C2' DTP L . -21.90 -45.01 -46.46
C1' DTP L . -22.52 -45.33 -45.11
N9 DTP L . -21.81 -46.48 -44.51
C8 DTP L . -20.66 -47.01 -44.93
N7 DTP L . -20.32 -48.04 -44.14
C5 DTP L . -21.27 -48.14 -43.19
C6 DTP L . -21.45 -49.01 -42.11
N6 DTP L . -20.56 -49.99 -41.84
N1 DTP L . -22.54 -48.84 -41.32
C2 DTP L . -23.43 -47.88 -41.58
N3 DTP L . -23.27 -47.04 -42.61
C4 DTP L . -22.20 -47.15 -43.43
MG MG M . -26.81 -49.94 -50.44
FE1 FEO N . -33.60 -27.66 47.39
FE2 FEO N . -36.60 -26.76 47.21
O FEO N . -34.84 -26.40 47.03
O3B CDP O . -16.14 -59.39 -27.38
PB CDP O . -14.89 -60.07 -26.86
O1B CDP O . -14.77 -61.47 -27.39
O2B CDP O . -14.77 -60.03 -25.35
O3A CDP O . -13.61 -59.27 -27.41
PA CDP O . -12.18 -59.54 -26.74
O1A CDP O . -11.78 -60.96 -27.03
O2A CDP O . -12.24 -59.04 -25.31
O5' CDP O . -11.19 -58.57 -27.53
C5' CDP O . -9.89 -59.01 -27.90
C4' CDP O . -9.94 -59.43 -29.37
O4' CDP O . -11.01 -58.72 -30.01
C3' CDP O . -8.66 -59.05 -30.08
O3' CDP O . -8.37 -60.00 -31.10
C2' CDP O . -9.00 -57.71 -30.73
O2' CDP O . -8.37 -57.60 -32.01
C1' CDP O . -10.50 -57.73 -30.89
N1 CDP O . -11.03 -56.42 -30.55
C2 CDP O . -11.73 -55.65 -31.51
O2 CDP O . -11.90 -56.11 -32.66
N3 CDP O . -12.22 -54.44 -31.18
C4 CDP O . -12.04 -53.94 -29.94
N4 CDP O . -12.53 -52.72 -29.63
C5 CDP O . -11.36 -54.67 -28.99
C6 CDP O . -10.86 -55.92 -29.31
PG DTP P . -50.79 -57.60 -14.73
O1G DTP P . -49.59 -58.36 -15.26
O2G DTP P . -51.28 -58.24 -13.47
O3G DTP P . -51.89 -57.59 -15.78
PB DTP P . -49.32 -55.76 -13.26
O1B DTP P . -50.03 -55.04 -12.13
O2B DTP P . -48.69 -57.04 -12.76
O3B DTP P . -50.38 -56.08 -14.43
PA DTP P . -47.45 -55.22 -15.26
O1A DTP P . -48.39 -54.92 -16.41
O2A DTP P . -47.13 -56.70 -15.28
O3A DTP P . -48.17 -54.82 -13.88
O5' DTP P . -46.15 -54.30 -15.39
C5' DTP P . -46.27 -52.91 -15.14
C4' DTP P . -44.98 -52.38 -14.51
O4' DTP P . -45.27 -51.13 -13.89
C3' DTP P . -44.46 -53.35 -13.45
O3' DTP P . -43.43 -54.16 -13.99
C2' DTP P . -43.88 -52.41 -12.40
C1' DTP P . -44.77 -51.19 -12.54
N9 DTP P . -45.90 -51.32 -11.58
C8 DTP P . -46.00 -52.23 -10.60
N7 DTP P . -47.15 -52.04 -9.93
C5 DTP P . -47.79 -51.00 -10.49
C6 DTP P . -49.00 -50.36 -10.23
N6 DTP P . -49.80 -50.76 -9.22
N1 DTP P . -49.36 -49.31 -11.00
C2 DTP P . -48.58 -48.90 -12.01
N3 DTP P . -47.41 -49.50 -12.27
C4 DTP P . -46.99 -50.54 -11.53
MG MG Q . -47.82 -58.35 -14.15
PG DTP R . 10.80 -45.42 -57.29
O1G DTP R . 10.20 -46.68 -56.72
O2G DTP R . 11.56 -45.72 -58.56
O3G DTP R . 11.69 -44.80 -56.23
PB DTP R . 8.41 -44.84 -58.61
O1B DTP R . 8.76 -46.15 -59.27
O2B DTP R . 8.19 -43.79 -59.65
O3B DTP R . 9.61 -44.40 -57.64
PA DTP R . 6.98 -46.05 -56.52
O1A DTP R . 7.33 -47.44 -57.01
O2A DTP R . 5.58 -45.99 -55.98
O3A DTP R . 7.07 -45.01 -57.74
O5' DTP R . 8.01 -45.59 -55.37
C5' DTP R . 8.02 -44.25 -54.89
C4' DTP R . 7.73 -44.18 -53.40
O4' DTP R . 7.83 -42.83 -52.97
C3' DTP R . 6.32 -44.68 -53.10
O3' DTP R . 6.37 -46.01 -52.59
C2' DTP R . 5.83 -43.73 -52.02
C1' DTP R . 6.62 -42.47 -52.32
N9 DTP R . 5.85 -41.62 -53.27
C8 DTP R . 4.57 -41.80 -53.63
N7 DTP R . 4.22 -40.83 -54.50
C5 DTP R . 5.29 -40.05 -54.69
C6 DTP R . 5.52 -38.92 -55.48
N6 DTP R . 4.54 -38.40 -56.26
N1 DTP R . 6.74 -38.34 -55.44
C2 DTP R . 7.72 -38.84 -54.68
N3 DTP R . 7.51 -39.93 -53.92
C4 DTP R . 6.31 -40.55 -53.91
MG MG S . 9.09 -47.84 -58.08
FE1 FEO T . 36.57 44.40 -28.86
FE2 FEO T . 39.59 43.64 -28.53
O FEO T . 37.91 43.71 -27.88
O3B CDP U . -14.39 30.89 58.14
PB CDP U . -15.57 31.64 57.55
O1B CDP U . -16.65 30.74 56.99
O2B CDP U . -16.14 32.64 58.54
O3A CDP U . -15.04 32.52 56.31
PA CDP U . -16.11 33.12 55.27
O1A CDP U . -16.77 31.97 54.56
O2A CDP U . -16.95 34.13 56.02
O5' CDP U . -15.22 33.89 54.20
C5' CDP U . -15.64 35.15 53.69
C4' CDP U . -14.87 36.23 54.44
O4' CDP U . -13.64 35.66 54.92
C3' CDP U . -14.49 37.37 53.51
O3' CDP U . -14.49 38.59 54.24
C2' CDP U . -13.08 37.03 53.08
O2' CDP U . -12.30 38.23 52.96
C1' CDP U . -12.52 36.17 54.20
N1 CDP U . -11.76 35.08 53.61
C2 CDP U . -10.38 34.93 53.89
O2 CDP U . -9.82 35.74 54.65
N3 CDP U . -9.68 33.92 53.34
C4 CDP U . -10.28 33.04 52.53
N4 CDP U . -9.57 32.02 51.98
C5 CDP U . -11.63 33.16 52.23
C6 CDP U . -12.36 34.20 52.80
PG DTP V . -11.84 -0.54 77.35
O1G DTP V . -12.31 0.87 77.16
O2G DTP V . -12.99 -1.43 77.72
O3G DTP V . -10.77 -0.58 78.42
PB DTP V . -12.11 -1.27 74.68
O1B DTP V . -12.23 -2.75 74.36
O2B DTP V . -13.48 -0.69 74.92
O3B DTP V . -11.19 -1.08 75.98
PA DTP V . -10.92 1.01 73.64
O1A DTP V . -9.64 1.02 74.43
O2A DTP V . -11.95 1.83 74.37
O3A DTP V . -11.41 -0.51 73.46
O5' DTP V . -10.61 1.58 72.16
C5' DTP V . -9.86 0.78 71.27
C4' DTP V . -10.33 1.01 69.84
O4' DTP V . -9.88 -0.08 69.04
C3' DTP V . -11.84 1.04 69.78
O3' DTP V . -12.31 2.39 69.75
C2' DTP V . -12.17 0.37 68.46
C1' DTP V . -11.00 -0.60 68.32
N9 DTP V . -11.43 -1.91 68.90
C8 DTP V . -12.67 -2.24 69.26
N7 DTP V . -12.69 -3.49 69.74
C5 DTP V . -11.42 -3.96 69.68
C6 DTP V . -10.83 -5.18 70.03
N6 DTP V . -11.56 -6.20 70.55
N1 DTP V . -9.50 -5.34 69.84
C2 DTP V . -8.77 -4.35 69.33
N3 DTP V . -9.32 -3.17 68.99
C4 DTP V . -10.64 -2.96 69.15
MG MG W . -13.61 1.30 75.58
PG DTP X . 7.65 62.13 39.35
O1G DTP X . 6.62 61.88 40.42
O2G DTP X . 8.12 63.57 39.39
O3G DTP X . 7.05 61.79 38.02
PB DTP X . 9.66 61.19 41.04
O1B DTP X . 9.17 62.38 41.84
O2B DTP X . 11.15 61.30 40.83
O3B DTP X . 8.91 61.17 39.63
PA DTP X . 7.83 59.40 42.18
O1A DTP X . 7.17 60.49 42.99
O2A DTP X . 7.91 58.12 42.97
O3A DTP X . 9.34 59.82 41.83
O5' DTP X . 7.02 59.15 40.83
C5' DTP X . 7.55 58.30 39.80
C4' DTP X . 6.63 57.12 39.51
O4' DTP X . 7.18 56.38 38.43
C3' DTP X . 6.52 56.22 40.73
O3' DTP X . 5.28 56.46 41.40
C2' DTP X . 6.52 54.83 40.12
C1' DTP X . 7.33 55.03 38.84
N9 DTP X . 8.76 54.80 39.12
C8 DTP X . 9.27 54.27 40.23
N7 DTP X . 10.62 54.22 40.13
C5 DTP X . 10.94 54.72 38.93
C6 DTP X . 12.16 54.93 38.27
N6 DTP X . 13.33 54.58 38.86
N1 DTP X . 12.15 55.47 37.04
C2 DTP X . 11.00 55.81 36.45
N3 DTP X . 9.82 55.63 37.05
C4 DTP X . 9.76 55.08 38.30
MG MG Y . 7.14 62.50 42.35
FE1 FEO Z . 38.26 24.67 -45.50
FE2 FEO Z . 36.63 26.73 -47.22
O FEO Z . 36.71 25.19 -46.28
O3B CDP AA . 29.25 51.02 32.80
PB CDP AA . 30.41 50.15 33.27
O1B CDP AA . 31.20 49.54 32.15
O2B CDP AA . 31.30 50.92 34.23
O3A CDP AA . 29.81 48.92 34.11
PA CDP AA . 30.77 47.66 34.42
O1A CDP AA . 31.09 46.99 33.11
O2A CDP AA . 31.88 48.13 35.33
O5' CDP AA . 29.83 46.66 35.24
C5' CDP AA . 30.35 45.94 36.35
C4' CDP AA . 29.90 46.67 37.61
O4' CDP AA . 28.71 47.41 37.32
C3' CDP AA . 29.56 45.69 38.72
O3' CDP AA . 29.89 46.26 39.98
C2' CDP AA . 28.06 45.53 38.60
O2' CDP AA . 27.48 45.41 39.90
C1' CDP AA . 27.58 46.81 37.95
N1 CDP AA . 26.55 46.49 36.96
C2 CDP AA . 25.25 47.01 37.10
O2 CDP AA . 24.96 47.75 38.07
N3 CDP AA . 24.30 46.71 36.19
C4 CDP AA . 24.59 45.92 35.13
N4 CDP AA . 23.64 45.61 34.22
C5 CDP AA . 25.88 45.40 34.99
C6 CDP AA . 26.85 45.71 35.92
PG DTP BA . 25.11 73.98 4.18
O1G DTP BA . 25.78 73.54 5.47
O2G DTP BA . 26.18 74.25 3.13
O3G DTP BA . 24.27 75.20 4.42
PB DTP BA . 24.80 71.40 3.17
O1B DTP BA . 24.61 71.25 1.68
O2B DTP BA . 26.26 71.34 3.53
O3B DTP BA . 24.15 72.80 3.65
PA DTP BA . 23.81 70.30 5.53
O1A DTP BA . 22.71 71.29 5.85
O2A DTP BA . 25.08 70.76 6.21
O3A DTP BA . 24.02 70.23 3.94
O5' DTP BA . 23.35 68.85 6.02
C5' DTP BA . 22.32 68.17 5.29
C4' DTP BA . 22.57 66.68 5.30
O4' DTP BA . 21.81 66.09 4.24
C3' DTP BA . 24.04 66.36 5.05
O3' DTP BA . 24.69 66.11 6.30
C2' DTP BA . 24.00 65.10 4.22
C1' DTP BA . 22.69 65.27 3.46
N9 DTP BA . 22.99 65.93 2.16
C8 DTP BA . 24.21 66.12 1.64
N7 DTP BA . 24.11 66.74 0.45
C5 DTP BA . 22.80 66.94 0.22
C6 DTP BA . 22.08 67.52 -0.84
N6 DTP BA . 22.73 68.03 -1.92
N1 DTP BA . 20.74 67.57 -0.77
C2 DTP BA . 20.09 67.06 0.30
N3 DTP BA . 20.75 66.49 1.31
C4 DTP BA . 22.10 66.42 1.30
MG MG CA . 26.82 71.73 5.51
PG DTP DA . 9.53 32.43 65.69
O1G DTP DA . 10.70 33.34 65.35
O2G DTP DA . 9.33 32.37 67.17
O3G DTP DA . 9.84 31.06 65.11
PB DTP DA . 7.74 34.52 65.29
O1B DTP DA . 8.55 35.09 66.42
O2B DTP DA . 6.28 34.54 65.64
O3B DTP DA . 8.21 33.01 64.99
PA DTP DA . 9.43 35.56 63.30
O1A DTP DA . 10.39 36.11 64.32
O2A DTP DA . 9.29 36.49 62.12
O3A DTP DA . 7.97 35.40 63.96
O5' DTP DA . 9.94 34.12 62.78
C5' DTP DA . 9.10 33.31 61.97
C4' DTP DA . 9.74 33.02 60.62
O4' DTP DA . 8.90 32.13 59.89
C3' DTP DA . 9.93 34.30 59.82
O3' DTP DA . 11.29 34.72 59.89
C2' DTP DA . 9.59 33.87 58.40
C1' DTP DA . 8.62 32.72 58.62
N9 DTP DA . 7.23 33.25 58.68
C8 DTP DA . 6.86 34.50 58.36
N7 DTP DA . 5.52 34.60 58.53
C5 DTP DA . 5.07 33.42 58.98
C6 DTP DA . 3.80 32.95 59.34
N6 DTP DA . 2.72 33.75 59.26
N1 DTP DA . 3.68 31.67 59.76
C2 DTP DA . 4.75 30.87 59.84
N3 DTP DA . 5.98 31.31 59.50
C4 DTP DA . 6.16 32.57 59.07
MG MG EA . 10.62 35.24 66.22
FE1 FEO FA . -41.38 -41.34 26.89
FE2 FEO FA . -39.78 -43.54 28.47
O FEO FA . -39.94 -42.42 27.05
#